data_8E91
#
_entry.id   8E91
#
_cell.length_a   1.00
_cell.length_b   1.00
_cell.length_c   1.00
_cell.angle_alpha   90.00
_cell.angle_beta   90.00
_cell.angle_gamma   90.00
#
_symmetry.space_group_name_H-M   'P 1'
#
loop_
_entity.id
_entity.type
_entity.pdbx_description
1 polymer 'ATP-dependent Clp protease ATP-binding subunit ClpX'
2 polymer 'ATP-dependent Clp protease proteolytic subunit'
3 non-polymer 'PHOSPHOTHIOPHOSPHORIC ACID-ADENYLATE ESTER'
4 non-polymer 'MAGNESIUM ION'
5 non-polymer "ADENOSINE-5'-DIPHOSPHATE"
#
loop_
_entity_poly.entity_id
_entity_poly.type
_entity_poly.pdbx_seq_one_letter_code
_entity_poly.pdbx_strand_id
1 'polypeptide(L)'
;MTDKRKDGSGKLLYCSFCGKSQHEVRKLIAGPSVYICDECVDLCNDIIREEIKEVAPHRERSALPTPHEIRNHLDDYVIG
QEQAKKVLAVAVYNHYKRLRNGDTSNGVELGKSNILLIGPTGSGKTLLAETLARLLDVPFTMADATTLTEAGYVGEDVEN
IIQKLLQKCDYDVQKAQRGIVYIDEIDKISRKSDNPSITRDVSGEGVQQALLKLIEGTVAAVPPQGGRKHPQQEFLQVDT
SKILFICGGAFAGLDKVISHRVETGSGIGFGATVKAKSDKASEGELLAQVEPEDLIKFGLIPEFIGRLPVVATLNELSEE
ALIQILKEPKNALTKQYQALFNLEGVDLEFRDEALDAIAKKAMARKTGARGLRSIVEAALLDTMYDLPSMEDVEKVVIDE
SVIDGQSEPLLIYGKPEAQQASGE
;
A,B,C,D,E,F
2 'polypeptide(L)'
;LVPMVIEQTSRGERSFDIYSRLLKERVIFLTGQVEDHMANLIVAQMLFLEAENPEKDIYLYINSPGGVITAGMSIYDTMQ
FIKPDVSTICMGQAASMGAFLLTAGAKGKRFCLPNSRVMIHQPLGGYQGQATDIEIHAREILKVKGRMNELMALHTGQSL
EQIERDTERDRFLSAPEAVEYGLVDSILTHRNENLYFQSLEHHHHHH
;
H,I,J,K,L,M,N,h,i,j,k,l,m,n
#
# COMPACT_ATOMS: atom_id res chain seq x y z
N LEU A 64 -13.88 40.64 62.60
CA LEU A 64 -14.23 40.51 64.00
C LEU A 64 -14.92 39.17 64.34
N PRO A 65 -15.94 38.74 63.57
CA PRO A 65 -16.58 37.46 63.92
C PRO A 65 -15.63 36.29 63.75
N THR A 66 -15.70 35.36 64.70
CA THR A 66 -14.84 34.19 64.67
C THR A 66 -15.18 33.32 63.45
N PRO A 67 -14.20 32.61 62.88
CA PRO A 67 -14.53 31.73 61.74
C PRO A 67 -15.57 30.68 62.07
N HIS A 68 -15.55 30.13 63.29
CA HIS A 68 -16.55 29.14 63.67
C HIS A 68 -17.94 29.74 63.64
N GLU A 69 -18.08 30.98 64.14
CA GLU A 69 -19.39 31.64 64.13
C GLU A 69 -19.87 31.86 62.71
N ILE A 70 -18.97 32.29 61.82
CA ILE A 70 -19.34 32.52 60.42
C ILE A 70 -19.76 31.20 59.76
N ARG A 71 -18.99 30.14 59.99
CA ARG A 71 -19.30 28.85 59.40
C ARG A 71 -20.63 28.32 59.92
N ASN A 72 -20.90 28.51 61.21
CA ASN A 72 -22.15 28.01 61.78
C ASN A 72 -23.35 28.69 61.15
N HIS A 73 -23.26 30.00 60.90
CA HIS A 73 -24.38 30.70 60.28
C HIS A 73 -24.62 30.22 58.86
N LEU A 74 -23.54 30.04 58.09
CA LEU A 74 -23.68 29.57 56.71
C LEU A 74 -24.21 28.14 56.68
N ASP A 75 -23.81 27.30 57.63
CA ASP A 75 -24.26 25.91 57.67
C ASP A 75 -25.78 25.83 57.82
N ASP A 76 -26.38 26.77 58.56
CA ASP A 76 -27.82 26.76 58.76
C ASP A 76 -28.57 26.85 57.43
N TYR A 77 -28.08 27.68 56.50
CA TYR A 77 -28.73 27.88 55.21
C TYR A 77 -28.07 27.12 54.07
N VAL A 78 -26.83 26.65 54.23
CA VAL A 78 -26.10 25.94 53.18
C VAL A 78 -25.78 24.53 53.68
N ILE A 79 -26.00 23.55 52.81
CA ILE A 79 -25.80 22.14 53.12
C ILE A 79 -24.87 21.52 52.07
N GLY A 80 -23.86 20.79 52.54
CA GLY A 80 -22.94 20.10 51.67
C GLY A 80 -21.76 20.88 51.13
N GLN A 81 -21.51 22.08 51.66
CA GLN A 81 -20.39 22.91 51.23
C GLN A 81 -19.49 23.26 52.41
N GLU A 82 -19.24 22.27 53.28
CA GLU A 82 -18.42 22.49 54.46
C GLU A 82 -17.02 22.97 54.09
N GLN A 83 -16.41 22.36 53.08
CA GLN A 83 -15.06 22.75 52.67
C GLN A 83 -15.03 24.18 52.17
N ALA A 84 -16.00 24.55 51.32
CA ALA A 84 -16.04 25.90 50.77
C ALA A 84 -16.31 26.93 51.86
N LYS A 85 -17.18 26.61 52.81
CA LYS A 85 -17.50 27.55 53.88
C LYS A 85 -16.28 27.88 54.73
N LYS A 86 -15.41 26.88 54.96
CA LYS A 86 -14.22 27.11 55.76
C LYS A 86 -13.31 28.15 55.11
N VAL A 87 -13.10 28.04 53.80
CA VAL A 87 -12.24 28.99 53.10
C VAL A 87 -12.81 30.39 53.18
N LEU A 88 -14.13 30.51 52.99
CA LEU A 88 -14.77 31.83 53.03
C LEU A 88 -14.69 32.44 54.42
N ALA A 89 -14.92 31.64 55.47
CA ALA A 89 -14.88 32.16 56.84
C ALA A 89 -13.48 32.65 57.20
N VAL A 90 -12.47 31.85 56.87
CA VAL A 90 -11.09 32.23 57.17
C VAL A 90 -10.69 33.47 56.37
N ALA A 91 -11.09 33.54 55.11
CA ALA A 91 -10.72 34.66 54.26
C ALA A 91 -11.29 35.98 54.79
N VAL A 92 -12.58 36.00 55.10
CA VAL A 92 -13.20 37.23 55.58
C VAL A 92 -12.64 37.61 56.96
N TYR A 93 -12.38 36.62 57.81
CA TYR A 93 -11.85 36.92 59.14
C TYR A 93 -10.45 37.52 59.03
N ASN A 94 -9.60 36.97 58.18
CA ASN A 94 -8.26 37.50 58.02
C ASN A 94 -8.28 38.89 57.41
N HIS A 95 -9.22 39.14 56.50
CA HIS A 95 -9.33 40.45 55.87
C HIS A 95 -9.62 41.54 56.90
N TYR A 96 -10.54 41.28 57.82
CA TYR A 96 -10.88 42.29 58.82
C TYR A 96 -9.74 42.53 59.79
N LYS A 97 -9.01 41.46 60.15
CA LYS A 97 -7.86 41.60 61.04
C LYS A 97 -6.85 42.59 60.47
N ARG A 98 -6.57 42.46 59.16
CA ARG A 98 -5.63 43.37 58.51
C ARG A 98 -6.11 44.81 58.58
N LEU A 99 -7.43 45.03 58.49
CA LEU A 99 -7.97 46.39 58.56
C LEU A 99 -7.71 47.02 59.91
N ARG A 100 -7.82 46.22 60.98
CA ARG A 100 -7.58 46.77 62.32
C ARG A 100 -6.15 47.22 62.50
N ASN A 101 -5.20 46.45 61.98
CA ASN A 101 -3.79 46.82 62.10
C ASN A 101 -3.48 48.01 61.21
N GLY A 102 -2.55 48.84 61.68
CA GLY A 102 -2.11 50.03 60.98
C GLY A 102 -0.71 49.92 60.41
N ASP A 103 -0.57 50.08 59.09
CA ASP A 103 0.69 50.01 58.38
C ASP A 103 1.26 48.58 58.37
N THR A 104 0.39 47.58 58.57
CA THR A 104 0.71 46.15 58.60
C THR A 104 1.43 45.71 59.86
N SER A 105 1.81 46.65 60.74
CA SER A 105 2.51 46.36 61.99
C SER A 105 3.82 45.58 61.77
N ASN A 106 4.36 45.56 60.55
CA ASN A 106 5.58 44.82 60.26
C ASN A 106 6.11 45.27 58.91
N GLY A 107 7.37 44.92 58.65
CA GLY A 107 7.99 45.30 57.39
C GLY A 107 7.32 44.64 56.19
N VAL A 108 7.06 43.33 56.29
CA VAL A 108 6.44 42.60 55.19
C VAL A 108 4.98 43.01 55.05
N GLU A 109 4.50 43.01 53.80
CA GLU A 109 3.13 43.38 53.49
C GLU A 109 2.23 42.14 53.46
N LEU A 110 1.11 42.21 54.18
CA LEU A 110 0.18 41.09 54.22
C LEU A 110 -0.59 40.99 52.91
N GLY A 111 -0.75 39.76 52.43
CA GLY A 111 -1.46 39.54 51.18
C GLY A 111 -2.93 39.89 51.30
N LYS A 112 -3.47 40.49 50.23
CA LYS A 112 -4.87 40.87 50.20
C LYS A 112 -5.76 39.63 50.07
N SER A 113 -7.00 39.77 50.53
CA SER A 113 -7.98 38.68 50.54
C SER A 113 -9.05 38.94 49.50
N ASN A 114 -8.96 38.23 48.37
CA ASN A 114 -9.93 38.31 47.29
C ASN A 114 -10.37 36.88 46.96
N ILE A 115 -11.65 36.59 47.14
CA ILE A 115 -12.21 35.26 46.94
C ILE A 115 -12.79 35.14 45.53
N LEU A 116 -12.73 33.93 44.99
CA LEU A 116 -13.26 33.58 43.67
C LEU A 116 -14.17 32.37 43.87
N LEU A 117 -15.48 32.61 43.94
CA LEU A 117 -16.45 31.54 44.17
C LEU A 117 -16.81 30.84 42.85
N ILE A 118 -15.96 29.91 42.46
CA ILE A 118 -16.17 29.11 41.26
C ILE A 118 -16.94 27.86 41.64
N GLY A 119 -18.01 27.56 40.91
CA GLY A 119 -18.79 26.38 41.22
C GLY A 119 -19.82 26.02 40.18
N PRO A 120 -20.34 24.78 40.21
CA PRO A 120 -21.37 24.38 39.25
C PRO A 120 -22.69 25.08 39.54
N THR A 121 -23.61 24.94 38.58
CA THR A 121 -24.93 25.54 38.72
C THR A 121 -25.68 24.94 39.89
N GLY A 122 -26.44 25.78 40.59
CA GLY A 122 -27.23 25.33 41.73
C GLY A 122 -26.40 24.76 42.85
N SER A 123 -25.19 25.27 43.06
CA SER A 123 -24.29 24.81 44.11
C SER A 123 -24.28 25.73 45.32
N GLY A 124 -25.18 26.71 45.39
CA GLY A 124 -25.23 27.62 46.51
C GLY A 124 -24.27 28.78 46.45
N LYS A 125 -23.77 29.12 45.26
CA LYS A 125 -22.85 30.26 45.13
C LYS A 125 -23.52 31.55 45.55
N THR A 126 -24.71 31.82 45.00
CA THR A 126 -25.43 33.04 45.35
C THR A 126 -25.97 32.97 46.77
N LEU A 127 -26.41 31.78 47.19
CA LEU A 127 -26.95 31.61 48.53
C LEU A 127 -25.92 31.94 49.59
N LEU A 128 -24.66 31.53 49.38
CA LEU A 128 -23.61 31.81 50.36
C LEU A 128 -23.40 33.31 50.52
N ALA A 129 -23.34 34.05 49.42
CA ALA A 129 -23.13 35.49 49.49
C ALA A 129 -24.33 36.19 50.11
N GLU A 130 -25.54 35.78 49.73
CA GLU A 130 -26.74 36.42 50.27
C GLU A 130 -26.90 36.14 51.76
N THR A 131 -26.61 34.91 52.20
CA THR A 131 -26.76 34.58 53.61
C THR A 131 -25.64 35.17 54.46
N LEU A 132 -24.47 35.40 53.86
CA LEU A 132 -23.36 35.97 54.61
C LEU A 132 -23.65 37.41 55.02
N ALA A 133 -24.34 38.16 54.14
CA ALA A 133 -24.64 39.56 54.42
C ALA A 133 -25.50 39.72 55.67
N ARG A 134 -26.38 38.76 55.94
CA ARG A 134 -27.24 38.84 57.12
C ARG A 134 -26.42 38.87 58.41
N LEU A 135 -25.41 38.00 58.50
CA LEU A 135 -24.58 37.93 59.70
C LEU A 135 -23.72 39.18 59.86
N LEU A 136 -23.06 39.61 58.78
CA LEU A 136 -22.16 40.75 58.85
C LEU A 136 -22.93 42.07 58.81
N ASP A 137 -22.62 42.95 59.77
CA ASP A 137 -23.29 44.25 59.85
C ASP A 137 -22.83 45.20 58.75
N VAL A 138 -21.67 44.97 58.14
CA VAL A 138 -21.15 45.82 57.08
C VAL A 138 -22.14 45.90 55.92
N PRO A 139 -22.14 46.96 55.11
CA PRO A 139 -23.06 47.01 53.98
C PRO A 139 -22.63 46.03 52.89
N PHE A 140 -23.60 45.29 52.35
CA PHE A 140 -23.36 44.29 51.33
C PHE A 140 -24.15 44.63 50.07
N THR A 141 -23.44 44.75 48.95
CA THR A 141 -24.03 45.05 47.65
C THR A 141 -23.78 43.88 46.72
N MET A 142 -24.74 43.63 45.82
CA MET A 142 -24.66 42.55 44.85
C MET A 142 -24.84 43.09 43.44
N ALA A 143 -23.89 42.76 42.57
CA ALA A 143 -23.92 43.16 41.17
C ALA A 143 -23.66 41.94 40.30
N ASP A 144 -23.91 42.11 39.00
CA ASP A 144 -23.71 41.06 38.01
C ASP A 144 -22.89 41.61 36.84
N ALA A 145 -21.84 40.88 36.47
CA ALA A 145 -20.96 41.32 35.39
C ALA A 145 -21.67 41.37 34.05
N THR A 146 -22.73 40.58 33.86
CA THR A 146 -23.45 40.57 32.59
C THR A 146 -23.99 41.95 32.25
N THR A 147 -24.60 42.61 33.24
CA THR A 147 -25.16 43.94 33.00
C THR A 147 -24.07 44.97 32.75
N LEU A 148 -22.93 44.81 33.41
CA LEU A 148 -21.83 45.78 33.27
C LEU A 148 -21.29 45.82 31.84
N THR A 149 -21.00 47.04 31.39
CA THR A 149 -20.45 47.29 30.06
C THR A 149 -19.43 48.41 30.17
N GLU A 150 -18.69 48.61 29.08
CA GLU A 150 -17.68 49.66 29.04
C GLU A 150 -18.32 51.02 29.28
N ALA A 151 -17.53 51.94 29.83
CA ALA A 151 -18.02 53.28 30.12
C ALA A 151 -18.41 53.99 28.84
N GLY A 152 -19.44 54.83 28.93
CA GLY A 152 -19.91 55.57 27.78
C GLY A 152 -20.80 54.81 26.84
N TYR A 153 -21.31 53.65 27.26
CA TYR A 153 -22.16 52.82 26.42
C TYR A 153 -23.51 52.63 27.07
N VAL A 154 -24.47 52.22 26.23
CA VAL A 154 -25.86 52.06 26.63
C VAL A 154 -26.07 51.00 27.72
N GLY A 155 -25.15 50.06 27.87
CA GLY A 155 -25.37 49.03 28.87
C GLY A 155 -25.37 49.47 30.32
N GLU A 156 -24.21 49.86 30.86
CA GLU A 156 -24.02 50.28 32.24
C GLU A 156 -22.56 50.73 32.37
N ASP A 157 -22.24 51.28 33.55
CA ASP A 157 -20.90 51.72 33.91
C ASP A 157 -20.48 50.94 35.15
N VAL A 158 -19.22 50.50 35.18
CA VAL A 158 -18.75 49.70 36.32
C VAL A 158 -18.63 50.54 37.59
N GLU A 159 -18.26 51.82 37.47
CA GLU A 159 -18.04 52.67 38.64
C GLU A 159 -19.28 52.84 39.51
N ASN A 160 -20.49 52.64 38.98
CA ASN A 160 -21.69 52.81 39.81
C ASN A 160 -21.79 51.74 40.91
N ILE A 161 -20.99 50.69 40.85
CA ILE A 161 -21.03 49.66 41.89
C ILE A 161 -20.69 50.28 43.24
N ILE A 162 -19.66 51.13 43.27
CA ILE A 162 -19.29 51.81 44.50
C ILE A 162 -20.44 52.69 44.96
N GLN A 163 -21.08 53.39 44.02
CA GLN A 163 -22.22 54.23 44.36
C GLN A 163 -23.36 53.41 44.92
N LYS A 164 -23.60 52.21 44.35
CA LYS A 164 -24.65 51.34 44.86
C LYS A 164 -24.35 50.93 46.30
N LEU A 165 -23.08 50.63 46.59
CA LEU A 165 -22.68 50.27 47.94
C LEU A 165 -22.92 51.41 48.91
N LEU A 166 -22.63 52.65 48.48
CA LEU A 166 -22.82 53.81 49.34
C LEU A 166 -24.29 54.03 49.65
N GLN A 167 -25.18 53.73 48.70
CA GLN A 167 -26.60 53.88 48.93
C GLN A 167 -27.06 53.06 50.13
N LYS A 168 -26.48 51.87 50.30
CA LYS A 168 -26.86 51.02 51.43
C LYS A 168 -26.54 51.67 52.76
N CYS A 169 -25.40 52.34 52.86
CA CYS A 169 -24.95 52.99 54.09
C CYS A 169 -25.11 54.51 54.05
N ASP A 170 -26.05 55.02 53.24
CA ASP A 170 -26.38 56.45 53.11
C ASP A 170 -25.16 57.35 52.84
N TYR A 171 -24.32 56.91 51.92
CA TYR A 171 -23.18 57.68 51.40
C TYR A 171 -22.18 58.14 52.47
N ASP A 172 -21.72 57.21 53.31
CA ASP A 172 -20.67 57.50 54.29
C ASP A 172 -19.44 56.68 53.88
N VAL A 173 -18.32 57.37 53.66
CA VAL A 173 -17.11 56.70 53.19
C VAL A 173 -16.59 55.70 54.21
N GLN A 174 -16.70 56.01 55.51
CA GLN A 174 -16.17 55.12 56.54
C GLN A 174 -16.83 53.75 56.49
N LYS A 175 -18.16 53.70 56.39
CA LYS A 175 -18.84 52.42 56.33
C LYS A 175 -18.61 51.74 54.98
N ALA A 176 -18.57 52.53 53.90
CA ALA A 176 -18.39 51.97 52.56
C ALA A 176 -17.05 51.24 52.44
N GLN A 177 -15.99 51.77 53.06
CA GLN A 177 -14.68 51.13 52.97
C GLN A 177 -14.70 49.73 53.54
N ARG A 178 -15.48 49.48 54.59
CA ARG A 178 -15.59 48.17 55.20
C ARG A 178 -16.64 47.28 54.54
N GLY A 179 -17.31 47.76 53.50
CA GLY A 179 -18.32 46.96 52.83
C GLY A 179 -17.71 45.85 51.99
N ILE A 180 -18.58 44.91 51.60
CA ILE A 180 -18.21 43.77 50.78
C ILE A 180 -18.97 43.86 49.46
N VAL A 181 -18.33 43.38 48.40
CA VAL A 181 -18.89 43.39 47.04
C VAL A 181 -18.94 41.96 46.53
N TYR A 182 -20.03 41.64 45.81
CA TYR A 182 -20.23 40.31 45.24
C TYR A 182 -20.62 40.49 43.78
N ILE A 183 -19.69 40.17 42.88
CA ILE A 183 -19.89 40.30 41.44
C ILE A 183 -20.27 38.92 40.92
N ASP A 184 -21.57 38.68 40.80
CA ASP A 184 -22.06 37.40 40.31
C ASP A 184 -21.90 37.33 38.79
N GLU A 185 -21.87 36.09 38.28
CA GLU A 185 -21.76 35.83 36.84
C GLU A 185 -20.49 36.46 36.25
N ILE A 186 -19.38 36.32 36.97
CA ILE A 186 -18.11 36.88 36.52
C ILE A 186 -17.63 36.21 35.24
N ASP A 187 -17.95 34.93 35.05
CA ASP A 187 -17.47 34.22 33.86
C ASP A 187 -18.13 34.71 32.57
N LYS A 188 -19.28 35.36 32.65
CA LYS A 188 -19.98 35.82 31.45
C LYS A 188 -19.27 36.98 30.75
N ILE A 189 -18.29 37.61 31.38
CA ILE A 189 -17.55 38.72 30.77
C ILE A 189 -16.18 38.25 30.27
N SER A 190 -16.02 36.95 30.02
CA SER A 190 -14.76 36.42 29.55
C SER A 190 -14.42 37.02 28.18
N ARG A 191 -13.14 37.31 27.98
CA ARG A 191 -12.67 37.89 26.73
C ARG A 191 -13.05 37.02 25.54
N LYS A 192 -13.49 37.67 24.47
CA LYS A 192 -13.88 37.01 23.23
C LYS A 192 -13.19 37.68 22.06
N SER A 193 -13.05 36.94 20.97
CA SER A 193 -12.42 37.48 19.77
C SER A 193 -13.35 38.48 19.09
N ASP A 194 -12.76 39.34 18.28
CA ASP A 194 -13.53 40.36 17.57
C ASP A 194 -14.42 39.73 16.50
N ASN A 195 -15.60 40.34 16.32
CA ASN A 195 -16.60 39.93 15.35
C ASN A 195 -16.75 41.03 14.30
N PRO A 196 -16.65 40.73 12.99
CA PRO A 196 -16.80 41.81 12.00
C PRO A 196 -18.16 42.50 12.04
N SER A 197 -19.24 41.73 12.19
CA SER A 197 -20.58 42.31 12.20
C SER A 197 -20.77 43.27 13.38
N ILE A 198 -20.26 42.90 14.55
CA ILE A 198 -20.42 43.74 15.74
C ILE A 198 -19.53 44.97 15.62
N THR A 199 -20.06 46.13 16.02
CA THR A 199 -19.28 47.36 15.97
C THR A 199 -18.10 47.31 16.93
N ARG A 200 -18.36 46.93 18.19
CA ARG A 200 -17.31 46.85 19.18
C ARG A 200 -17.79 45.89 20.28
N ASP A 201 -16.82 45.26 20.94
CA ASP A 201 -17.11 44.32 22.03
C ASP A 201 -17.05 45.09 23.34
N VAL A 202 -18.18 45.71 23.69
CA VAL A 202 -18.25 46.51 24.93
C VAL A 202 -18.05 45.61 26.15
N SER A 203 -18.64 44.42 26.13
CA SER A 203 -18.53 43.48 27.24
C SER A 203 -17.36 42.55 26.98
N GLY A 204 -16.52 42.35 28.00
CA GLY A 204 -15.35 41.50 27.88
C GLY A 204 -14.17 42.02 28.67
N GLU A 205 -12.98 41.98 28.07
CA GLU A 205 -11.78 42.45 28.76
C GLU A 205 -11.89 43.91 29.16
N GLY A 206 -12.61 44.72 28.39
CA GLY A 206 -12.77 46.13 28.74
C GLY A 206 -13.45 46.31 30.09
N VAL A 207 -14.46 45.47 30.36
CA VAL A 207 -15.14 45.54 31.64
C VAL A 207 -14.23 45.03 32.76
N GLN A 208 -13.39 44.04 32.45
CA GLN A 208 -12.47 43.49 33.44
C GLN A 208 -11.43 44.52 33.87
N GLN A 209 -11.08 45.45 32.98
CA GLN A 209 -10.08 46.45 33.34
C GLN A 209 -10.63 47.43 34.37
N ALA A 210 -11.89 47.84 34.21
CA ALA A 210 -12.50 48.74 35.17
C ALA A 210 -12.59 48.09 36.55
N LEU A 211 -13.02 46.83 36.59
CA LEU A 211 -13.10 46.12 37.87
C LEU A 211 -11.71 45.92 38.46
N LEU A 212 -10.72 45.64 37.61
CA LEU A 212 -9.35 45.45 38.08
C LEU A 212 -8.80 46.71 38.73
N LYS A 213 -9.17 47.88 38.20
CA LYS A 213 -8.68 49.14 38.76
C LYS A 213 -9.10 49.30 40.22
N LEU A 214 -10.32 48.87 40.55
CA LEU A 214 -10.80 48.97 41.93
C LEU A 214 -10.02 48.04 42.85
N ILE A 215 -9.60 46.88 42.35
CA ILE A 215 -8.85 45.94 43.18
C ILE A 215 -7.46 46.47 43.44
N GLU A 216 -6.84 47.11 42.44
CA GLU A 216 -5.53 47.70 42.63
C GLU A 216 -5.56 48.74 43.75
N GLY A 217 -6.72 49.37 43.97
CA GLY A 217 -6.91 50.34 45.02
C GLY A 217 -6.95 51.75 44.46
N THR A 218 -8.15 52.33 44.36
CA THR A 218 -8.32 53.67 43.84
C THR A 218 -9.54 54.31 44.46
N VAL A 219 -9.42 55.59 44.81
CA VAL A 219 -10.56 56.30 45.38
C VAL A 219 -11.55 56.58 44.25
N ALA A 220 -12.82 56.28 44.51
CA ALA A 220 -13.88 56.45 43.52
C ALA A 220 -14.75 57.64 43.89
N ALA A 221 -14.94 58.56 42.94
CA ALA A 221 -15.74 59.75 43.16
C ALA A 221 -17.22 59.41 42.99
N VAL A 222 -18.01 59.68 44.02
CA VAL A 222 -19.43 59.37 44.01
C VAL A 222 -20.24 60.61 44.41
N PRO A 223 -21.27 61.02 43.66
CA PRO A 223 -22.09 62.16 44.10
C PRO A 223 -23.01 61.74 45.23
N PRO A 224 -23.01 62.43 46.37
CA PRO A 224 -23.89 62.02 47.47
C PRO A 224 -25.29 62.61 47.39
N GLN A 225 -26.19 61.99 48.17
CA GLN A 225 -27.61 62.36 48.30
C GLN A 225 -28.27 62.60 46.93
N GLY A 226 -27.87 61.79 45.95
CA GLY A 226 -28.39 61.90 44.60
C GLY A 226 -28.25 63.29 44.03
N GLY A 227 -27.00 63.76 43.94
CA GLY A 227 -26.70 65.08 43.43
C GLY A 227 -27.29 65.35 42.07
N ARG A 228 -27.69 66.60 41.83
CA ARG A 228 -28.27 66.98 40.56
C ARG A 228 -27.21 66.93 39.46
N LYS A 229 -27.64 67.17 38.22
CA LYS A 229 -26.72 67.14 37.09
C LYS A 229 -25.62 68.16 37.22
N HIS A 230 -25.87 69.27 37.91
CA HIS A 230 -24.83 70.27 38.15
C HIS A 230 -23.70 69.58 38.92
N PRO A 231 -22.42 69.73 38.51
CA PRO A 231 -21.35 69.01 39.20
C PRO A 231 -21.22 69.34 40.68
N GLN A 232 -21.05 70.62 41.00
CA GLN A 232 -20.93 71.17 42.37
C GLN A 232 -19.71 70.67 43.14
N GLN A 233 -18.83 69.90 42.49
CA GLN A 233 -17.60 69.34 43.06
C GLN A 233 -17.83 68.69 44.43
N GLU A 234 -18.64 67.63 44.44
CA GLU A 234 -18.82 66.86 45.67
C GLU A 234 -17.82 65.71 45.66
N PHE A 235 -17.93 64.83 44.64
CA PHE A 235 -17.02 63.74 44.33
C PHE A 235 -16.45 63.03 45.57
N LEU A 236 -17.35 62.49 46.39
CA LEU A 236 -16.92 61.75 47.57
C LEU A 236 -15.96 60.63 47.17
N GLN A 237 -14.75 60.66 47.72
CA GLN A 237 -13.72 59.67 47.41
C GLN A 237 -13.82 58.50 48.37
N VAL A 238 -13.98 57.31 47.82
CA VAL A 238 -14.10 56.07 48.59
C VAL A 238 -13.00 55.14 48.09
N ASP A 239 -12.06 54.81 48.97
CA ASP A 239 -10.97 53.93 48.59
C ASP A 239 -11.46 52.51 48.40
N THR A 240 -10.92 51.83 47.38
CA THR A 240 -11.31 50.46 47.05
C THR A 240 -10.28 49.44 47.52
N SER A 241 -9.24 49.86 48.23
CA SER A 241 -8.23 48.90 48.69
C SER A 241 -8.74 48.07 49.85
N LYS A 242 -9.53 48.68 50.73
CA LYS A 242 -10.08 47.99 51.89
C LYS A 242 -11.43 47.34 51.63
N ILE A 243 -12.03 47.57 50.46
CA ILE A 243 -13.34 46.98 50.14
C ILE A 243 -13.13 45.57 49.63
N LEU A 244 -13.67 44.59 50.35
CA LEU A 244 -13.55 43.19 49.95
C LEU A 244 -14.27 42.97 48.62
N PHE A 245 -13.57 42.35 47.68
CA PHE A 245 -14.10 42.06 46.35
C PHE A 245 -14.22 40.56 46.18
N ILE A 246 -15.44 40.10 45.95
CA ILE A 246 -15.74 38.68 45.75
C ILE A 246 -16.40 38.54 44.38
N CYS A 247 -15.91 37.58 43.59
CA CYS A 247 -16.44 37.31 42.27
C CYS A 247 -16.83 35.84 42.22
N GLY A 248 -18.13 35.57 42.07
CA GLY A 248 -18.65 34.21 42.02
C GLY A 248 -19.39 33.91 40.75
N GLY A 249 -18.85 33.00 39.95
CA GLY A 249 -19.48 32.61 38.70
C GLY A 249 -19.25 31.15 38.39
N ALA A 250 -20.16 30.60 37.59
CA ALA A 250 -20.09 29.21 37.16
C ALA A 250 -19.35 29.16 35.82
N PHE A 251 -18.09 28.75 35.86
CA PHE A 251 -17.26 28.71 34.66
C PHE A 251 -17.55 27.43 33.89
N ALA A 252 -18.62 27.48 33.10
CA ALA A 252 -19.02 26.35 32.28
C ALA A 252 -18.01 26.13 31.17
N GLY A 253 -17.53 24.90 31.03
CA GLY A 253 -16.55 24.56 30.02
C GLY A 253 -15.12 24.57 30.51
N LEU A 254 -14.87 25.09 31.71
CA LEU A 254 -13.52 25.11 32.25
C LEU A 254 -13.00 23.69 32.48
N ASP A 255 -13.89 22.76 32.80
CA ASP A 255 -13.50 21.38 33.02
C ASP A 255 -12.79 20.79 31.81
N LYS A 256 -13.20 21.20 30.61
CA LYS A 256 -12.58 20.67 29.38
C LYS A 256 -11.11 21.03 29.30
N VAL A 257 -10.78 22.31 29.51
CA VAL A 257 -9.39 22.73 29.42
C VAL A 257 -8.57 22.13 30.56
N ILE A 258 -9.15 22.04 31.76
CA ILE A 258 -8.43 21.48 32.90
C ILE A 258 -8.14 20.01 32.66
N SER A 259 -9.10 19.27 32.11
CA SER A 259 -8.91 17.84 31.88
C SER A 259 -7.81 17.59 30.85
N HIS A 260 -7.77 18.38 29.79
CA HIS A 260 -6.76 18.21 28.76
C HIS A 260 -5.35 18.33 29.33
N ARG A 261 -5.18 19.10 30.40
CA ARG A 261 -3.87 19.30 31.02
C ARG A 261 -3.52 18.24 32.05
N VAL A 262 -4.48 17.75 32.83
CA VAL A 262 -4.21 16.81 33.92
C VAL A 262 -4.64 15.38 33.63
N GLU A 263 -5.16 15.06 32.44
CA GLU A 263 -5.56 13.69 32.13
C GLU A 263 -4.37 12.93 31.55
N THR A 264 -3.97 11.86 32.24
CA THR A 264 -2.81 11.08 31.81
C THR A 264 -3.07 10.33 30.51
N GLY A 265 -4.26 9.75 30.35
CA GLY A 265 -4.60 8.99 29.16
C GLY A 265 -4.60 7.49 29.42
N SER A 266 -5.21 6.76 28.50
CA SER A 266 -5.36 5.30 28.60
C SER A 266 -4.37 4.56 27.72
N GLY A 267 -3.65 3.60 28.32
CA GLY A 267 -2.70 2.78 27.59
C GLY A 267 -3.41 1.66 26.85
N ILE A 268 -2.64 0.93 26.04
CA ILE A 268 -3.19 -0.14 25.21
C ILE A 268 -2.68 -1.54 25.61
N GLY A 269 -1.52 -1.65 26.22
CA GLY A 269 -0.97 -2.97 26.52
C GLY A 269 -1.65 -3.72 27.64
N PHE A 270 -1.15 -4.95 27.84
CA PHE A 270 -1.67 -5.83 28.88
C PHE A 270 -1.49 -5.24 30.26
N GLY A 271 -0.32 -4.66 30.52
CA GLY A 271 -0.01 -4.06 31.80
C GLY A 271 -0.45 -2.63 31.95
N ALA A 272 -1.08 -2.06 30.93
CA ALA A 272 -1.53 -0.69 31.01
C ALA A 272 -2.80 -0.60 31.85
N THR A 273 -3.15 0.63 32.22
CA THR A 273 -4.34 0.93 33.01
C THR A 273 -5.41 1.47 32.06
N VAL A 274 -6.52 0.75 31.96
CA VAL A 274 -7.62 1.13 31.10
C VAL A 274 -8.63 1.91 31.93
N LYS A 275 -9.05 3.06 31.41
CA LYS A 275 -9.99 3.95 32.09
C LYS A 275 -11.31 3.96 31.35
N ALA A 276 -12.34 3.38 31.98
CA ALA A 276 -13.68 3.35 31.42
C ALA A 276 -14.34 4.71 31.60
N LYS A 277 -15.31 5.00 30.74
CA LYS A 277 -16.03 6.27 30.81
C LYS A 277 -16.77 6.44 32.13
N SER A 278 -17.09 5.34 32.81
CA SER A 278 -17.80 5.42 34.09
C SER A 278 -16.98 6.15 35.14
N ASP A 279 -15.72 5.76 35.30
CA ASP A 279 -14.81 6.33 36.29
C ASP A 279 -13.73 7.19 35.65
N LYS A 280 -14.05 7.78 34.49
CA LYS A 280 -13.07 8.60 33.78
C LYS A 280 -12.67 9.83 34.60
N ALA A 281 -13.64 10.69 34.88
CA ALA A 281 -13.40 11.91 35.66
C ALA A 281 -14.73 12.62 35.85
N SER A 282 -14.69 13.68 36.65
CA SER A 282 -15.87 14.50 36.89
C SER A 282 -15.40 15.92 37.19
N GLU A 283 -16.34 16.87 37.16
CA GLU A 283 -15.97 18.25 37.47
C GLU A 283 -15.48 18.35 38.91
N GLY A 284 -16.09 17.59 39.82
CA GLY A 284 -15.60 17.55 41.19
C GLY A 284 -14.26 16.84 41.19
N GLU A 285 -13.34 17.32 42.02
CA GLU A 285 -11.96 16.85 42.14
C GLU A 285 -11.10 17.32 40.96
N LEU A 286 -11.68 18.00 39.97
CA LEU A 286 -10.99 18.53 38.80
C LEU A 286 -10.79 20.03 38.90
N LEU A 287 -11.83 20.75 39.35
CA LEU A 287 -11.72 22.19 39.54
C LEU A 287 -10.76 22.53 40.67
N ALA A 288 -10.56 21.61 41.62
CA ALA A 288 -9.63 21.86 42.72
C ALA A 288 -8.21 22.10 42.21
N GLN A 289 -7.87 21.51 41.06
CA GLN A 289 -6.55 21.66 40.46
C GLN A 289 -6.50 22.84 39.48
N VAL A 290 -7.45 23.77 39.58
CA VAL A 290 -7.45 24.94 38.71
C VAL A 290 -6.17 25.74 38.91
N GLU A 291 -5.64 26.27 37.82
CA GLU A 291 -4.43 27.07 37.81
C GLU A 291 -4.69 28.33 37.00
N PRO A 292 -3.80 29.34 37.10
CA PRO A 292 -4.03 30.57 36.33
C PRO A 292 -4.02 30.38 34.82
N GLU A 293 -3.23 29.45 34.30
CA GLU A 293 -3.13 29.26 32.85
C GLU A 293 -4.47 28.85 32.25
N ASP A 294 -5.20 27.95 32.90
CA ASP A 294 -6.48 27.53 32.36
C ASP A 294 -7.50 28.66 32.39
N LEU A 295 -7.48 29.48 33.44
CA LEU A 295 -8.42 30.60 33.52
C LEU A 295 -8.17 31.61 32.41
N ILE A 296 -6.90 31.80 32.03
CA ILE A 296 -6.57 32.74 30.96
C ILE A 296 -7.16 32.26 29.65
N LYS A 297 -7.12 30.95 29.40
CA LYS A 297 -7.69 30.41 28.17
C LYS A 297 -9.19 30.66 28.11
N PHE A 298 -9.86 30.62 29.26
CA PHE A 298 -11.29 30.89 29.31
C PHE A 298 -11.61 32.30 28.83
N GLY A 299 -10.70 33.25 29.08
CA GLY A 299 -10.86 34.64 28.68
C GLY A 299 -10.52 35.63 29.76
N LEU A 300 -10.35 35.17 31.00
CA LEU A 300 -10.03 36.06 32.10
C LEU A 300 -8.64 36.67 31.90
N ILE A 301 -8.51 37.92 32.33
CA ILE A 301 -7.23 38.63 32.20
C ILE A 301 -6.23 38.05 33.19
N PRO A 302 -4.95 37.85 32.82
CA PRO A 302 -4.00 37.31 33.82
C PRO A 302 -3.84 38.18 35.05
N GLU A 303 -3.83 39.51 34.89
CA GLU A 303 -3.70 40.39 36.05
C GLU A 303 -4.86 40.22 37.01
N PHE A 304 -6.06 40.01 36.47
CA PHE A 304 -7.24 39.80 37.31
C PHE A 304 -7.10 38.55 38.16
N ILE A 305 -6.55 37.48 37.58
CA ILE A 305 -6.39 36.23 38.30
C ILE A 305 -5.38 36.38 39.44
N GLY A 306 -4.25 37.05 39.15
CA GLY A 306 -3.24 37.25 40.18
C GLY A 306 -3.77 38.00 41.38
N ARG A 307 -4.67 38.95 41.15
CA ARG A 307 -5.25 39.73 42.23
C ARG A 307 -6.23 38.95 43.09
N LEU A 308 -6.58 37.72 42.70
CA LEU A 308 -7.51 36.87 43.43
C LEU A 308 -6.78 35.61 43.89
N PRO A 309 -5.99 35.68 44.97
CA PRO A 309 -5.28 34.46 45.41
C PRO A 309 -6.20 33.42 46.02
N VAL A 310 -7.15 33.85 46.85
CA VAL A 310 -8.07 32.90 47.48
C VAL A 310 -9.03 32.37 46.41
N VAL A 311 -9.21 31.05 46.39
CA VAL A 311 -10.10 30.39 45.44
C VAL A 311 -10.93 29.38 46.21
N ALA A 312 -12.24 29.60 46.23
CA ALA A 312 -13.19 28.71 46.88
C ALA A 312 -13.94 27.98 45.78
N THR A 313 -13.68 26.68 45.65
CA THR A 313 -14.29 25.84 44.62
C THR A 313 -15.33 24.93 45.26
N LEU A 314 -16.54 24.99 44.73
CA LEU A 314 -17.65 24.18 45.22
C LEU A 314 -17.72 22.88 44.44
N ASN A 315 -18.40 21.90 45.02
CA ASN A 315 -18.54 20.57 44.44
C ASN A 315 -20.02 20.22 44.26
N GLU A 316 -20.28 19.38 43.27
CA GLU A 316 -21.65 18.93 42.99
C GLU A 316 -22.25 18.28 44.23
N LEU A 317 -23.44 18.72 44.60
CA LEU A 317 -24.13 18.18 45.77
C LEU A 317 -24.31 16.68 45.63
N SER A 318 -24.18 15.98 46.75
CA SER A 318 -24.34 14.54 46.81
C SER A 318 -25.79 14.18 47.08
N GLU A 319 -26.09 12.88 46.97
CA GLU A 319 -27.44 12.39 47.24
C GLU A 319 -27.88 12.76 48.65
N GLU A 320 -27.01 12.55 49.63
CA GLU A 320 -27.34 12.88 51.02
C GLU A 320 -27.63 14.37 51.18
N ALA A 321 -26.82 15.22 50.56
CA ALA A 321 -27.02 16.67 50.68
C ALA A 321 -28.36 17.09 50.10
N LEU A 322 -28.73 16.55 48.95
CA LEU A 322 -30.00 16.91 48.32
C LEU A 322 -31.19 16.47 49.18
N ILE A 323 -31.06 15.34 49.87
CA ILE A 323 -32.15 14.85 50.71
C ILE A 323 -32.44 15.82 51.84
N GLN A 324 -31.40 16.41 52.43
CA GLN A 324 -31.62 17.37 53.52
C GLN A 324 -32.34 18.61 53.01
N ILE A 325 -31.95 19.13 51.85
CA ILE A 325 -32.57 20.32 51.29
C ILE A 325 -34.06 20.11 51.04
N LEU A 326 -34.46 18.87 50.74
CA LEU A 326 -35.87 18.59 50.48
C LEU A 326 -36.75 18.85 51.69
N LYS A 327 -36.26 18.60 52.91
CA LYS A 327 -37.06 18.77 54.12
C LYS A 327 -36.47 19.67 55.20
N GLU A 328 -35.14 19.67 55.37
CA GLU A 328 -34.55 20.43 56.47
C GLU A 328 -34.77 21.94 56.38
N PRO A 329 -34.57 22.62 55.26
CA PRO A 329 -34.80 24.08 55.23
C PRO A 329 -36.24 24.45 55.52
N LYS A 330 -36.43 25.66 56.06
CA LYS A 330 -37.78 26.11 56.35
C LYS A 330 -38.57 26.34 55.06
N ASN A 331 -37.88 26.81 54.02
CA ASN A 331 -38.49 27.07 52.71
C ASN A 331 -38.22 25.92 51.75
N ALA A 332 -38.11 24.70 52.27
CA ALA A 332 -37.81 23.54 51.44
C ALA A 332 -38.91 23.29 50.42
N LEU A 333 -38.55 22.54 49.38
CA LEU A 333 -39.49 22.25 48.30
C LEU A 333 -40.71 21.48 48.81
N THR A 334 -40.50 20.50 49.69
CA THR A 334 -41.62 19.72 50.21
C THR A 334 -42.59 20.61 50.99
N LYS A 335 -42.06 21.51 51.82
CA LYS A 335 -42.91 22.39 52.60
C LYS A 335 -43.69 23.34 51.71
N GLN A 336 -43.10 23.75 50.58
CA GLN A 336 -43.80 24.64 49.66
C GLN A 336 -45.06 24.00 49.11
N TYR A 337 -44.94 22.75 48.63
CA TYR A 337 -46.10 22.05 48.10
C TYR A 337 -47.09 21.71 49.21
N GLN A 338 -46.59 21.40 50.41
CA GLN A 338 -47.49 21.11 51.53
C GLN A 338 -48.38 22.31 51.81
N ALA A 339 -47.81 23.52 51.80
CA ALA A 339 -48.60 24.72 52.00
C ALA A 339 -49.57 24.91 50.85
N LEU A 340 -49.14 24.57 49.63
CA LEU A 340 -50.01 24.69 48.46
C LEU A 340 -51.20 23.76 48.58
N PHE A 341 -50.97 22.51 48.97
CA PHE A 341 -52.06 21.57 49.14
C PHE A 341 -52.96 21.97 50.30
N ASN A 342 -52.37 22.49 51.38
CA ASN A 342 -53.16 22.90 52.54
C ASN A 342 -54.11 24.03 52.18
N LEU A 343 -53.72 24.89 51.25
CA LEU A 343 -54.60 25.98 50.82
C LEU A 343 -55.85 25.44 50.13
N GLU A 344 -55.81 24.20 49.63
CA GLU A 344 -56.94 23.55 48.98
C GLU A 344 -57.72 22.65 49.93
N GLY A 345 -57.24 22.44 51.16
CA GLY A 345 -57.91 21.60 52.13
C GLY A 345 -57.39 20.19 52.23
N VAL A 346 -56.21 19.89 51.68
CA VAL A 346 -55.61 18.57 51.71
C VAL A 346 -54.19 18.69 52.26
N ASP A 347 -53.73 17.62 52.90
CA ASP A 347 -52.39 17.56 53.47
C ASP A 347 -51.54 16.62 52.63
N LEU A 348 -50.27 17.00 52.44
CA LEU A 348 -49.31 16.26 51.64
C LEU A 348 -48.25 15.63 52.53
N GLU A 349 -47.95 14.36 52.25
CA GLU A 349 -46.97 13.60 53.02
C GLU A 349 -45.97 12.96 52.07
N PHE A 350 -44.68 13.08 52.40
CA PHE A 350 -43.58 12.54 51.62
C PHE A 350 -42.88 11.45 52.41
N ARG A 351 -42.73 10.29 51.81
CA ARG A 351 -42.07 9.17 52.47
C ARG A 351 -40.56 9.35 52.42
N ASP A 352 -39.88 8.79 53.42
CA ASP A 352 -38.43 8.90 53.51
C ASP A 352 -37.74 8.26 52.31
N GLU A 353 -38.32 7.17 51.78
CA GLU A 353 -37.72 6.52 50.62
C GLU A 353 -37.88 7.35 49.36
N ALA A 354 -39.00 8.08 49.24
CA ALA A 354 -39.24 8.91 48.06
C ALA A 354 -38.16 9.98 47.90
N LEU A 355 -37.68 10.54 49.01
CA LEU A 355 -36.66 11.58 48.93
C LEU A 355 -35.39 11.05 48.29
N ASP A 356 -35.03 9.80 48.59
CA ASP A 356 -33.83 9.22 47.98
C ASP A 356 -33.98 9.10 46.48
N ALA A 357 -35.16 8.67 46.00
CA ALA A 357 -35.38 8.55 44.57
C ALA A 357 -35.35 9.91 43.89
N ILE A 358 -35.97 10.92 44.49
CA ILE A 358 -35.97 12.27 43.91
C ILE A 358 -34.55 12.78 43.80
N ALA A 359 -33.73 12.56 44.84
CA ALA A 359 -32.35 13.02 44.81
C ALA A 359 -31.57 12.33 43.71
N LYS A 360 -31.84 11.04 43.48
CA LYS A 360 -31.15 10.31 42.43
C LYS A 360 -31.49 10.87 41.05
N LYS A 361 -32.77 11.17 40.81
CA LYS A 361 -33.18 11.73 39.53
C LYS A 361 -32.63 13.14 39.35
N ALA A 362 -32.61 13.92 40.43
CA ALA A 362 -32.10 15.29 40.35
C ALA A 362 -30.61 15.30 40.02
N MET A 363 -29.85 14.36 40.58
CA MET A 363 -28.42 14.32 40.31
C MET A 363 -28.15 14.05 38.83
N ALA A 364 -28.98 13.22 38.21
CA ALA A 364 -28.79 12.93 36.79
C ALA A 364 -29.05 14.15 35.93
N ARG A 365 -30.02 14.99 36.33
CA ARG A 365 -30.32 16.20 35.58
C ARG A 365 -29.12 17.15 35.53
N LYS A 366 -28.31 17.16 36.60
CA LYS A 366 -27.11 18.00 36.72
C LYS A 366 -27.44 19.47 36.92
N THR A 367 -28.67 19.79 37.31
CA THR A 367 -29.09 21.17 37.53
C THR A 367 -29.06 21.56 39.01
N GLY A 368 -28.36 20.79 39.83
CA GLY A 368 -28.26 21.09 41.25
C GLY A 368 -29.60 21.03 41.96
N ALA A 369 -29.80 21.97 42.89
CA ALA A 369 -31.03 22.02 43.66
C ALA A 369 -32.26 22.22 42.79
N ARG A 370 -32.14 22.98 41.70
CA ARG A 370 -33.28 23.24 40.83
C ARG A 370 -33.84 21.96 40.22
N GLY A 371 -33.00 20.91 40.09
CA GLY A 371 -33.49 19.66 39.54
C GLY A 371 -34.58 19.02 40.36
N LEU A 372 -34.59 19.27 41.67
CA LEU A 372 -35.61 18.69 42.54
C LEU A 372 -37.01 19.12 42.13
N ARG A 373 -37.18 20.39 41.80
CA ARG A 373 -38.50 20.89 41.41
C ARG A 373 -39.03 20.18 40.16
N SER A 374 -38.15 19.86 39.22
CA SER A 374 -38.56 19.19 37.99
C SER A 374 -39.17 17.82 38.30
N ILE A 375 -38.52 17.05 39.18
CA ILE A 375 -39.01 15.72 39.51
C ILE A 375 -40.35 15.80 40.23
N VAL A 376 -40.48 16.73 41.17
CA VAL A 376 -41.72 16.85 41.93
C VAL A 376 -42.87 17.27 41.03
N GLU A 377 -42.64 18.26 40.16
CA GLU A 377 -43.71 18.73 39.28
C GLU A 377 -44.17 17.63 38.33
N ALA A 378 -43.25 16.81 37.85
CA ALA A 378 -43.64 15.75 36.92
C ALA A 378 -44.45 14.67 37.63
N ALA A 379 -43.98 14.22 38.79
CA ALA A 379 -44.69 13.17 39.53
C ALA A 379 -46.07 13.63 39.97
N LEU A 380 -46.20 14.90 40.36
CA LEU A 380 -47.46 15.44 40.85
C LEU A 380 -48.28 16.14 39.76
N LEU A 381 -47.84 16.09 38.50
CA LEU A 381 -48.59 16.75 37.43
C LEU A 381 -50.00 16.17 37.28
N ASP A 382 -50.10 14.83 37.26
CA ASP A 382 -51.40 14.19 37.07
C ASP A 382 -52.35 14.47 38.22
N THR A 383 -51.91 14.26 39.47
CA THR A 383 -52.79 14.46 40.61
C THR A 383 -53.23 15.91 40.74
N MET A 384 -52.32 16.87 40.55
CA MET A 384 -52.67 18.27 40.67
C MET A 384 -53.74 18.66 39.65
N TYR A 385 -53.66 18.08 38.46
CA TYR A 385 -54.64 18.38 37.41
C TYR A 385 -56.03 17.89 37.81
N ASP A 386 -56.11 16.69 38.41
CA ASP A 386 -57.39 16.10 38.79
C ASP A 386 -57.77 16.31 40.26
N LEU A 387 -56.84 16.69 41.14
CA LEU A 387 -57.17 16.85 42.55
C LEU A 387 -58.29 17.86 42.81
N PRO A 388 -58.32 19.05 42.17
CA PRO A 388 -59.45 19.95 42.44
C PRO A 388 -60.78 19.39 42.00
N SER A 389 -60.82 18.73 40.84
CA SER A 389 -62.07 18.15 40.35
C SER A 389 -62.51 16.96 41.18
N MET A 390 -61.57 16.22 41.77
CA MET A 390 -61.92 15.05 42.56
C MET A 390 -62.56 15.45 43.89
N GLU A 391 -63.35 14.54 44.44
CA GLU A 391 -64.04 14.74 45.71
C GLU A 391 -63.78 13.55 46.62
N ASP A 392 -63.96 13.77 47.92
CA ASP A 392 -63.76 12.79 48.99
C ASP A 392 -62.28 12.57 49.25
N VAL A 393 -61.40 13.40 48.69
CA VAL A 393 -59.96 13.25 48.85
C VAL A 393 -59.54 14.14 50.01
N GLU A 394 -59.16 13.52 51.13
CA GLU A 394 -58.73 14.25 52.32
C GLU A 394 -57.22 14.16 52.56
N LYS A 395 -56.54 13.16 52.00
CA LYS A 395 -55.11 13.01 52.17
C LYS A 395 -54.51 12.34 50.94
N VAL A 396 -53.31 12.79 50.56
CA VAL A 396 -52.57 12.26 49.42
C VAL A 396 -51.16 11.92 49.91
N VAL A 397 -50.68 10.73 49.56
CA VAL A 397 -49.37 10.25 49.97
C VAL A 397 -48.56 9.82 48.76
N ILE A 398 -47.27 10.13 48.78
CA ILE A 398 -46.32 9.82 47.71
C ILE A 398 -45.19 8.98 48.28
N ASP A 399 -44.77 7.96 47.52
CA ASP A 399 -43.70 7.06 47.93
C ASP A 399 -42.68 6.93 46.79
N GLU A 400 -41.64 6.13 47.04
CA GLU A 400 -40.58 5.93 46.05
C GLU A 400 -41.11 5.39 44.73
N SER A 401 -42.07 4.46 44.77
CA SER A 401 -42.60 3.89 43.54
C SER A 401 -43.24 4.97 42.67
N VAL A 402 -43.86 5.96 43.28
CA VAL A 402 -44.47 7.05 42.53
C VAL A 402 -43.40 7.86 41.80
N ILE A 403 -42.24 8.04 42.44
CA ILE A 403 -41.15 8.80 41.84
C ILE A 403 -40.70 8.13 40.54
N ASP A 404 -40.64 6.80 40.53
CA ASP A 404 -40.23 6.07 39.33
C ASP A 404 -41.22 6.30 38.19
N GLY A 405 -42.49 6.54 38.52
CA GLY A 405 -43.53 6.75 37.54
C GLY A 405 -44.39 5.53 37.27
N GLN A 406 -43.96 4.34 37.70
CA GLN A 406 -44.76 3.14 37.49
C GLN A 406 -46.06 3.19 38.26
N SER A 407 -46.04 3.77 39.46
CA SER A 407 -47.22 3.86 40.31
C SER A 407 -47.79 5.28 40.29
N GLU A 408 -49.05 5.38 40.70
CA GLU A 408 -49.78 6.63 40.78
C GLU A 408 -49.78 7.15 42.21
N PRO A 409 -49.95 8.46 42.41
CA PRO A 409 -49.97 8.99 43.78
C PRO A 409 -51.08 8.36 44.60
N LEU A 410 -50.74 7.87 45.79
CA LEU A 410 -51.71 7.23 46.65
C LEU A 410 -52.70 8.26 47.19
N LEU A 411 -53.98 7.88 47.19
CA LEU A 411 -55.06 8.72 47.67
C LEU A 411 -55.78 8.00 48.80
N ILE A 412 -56.06 8.75 49.87
CA ILE A 412 -56.74 8.23 51.05
C ILE A 412 -58.17 8.76 51.04
N TYR A 413 -59.13 7.86 51.28
CA TYR A 413 -60.55 8.22 51.29
C TYR A 413 -61.19 7.86 52.62
N ALA B 63 -64.83 32.55 41.43
CA ALA B 63 -64.12 31.51 42.17
C ALA B 63 -62.86 31.10 41.43
N LEU B 64 -62.12 30.15 41.99
CA LEU B 64 -60.89 29.68 41.39
C LEU B 64 -61.20 28.64 40.32
N PRO B 65 -60.87 28.85 39.05
CA PRO B 65 -61.16 27.83 38.04
C PRO B 65 -60.25 26.63 38.20
N THR B 66 -60.82 25.44 38.06
CA THR B 66 -60.06 24.21 38.17
C THR B 66 -59.27 23.96 36.89
N PRO B 67 -58.23 23.10 36.95
CA PRO B 67 -57.46 22.81 35.73
C PRO B 67 -58.31 22.24 34.62
N HIS B 68 -59.29 21.38 34.95
CA HIS B 68 -60.16 20.80 33.94
C HIS B 68 -60.91 21.89 33.18
N GLU B 69 -61.40 22.91 33.89
CA GLU B 69 -62.10 24.01 33.24
C GLU B 69 -61.18 24.75 32.30
N ILE B 70 -59.95 25.04 32.76
CA ILE B 70 -58.99 25.73 31.90
C ILE B 70 -58.65 24.89 30.69
N ARG B 71 -58.48 23.58 30.89
CA ARG B 71 -58.15 22.69 29.77
C ARG B 71 -59.30 22.63 28.76
N ASN B 72 -60.54 22.71 29.23
CA ASN B 72 -61.69 22.67 28.32
C ASN B 72 -61.61 23.80 27.30
N HIS B 73 -61.22 25.00 27.75
CA HIS B 73 -61.08 26.12 26.82
C HIS B 73 -59.98 25.84 25.81
N LEU B 74 -58.85 25.30 26.27
CA LEU B 74 -57.75 24.98 25.37
C LEU B 74 -58.15 23.87 24.40
N ASP B 75 -58.94 22.91 24.86
CA ASP B 75 -59.39 21.83 23.98
C ASP B 75 -60.23 22.37 22.84
N ASP B 76 -61.01 23.42 23.10
CA ASP B 76 -61.85 24.02 22.07
C ASP B 76 -61.02 24.52 20.90
N TYR B 77 -59.86 25.12 21.18
CA TYR B 77 -58.99 25.68 20.15
C TYR B 77 -57.82 24.77 19.77
N VAL B 78 -57.35 23.93 20.67
CA VAL B 78 -56.19 23.06 20.44
C VAL B 78 -56.65 21.61 20.51
N ILE B 79 -56.24 20.81 19.53
CA ILE B 79 -56.60 19.40 19.42
C ILE B 79 -55.36 18.54 19.46
N GLY B 80 -55.33 17.57 20.38
CA GLY B 80 -54.26 16.60 20.48
C GLY B 80 -53.15 16.90 21.47
N GLN B 81 -53.04 18.13 21.95
CA GLN B 81 -51.97 18.50 22.89
C GLN B 81 -52.48 18.39 24.33
N GLU B 82 -52.79 17.14 24.71
CA GLU B 82 -53.30 16.89 26.05
C GLU B 82 -52.26 17.18 27.13
N GLN B 83 -51.00 16.79 26.90
CA GLN B 83 -49.96 17.00 27.90
C GLN B 83 -49.68 18.49 28.11
N ALA B 84 -49.60 19.24 27.01
CA ALA B 84 -49.32 20.67 27.13
C ALA B 84 -50.43 21.38 27.90
N LYS B 85 -51.68 20.99 27.66
CA LYS B 85 -52.81 21.62 28.35
C LYS B 85 -52.75 21.36 29.85
N LYS B 86 -52.39 20.13 30.25
CA LYS B 86 -52.31 19.81 31.67
C LYS B 86 -51.25 20.64 32.37
N VAL B 87 -50.07 20.76 31.76
CA VAL B 87 -48.99 21.53 32.37
C VAL B 87 -49.40 23.00 32.47
N LEU B 88 -49.97 23.54 31.39
CA LEU B 88 -50.40 24.93 31.39
C LEU B 88 -51.54 25.16 32.39
N ALA B 89 -52.50 24.23 32.44
CA ALA B 89 -53.62 24.39 33.36
C ALA B 89 -53.16 24.33 34.81
N VAL B 90 -52.28 23.38 35.13
CA VAL B 90 -51.78 23.27 36.51
C VAL B 90 -50.96 24.49 36.87
N ALA B 91 -50.13 24.98 35.94
CA ALA B 91 -49.33 26.16 36.22
C ALA B 91 -50.22 27.39 36.46
N VAL B 92 -51.24 27.56 35.64
CA VAL B 92 -52.16 28.68 35.81
C VAL B 92 -52.94 28.52 37.12
N TYR B 93 -53.31 27.28 37.46
CA TYR B 93 -54.03 27.02 38.70
C TYR B 93 -53.19 27.39 39.91
N ASN B 94 -51.90 27.00 39.90
CA ASN B 94 -51.02 27.33 41.01
C ASN B 94 -50.78 28.83 41.08
N HIS B 95 -50.59 29.47 39.93
CA HIS B 95 -50.35 30.91 39.89
C HIS B 95 -51.51 31.68 40.49
N TYR B 96 -52.74 31.27 40.19
CA TYR B 96 -53.91 31.94 40.74
C TYR B 96 -53.95 31.80 42.25
N LYS B 97 -53.57 30.62 42.77
CA LYS B 97 -53.57 30.39 44.21
C LYS B 97 -52.60 31.33 44.92
N ARG B 98 -51.42 31.54 44.34
CA ARG B 98 -50.45 32.45 44.96
C ARG B 98 -51.01 33.86 44.99
N LEU B 99 -51.63 34.31 43.90
CA LEU B 99 -52.23 35.63 43.86
C LEU B 99 -53.45 35.71 44.76
N ARG B 100 -54.28 34.66 44.75
CA ARG B 100 -55.48 34.64 45.59
C ARG B 100 -55.12 34.69 47.06
N ASN B 101 -54.07 33.96 47.45
CA ASN B 101 -53.60 33.88 48.83
C ASN B 101 -52.16 34.38 48.86
N GLY B 102 -51.99 35.67 49.10
CA GLY B 102 -50.66 36.25 49.17
C GLY B 102 -49.81 35.58 50.25
N ASP B 103 -48.50 35.69 50.08
CA ASP B 103 -47.57 35.07 51.04
C ASP B 103 -47.54 35.91 52.30
N THR B 104 -48.62 35.81 53.08
CA THR B 104 -48.79 36.53 54.33
C THR B 104 -48.90 35.61 55.55
N SER B 105 -49.78 34.60 55.47
CA SER B 105 -49.96 33.68 56.59
C SER B 105 -48.95 32.55 56.56
N ASN B 106 -48.74 31.96 55.39
CA ASN B 106 -47.81 30.84 55.26
C ASN B 106 -46.40 31.26 55.64
N GLY B 107 -45.79 30.52 56.56
CA GLY B 107 -44.42 30.82 56.93
C GLY B 107 -43.48 30.61 55.76
N VAL B 108 -43.75 29.59 54.96
CA VAL B 108 -42.97 29.28 53.77
C VAL B 108 -43.46 30.13 52.61
N GLU B 109 -42.53 30.52 51.74
CA GLU B 109 -42.85 31.33 50.56
C GLU B 109 -42.89 30.41 49.35
N LEU B 110 -44.03 30.40 48.66
CA LEU B 110 -44.19 29.55 47.48
C LEU B 110 -43.31 30.04 46.33
N GLY B 111 -42.67 29.09 45.65
CA GLY B 111 -41.82 29.38 44.51
C GLY B 111 -42.51 29.01 43.21
N LYS B 112 -42.13 29.69 42.14
CA LYS B 112 -42.70 29.47 40.82
C LYS B 112 -41.89 28.43 40.05
N SER B 113 -42.57 27.78 39.11
CA SER B 113 -41.96 26.78 38.23
C SER B 113 -42.24 27.20 36.80
N ASN B 114 -41.19 27.48 36.05
CA ASN B 114 -41.33 27.92 34.66
C ASN B 114 -41.47 26.70 33.75
N ILE B 115 -42.15 26.91 32.62
CA ILE B 115 -42.45 25.85 31.65
C ILE B 115 -41.68 26.11 30.37
N LEU B 116 -41.22 25.04 29.73
CA LEU B 116 -40.48 25.07 28.48
C LEU B 116 -41.29 24.23 27.49
N LEU B 117 -42.00 24.90 26.59
CA LEU B 117 -42.87 24.23 25.61
C LEU B 117 -42.09 23.86 24.35
N ILE B 118 -41.55 22.66 24.34
CA ILE B 118 -40.83 22.13 23.18
C ILE B 118 -41.84 21.45 22.28
N GLY B 119 -41.71 21.67 20.97
CA GLY B 119 -42.64 21.07 20.04
C GLY B 119 -42.33 21.41 18.59
N PRO B 120 -42.68 20.51 17.63
CA PRO B 120 -42.40 20.82 16.23
C PRO B 120 -43.25 21.98 15.71
N THR B 121 -43.05 22.32 14.44
CA THR B 121 -43.78 23.41 13.82
C THR B 121 -45.25 23.05 13.64
N GLY B 122 -46.11 24.06 13.78
CA GLY B 122 -47.54 23.86 13.61
C GLY B 122 -48.15 22.89 14.61
N SER B 123 -47.54 22.73 15.78
CA SER B 123 -48.04 21.83 16.81
C SER B 123 -48.96 22.51 17.82
N GLY B 124 -49.10 23.83 17.75
CA GLY B 124 -49.97 24.57 18.65
C GLY B 124 -49.28 25.31 19.77
N LYS B 125 -47.95 25.44 19.74
CA LYS B 125 -47.23 26.16 20.79
C LYS B 125 -47.71 27.60 20.86
N THR B 126 -47.60 28.34 19.76
CA THR B 126 -48.05 29.72 19.73
C THR B 126 -49.55 29.82 19.93
N LEU B 127 -50.30 28.87 19.38
CA LEU B 127 -51.75 28.89 19.50
C LEU B 127 -52.20 28.77 20.95
N LEU B 128 -51.50 27.94 21.74
CA LEU B 128 -51.88 27.78 23.14
C LEU B 128 -51.73 29.08 23.91
N ALA B 129 -50.65 29.83 23.65
CA ALA B 129 -50.43 31.09 24.35
C ALA B 129 -51.53 32.11 24.04
N GLU B 130 -51.91 32.21 22.76
CA GLU B 130 -52.94 33.15 22.37
C GLU B 130 -54.28 32.81 23.01
N THR B 131 -54.64 31.53 22.99
CA THR B 131 -55.91 31.10 23.59
C THR B 131 -55.91 31.31 25.09
N LEU B 132 -54.75 31.13 25.73
CA LEU B 132 -54.64 31.31 27.17
C LEU B 132 -54.98 32.74 27.58
N ALA B 133 -54.53 33.72 26.80
CA ALA B 133 -54.79 35.12 27.11
C ALA B 133 -56.27 35.45 27.11
N ARG B 134 -57.07 34.68 26.37
CA ARG B 134 -58.51 34.94 26.30
C ARG B 134 -59.16 34.75 27.67
N LEU B 135 -58.72 33.73 28.42
CA LEU B 135 -59.27 33.41 29.73
C LEU B 135 -58.38 33.80 30.90
N LEU B 136 -57.19 34.36 30.65
CA LEU B 136 -56.28 34.74 31.72
C LEU B 136 -56.69 36.07 32.31
N ASP B 137 -57.19 36.05 33.55
CA ASP B 137 -57.56 37.29 34.21
C ASP B 137 -56.33 38.13 34.53
N VAL B 138 -55.20 37.48 34.75
CA VAL B 138 -53.93 38.15 35.05
C VAL B 138 -53.43 38.80 33.75
N PRO B 139 -52.73 39.93 33.79
CA PRO B 139 -52.21 40.50 32.55
C PRO B 139 -51.20 39.56 31.90
N PHE B 140 -51.31 39.42 30.57
CA PHE B 140 -50.45 38.54 29.80
C PHE B 140 -49.97 39.24 28.54
N THR B 141 -48.72 38.95 28.16
CA THR B 141 -48.12 39.52 26.97
C THR B 141 -47.20 38.49 26.33
N MET B 142 -47.00 38.62 25.02
CA MET B 142 -46.14 37.74 24.24
C MET B 142 -44.93 38.50 23.75
N ALA B 143 -43.76 37.86 23.80
CA ALA B 143 -42.50 38.45 23.38
C ALA B 143 -41.85 37.58 22.32
N ASP B 144 -40.79 38.13 21.72
CA ASP B 144 -40.00 37.45 20.68
C ASP B 144 -38.54 37.48 21.11
N ALA B 145 -37.94 36.30 21.24
CA ALA B 145 -36.55 36.21 21.67
C ALA B 145 -35.59 36.75 20.63
N THR B 146 -35.93 36.65 19.34
CA THR B 146 -35.03 37.13 18.29
C THR B 146 -34.73 38.62 18.45
N THR B 147 -35.75 39.41 18.78
CA THR B 147 -35.54 40.85 18.97
C THR B 147 -34.63 41.14 20.15
N LEU B 148 -34.71 40.32 21.20
CA LEU B 148 -33.92 40.54 22.40
C LEU B 148 -32.42 40.44 22.13
N THR B 149 -31.66 41.32 22.77
CA THR B 149 -30.20 41.34 22.67
C THR B 149 -29.64 41.63 24.05
N GLU B 150 -28.36 41.31 24.24
CA GLU B 150 -27.72 41.55 25.52
C GLU B 150 -27.52 43.05 25.73
N ALA B 151 -27.24 43.42 26.98
CA ALA B 151 -27.04 44.82 27.32
C ALA B 151 -25.84 45.40 26.58
N GLY B 152 -25.93 46.69 26.29
CA GLY B 152 -24.86 47.41 25.62
C GLY B 152 -24.87 47.34 24.11
N TYR B 153 -25.92 46.77 23.51
CA TYR B 153 -26.01 46.63 22.07
C TYR B 153 -27.29 47.28 21.54
N VAL B 154 -27.19 47.73 20.29
CA VAL B 154 -28.25 48.47 19.60
C VAL B 154 -29.53 47.68 19.40
N GLY B 155 -29.47 46.35 19.38
CA GLY B 155 -30.67 45.57 19.14
C GLY B 155 -31.86 45.77 20.05
N GLU B 156 -31.75 45.39 21.32
CA GLU B 156 -32.84 45.49 22.28
C GLU B 156 -32.27 45.10 23.65
N ASP B 157 -33.12 45.17 24.67
CA ASP B 157 -32.77 44.80 26.03
C ASP B 157 -33.86 43.91 26.60
N VAL B 158 -33.46 43.01 27.49
CA VAL B 158 -34.41 42.08 28.09
C VAL B 158 -35.44 42.82 28.94
N GLU B 159 -35.05 43.95 29.53
CA GLU B 159 -35.99 44.72 30.35
C GLU B 159 -37.19 45.21 29.55
N ASN B 160 -37.10 45.29 28.23
CA ASN B 160 -38.22 45.73 27.40
C ASN B 160 -39.40 44.78 27.54
N ILE B 161 -39.16 43.51 27.86
CA ILE B 161 -40.24 42.55 28.03
C ILE B 161 -41.15 42.98 29.17
N ILE B 162 -40.56 43.37 30.30
CA ILE B 162 -41.35 43.81 31.44
C ILE B 162 -42.10 45.10 31.10
N GLN B 163 -41.48 45.97 30.31
CA GLN B 163 -42.13 47.23 29.93
C GLN B 163 -43.42 46.95 29.17
N LYS B 164 -43.40 45.96 28.28
CA LYS B 164 -44.60 45.61 27.54
C LYS B 164 -45.68 45.09 28.47
N LEU B 165 -45.30 44.27 29.46
CA LEU B 165 -46.27 43.73 30.40
C LEU B 165 -46.94 44.83 31.22
N LEU B 166 -46.17 45.85 31.64
CA LEU B 166 -46.77 46.94 32.41
C LEU B 166 -47.80 47.70 31.59
N GLN B 167 -47.56 47.84 30.29
CA GLN B 167 -48.51 48.55 29.42
C GLN B 167 -49.88 47.88 29.46
N LYS B 168 -49.91 46.55 29.54
CA LYS B 168 -51.18 45.84 29.58
C LYS B 168 -51.99 46.22 30.82
N CYS B 169 -51.33 46.40 31.96
CA CYS B 169 -51.99 46.77 33.21
C CYS B 169 -51.93 48.27 33.51
N ASP B 170 -51.64 49.08 32.50
CA ASP B 170 -51.59 50.55 32.64
C ASP B 170 -50.54 50.96 33.67
N TYR B 171 -49.34 50.38 33.54
CA TYR B 171 -48.20 50.70 34.41
C TYR B 171 -48.51 50.50 35.89
N ASP B 172 -49.16 49.39 36.22
CA ASP B 172 -49.48 49.03 37.60
C ASP B 172 -48.38 48.08 38.07
N VAL B 173 -47.54 48.55 39.00
CA VAL B 173 -46.42 47.74 39.49
C VAL B 173 -46.90 46.48 40.19
N GLN B 174 -47.90 46.60 41.06
CA GLN B 174 -48.36 45.43 41.82
C GLN B 174 -48.94 44.37 40.90
N LYS B 175 -49.77 44.78 39.95
CA LYS B 175 -50.32 43.81 38.99
C LYS B 175 -49.22 43.23 38.11
N ALA B 176 -48.27 44.07 37.71
CA ALA B 176 -47.18 43.61 36.84
C ALA B 176 -46.32 42.55 37.53
N GLN B 177 -46.08 42.69 38.83
CA GLN B 177 -45.26 41.72 39.54
C GLN B 177 -45.88 40.33 39.48
N ARG B 178 -47.19 40.24 39.65
CA ARG B 178 -47.91 38.98 39.53
C ARG B 178 -48.49 38.87 38.12
N GLY B 179 -47.60 38.59 37.17
CA GLY B 179 -47.98 38.47 35.78
C GLY B 179 -47.37 37.24 35.14
N ILE B 180 -47.97 36.86 34.01
CA ILE B 180 -47.54 35.71 33.22
C ILE B 180 -47.00 36.23 31.90
N VAL B 181 -45.79 35.81 31.54
CA VAL B 181 -45.13 36.22 30.31
C VAL B 181 -44.81 34.99 29.47
N TYR B 182 -44.94 35.14 28.15
CA TYR B 182 -44.65 34.09 27.20
C TYR B 182 -43.56 34.59 26.25
N ILE B 183 -42.55 33.75 26.03
CA ILE B 183 -41.40 34.08 25.19
C ILE B 183 -41.32 33.04 24.09
N ASP B 184 -41.75 33.41 22.88
CA ASP B 184 -41.73 32.51 21.75
C ASP B 184 -40.36 32.54 21.08
N GLU B 185 -40.08 31.48 20.29
CA GLU B 185 -38.84 31.36 19.55
C GLU B 185 -37.61 31.39 20.47
N ILE B 186 -37.73 30.77 21.64
CA ILE B 186 -36.61 30.75 22.58
C ILE B 186 -35.45 29.92 22.04
N ASP B 187 -35.70 29.00 21.12
CA ASP B 187 -34.63 28.19 20.55
C ASP B 187 -33.73 28.99 19.62
N LYS B 188 -34.22 30.12 19.11
CA LYS B 188 -33.42 30.92 18.19
C LYS B 188 -32.15 31.46 18.84
N ILE B 189 -32.20 31.75 20.15
CA ILE B 189 -31.04 32.29 20.85
C ILE B 189 -30.12 31.19 21.37
N SER B 190 -30.38 29.94 21.01
CA SER B 190 -29.54 28.85 21.48
C SER B 190 -28.19 28.90 20.80
N ARG B 191 -27.16 28.48 21.53
CA ARG B 191 -25.82 28.45 20.97
C ARG B 191 -25.74 27.40 19.87
N LYS B 192 -24.68 27.51 19.08
CA LYS B 192 -24.48 26.55 18.00
C LYS B 192 -23.99 25.20 18.54
N SER B 193 -23.11 25.23 19.54
CA SER B 193 -22.56 24.03 20.14
C SER B 193 -22.44 24.21 21.66
N ASP B 194 -22.03 23.13 22.33
CA ASP B 194 -21.87 23.17 23.78
C ASP B 194 -20.78 24.15 24.21
N ASN B 195 -19.82 24.44 23.34
CA ASN B 195 -18.78 25.39 23.68
C ASN B 195 -19.42 26.77 23.85
N PRO B 196 -18.89 27.64 24.75
CA PRO B 196 -19.59 28.92 24.96
C PRO B 196 -19.67 29.81 23.74
N SER B 197 -18.54 30.14 23.13
N SER B 197 -18.54 30.14 23.13
CA SER B 197 -18.53 30.99 21.94
CA SER B 197 -18.53 30.99 21.94
C SER B 197 -17.10 31.16 21.45
C SER B 197 -17.10 31.16 21.45
N ILE B 198 -16.99 31.64 20.21
CA ILE B 198 -15.70 31.95 19.60
C ILE B 198 -15.52 33.46 19.53
N THR B 199 -16.61 34.20 19.30
CA THR B 199 -16.66 35.65 19.26
C THR B 199 -17.90 36.04 20.04
N ARG B 200 -17.96 37.31 20.46
CA ARG B 200 -19.11 37.78 21.22
C ARG B 200 -20.41 37.54 20.45
N ASP B 201 -21.42 37.03 21.15
CA ASP B 201 -22.72 36.70 20.58
C ASP B 201 -23.76 37.64 21.18
N VAL B 202 -24.15 38.65 20.41
CA VAL B 202 -25.14 39.62 20.87
C VAL B 202 -26.51 38.98 20.99
N SER B 203 -26.88 38.15 20.02
CA SER B 203 -28.17 37.45 19.98
C SER B 203 -27.82 35.96 20.06
N GLY B 204 -27.74 35.46 21.29
CA GLY B 204 -27.37 34.09 21.55
C GLY B 204 -27.24 33.87 23.04
N GLU B 205 -26.16 33.23 23.47
CA GLU B 205 -25.93 32.99 24.90
C GLU B 205 -25.98 34.28 25.69
N GLY B 206 -25.56 35.40 25.10
CA GLY B 206 -25.62 36.67 25.80
C GLY B 206 -27.02 37.02 26.25
N VAL B 207 -28.02 36.75 25.40
CA VAL B 207 -29.40 37.01 25.77
C VAL B 207 -29.81 36.11 26.92
N GLN B 208 -29.38 34.85 26.89
CA GLN B 208 -29.71 33.92 27.96
C GLN B 208 -29.07 34.37 29.28
N GLN B 209 -27.87 34.92 29.21
CA GLN B 209 -27.17 35.37 30.41
C GLN B 209 -27.91 36.51 31.09
N ALA B 210 -28.57 37.38 30.30
CA ALA B 210 -29.32 38.48 30.87
C ALA B 210 -30.67 38.03 31.41
N LEU B 211 -31.24 36.98 30.81
CA LEU B 211 -32.53 36.47 31.27
C LEU B 211 -32.45 35.77 32.61
N LEU B 212 -31.28 35.25 32.99
CA LEU B 212 -31.14 34.52 34.26
C LEU B 212 -31.66 35.34 35.44
N LYS B 213 -31.23 36.59 35.55
CA LYS B 213 -31.72 37.44 36.63
C LYS B 213 -33.21 37.71 36.48
N LEU B 214 -33.68 37.83 35.23
CA LEU B 214 -35.09 38.12 35.00
C LEU B 214 -35.99 36.95 35.37
N ILE B 215 -35.59 35.73 35.00
CA ILE B 215 -36.40 34.56 35.32
C ILE B 215 -36.42 34.33 36.83
N GLU B 216 -35.23 34.18 37.43
CA GLU B 216 -35.13 33.96 38.87
C GLU B 216 -35.85 35.06 39.65
N GLY B 217 -35.52 36.32 39.37
CA GLY B 217 -36.15 37.45 40.03
C GLY B 217 -35.18 38.59 40.30
N THR B 218 -35.58 39.80 39.94
CA THR B 218 -34.77 41.00 40.14
C THR B 218 -35.61 42.21 39.77
N VAL B 219 -35.22 43.36 40.33
CA VAL B 219 -35.92 44.60 40.01
C VAL B 219 -35.58 45.01 38.58
N ALA B 220 -36.61 45.34 37.80
CA ALA B 220 -36.46 45.75 36.41
C ALA B 220 -36.79 47.23 36.28
N ALA B 221 -35.89 47.96 35.63
CA ALA B 221 -36.05 49.40 35.43
C ALA B 221 -36.85 49.64 34.15
N VAL B 222 -38.01 50.29 34.30
CA VAL B 222 -38.89 50.59 33.17
C VAL B 222 -39.40 52.03 33.34
N PRO B 223 -39.49 52.84 32.29
CA PRO B 223 -39.97 54.22 32.44
C PRO B 223 -41.39 54.27 32.95
N PRO B 224 -41.73 55.15 33.91
CA PRO B 224 -43.10 55.16 34.42
C PRO B 224 -44.12 55.66 33.41
N GLN B 225 -43.86 56.82 32.78
CA GLN B 225 -44.78 57.34 31.78
C GLN B 225 -44.03 58.17 30.73
N GLY B 226 -43.67 57.55 29.61
CA GLY B 226 -43.00 58.27 28.54
C GLY B 226 -41.50 58.32 28.64
N GLY B 227 -40.92 58.00 29.79
CA GLY B 227 -39.48 58.06 29.96
C GLY B 227 -38.87 59.39 29.58
N ARG B 228 -39.55 60.49 29.90
CA ARG B 228 -39.09 61.83 29.57
C ARG B 228 -39.46 62.80 30.69
N LYS B 229 -38.69 63.88 30.79
CA LYS B 229 -38.93 64.93 31.79
C LYS B 229 -38.88 64.39 33.22
N HIS B 230 -38.04 63.39 33.45
CA HIS B 230 -37.90 62.76 34.76
C HIS B 230 -36.42 62.70 35.14
N PRO B 231 -36.03 63.08 36.36
CA PRO B 231 -34.61 62.96 36.73
C PRO B 231 -34.23 61.49 36.83
N GLN B 232 -33.22 61.09 36.07
CA GLN B 232 -32.76 59.70 36.01
C GLN B 232 -33.79 58.78 35.37
N GLN B 233 -34.82 59.35 34.73
CA GLN B 233 -35.93 58.69 34.03
C GLN B 233 -36.98 58.15 35.00
N GLU B 234 -36.79 58.26 36.32
CA GLU B 234 -37.75 57.77 37.32
C GLU B 234 -38.20 56.34 37.02
N PHE B 235 -37.24 55.50 36.64
CA PHE B 235 -37.56 54.12 36.28
C PHE B 235 -38.25 53.39 37.42
N LEU B 236 -39.37 52.73 37.10
CA LEU B 236 -40.09 51.96 38.09
C LEU B 236 -39.35 50.66 38.35
N GLN B 237 -39.26 50.28 39.62
CA GLN B 237 -38.59 49.05 40.04
C GLN B 237 -39.66 48.01 40.33
N VAL B 238 -39.71 46.96 39.51
CA VAL B 238 -40.68 45.89 39.65
C VAL B 238 -39.95 44.55 39.74
N ASP B 239 -40.20 43.83 40.82
CA ASP B 239 -39.58 42.52 41.02
C ASP B 239 -40.21 41.50 40.09
N THR B 240 -39.37 40.67 39.47
CA THR B 240 -39.81 39.63 38.55
C THR B 240 -39.73 38.24 39.18
N SER B 241 -39.63 38.17 40.51
CA SER B 241 -39.53 36.87 41.18
C SER B 241 -40.82 36.07 41.05
N LYS B 242 -41.97 36.75 41.00
CA LYS B 242 -43.27 36.09 40.90
C LYS B 242 -43.85 36.09 39.49
N ILE B 243 -43.08 36.49 38.48
CA ILE B 243 -43.57 36.55 37.11
C ILE B 243 -43.29 35.20 36.45
N LEU B 244 -44.32 34.37 36.34
CA LEU B 244 -44.18 33.09 35.65
C LEU B 244 -43.77 33.32 34.21
N PHE B 245 -42.82 32.51 33.73
CA PHE B 245 -42.29 32.61 32.38
C PHE B 245 -42.50 31.29 31.64
N ILE B 246 -43.05 31.38 30.42
CA ILE B 246 -43.30 30.23 29.56
C ILE B 246 -42.49 30.46 28.29
N CYS B 247 -41.46 29.64 28.08
CA CYS B 247 -40.57 29.74 26.92
C CYS B 247 -40.88 28.61 25.96
N GLY B 248 -41.57 28.93 24.86
CA GLY B 248 -41.93 27.95 23.84
C GLY B 248 -41.12 28.15 22.57
N GLY B 249 -40.49 27.08 22.12
CA GLY B 249 -39.68 27.14 20.92
C GLY B 249 -39.64 25.80 20.21
N ALA B 250 -39.38 25.87 18.90
CA ALA B 250 -39.28 24.70 18.03
C ALA B 250 -37.80 24.40 17.86
N PHE B 251 -37.28 23.52 18.71
CA PHE B 251 -35.87 23.16 18.72
C PHE B 251 -35.59 22.19 17.58
N ALA B 252 -35.32 22.75 16.40
CA ALA B 252 -35.03 21.94 15.22
C ALA B 252 -33.63 21.36 15.33
N GLY B 253 -33.52 20.05 15.13
CA GLY B 253 -32.26 19.35 15.22
C GLY B 253 -32.00 18.71 16.58
N LEU B 254 -32.86 18.96 17.56
CA LEU B 254 -32.67 18.35 18.87
C LEU B 254 -32.88 16.84 18.84
N ASP B 255 -33.68 16.35 17.88
CA ASP B 255 -33.96 14.92 17.80
C ASP B 255 -32.70 14.10 17.58
N LYS B 256 -31.82 14.55 16.68
CA LYS B 256 -30.58 13.80 16.44
C LYS B 256 -29.70 13.78 17.67
N VAL B 257 -29.70 14.87 18.45
CA VAL B 257 -28.91 14.92 19.68
C VAL B 257 -29.39 13.86 20.66
N ILE B 258 -30.70 13.79 20.86
CA ILE B 258 -31.27 12.78 21.76
C ILE B 258 -31.01 11.39 21.21
N SER B 259 -31.13 11.22 19.90
CA SER B 259 -30.91 9.93 19.26
C SER B 259 -29.49 9.44 19.49
N HIS B 260 -28.51 10.34 19.56
CA HIS B 260 -27.12 9.95 19.74
C HIS B 260 -26.92 9.14 21.01
N ARG B 261 -27.55 9.55 22.12
CA ARG B 261 -27.43 8.83 23.37
C ARG B 261 -28.48 7.73 23.51
N VAL B 262 -29.70 8.00 23.05
CA VAL B 262 -30.76 7.00 23.16
C VAL B 262 -30.48 5.79 22.29
N GLU B 263 -30.01 6.02 21.06
CA GLU B 263 -29.72 4.94 20.13
C GLU B 263 -28.23 4.63 20.15
N THR B 264 -27.92 3.34 20.28
CA THR B 264 -26.54 2.86 20.31
C THR B 264 -26.44 1.62 19.45
N GLY B 265 -25.21 1.20 19.18
CA GLY B 265 -25.00 0.03 18.36
C GLY B 265 -25.06 0.30 16.88
N SER B 266 -24.91 1.56 16.46
CA SER B 266 -24.98 1.93 15.05
C SER B 266 -23.63 1.59 14.42
N GLY B 267 -23.50 0.33 14.01
CA GLY B 267 -22.28 -0.17 13.38
C GLY B 267 -22.51 -0.62 11.96
N ILE B 268 -21.62 -1.50 11.48
CA ILE B 268 -21.67 -2.01 10.12
C ILE B 268 -21.91 -3.52 10.08
N GLY B 269 -21.52 -4.23 11.12
CA GLY B 269 -21.61 -5.67 11.14
C GLY B 269 -22.98 -6.25 11.45
N PHE B 270 -22.97 -7.57 11.67
CA PHE B 270 -24.19 -8.31 11.96
C PHE B 270 -24.84 -7.84 13.25
N GLY B 271 -24.03 -7.49 14.25
CA GLY B 271 -24.56 -7.05 15.52
C GLY B 271 -25.01 -5.61 15.56
N ALA B 272 -24.85 -4.89 14.46
CA ALA B 272 -25.27 -3.49 14.39
C ALA B 272 -26.79 -3.41 14.28
N THR B 273 -27.30 -2.18 14.41
CA THR B 273 -28.72 -1.89 14.33
C THR B 273 -28.98 -1.00 13.13
N VAL B 274 -29.80 -1.49 12.19
CA VAL B 274 -30.18 -0.76 10.99
C VAL B 274 -31.69 -0.63 10.99
N LYS B 275 -32.18 0.61 10.84
CA LYS B 275 -33.61 0.91 10.87
C LYS B 275 -34.21 1.26 9.51
N ALA B 276 -33.40 1.70 8.56
CA ALA B 276 -33.82 2.08 7.20
C ALA B 276 -34.63 3.37 7.13
N LYS B 277 -34.63 4.17 8.19
CA LYS B 277 -35.32 5.47 8.28
C LYS B 277 -36.85 5.32 8.45
N SER B 278 -37.38 4.11 8.39
CA SER B 278 -38.81 3.84 8.57
C SER B 278 -39.12 3.44 10.00
N ASP B 279 -38.28 2.60 10.58
CA ASP B 279 -38.44 2.11 11.94
C ASP B 279 -37.78 3.03 12.97
N LYS B 280 -37.06 4.06 12.52
CA LYS B 280 -36.44 4.99 13.45
C LYS B 280 -37.49 5.74 14.23
N ALA B 281 -37.12 6.15 15.45
CA ALA B 281 -38.04 6.90 16.29
C ALA B 281 -38.31 8.25 15.66
N SER B 282 -39.56 8.71 15.74
CA SER B 282 -39.94 9.98 15.17
C SER B 282 -39.53 11.13 16.08
N GLU B 283 -39.68 12.35 15.56
CA GLU B 283 -39.33 13.53 16.33
C GLU B 283 -40.14 13.63 17.62
N GLY B 284 -41.43 13.30 17.54
CA GLY B 284 -42.27 13.34 18.73
C GLY B 284 -41.80 12.38 19.81
N GLU B 285 -41.48 11.16 19.41
CA GLU B 285 -41.02 10.16 20.37
C GLU B 285 -39.66 10.53 20.96
N LEU B 286 -38.74 11.00 20.11
CA LEU B 286 -37.42 11.36 20.60
C LEU B 286 -37.48 12.56 21.54
N LEU B 287 -38.29 13.56 21.20
CA LEU B 287 -38.41 14.74 22.05
C LEU B 287 -38.96 14.40 23.42
N ALA B 288 -39.86 13.43 23.50
CA ALA B 288 -40.44 13.05 24.80
C ALA B 288 -39.37 12.53 25.75
N GLN B 289 -38.27 12.00 25.22
CA GLN B 289 -37.17 11.50 26.02
C GLN B 289 -36.11 12.56 26.28
N VAL B 290 -36.42 13.84 25.99
CA VAL B 290 -35.45 14.91 26.18
C VAL B 290 -35.06 15.03 27.65
N GLU B 291 -33.79 15.29 27.87
CA GLU B 291 -33.19 15.47 29.18
C GLU B 291 -32.40 16.76 29.16
N PRO B 292 -32.04 17.31 30.33
CA PRO B 292 -31.27 18.56 30.32
C PRO B 292 -29.92 18.43 29.63
N GLU B 293 -29.23 17.30 29.81
CA GLU B 293 -27.94 17.08 29.17
C GLU B 293 -28.02 17.24 27.66
N ASP B 294 -29.13 16.84 27.05
CA ASP B 294 -29.29 16.96 25.60
C ASP B 294 -29.33 18.43 25.19
N LEU B 295 -30.03 19.26 25.96
CA LEU B 295 -30.11 20.69 25.66
C LEU B 295 -28.73 21.35 25.71
N ILE B 296 -27.83 20.83 26.55
CA ILE B 296 -26.49 21.39 26.63
C ILE B 296 -25.79 21.30 25.28
N LYS B 297 -25.91 20.14 24.64
CA LYS B 297 -25.27 19.96 23.33
C LYS B 297 -25.96 20.80 22.26
N PHE B 298 -27.28 20.96 22.36
CA PHE B 298 -27.99 21.77 21.37
C PHE B 298 -27.54 23.22 21.41
N GLY B 299 -27.22 23.74 22.59
CA GLY B 299 -26.76 25.11 22.73
C GLY B 299 -27.31 25.87 23.91
N LEU B 300 -28.28 25.33 24.62
CA LEU B 300 -28.86 26.04 25.74
C LEU B 300 -27.88 26.11 26.90
N ILE B 301 -27.80 27.29 27.53
CA ILE B 301 -26.89 27.52 28.65
C ILE B 301 -27.32 26.63 29.82
N PRO B 302 -26.41 26.06 30.61
CA PRO B 302 -26.86 25.23 31.74
C PRO B 302 -27.65 26.01 32.77
N GLU B 303 -27.23 27.23 33.07
CA GLU B 303 -27.94 28.07 34.03
C GLU B 303 -29.36 28.35 33.57
N PHE B 304 -29.53 28.59 32.27
CA PHE B 304 -30.86 28.88 31.73
C PHE B 304 -31.81 27.71 31.90
N ILE B 305 -31.32 26.48 31.69
CA ILE B 305 -32.17 25.30 31.82
C ILE B 305 -32.64 25.12 33.25
N GLY B 306 -31.75 25.37 34.22
CA GLY B 306 -32.13 25.23 35.62
C GLY B 306 -33.28 26.15 35.98
N ARG B 307 -33.31 27.35 35.40
CA ARG B 307 -34.39 28.29 35.64
C ARG B 307 -35.73 27.77 35.12
N LEU B 308 -35.71 26.80 34.19
CA LEU B 308 -36.91 26.21 33.61
C LEU B 308 -37.03 24.74 34.01
N PRO B 309 -37.53 24.42 35.21
CA PRO B 309 -37.62 23.02 35.61
C PRO B 309 -38.63 22.21 34.81
N VAL B 310 -39.83 22.76 34.62
CA VAL B 310 -40.88 22.05 33.90
C VAL B 310 -40.56 22.06 32.41
N VAL B 311 -40.68 20.90 31.78
CA VAL B 311 -40.43 20.73 30.36
C VAL B 311 -41.63 20.00 29.76
N ALA B 312 -42.29 20.65 28.79
CA ALA B 312 -43.45 20.09 28.11
C ALA B 312 -43.09 19.82 26.67
N THR B 313 -43.41 18.61 26.21
CA THR B 313 -43.11 18.16 24.85
C THR B 313 -44.40 17.92 24.09
N LEU B 314 -44.58 18.63 22.98
CA LEU B 314 -45.74 18.46 22.13
C LEU B 314 -45.45 17.39 21.10
N ASN B 315 -46.49 16.67 20.69
CA ASN B 315 -46.36 15.60 19.72
C ASN B 315 -46.74 16.06 18.33
N GLU B 316 -46.19 15.39 17.33
CA GLU B 316 -46.50 15.72 15.94
C GLU B 316 -47.95 15.39 15.64
N LEU B 317 -48.63 16.28 14.93
CA LEU B 317 -50.03 16.05 14.59
C LEU B 317 -50.15 14.87 13.64
N SER B 318 -50.95 13.90 14.02
CA SER B 318 -51.17 12.71 13.20
C SER B 318 -52.23 12.99 12.14
N GLU B 319 -52.41 12.01 11.24
CA GLU B 319 -53.39 12.15 10.19
C GLU B 319 -54.80 12.29 10.77
N GLU B 320 -55.11 11.52 11.81
CA GLU B 320 -56.43 11.61 12.44
C GLU B 320 -56.60 12.95 13.12
N ALA B 321 -55.56 13.43 13.81
CA ALA B 321 -55.64 14.71 14.50
C ALA B 321 -55.87 15.85 13.52
N LEU B 322 -55.17 15.84 12.38
CA LEU B 322 -55.33 16.89 11.39
C LEU B 322 -56.76 16.91 10.86
N ILE B 323 -57.37 15.74 10.66
CA ILE B 323 -58.74 15.68 10.18
C ILE B 323 -59.68 16.37 11.16
N GLN B 324 -59.45 16.17 12.46
CA GLN B 324 -60.29 16.80 13.46
C GLN B 324 -60.11 18.31 13.46
N ILE B 325 -58.88 18.77 13.24
CA ILE B 325 -58.58 20.21 13.26
C ILE B 325 -59.33 20.94 12.15
N LEU B 326 -59.66 20.23 11.06
CA LEU B 326 -60.35 20.88 9.95
C LEU B 326 -61.76 21.34 10.31
N LYS B 327 -62.44 20.65 11.23
CA LYS B 327 -63.81 21.01 11.61
C LYS B 327 -64.05 21.20 13.11
N GLU B 328 -63.37 20.41 13.95
CA GLU B 328 -63.63 20.45 15.38
C GLU B 328 -63.31 21.77 16.07
N PRO B 329 -62.16 22.42 15.85
CA PRO B 329 -61.87 23.65 16.59
C PRO B 329 -62.84 24.78 16.29
N LYS B 330 -62.85 25.77 17.18
CA LYS B 330 -63.73 26.91 17.01
C LYS B 330 -63.37 27.71 15.76
N ASN B 331 -62.06 27.87 15.51
CA ASN B 331 -61.55 28.59 14.35
C ASN B 331 -60.79 27.55 13.53
N ALA B 332 -61.50 26.88 12.63
CA ALA B 332 -60.95 25.83 11.79
C ALA B 332 -60.75 26.33 10.37
N LEU B 333 -59.88 25.61 9.64
CA LEU B 333 -59.56 25.98 8.26
C LEU B 333 -60.81 25.93 7.38
N THR B 334 -61.62 24.89 7.51
CA THR B 334 -62.82 24.77 6.70
C THR B 334 -63.79 25.90 6.99
N LYS B 335 -64.01 26.20 8.27
CA LYS B 335 -64.92 27.27 8.65
C LYS B 335 -64.44 28.62 8.10
N GLN B 336 -63.13 28.83 8.02
CA GLN B 336 -62.61 30.08 7.49
C GLN B 336 -63.01 30.25 6.03
N TYR B 337 -62.77 29.23 5.21
CA TYR B 337 -63.14 29.31 3.81
C TYR B 337 -64.65 29.31 3.64
N GLN B 338 -65.37 28.56 4.49
CA GLN B 338 -66.82 28.54 4.42
C GLN B 338 -67.39 29.94 4.61
N ALA B 339 -66.87 30.67 5.60
CA ALA B 339 -67.35 32.03 5.84
C ALA B 339 -67.06 32.93 4.64
N LEU B 340 -65.96 32.67 3.93
CA LEU B 340 -65.63 33.44 2.75
C LEU B 340 -66.72 33.29 1.68
N PHE B 341 -67.26 32.07 1.55
CA PHE B 341 -68.32 31.83 0.58
C PHE B 341 -69.68 32.34 1.04
N ASN B 342 -69.94 32.29 2.35
CA ASN B 342 -71.23 32.74 2.87
C ASN B 342 -71.46 34.23 2.62
N LEU B 343 -70.43 35.05 2.77
CA LEU B 343 -70.60 36.48 2.57
C LEU B 343 -70.80 36.85 1.11
N GLU B 344 -70.38 36.00 0.18
CA GLU B 344 -70.54 36.24 -1.25
C GLU B 344 -71.80 35.59 -1.81
N GLY B 345 -72.57 34.87 -0.98
CA GLY B 345 -73.79 34.24 -1.44
C GLY B 345 -73.64 32.84 -1.98
N VAL B 346 -72.69 32.05 -1.45
CA VAL B 346 -72.46 30.69 -1.90
C VAL B 346 -72.24 29.81 -0.67
N ASP B 347 -72.48 28.52 -0.84
CA ASP B 347 -72.32 27.53 0.23
C ASP B 347 -71.19 26.59 -0.14
N LEU B 348 -70.28 26.37 0.80
CA LEU B 348 -69.12 25.51 0.63
C LEU B 348 -69.31 24.25 1.47
N GLU B 349 -69.24 23.09 0.82
CA GLU B 349 -69.40 21.80 1.47
C GLU B 349 -68.17 20.95 1.22
N PHE B 350 -67.66 20.33 2.28
CA PHE B 350 -66.49 19.45 2.21
C PHE B 350 -66.89 18.04 2.60
N ARG B 351 -66.58 17.08 1.74
CA ARG B 351 -66.89 15.69 2.04
C ARG B 351 -65.92 15.16 3.09
N ASP B 352 -66.38 14.18 3.87
CA ASP B 352 -65.52 13.59 4.89
C ASP B 352 -64.29 12.95 4.26
N GLU B 353 -64.47 12.31 3.11
CA GLU B 353 -63.34 11.69 2.43
C GLU B 353 -62.35 12.75 1.95
N ALA B 354 -62.85 13.91 1.52
CA ALA B 354 -61.98 14.99 1.07
C ALA B 354 -61.06 15.44 2.19
N LEU B 355 -61.59 15.56 3.41
CA LEU B 355 -60.77 16.00 4.54
C LEU B 355 -59.65 15.01 4.81
N ASP B 356 -59.92 13.71 4.66
CA ASP B 356 -58.90 12.71 4.88
C ASP B 356 -57.79 12.84 3.85
N ALA B 357 -58.16 13.09 2.59
CA ALA B 357 -57.17 13.25 1.54
C ALA B 357 -56.28 14.46 1.81
N ILE B 358 -56.87 15.57 2.26
CA ILE B 358 -56.11 16.77 2.56
C ILE B 358 -55.10 16.50 3.67
N ALA B 359 -55.49 15.71 4.66
CA ALA B 359 -54.60 15.40 5.78
C ALA B 359 -53.36 14.66 5.31
N LYS B 360 -53.53 13.69 4.40
CA LYS B 360 -52.38 12.94 3.91
C LYS B 360 -51.40 13.85 3.17
N LYS B 361 -51.91 14.73 2.31
CA LYS B 361 -51.04 15.64 1.58
C LYS B 361 -50.32 16.61 2.52
N ALA B 362 -51.03 17.12 3.53
CA ALA B 362 -50.41 18.05 4.47
C ALA B 362 -49.28 17.40 5.25
N MET B 363 -49.45 16.14 5.65
CA MET B 363 -48.41 15.46 6.40
C MET B 363 -47.12 15.35 5.60
N ALA B 364 -47.23 15.11 4.30
CA ALA B 364 -46.04 15.00 3.45
C ALA B 364 -45.28 16.33 3.39
N ARG B 365 -46.00 17.46 3.41
CA ARG B 365 -45.36 18.76 3.35
C ARG B 365 -44.39 18.98 4.50
N LYS B 366 -44.65 18.38 5.66
CA LYS B 366 -43.85 18.46 6.89
C LYS B 366 -44.06 19.79 7.62
N THR B 367 -45.04 20.60 7.22
CA THR B 367 -45.32 21.87 7.87
C THR B 367 -46.40 21.77 8.94
N GLY B 368 -46.81 20.56 9.29
CA GLY B 368 -47.83 20.39 10.32
C GLY B 368 -49.18 20.94 9.90
N ALA B 369 -49.80 21.69 10.81
CA ALA B 369 -51.14 22.24 10.56
C ALA B 369 -51.13 23.23 9.39
N ARG B 370 -50.05 23.99 9.24
CA ARG B 370 -49.97 24.97 8.16
C ARG B 370 -50.06 24.32 6.79
N GLY B 371 -49.65 23.05 6.67
CA GLY B 371 -49.72 22.36 5.40
C GLY B 371 -51.13 22.25 4.86
N LEU B 372 -52.11 22.11 5.74
CA LEU B 372 -53.51 21.99 5.31
C LEU B 372 -53.96 23.19 4.51
N ARG B 373 -53.52 24.39 4.90
CA ARG B 373 -53.90 25.61 4.18
C ARG B 373 -53.42 25.56 2.74
N SER B 374 -52.21 25.06 2.51
CA SER B 374 -51.67 24.99 1.15
C SER B 374 -52.51 24.08 0.26
N ILE B 375 -52.93 22.93 0.80
CA ILE B 375 -53.71 21.97 0.01
C ILE B 375 -55.06 22.57 -0.37
N VAL B 376 -55.71 23.24 0.57
CA VAL B 376 -57.02 23.83 0.29
C VAL B 376 -56.89 24.94 -0.74
N GLU B 377 -55.85 25.75 -0.64
CA GLU B 377 -55.65 26.85 -1.58
C GLU B 377 -55.49 26.34 -3.01
N ALA B 378 -54.69 25.28 -3.19
CA ALA B 378 -54.46 24.74 -4.53
C ALA B 378 -55.73 24.13 -5.12
N ALA B 379 -56.49 23.39 -4.30
CA ALA B 379 -57.71 22.75 -4.79
C ALA B 379 -58.75 23.78 -5.23
N LEU B 380 -58.89 24.87 -4.46
CA LEU B 380 -59.87 25.91 -4.75
C LEU B 380 -59.27 27.11 -5.48
N LEU B 381 -58.04 26.99 -5.99
CA LEU B 381 -57.41 28.08 -6.71
C LEU B 381 -58.23 28.50 -7.93
N ASP B 382 -58.52 27.54 -8.81
CA ASP B 382 -59.27 27.83 -10.03
C ASP B 382 -60.71 28.24 -9.71
N THR B 383 -61.35 27.57 -8.76
CA THR B 383 -62.73 27.89 -8.43
C THR B 383 -62.88 29.31 -7.92
N MET B 384 -62.00 29.72 -7.00
CA MET B 384 -62.08 31.08 -6.47
C MET B 384 -61.84 32.13 -7.54
N TYR B 385 -61.02 31.81 -8.53
CA TYR B 385 -60.71 32.78 -9.59
C TYR B 385 -61.93 33.11 -10.43
N ASP B 386 -62.71 32.11 -10.82
CA ASP B 386 -63.88 32.31 -11.68
C ASP B 386 -65.22 32.35 -10.94
N LEU B 387 -65.24 32.03 -9.64
CA LEU B 387 -66.51 32.03 -8.92
C LEU B 387 -67.19 33.39 -8.84
N PRO B 388 -66.51 34.50 -8.52
CA PRO B 388 -67.24 35.78 -8.41
C PRO B 388 -67.88 36.24 -9.71
N SER B 389 -67.15 36.14 -10.83
CA SER B 389 -67.71 36.54 -12.11
C SER B 389 -68.87 35.64 -12.51
N MET B 390 -68.83 34.37 -12.15
CA MET B 390 -69.91 33.45 -12.49
C MET B 390 -71.19 33.85 -11.77
N GLU B 391 -72.31 33.36 -12.32
CA GLU B 391 -73.64 33.61 -11.79
C GLU B 391 -74.35 32.27 -11.69
N ASP B 392 -75.45 32.26 -10.94
CA ASP B 392 -76.25 31.05 -10.70
C ASP B 392 -75.45 30.00 -9.93
N VAL B 393 -74.57 30.48 -9.05
CA VAL B 393 -73.77 29.63 -8.17
C VAL B 393 -74.39 29.73 -6.79
N GLU B 394 -75.02 28.65 -6.33
CA GLU B 394 -75.66 28.61 -5.02
C GLU B 394 -74.94 27.74 -4.01
N LYS B 395 -74.24 26.70 -4.45
CA LYS B 395 -73.51 25.82 -3.56
C LYS B 395 -72.36 25.17 -4.32
N VAL B 396 -71.28 24.89 -3.58
CA VAL B 396 -70.10 24.24 -4.12
C VAL B 396 -69.79 23.06 -3.22
N VAL B 397 -69.58 21.89 -3.82
CA VAL B 397 -69.31 20.66 -3.11
C VAL B 397 -67.91 20.18 -3.47
N ILE B 398 -67.11 19.86 -2.45
CA ILE B 398 -65.75 19.37 -2.61
C ILE B 398 -65.73 17.90 -2.22
N ASP B 399 -65.08 17.08 -3.03
CA ASP B 399 -64.96 15.65 -2.81
C ASP B 399 -63.51 15.23 -2.92
N GLU B 400 -63.27 13.96 -2.59
CA GLU B 400 -61.92 13.39 -2.63
C GLU B 400 -61.29 13.53 -4.01
N SER B 401 -62.09 13.40 -5.07
CA SER B 401 -61.56 13.50 -6.43
C SER B 401 -60.93 14.87 -6.68
N VAL B 402 -61.52 15.93 -6.12
CA VAL B 402 -60.98 17.28 -6.32
C VAL B 402 -59.60 17.39 -5.70
N ILE B 403 -59.42 16.80 -4.51
CA ILE B 403 -58.12 16.83 -3.83
C ILE B 403 -57.08 16.16 -4.69
N ASP B 404 -57.42 15.02 -5.29
CA ASP B 404 -56.47 14.32 -6.14
C ASP B 404 -56.16 15.11 -7.41
N GLY B 405 -57.11 15.95 -7.85
CA GLY B 405 -56.96 16.72 -9.06
C GLY B 405 -57.58 16.08 -10.28
N GLN B 406 -58.26 14.94 -10.11
CA GLN B 406 -58.85 14.23 -11.23
C GLN B 406 -60.04 14.99 -11.82
N SER B 407 -60.88 15.60 -10.97
CA SER B 407 -62.08 16.29 -11.42
C SER B 407 -62.23 17.64 -10.74
N GLU B 408 -63.06 18.47 -11.37
CA GLU B 408 -63.39 19.81 -10.94
C GLU B 408 -64.47 19.74 -9.84
N PRO B 409 -64.47 20.66 -8.87
CA PRO B 409 -65.50 20.59 -7.84
C PRO B 409 -66.89 20.86 -8.39
N LEU B 410 -67.85 20.09 -7.89
CA LEU B 410 -69.23 20.20 -8.36
C LEU B 410 -69.80 21.56 -7.99
N LEU B 411 -70.58 22.12 -8.91
CA LEU B 411 -71.25 23.40 -8.73
C LEU B 411 -72.74 23.18 -8.89
N ILE B 412 -73.52 23.77 -7.99
CA ILE B 412 -74.97 23.63 -7.98
C ILE B 412 -75.56 24.84 -8.70
N TYR B 413 -76.33 24.57 -9.76
CA TYR B 413 -76.97 25.61 -10.56
C TYR B 413 -78.48 25.61 -10.33
N ALA C 63 -67.39 48.44 -5.23
CA ALA C 63 -67.39 47.00 -5.40
C ALA C 63 -65.96 46.48 -5.58
N LEU C 64 -65.68 45.33 -4.98
CA LEU C 64 -64.34 44.74 -5.08
C LEU C 64 -64.15 44.18 -6.49
N PRO C 65 -63.02 44.42 -7.15
CA PRO C 65 -62.84 43.86 -8.49
C PRO C 65 -62.68 42.35 -8.44
N THR C 66 -63.31 41.68 -9.41
CA THR C 66 -63.23 40.24 -9.48
C THR C 66 -61.83 39.79 -9.89
N PRO C 67 -61.47 38.53 -9.64
CA PRO C 67 -60.14 38.06 -10.07
C PRO C 67 -59.91 38.21 -11.57
N HIS C 68 -60.96 37.97 -12.37
CA HIS C 68 -60.82 38.12 -13.82
C HIS C 68 -60.43 39.54 -14.18
N GLU C 69 -61.08 40.53 -13.55
CA GLU C 69 -60.75 41.92 -13.82
C GLU C 69 -59.32 42.23 -13.42
N ILE C 70 -58.89 41.71 -12.25
CA ILE C 70 -57.53 41.93 -11.79
C ILE C 70 -56.54 41.29 -12.77
N ARG C 71 -56.86 40.08 -13.24
CA ARG C 71 -55.96 39.41 -14.17
C ARG C 71 -55.82 40.17 -15.48
N ASN C 72 -56.89 40.83 -15.93
CA ASN C 72 -56.83 41.59 -17.18
C ASN C 72 -55.75 42.67 -17.11
N HIS C 73 -55.63 43.35 -15.96
CA HIS C 73 -54.61 44.37 -15.80
C HIS C 73 -53.22 43.75 -15.90
N LEU C 74 -53.02 42.60 -15.25
CA LEU C 74 -51.73 41.92 -15.30
C LEU C 74 -51.39 41.44 -16.69
N ASP C 75 -52.42 40.98 -17.44
CA ASP C 75 -52.19 40.48 -18.79
C ASP C 75 -51.61 41.56 -19.70
N ASP C 76 -51.97 42.82 -19.47
CA ASP C 76 -51.46 43.91 -20.29
C ASP C 76 -49.94 44.00 -20.21
N TYR C 77 -49.38 43.85 -19.01
CA TYR C 77 -47.94 43.96 -18.81
C TYR C 77 -47.22 42.62 -18.71
N VAL C 78 -47.93 41.54 -18.38
CA VAL C 78 -47.34 40.22 -18.22
C VAL C 78 -47.91 39.28 -19.26
N ILE C 79 -47.03 38.50 -19.88
CA ILE C 79 -47.39 37.54 -20.93
C ILE C 79 -46.99 36.13 -20.49
N GLY C 80 -47.90 35.18 -20.66
CA GLY C 80 -47.63 33.79 -20.34
C GLY C 80 -47.36 33.46 -18.89
N GLN C 81 -48.09 34.09 -17.97
CA GLN C 81 -47.95 33.85 -16.53
C GLN C 81 -49.32 33.69 -15.90
N GLU C 82 -50.16 32.89 -16.56
CA GLU C 82 -51.53 32.66 -16.08
C GLU C 82 -51.54 32.09 -14.67
N GLN C 83 -50.70 31.09 -14.39
CA GLN C 83 -50.67 30.49 -13.06
C GLN C 83 -50.31 31.52 -12.00
N ALA C 84 -49.27 32.33 -12.28
CA ALA C 84 -48.86 33.35 -11.32
C ALA C 84 -49.93 34.44 -11.18
N LYS C 85 -50.48 34.90 -12.30
CA LYS C 85 -51.49 35.95 -12.27
C LYS C 85 -52.74 35.51 -11.53
N LYS C 86 -53.16 34.25 -11.73
CA LYS C 86 -54.35 33.76 -11.06
C LYS C 86 -54.17 33.73 -9.55
N VAL C 87 -52.99 33.31 -9.09
CA VAL C 87 -52.73 33.25 -7.66
C VAL C 87 -52.80 34.64 -7.04
N LEU C 88 -52.16 35.62 -7.68
CA LEU C 88 -52.15 36.98 -7.16
C LEU C 88 -53.54 37.59 -7.18
N ALA C 89 -54.30 37.36 -8.26
CA ALA C 89 -55.64 37.91 -8.36
C ALA C 89 -56.56 37.33 -7.30
N VAL C 90 -56.47 36.02 -7.08
CA VAL C 90 -57.32 35.38 -6.07
C VAL C 90 -56.95 35.86 -4.68
N ALA C 91 -55.65 35.93 -4.38
CA ALA C 91 -55.21 36.38 -3.06
C ALA C 91 -55.58 37.84 -2.84
N VAL C 92 -55.40 38.68 -3.85
CA VAL C 92 -55.74 40.09 -3.73
C VAL C 92 -57.24 40.25 -3.53
N TYR C 93 -58.05 39.53 -4.32
CA TYR C 93 -59.49 39.61 -4.17
C TYR C 93 -59.92 39.06 -2.82
N ASN C 94 -59.34 37.93 -2.41
CA ASN C 94 -59.67 37.36 -1.10
C ASN C 94 -59.22 38.30 0.02
N HIS C 95 -58.10 38.99 -0.19
CA HIS C 95 -57.61 39.93 0.81
C HIS C 95 -58.64 41.04 1.06
N TYR C 96 -59.25 41.55 -0.02
CA TYR C 96 -60.25 42.60 0.13
C TYR C 96 -61.44 42.10 0.94
N LYS C 97 -61.84 40.85 0.73
CA LYS C 97 -62.96 40.29 1.48
C LYS C 97 -62.65 40.25 2.97
N ARG C 98 -61.43 39.86 3.32
CA ARG C 98 -61.04 39.82 4.72
C ARG C 98 -61.04 41.21 5.33
N LEU C 99 -60.44 42.18 4.62
CA LEU C 99 -60.41 43.55 5.14
C LEU C 99 -61.79 44.20 5.07
N ARG C 100 -62.55 43.91 4.01
CA ARG C 100 -63.91 44.45 3.92
C ARG C 100 -64.76 43.98 5.09
N ASN C 101 -64.48 42.79 5.61
CA ASN C 101 -65.19 42.22 6.74
C ASN C 101 -64.48 42.63 8.04
N GLY C 102 -64.31 43.95 8.18
CA GLY C 102 -63.63 44.50 9.33
C GLY C 102 -64.30 44.19 10.65
N ASP C 103 -65.63 44.13 10.65
CA ASP C 103 -66.32 43.82 11.90
C ASP C 103 -65.98 42.42 12.38
N THR C 104 -65.94 41.47 11.45
CA THR C 104 -65.58 40.08 11.73
C THR C 104 -66.52 39.47 12.76
N SER C 105 -67.82 39.69 12.57
CA SER C 105 -68.83 39.12 13.44
C SER C 105 -68.92 37.60 13.31
N ASN C 106 -68.32 37.02 12.27
CA ASN C 106 -68.34 35.57 12.07
C ASN C 106 -67.72 34.87 13.27
N GLY C 107 -68.20 33.65 13.53
CA GLY C 107 -67.66 32.87 14.64
C GLY C 107 -66.16 32.67 14.52
N VAL C 108 -65.68 32.48 13.29
CA VAL C 108 -64.27 32.28 13.01
C VAL C 108 -63.68 33.60 12.50
N GLU C 109 -62.37 33.73 12.65
CA GLU C 109 -61.62 34.88 12.16
C GLU C 109 -60.80 34.43 10.97
N LEU C 110 -60.96 35.13 9.85
CA LEU C 110 -60.22 34.76 8.64
C LEU C 110 -58.72 34.94 8.82
N GLY C 111 -57.96 34.04 8.23
CA GLY C 111 -56.50 34.06 8.30
C GLY C 111 -55.91 34.17 6.91
N LYS C 112 -54.86 34.98 6.78
CA LYS C 112 -54.22 35.20 5.51
C LYS C 112 -53.31 34.05 5.12
N SER C 113 -53.08 33.94 3.81
CA SER C 113 -52.19 32.94 3.23
C SER C 113 -51.15 33.69 2.40
N ASN C 114 -49.88 33.48 2.72
CA ASN C 114 -48.80 34.17 2.01
C ASN C 114 -48.38 33.39 0.78
N ILE C 115 -48.02 34.13 -0.27
CA ILE C 115 -47.63 33.57 -1.55
C ILE C 115 -46.11 33.58 -1.68
N LEU C 116 -45.59 32.61 -2.45
CA LEU C 116 -44.17 32.49 -2.72
C LEU C 116 -44.01 32.26 -4.21
N LEU C 117 -43.42 33.25 -4.89
CA LEU C 117 -43.22 33.20 -6.34
C LEU C 117 -41.81 32.68 -6.64
N ILE C 118 -41.75 31.51 -7.26
CA ILE C 118 -40.49 30.89 -7.66
C ILE C 118 -40.44 30.92 -9.19
N GLY C 119 -39.45 31.61 -9.74
CA GLY C 119 -39.31 31.72 -11.17
C GLY C 119 -37.90 32.06 -11.60
N PRO C 120 -37.47 31.64 -12.82
CA PRO C 120 -36.12 32.00 -13.26
C PRO C 120 -35.99 33.48 -13.57
N THR C 121 -34.78 33.90 -13.91
CA THR C 121 -34.52 35.30 -14.24
C THR C 121 -35.36 35.76 -15.42
N GLY C 122 -35.84 37.00 -15.34
CA GLY C 122 -36.63 37.58 -16.41
C GLY C 122 -37.93 36.88 -16.71
N SER C 123 -38.61 36.37 -15.68
CA SER C 123 -39.88 35.67 -15.83
C SER C 123 -41.08 36.51 -15.45
N GLY C 124 -40.88 37.73 -14.96
CA GLY C 124 -41.96 38.60 -14.57
C GLY C 124 -42.28 38.64 -13.10
N LYS C 125 -41.40 38.11 -12.24
CA LYS C 125 -41.66 38.13 -10.80
C LYS C 125 -41.77 39.55 -10.28
N THR C 126 -40.72 40.36 -10.50
CA THR C 126 -40.74 41.74 -10.04
C THR C 126 -41.75 42.57 -10.83
N LEU C 127 -41.94 42.25 -12.10
CA LEU C 127 -42.89 43.00 -12.93
C LEU C 127 -44.31 42.84 -12.41
N LEU C 128 -44.68 41.63 -11.97
CA LEU C 128 -46.02 41.40 -11.46
C LEU C 128 -46.31 42.26 -10.23
N ALA C 129 -45.34 42.36 -9.32
CA ALA C 129 -45.54 43.17 -8.12
C ALA C 129 -45.73 44.64 -8.46
N GLU C 130 -44.93 45.16 -9.39
CA GLU C 130 -45.06 46.56 -9.79
C GLU C 130 -46.42 46.83 -10.43
N THR C 131 -46.92 45.87 -11.21
CA THR C 131 -48.21 46.05 -11.86
C THR C 131 -49.34 46.09 -10.84
N LEU C 132 -49.25 45.28 -9.79
CA LEU C 132 -50.28 45.27 -8.75
C LEU C 132 -50.40 46.62 -8.07
N ALA C 133 -49.26 47.30 -7.84
CA ALA C 133 -49.28 48.60 -7.20
C ALA C 133 -50.14 49.60 -7.95
N ARG C 134 -50.20 49.49 -9.27
CA ARG C 134 -51.01 50.40 -10.07
C ARG C 134 -52.50 50.20 -9.81
N LEU C 135 -52.91 48.96 -9.48
CA LEU C 135 -54.31 48.62 -9.24
C LEU C 135 -54.56 48.18 -7.79
N LEU C 136 -53.64 48.48 -6.87
CA LEU C 136 -53.78 48.12 -5.47
C LEU C 136 -54.29 49.33 -4.69
N ASP C 137 -55.53 49.23 -4.21
CA ASP C 137 -56.10 50.35 -3.44
C ASP C 137 -55.40 50.51 -2.09
N VAL C 138 -55.03 49.40 -1.47
CA VAL C 138 -54.35 49.43 -0.18
C VAL C 138 -52.89 49.84 -0.40
N PRO C 139 -52.21 50.42 0.59
CA PRO C 139 -50.82 50.82 0.38
C PRO C 139 -49.91 49.63 0.13
N PHE C 140 -49.06 49.74 -0.89
CA PHE C 140 -48.12 48.71 -1.29
C PHE C 140 -46.70 49.23 -1.28
N THR C 141 -45.78 48.40 -0.80
CA THR C 141 -44.36 48.75 -0.74
C THR C 141 -43.55 47.53 -1.18
N MET C 142 -42.29 47.79 -1.52
CA MET C 142 -41.36 46.76 -1.97
C MET C 142 -40.08 46.84 -1.14
N ALA C 143 -39.47 45.67 -0.91
CA ALA C 143 -38.24 45.59 -0.14
C ALA C 143 -37.41 44.42 -0.63
N ASP C 144 -36.13 44.44 -0.27
CA ASP C 144 -35.17 43.40 -0.63
C ASP C 144 -34.63 42.76 0.64
N ALA C 145 -34.62 41.43 0.67
CA ALA C 145 -34.13 40.70 1.84
C ALA C 145 -32.62 40.79 2.00
N THR C 146 -31.89 41.13 0.93
CA THR C 146 -30.43 41.19 1.01
C THR C 146 -29.96 42.19 2.06
N THR C 147 -30.55 43.40 2.06
CA THR C 147 -30.13 44.41 3.03
C THR C 147 -30.50 44.01 4.46
N LEU C 148 -31.54 43.21 4.64
CA LEU C 148 -31.97 42.81 5.97
C LEU C 148 -30.95 41.91 6.64
N THR C 149 -30.89 42.01 7.96
CA THR C 149 -30.00 41.18 8.77
C THR C 149 -30.65 40.96 10.13
N GLU C 150 -30.07 40.06 10.90
CA GLU C 150 -30.59 39.77 12.23
C GLU C 150 -30.51 41.01 13.12
N ALA C 151 -31.44 41.10 14.08
CA ALA C 151 -31.46 42.22 14.99
C ALA C 151 -30.19 42.27 15.83
N GLY C 152 -29.79 43.48 16.20
CA GLY C 152 -28.59 43.69 16.98
C GLY C 152 -27.33 43.90 16.18
N TYR C 153 -27.44 44.13 14.87
CA TYR C 153 -26.29 44.32 14.00
C TYR C 153 -26.47 45.59 13.18
N VAL C 154 -25.35 46.04 12.60
CA VAL C 154 -25.30 47.29 11.85
C VAL C 154 -26.32 47.32 10.71
N GLY C 155 -26.54 46.18 10.07
CA GLY C 155 -27.47 46.14 8.96
C GLY C 155 -28.91 46.40 9.38
N GLU C 156 -29.70 46.83 8.41
CA GLU C 156 -31.11 47.13 8.64
C GLU C 156 -31.86 45.91 9.16
N ASP C 157 -32.75 46.14 10.12
CA ASP C 157 -33.54 45.09 10.73
C ASP C 157 -34.79 44.80 9.91
N VAL C 158 -35.38 43.64 10.17
CA VAL C 158 -36.58 43.23 9.44
C VAL C 158 -37.77 44.14 9.74
N GLU C 159 -37.82 44.72 10.94
CA GLU C 159 -38.91 45.62 11.29
C GLU C 159 -38.98 46.86 10.42
N ASN C 160 -37.86 47.25 9.79
CA ASN C 160 -37.86 48.42 8.93
C ASN C 160 -38.81 48.27 7.73
N ILE C 161 -39.15 47.03 7.35
CA ILE C 161 -40.08 46.80 6.25
C ILE C 161 -41.39 47.50 6.53
N ILE C 162 -41.90 47.39 7.77
CA ILE C 162 -43.15 48.05 8.13
C ILE C 162 -42.99 49.56 8.04
N GLN C 163 -41.79 50.07 8.37
CA GLN C 163 -41.55 51.51 8.29
C GLN C 163 -41.77 52.01 6.86
N LYS C 164 -41.30 51.27 5.87
CA LYS C 164 -41.49 51.67 4.48
C LYS C 164 -42.97 51.66 4.11
N LEU C 165 -43.70 50.67 4.59
CA LEU C 165 -45.13 50.58 4.31
C LEU C 165 -45.88 51.77 4.91
N LEU C 166 -45.49 52.17 6.13
CA LEU C 166 -46.15 53.29 6.79
C LEU C 166 -46.00 54.58 5.99
N GLN C 167 -44.83 54.80 5.39
CA GLN C 167 -44.61 56.02 4.61
C GLN C 167 -45.59 56.14 3.45
N LYS C 168 -45.97 55.01 2.85
CA LYS C 168 -46.90 55.05 1.73
C LYS C 168 -48.27 55.58 2.15
N CYS C 169 -48.72 55.21 3.35
CA CYS C 169 -50.00 55.63 3.89
C CYS C 169 -49.90 56.86 4.80
N ASP C 170 -48.78 57.57 4.74
CA ASP C 170 -48.57 58.75 5.58
C ASP C 170 -48.60 58.38 7.06
N TYR C 171 -47.93 57.27 7.40
CA TYR C 171 -47.83 56.78 8.77
C TYR C 171 -49.20 56.55 9.41
N ASP C 172 -50.13 55.98 8.64
CA ASP C 172 -51.47 55.65 9.12
C ASP C 172 -51.43 54.19 9.55
N VAL C 173 -51.59 53.96 10.86
CA VAL C 173 -51.54 52.61 11.41
C VAL C 173 -52.66 51.74 10.84
N GLN C 174 -53.86 52.31 10.70
CA GLN C 174 -55.00 51.54 10.20
C GLN C 174 -54.74 51.08 8.76
N LYS C 175 -54.27 51.99 7.90
CA LYS C 175 -54.00 51.63 6.52
C LYS C 175 -52.83 50.66 6.43
N ALA C 176 -51.83 50.83 7.29
CA ALA C 176 -50.67 49.95 7.27
C ALA C 176 -51.07 48.50 7.54
N GLN C 177 -52.06 48.28 8.41
CA GLN C 177 -52.50 46.93 8.70
C GLN C 177 -53.11 46.26 7.47
N ARG C 178 -53.69 47.05 6.57
CA ARG C 178 -54.29 46.54 5.34
C ARG C 178 -53.32 46.56 4.16
N GLY C 179 -52.07 46.95 4.39
CA GLY C 179 -51.10 47.01 3.31
C GLY C 179 -50.66 45.65 2.82
N ILE C 180 -50.02 45.68 1.64
CA ILE C 180 -49.47 44.50 0.99
C ILE C 180 -47.98 44.73 0.85
N VAL C 181 -47.20 43.67 1.05
CA VAL C 181 -45.75 43.74 0.98
C VAL C 181 -45.25 42.74 -0.06
N TYR C 182 -44.08 43.04 -0.62
CA TYR C 182 -43.43 42.20 -1.63
C TYR C 182 -41.95 42.14 -1.27
N ILE C 183 -41.55 41.06 -0.61
CA ILE C 183 -40.17 40.87 -0.17
C ILE C 183 -39.42 40.17 -1.32
N ASP C 184 -38.79 40.97 -2.17
CA ASP C 184 -38.05 40.44 -3.29
C ASP C 184 -36.71 39.88 -2.81
N GLU C 185 -36.10 39.05 -3.66
CA GLU C 185 -34.81 38.43 -3.38
C GLU C 185 -34.88 37.56 -2.13
N ILE C 186 -36.03 36.96 -1.87
CA ILE C 186 -36.20 36.10 -0.69
C ILE C 186 -35.31 34.86 -0.78
N ASP C 187 -34.97 34.43 -2.00
CA ASP C 187 -34.13 33.25 -2.15
C ASP C 187 -32.70 33.49 -1.67
N LYS C 188 -32.28 34.74 -1.52
CA LYS C 188 -30.93 35.03 -1.09
C LYS C 188 -30.73 34.76 0.40
N ILE C 189 -31.78 34.94 1.20
CA ILE C 189 -31.69 34.70 2.65
C ILE C 189 -32.03 33.24 2.87
N SER C 190 -31.01 32.39 2.75
CA SER C 190 -31.16 30.94 2.91
C SER C 190 -30.03 30.41 3.77
N ARG C 191 -30.38 29.68 4.82
CA ARG C 191 -29.37 29.10 5.70
C ARG C 191 -28.55 28.08 4.93
N LYS C 192 -27.24 28.24 4.99
CA LYS C 192 -26.35 27.31 4.30
C LYS C 192 -26.27 26.03 5.11
N SER C 193 -26.83 24.94 4.56
CA SER C 193 -26.75 23.65 5.25
C SER C 193 -25.31 23.22 5.43
N ASP C 194 -24.44 23.62 4.50
CA ASP C 194 -23.01 23.33 4.54
C ASP C 194 -22.33 24.65 4.92
N ASN C 195 -21.90 24.74 6.16
CA ASN C 195 -21.27 25.93 6.73
C ASN C 195 -20.67 25.55 8.08
N PRO C 196 -19.72 26.32 8.61
CA PRO C 196 -19.21 25.99 9.95
C PRO C 196 -20.34 26.08 10.96
N SER C 197 -20.42 25.06 11.83
CA SER C 197 -21.51 25.00 12.80
C SER C 197 -21.50 26.19 13.75
N ILE C 198 -20.36 26.48 14.36
CA ILE C 198 -20.26 27.57 15.34
C ILE C 198 -19.94 28.88 14.61
N THR C 199 -20.99 29.52 14.13
CA THR C 199 -20.99 30.81 13.46
C THR C 199 -22.46 31.21 13.30
N ARG C 200 -22.74 32.50 13.39
CA ARG C 200 -24.10 33.01 13.29
C ARG C 200 -24.32 33.63 11.92
N ASP C 201 -25.24 33.04 11.15
CA ASP C 201 -25.56 33.51 9.80
C ASP C 201 -26.64 34.59 9.92
N VAL C 202 -26.19 35.77 10.33
CA VAL C 202 -27.10 36.91 10.49
C VAL C 202 -27.72 37.29 9.15
N SER C 203 -26.92 37.27 8.08
CA SER C 203 -27.42 37.65 6.76
C SER C 203 -28.43 36.63 6.24
N GLY C 204 -28.33 35.38 6.66
CA GLY C 204 -29.20 34.32 6.20
C GLY C 204 -30.29 33.93 7.17
N GLU C 205 -30.07 32.80 7.86
CA GLU C 205 -31.04 32.25 8.81
C GLU C 205 -31.53 33.29 9.81
N GLY C 206 -30.66 34.21 10.21
CA GLY C 206 -31.08 35.24 11.16
C GLY C 206 -32.24 36.07 10.66
N VAL C 207 -32.28 36.32 9.34
CA VAL C 207 -33.39 37.09 8.78
C VAL C 207 -34.64 36.24 8.74
N GLN C 208 -34.51 34.95 8.45
CA GLN C 208 -35.66 34.05 8.41
C GLN C 208 -36.28 33.91 9.79
N GLN C 209 -35.45 33.72 10.82
CA GLN C 209 -35.95 33.55 12.18
C GLN C 209 -36.69 34.79 12.65
N ALA C 210 -36.16 35.97 12.38
CA ALA C 210 -36.81 37.21 12.80
C ALA C 210 -38.12 37.43 12.08
N LEU C 211 -38.21 37.02 10.82
CA LEU C 211 -39.42 37.20 10.03
C LEU C 211 -40.55 36.26 10.39
N LEU C 212 -40.28 35.19 11.15
CA LEU C 212 -41.33 34.23 11.49
C LEU C 212 -42.52 34.90 12.16
N LYS C 213 -42.26 35.76 13.15
CA LYS C 213 -43.35 36.45 13.82
C LYS C 213 -43.94 37.54 12.93
N LEU C 214 -43.13 38.13 12.05
CA LEU C 214 -43.62 39.20 11.19
C LEU C 214 -44.60 38.70 10.15
N ILE C 215 -44.51 37.43 9.74
CA ILE C 215 -45.41 36.87 8.74
C ILE C 215 -46.64 36.26 9.38
N GLU C 216 -46.46 35.54 10.49
CA GLU C 216 -47.60 34.95 11.18
C GLU C 216 -48.50 36.02 11.79
N GLY C 217 -47.88 37.08 12.31
CA GLY C 217 -48.58 38.19 12.93
C GLY C 217 -48.00 38.51 14.30
N THR C 218 -47.62 39.77 14.49
CA THR C 218 -47.04 40.22 15.74
C THR C 218 -47.00 41.73 15.74
N VAL C 219 -46.76 42.30 16.92
CA VAL C 219 -46.67 43.75 17.09
C VAL C 219 -45.20 44.13 16.99
N ALA C 220 -44.89 45.05 16.08
CA ALA C 220 -43.52 45.50 15.83
C ALA C 220 -43.39 46.99 16.10
N ALA C 221 -42.34 47.36 16.83
CA ALA C 221 -42.07 48.75 17.15
C ALA C 221 -41.34 49.40 15.98
N VAL C 222 -41.78 50.59 15.59
CA VAL C 222 -41.19 51.30 14.45
C VAL C 222 -40.98 52.77 14.82
N PRO C 223 -40.23 53.54 14.04
CA PRO C 223 -40.02 54.96 14.35
C PRO C 223 -41.34 55.70 14.43
N PRO C 224 -41.37 56.86 15.09
CA PRO C 224 -42.64 57.60 15.23
C PRO C 224 -43.21 58.13 13.92
N GLN C 225 -42.39 58.79 13.13
CA GLN C 225 -42.82 59.38 11.86
C GLN C 225 -41.58 59.73 11.07
N GLY C 226 -41.77 60.43 9.95
CA GLY C 226 -40.64 60.84 9.12
C GLY C 226 -39.62 61.66 9.89
N GLY C 227 -40.09 62.48 10.83
CA GLY C 227 -39.18 63.27 11.64
C GLY C 227 -38.26 62.41 12.49
N ARG C 228 -38.73 61.24 12.90
CA ARG C 228 -37.96 60.31 13.72
C ARG C 228 -37.58 60.95 15.06
N LYS C 229 -38.60 61.41 15.78
CA LYS C 229 -38.43 62.03 17.08
C LYS C 229 -37.83 61.04 18.07
N HIS C 230 -36.60 61.30 18.52
CA HIS C 230 -35.92 60.42 19.46
C HIS C 230 -36.41 60.56 20.89
N PRO C 231 -36.58 61.79 21.43
CA PRO C 231 -37.09 61.88 22.82
C PRO C 231 -38.46 61.27 23.01
N GLN C 232 -39.40 61.55 22.10
CA GLN C 232 -40.76 61.04 22.20
C GLN C 232 -40.76 59.53 22.00
N GLN C 233 -41.50 58.80 22.85
CA GLN C 233 -41.54 57.36 22.70
C GLN C 233 -42.15 57.01 21.35
N GLU C 234 -43.45 57.27 21.19
CA GLU C 234 -44.21 57.13 19.94
C GLU C 234 -43.76 55.93 19.09
N PHE C 235 -43.81 54.74 19.69
CA PHE C 235 -43.36 53.57 18.96
C PHE C 235 -44.30 53.16 17.83
N LEU C 236 -45.53 53.68 17.82
CA LEU C 236 -46.53 53.37 16.78
C LEU C 236 -46.65 51.86 16.57
N GLN C 237 -47.06 51.18 17.63
CA GLN C 237 -47.25 49.74 17.59
C GLN C 237 -48.26 49.37 16.50
N VAL C 238 -47.82 48.52 15.56
CA VAL C 238 -48.65 48.07 14.45
C VAL C 238 -48.60 46.56 14.38
N ASP C 239 -49.77 45.93 14.32
CA ASP C 239 -49.85 44.48 14.22
C ASP C 239 -49.70 44.06 12.76
N THR C 240 -49.03 42.93 12.54
CA THR C 240 -48.79 42.39 11.21
C THR C 240 -49.57 41.12 10.94
N SER C 241 -50.71 40.95 11.64
CA SER C 241 -51.54 39.77 11.47
C SER C 241 -52.44 39.85 10.24
N LYS C 242 -52.77 41.06 9.78
CA LYS C 242 -53.62 41.25 8.62
C LYS C 242 -52.87 41.79 7.41
N ILE C 243 -51.54 41.73 7.42
CA ILE C 243 -50.71 42.21 6.30
C ILE C 243 -50.21 41.02 5.51
N LEU C 244 -50.46 41.03 4.20
CA LEU C 244 -50.03 39.96 3.31
C LEU C 244 -48.60 40.23 2.84
N PHE C 245 -47.79 39.17 2.83
CA PHE C 245 -46.38 39.24 2.41
C PHE C 245 -46.18 38.30 1.24
N ILE C 246 -46.06 38.87 0.04
CA ILE C 246 -45.86 38.10 -1.18
C ILE C 246 -44.36 38.04 -1.44
N CYS C 247 -43.72 37.01 -0.91
CA CYS C 247 -42.28 36.85 -1.09
C CYS C 247 -41.99 36.30 -2.48
N GLY C 248 -40.85 36.71 -3.05
CA GLY C 248 -40.46 36.26 -4.36
C GLY C 248 -38.96 36.26 -4.60
N GLY C 249 -38.48 35.24 -5.28
CA GLY C 249 -37.06 35.12 -5.57
C GLY C 249 -36.81 34.03 -6.58
N ALA C 250 -35.65 34.12 -7.24
CA ALA C 250 -35.23 33.16 -8.26
C ALA C 250 -34.25 32.20 -7.61
N PHE C 251 -34.73 31.03 -7.22
CA PHE C 251 -33.91 30.02 -6.56
C PHE C 251 -32.97 29.40 -7.58
N ALA C 252 -31.66 29.64 -7.41
CA ALA C 252 -30.64 29.12 -8.31
C ALA C 252 -30.09 27.83 -7.73
N GLY C 253 -30.17 26.76 -8.52
CA GLY C 253 -29.70 25.45 -8.11
C GLY C 253 -30.76 24.56 -7.49
N LEU C 254 -31.99 25.07 -7.32
CA LEU C 254 -33.05 24.25 -6.74
C LEU C 254 -33.37 23.05 -7.62
N ASP C 255 -33.23 23.20 -8.95
CA ASP C 255 -33.51 22.09 -9.85
C ASP C 255 -32.59 20.90 -9.57
N LYS C 256 -31.33 21.16 -9.26
CA LYS C 256 -30.40 20.08 -8.96
C LYS C 256 -30.83 19.31 -7.71
N VAL C 257 -31.47 19.99 -6.77
CA VAL C 257 -31.94 19.33 -5.55
C VAL C 257 -33.16 18.49 -5.86
N ILE C 258 -34.11 19.05 -6.60
CA ILE C 258 -35.32 18.32 -6.95
C ILE C 258 -34.97 17.11 -7.81
N SER C 259 -34.00 17.25 -8.71
CA SER C 259 -33.62 16.15 -9.59
C SER C 259 -33.12 14.94 -8.81
N HIS C 260 -32.44 15.17 -7.69
CA HIS C 260 -31.93 14.07 -6.89
C HIS C 260 -33.07 13.18 -6.38
N ARG C 261 -34.16 13.80 -5.95
CA ARG C 261 -35.32 13.06 -5.46
C ARG C 261 -36.15 12.46 -6.58
N VAL C 262 -36.24 13.13 -7.72
CA VAL C 262 -37.11 12.68 -8.81
C VAL C 262 -36.48 11.53 -9.60
N GLU C 263 -35.21 11.66 -9.98
CA GLU C 263 -34.58 10.60 -10.79
C GLU C 263 -34.41 9.29 -10.03
N THR C 264 -33.66 9.29 -8.93
CA THR C 264 -33.42 8.09 -8.14
C THR C 264 -32.84 6.94 -8.96
N GLY C 265 -32.11 7.26 -10.04
CA GLY C 265 -31.56 6.24 -10.92
C GLY C 265 -30.10 6.39 -11.30
N SER C 266 -29.42 7.43 -10.81
CA SER C 266 -28.02 7.65 -11.15
C SER C 266 -27.17 6.47 -10.69
N GLY C 267 -26.23 6.07 -11.55
CA GLY C 267 -25.36 4.96 -11.24
C GLY C 267 -24.39 4.72 -12.38
N ILE C 268 -23.56 3.70 -12.21
CA ILE C 268 -22.57 3.31 -13.21
C ILE C 268 -22.78 1.92 -13.77
N GLY C 269 -23.46 1.02 -13.06
CA GLY C 269 -23.62 -0.35 -13.51
C GLY C 269 -24.74 -0.57 -14.52
N PHE C 270 -24.94 -1.86 -14.83
CA PHE C 270 -25.96 -2.28 -15.77
C PHE C 270 -27.36 -1.86 -15.31
N GLY C 271 -27.61 -1.88 -14.01
CA GLY C 271 -28.91 -1.53 -13.48
C GLY C 271 -29.16 -0.04 -13.32
N ALA C 272 -28.16 0.79 -13.59
CA ALA C 272 -28.31 2.22 -13.47
C ALA C 272 -29.04 2.79 -14.69
N THR C 273 -29.43 4.05 -14.57
CA THR C 273 -30.14 4.77 -15.62
C THR C 273 -29.27 5.93 -16.11
N VAL C 274 -28.96 5.92 -17.41
CA VAL C 274 -28.16 6.97 -18.04
C VAL C 274 -29.04 7.61 -19.11
N LYS C 275 -29.16 8.94 -19.06
CA LYS C 275 -30.00 9.69 -19.98
C LYS C 275 -29.23 10.54 -20.98
N ALA C 276 -27.98 10.92 -20.67
CA ALA C 276 -27.09 11.73 -21.51
C ALA C 276 -27.42 13.22 -21.50
N LYS C 277 -28.31 13.67 -20.61
CA LYS C 277 -28.75 15.06 -20.46
C LYS C 277 -29.69 15.51 -21.57
N SER C 278 -29.95 14.67 -22.57
CA SER C 278 -30.88 15.01 -23.64
C SER C 278 -32.30 14.65 -23.23
N ASP C 279 -32.46 13.53 -22.54
CA ASP C 279 -33.75 13.06 -22.07
C ASP C 279 -34.02 13.45 -20.62
N LYS C 280 -33.05 14.08 -19.95
CA LYS C 280 -33.26 14.53 -18.58
C LYS C 280 -34.28 15.65 -18.55
N ALA C 281 -35.00 15.76 -17.43
CA ALA C 281 -36.00 16.80 -17.31
C ALA C 281 -35.36 18.18 -17.30
N SER C 282 -36.09 19.16 -17.83
CA SER C 282 -35.61 20.52 -17.93
C SER C 282 -35.72 21.23 -16.58
N GLU C 283 -35.06 22.38 -16.49
CA GLU C 283 -35.09 23.18 -15.27
C GLU C 283 -36.51 23.62 -14.93
N GLY C 284 -37.26 24.06 -15.94
CA GLY C 284 -38.63 24.49 -15.70
C GLY C 284 -39.53 23.37 -15.22
N GLU C 285 -39.39 22.19 -15.83
CA GLU C 285 -40.21 21.04 -15.44
C GLU C 285 -39.95 20.63 -14.00
N LEU C 286 -38.68 20.68 -13.56
CA LEU C 286 -38.36 20.29 -12.19
C LEU C 286 -38.99 21.24 -11.18
N LEU C 287 -38.99 22.54 -11.48
CA LEU C 287 -39.60 23.51 -10.56
C LEU C 287 -41.07 23.24 -10.35
N ALA C 288 -41.78 22.77 -11.38
CA ALA C 288 -43.20 22.48 -11.24
C ALA C 288 -43.45 21.41 -10.19
N GLN C 289 -42.50 20.49 -9.99
CA GLN C 289 -42.61 19.43 -9.01
C GLN C 289 -42.03 19.83 -7.65
N VAL C 290 -41.76 21.12 -7.44
CA VAL C 290 -41.18 21.57 -6.19
C VAL C 290 -42.12 21.27 -5.03
N GLU C 291 -41.54 20.82 -3.93
CA GLU C 291 -42.26 20.48 -2.70
C GLU C 291 -41.55 21.16 -1.53
N PRO C 292 -42.20 21.26 -0.38
CA PRO C 292 -41.54 21.89 0.78
C PRO C 292 -40.25 21.21 1.19
N GLU C 293 -40.16 19.89 1.00
CA GLU C 293 -38.95 19.17 1.36
C GLU C 293 -37.76 19.65 0.54
N ASP C 294 -37.98 19.97 -0.73
CA ASP C 294 -36.89 20.44 -1.58
C ASP C 294 -36.43 21.84 -1.15
N LEU C 295 -37.36 22.67 -0.70
CA LEU C 295 -36.98 24.01 -0.25
C LEU C 295 -36.17 23.95 1.04
N ILE C 296 -36.47 23.00 1.91
CA ILE C 296 -35.73 22.86 3.16
C ILE C 296 -34.27 22.54 2.87
N LYS C 297 -34.03 21.68 1.89
CA LYS C 297 -32.67 21.32 1.53
C LYS C 297 -31.93 22.53 0.95
N PHE C 298 -32.64 23.40 0.23
CA PHE C 298 -32.02 24.58 -0.35
C PHE C 298 -31.45 25.50 0.72
N GLY C 299 -32.07 25.52 1.91
CA GLY C 299 -31.61 26.34 3.01
C GLY C 299 -32.70 27.02 3.80
N LEU C 300 -33.90 27.12 3.26
CA LEU C 300 -34.99 27.75 4.00
C LEU C 300 -35.37 26.88 5.20
N ILE C 301 -35.56 27.51 6.35
CA ILE C 301 -35.92 26.78 7.56
C ILE C 301 -37.36 26.29 7.41
N PRO C 302 -37.74 25.18 8.05
CA PRO C 302 -39.13 24.70 7.90
C PRO C 302 -40.17 25.69 8.40
N GLU C 303 -39.87 26.43 9.47
CA GLU C 303 -40.84 27.39 9.99
C GLU C 303 -41.22 28.43 8.94
N PHE C 304 -40.24 28.90 8.16
CA PHE C 304 -40.52 29.89 7.14
C PHE C 304 -41.40 29.32 6.04
N ILE C 305 -41.19 28.04 5.69
CA ILE C 305 -41.99 27.43 4.64
C ILE C 305 -43.46 27.38 5.04
N GLY C 306 -43.73 27.05 6.31
CA GLY C 306 -45.11 27.00 6.77
C GLY C 306 -45.77 28.37 6.69
N ARG C 307 -45.00 29.42 6.96
CA ARG C 307 -45.53 30.78 6.88
C ARG C 307 -45.97 31.16 5.47
N LEU C 308 -45.49 30.45 4.44
CA LEU C 308 -45.82 30.68 3.04
C LEU C 308 -46.53 29.46 2.50
N PRO C 309 -47.84 29.31 2.75
CA PRO C 309 -48.53 28.12 2.25
C PRO C 309 -48.69 28.09 0.74
N VAL C 310 -49.05 29.21 0.14
CA VAL C 310 -49.28 29.29 -1.30
C VAL C 310 -47.93 29.42 -2.02
N VAL C 311 -47.73 28.60 -3.04
CA VAL C 311 -46.53 28.59 -3.86
C VAL C 311 -46.94 28.61 -5.31
N ALA C 312 -46.41 29.55 -6.07
CA ALA C 312 -46.71 29.70 -7.50
C ALA C 312 -45.41 29.64 -8.28
N THR C 313 -45.32 28.69 -9.21
CA THR C 313 -44.14 28.51 -10.04
C THR C 313 -44.33 29.20 -11.38
N LEU C 314 -43.27 29.86 -11.85
CA LEU C 314 -43.26 30.55 -13.12
C LEU C 314 -42.38 29.80 -14.10
N ASN C 315 -42.93 29.45 -15.25
CA ASN C 315 -42.18 28.71 -16.25
C ASN C 315 -41.30 29.65 -17.06
N GLU C 316 -40.25 29.08 -17.65
CA GLU C 316 -39.33 29.85 -18.46
C GLU C 316 -40.04 30.36 -19.71
N LEU C 317 -39.73 31.59 -20.11
CA LEU C 317 -40.37 32.18 -21.28
C LEU C 317 -39.95 31.44 -22.55
N SER C 318 -40.93 31.13 -23.39
CA SER C 318 -40.71 30.46 -24.66
C SER C 318 -40.41 31.47 -25.76
N GLU C 319 -40.02 30.94 -26.92
CA GLU C 319 -39.74 31.82 -28.06
C GLU C 319 -40.97 32.61 -28.46
N GLU C 320 -42.14 31.96 -28.46
CA GLU C 320 -43.38 32.65 -28.79
C GLU C 320 -43.68 33.75 -27.80
N ALA C 321 -43.50 33.47 -26.50
CA ALA C 321 -43.76 34.47 -25.48
C ALA C 321 -42.83 35.67 -25.63
N LEU C 322 -41.57 35.42 -25.98
CA LEU C 322 -40.62 36.51 -26.16
C LEU C 322 -41.03 37.41 -27.32
N ILE C 323 -41.54 36.81 -28.39
CA ILE C 323 -41.99 37.60 -29.54
C ILE C 323 -43.14 38.51 -29.14
N GLN C 324 -44.09 37.98 -28.37
CA GLN C 324 -45.22 38.78 -27.93
C GLN C 324 -44.77 39.91 -27.00
N ILE C 325 -43.85 39.62 -26.10
CA ILE C 325 -43.34 40.61 -25.16
C ILE C 325 -42.69 41.78 -25.89
N LEU C 326 -42.07 41.50 -27.05
CA LEU C 326 -41.39 42.56 -27.80
C LEU C 326 -42.33 43.66 -28.25
N LYS C 327 -43.57 43.31 -28.63
CA LYS C 327 -44.53 44.29 -29.15
C LYS C 327 -45.85 44.39 -28.39
N GLU C 328 -46.42 43.28 -27.93
CA GLU C 328 -47.75 43.32 -27.30
C GLU C 328 -47.86 44.12 -26.01
N PRO C 329 -46.96 44.00 -25.03
CA PRO C 329 -47.16 44.74 -23.77
C PRO C 329 -47.07 46.25 -23.91
N LYS C 330 -47.64 46.92 -22.90
CA LYS C 330 -47.63 48.38 -22.85
C LYS C 330 -46.23 48.93 -22.73
N ASN C 331 -45.36 48.24 -21.99
CA ASN C 331 -43.98 48.65 -21.76
C ASN C 331 -43.02 47.75 -22.51
N ALA C 332 -43.42 47.35 -23.71
CA ALA C 332 -42.63 46.46 -24.54
C ALA C 332 -41.28 47.08 -24.89
N LEU C 333 -40.29 46.22 -25.10
CA LEU C 333 -38.94 46.67 -25.44
C LEU C 333 -38.92 47.46 -26.74
N THR C 334 -39.60 46.96 -27.77
CA THR C 334 -39.62 47.64 -29.06
C THR C 334 -40.24 49.02 -28.96
N LYS C 335 -41.33 49.13 -28.20
CA LYS C 335 -42.01 50.42 -28.05
C LYS C 335 -41.08 51.46 -27.44
N GLN C 336 -40.23 51.05 -26.49
CA GLN C 336 -39.31 51.98 -25.86
C GLN C 336 -38.34 52.56 -26.88
N TYR C 337 -37.78 51.69 -27.73
CA TYR C 337 -36.86 52.17 -28.76
C TYR C 337 -37.60 53.01 -29.80
N GLN C 338 -38.82 52.61 -30.15
CA GLN C 338 -39.60 53.38 -31.11
C GLN C 338 -39.89 54.77 -30.57
N ALA C 339 -40.28 54.86 -29.30
CA ALA C 339 -40.54 56.16 -28.69
C ALA C 339 -39.27 56.98 -28.62
N LEU C 340 -38.14 56.33 -28.32
CA LEU C 340 -36.86 57.02 -28.27
C LEU C 340 -36.53 57.63 -29.63
N PHE C 341 -36.69 56.83 -30.68
CA PHE C 341 -36.44 57.32 -32.04
C PHE C 341 -37.43 58.40 -32.41
N ASN C 342 -38.70 58.27 -31.98
CA ASN C 342 -39.71 59.26 -32.29
C ASN C 342 -39.34 60.62 -31.73
N LEU C 343 -38.74 60.65 -30.54
CA LEU C 343 -38.31 61.92 -29.95
C LEU C 343 -37.29 62.59 -30.85
N GLU C 344 -36.39 61.80 -31.42
CA GLU C 344 -35.39 62.31 -32.35
C GLU C 344 -36.02 62.79 -33.66
N GLY C 345 -37.24 62.32 -33.97
CA GLY C 345 -37.93 62.68 -35.19
C GLY C 345 -37.98 61.59 -36.24
N VAL C 346 -37.52 60.38 -35.92
CA VAL C 346 -37.50 59.26 -36.85
C VAL C 346 -38.45 58.19 -36.34
N ASP C 347 -39.26 57.64 -37.24
CA ASP C 347 -40.20 56.58 -36.89
C ASP C 347 -39.54 55.23 -37.14
N LEU C 348 -39.62 54.35 -36.14
CA LEU C 348 -39.01 53.03 -36.21
C LEU C 348 -40.07 51.94 -36.22
N GLU C 349 -39.84 50.90 -37.01
CA GLU C 349 -40.73 49.75 -37.10
C GLU C 349 -39.89 48.51 -37.28
N PHE C 350 -40.33 47.39 -36.69
CA PHE C 350 -39.61 46.13 -36.75
C PHE C 350 -40.41 45.09 -37.52
N ARG C 351 -39.75 44.43 -38.46
CA ARG C 351 -40.40 43.39 -39.25
C ARG C 351 -40.70 42.17 -38.40
N ASP C 352 -41.72 41.42 -38.81
CA ASP C 352 -42.11 40.23 -38.06
C ASP C 352 -41.00 39.18 -38.05
N GLU C 353 -40.28 39.04 -39.17
CA GLU C 353 -39.20 38.06 -39.23
C GLU C 353 -38.04 38.45 -38.32
N ALA C 354 -37.77 39.74 -38.18
CA ALA C 354 -36.65 40.20 -37.34
C ALA C 354 -36.87 39.82 -35.88
N LEU C 355 -38.11 39.96 -35.38
CA LEU C 355 -38.39 39.64 -33.99
C LEU C 355 -38.15 38.16 -33.71
N ASP C 356 -38.46 37.29 -34.67
CA ASP C 356 -38.26 35.86 -34.47
C ASP C 356 -36.79 35.54 -34.26
N ALA C 357 -35.91 36.17 -35.03
CA ALA C 357 -34.47 35.93 -34.88
C ALA C 357 -33.98 36.40 -33.51
N ILE C 358 -34.47 37.54 -33.06
CA ILE C 358 -34.06 38.08 -31.76
C ILE C 358 -34.48 37.13 -30.64
N ALA C 359 -35.67 36.53 -30.77
CA ALA C 359 -36.15 35.62 -29.73
C ALA C 359 -35.25 34.39 -29.60
N LYS C 360 -34.76 33.87 -30.73
CA LYS C 360 -33.90 32.70 -30.67
C LYS C 360 -32.55 33.03 -30.04
N LYS C 361 -31.97 34.17 -30.43
CA LYS C 361 -30.68 34.56 -29.86
C LYS C 361 -30.79 34.82 -28.36
N ALA C 362 -31.88 35.48 -27.94
CA ALA C 362 -32.06 35.79 -26.52
C ALA C 362 -32.15 34.53 -25.68
N MET C 363 -32.84 33.50 -26.19
CA MET C 363 -32.96 32.25 -25.44
C MET C 363 -31.59 31.63 -25.16
N ALA C 364 -30.65 31.79 -26.09
CA ALA C 364 -29.31 31.23 -25.89
C ALA C 364 -28.58 31.95 -24.77
N ARG C 365 -28.83 33.24 -24.58
CA ARG C 365 -28.13 34.01 -23.55
C ARG C 365 -28.41 33.48 -22.15
N LYS C 366 -29.56 32.84 -21.93
CA LYS C 366 -29.97 32.29 -20.65
C LYS C 366 -30.30 33.36 -19.62
N THR C 367 -30.65 34.56 -20.06
CA THR C 367 -30.96 35.69 -19.18
C THR C 367 -32.44 36.08 -19.23
N GLY C 368 -33.30 35.25 -19.79
CA GLY C 368 -34.71 35.58 -19.84
C GLY C 368 -35.02 36.70 -20.80
N ALA C 369 -36.10 37.43 -20.50
CA ALA C 369 -36.54 38.53 -21.34
C ALA C 369 -35.49 39.64 -21.44
N ARG C 370 -34.64 39.77 -20.42
CA ARG C 370 -33.62 40.82 -20.45
C ARG C 370 -32.64 40.62 -21.61
N GLY C 371 -32.46 39.37 -22.06
CA GLY C 371 -31.57 39.12 -23.19
C GLY C 371 -31.99 39.84 -24.44
N LEU C 372 -33.30 40.07 -24.62
CA LEU C 372 -33.80 40.76 -25.80
C LEU C 372 -33.21 42.16 -25.91
N ARG C 373 -33.09 42.86 -24.77
CA ARG C 373 -32.55 44.21 -24.79
C ARG C 373 -31.10 44.23 -25.28
N SER C 374 -30.35 43.17 -25.02
CA SER C 374 -28.96 43.10 -25.47
C SER C 374 -28.88 42.98 -26.99
N ILE C 375 -29.67 42.08 -27.56
CA ILE C 375 -29.65 41.87 -29.00
C ILE C 375 -30.13 43.10 -29.75
N VAL C 376 -31.23 43.71 -29.28
CA VAL C 376 -31.79 44.87 -29.96
C VAL C 376 -30.81 46.04 -29.91
N GLU C 377 -30.22 46.30 -28.75
CA GLU C 377 -29.29 47.41 -28.63
C GLU C 377 -28.03 47.19 -29.47
N ALA C 378 -27.57 45.93 -29.57
CA ALA C 378 -26.38 45.65 -30.36
C ALA C 378 -26.60 45.94 -31.84
N ALA C 379 -27.76 45.54 -32.37
CA ALA C 379 -28.04 45.75 -33.78
C ALA C 379 -28.14 47.23 -34.12
N LEU C 380 -28.78 48.02 -33.25
CA LEU C 380 -28.96 49.45 -33.46
C LEU C 380 -27.83 50.28 -32.87
N LEU C 381 -26.70 49.65 -32.53
CA LEU C 381 -25.58 50.39 -31.95
C LEU C 381 -25.00 51.38 -32.95
N ASP C 382 -24.53 50.87 -34.10
CA ASP C 382 -23.94 51.74 -35.12
C ASP C 382 -24.97 52.73 -35.66
N THR C 383 -26.21 52.29 -35.84
CA THR C 383 -27.25 53.16 -36.39
C THR C 383 -27.49 54.38 -35.50
N MET C 384 -27.67 54.15 -34.19
CA MET C 384 -27.90 55.26 -33.28
C MET C 384 -26.68 56.18 -33.18
N TYR C 385 -25.48 55.64 -33.38
CA TYR C 385 -24.27 56.44 -33.29
C TYR C 385 -24.22 57.51 -34.38
N ASP C 386 -24.61 57.17 -35.60
CA ASP C 386 -24.55 58.09 -36.74
C ASP C 386 -25.91 58.64 -37.18
N LEU C 387 -27.01 58.09 -36.69
CA LEU C 387 -28.33 58.59 -37.10
C LEU C 387 -28.53 60.07 -36.76
N PRO C 388 -28.25 60.55 -35.54
CA PRO C 388 -28.45 61.99 -35.28
C PRO C 388 -27.65 62.89 -36.19
N SER C 389 -26.39 62.55 -36.45
CA SER C 389 -25.57 63.36 -37.34
C SER C 389 -26.14 63.33 -38.76
N MET C 390 -26.65 62.17 -39.18
CA MET C 390 -27.22 62.05 -40.51
C MET C 390 -28.48 62.90 -40.62
N GLU C 391 -28.69 63.49 -41.79
CA GLU C 391 -29.84 64.33 -42.08
C GLU C 391 -30.62 63.74 -43.24
N ASP C 392 -31.87 64.17 -43.37
CA ASP C 392 -32.79 63.70 -44.40
C ASP C 392 -33.12 62.22 -44.25
N VAL C 393 -33.02 61.70 -43.03
CA VAL C 393 -33.33 60.31 -42.71
C VAL C 393 -34.44 60.36 -41.66
N GLU C 394 -35.67 60.12 -42.10
CA GLU C 394 -36.85 60.19 -41.23
C GLU C 394 -37.45 58.83 -40.90
N LYS C 395 -37.03 57.75 -41.55
CA LYS C 395 -37.57 56.42 -41.28
C LYS C 395 -36.49 55.37 -41.45
N VAL C 396 -36.57 54.33 -40.62
CA VAL C 396 -35.63 53.21 -40.63
C VAL C 396 -36.42 51.92 -40.60
N VAL C 397 -35.93 50.91 -41.31
CA VAL C 397 -36.58 49.61 -41.40
C VAL C 397 -35.54 48.52 -41.16
N ILE C 398 -35.84 47.60 -40.25
CA ILE C 398 -34.96 46.49 -39.89
C ILE C 398 -35.60 45.20 -40.39
N ASP C 399 -34.77 44.28 -40.87
CA ASP C 399 -35.20 42.98 -41.37
C ASP C 399 -34.38 41.90 -40.67
N GLU C 400 -34.71 40.63 -41.00
CA GLU C 400 -34.05 39.50 -40.37
C GLU C 400 -32.55 39.48 -40.66
N SER C 401 -32.14 39.87 -41.86
CA SER C 401 -30.70 39.86 -42.19
C SER C 401 -29.91 40.78 -41.28
N VAL C 402 -30.53 41.84 -40.77
CA VAL C 402 -29.84 42.77 -39.88
C VAL C 402 -29.41 42.05 -38.60
N ILE C 403 -30.26 41.13 -38.11
CA ILE C 403 -29.92 40.37 -36.92
C ILE C 403 -28.69 39.52 -37.18
N ASP C 404 -28.59 38.93 -38.36
CA ASP C 404 -27.44 38.09 -38.69
C ASP C 404 -26.15 38.90 -38.75
N GLY C 405 -26.24 40.21 -38.99
CA GLY C 405 -25.07 41.07 -39.06
C GLY C 405 -24.55 41.31 -40.46
N GLN C 406 -24.99 40.52 -41.45
CA GLN C 406 -24.53 40.69 -42.82
C GLN C 406 -25.14 41.92 -43.47
N SER C 407 -26.33 42.35 -43.03
CA SER C 407 -27.01 43.51 -43.58
C SER C 407 -27.15 44.60 -42.53
N GLU C 408 -27.50 45.78 -43.02
CA GLU C 408 -27.68 47.00 -42.24
C GLU C 408 -29.12 47.46 -42.34
N PRO C 409 -29.62 48.25 -41.37
CA PRO C 409 -31.01 48.69 -41.45
C PRO C 409 -31.24 49.64 -42.62
N LEU C 410 -32.35 49.41 -43.33
CA LEU C 410 -32.69 50.25 -44.47
C LEU C 410 -33.00 51.67 -44.01
N LEU C 411 -32.52 52.64 -44.77
CA LEU C 411 -32.73 54.07 -44.50
C LEU C 411 -33.58 54.67 -45.61
N ILE C 412 -34.62 55.39 -45.21
CA ILE C 412 -35.53 56.05 -46.14
C ILE C 412 -35.17 57.52 -46.20
N TYR C 413 -34.94 58.03 -47.40
CA TYR C 413 -34.59 59.43 -47.63
C TYR C 413 -35.77 60.17 -48.23
N GLY C 414 -36.18 61.26 -47.58
CA GLY C 414 -37.30 62.05 -48.04
C GLY C 414 -36.89 63.08 -49.09
N ALA D 63 -29.22 72.08 -27.46
CA ALA D 63 -29.44 70.77 -28.04
C ALA D 63 -28.48 69.75 -27.43
N LEU D 64 -28.90 68.49 -27.43
CA LEU D 64 -28.07 67.44 -26.86
C LEU D 64 -26.90 67.14 -27.80
N PRO D 65 -25.69 66.90 -27.28
CA PRO D 65 -24.58 66.58 -28.18
C PRO D 65 -24.79 65.24 -28.87
N THR D 66 -24.48 65.20 -30.16
CA THR D 66 -24.62 63.97 -30.92
C THR D 66 -23.56 62.96 -30.49
N PRO D 67 -23.76 61.67 -30.80
CA PRO D 67 -22.72 60.68 -30.43
C PRO D 67 -21.37 60.98 -31.06
N HIS D 68 -21.37 61.50 -32.28
CA HIS D 68 -20.11 61.84 -32.94
C HIS D 68 -19.35 62.89 -32.14
N GLU D 69 -20.06 63.91 -31.66
CA GLU D 69 -19.42 64.95 -30.85
C GLU D 69 -18.83 64.37 -29.58
N ILE D 70 -19.57 63.45 -28.94
CA ILE D 70 -19.07 62.83 -27.71
C ILE D 70 -17.83 62.01 -28.01
N ARG D 71 -17.83 61.28 -29.13
CA ARG D 71 -16.68 60.48 -29.51
C ARG D 71 -15.46 61.36 -29.76
N ASN D 72 -15.66 62.55 -30.31
CA ASN D 72 -14.55 63.45 -30.59
C ASN D 72 -13.78 63.78 -29.31
N HIS D 73 -14.50 64.09 -28.25
CA HIS D 73 -13.84 64.37 -26.97
C HIS D 73 -13.18 63.12 -26.41
N LEU D 74 -13.86 61.97 -26.51
CA LEU D 74 -13.32 60.73 -25.96
C LEU D 74 -12.05 60.28 -26.68
N ASP D 75 -12.02 60.38 -28.01
CA ASP D 75 -10.82 59.94 -28.72
C ASP D 75 -9.62 60.83 -28.47
N ASP D 76 -9.83 62.05 -27.97
CA ASP D 76 -8.72 62.94 -27.66
C ASP D 76 -7.76 62.30 -26.66
N TYR D 77 -8.31 61.63 -25.64
CA TYR D 77 -7.53 60.99 -24.60
C TYR D 77 -7.38 59.49 -24.78
N VAL D 78 -8.30 58.85 -25.50
CA VAL D 78 -8.30 57.40 -25.72
C VAL D 78 -7.96 57.12 -27.17
N ILE D 79 -7.02 56.20 -27.40
CA ILE D 79 -6.54 55.84 -28.72
C ILE D 79 -6.85 54.37 -29.00
N GLY D 80 -7.57 54.11 -30.09
CA GLY D 80 -7.87 52.76 -30.54
C GLY D 80 -9.12 52.11 -29.98
N GLN D 81 -9.77 52.69 -28.98
CA GLN D 81 -10.98 52.08 -28.41
C GLN D 81 -12.22 52.62 -29.13
N GLU D 82 -12.29 52.31 -30.42
CA GLU D 82 -13.40 52.78 -31.25
C GLU D 82 -14.73 52.19 -30.80
N GLN D 83 -14.76 50.87 -30.54
CA GLN D 83 -16.01 50.23 -30.14
C GLN D 83 -16.50 50.75 -28.80
N ALA D 84 -15.58 50.94 -27.85
CA ALA D 84 -15.96 51.43 -26.53
C ALA D 84 -16.57 52.82 -26.61
N LYS D 85 -16.00 53.69 -27.44
CA LYS D 85 -16.50 55.05 -27.56
C LYS D 85 -17.91 55.09 -28.12
N LYS D 86 -18.20 54.24 -29.10
CA LYS D 86 -19.53 54.22 -29.71
C LYS D 86 -20.60 53.86 -28.70
N VAL D 87 -20.35 52.82 -27.90
CA VAL D 87 -21.34 52.39 -26.91
C VAL D 87 -21.55 53.48 -25.86
N LEU D 88 -20.47 54.06 -25.36
CA LEU D 88 -20.58 55.10 -24.35
C LEU D 88 -21.26 56.34 -24.92
N ALA D 89 -20.90 56.74 -26.14
CA ALA D 89 -21.51 57.92 -26.75
C ALA D 89 -23.00 57.70 -27.00
N VAL D 90 -23.37 56.53 -27.53
CA VAL D 90 -24.78 56.25 -27.79
C VAL D 90 -25.56 56.19 -26.48
N ALA D 91 -24.99 55.54 -25.47
CA ALA D 91 -25.66 55.44 -24.18
C ALA D 91 -25.82 56.81 -23.54
N VAL D 92 -24.77 57.63 -23.60
CA VAL D 92 -24.85 58.98 -23.02
C VAL D 92 -25.86 59.81 -23.80
N TYR D 93 -25.85 59.72 -25.12
CA TYR D 93 -26.80 60.46 -25.94
C TYR D 93 -28.22 59.98 -25.67
N ASN D 94 -28.42 58.66 -25.57
CA ASN D 94 -29.73 58.12 -25.27
C ASN D 94 -30.19 58.54 -23.88
N HIS D 95 -29.25 58.55 -22.93
CA HIS D 95 -29.60 58.94 -21.55
C HIS D 95 -30.08 60.37 -21.50
N TYR D 96 -29.41 61.28 -22.22
CA TYR D 96 -29.83 62.68 -22.23
C TYR D 96 -31.24 62.81 -22.81
N LYS D 97 -31.55 62.01 -23.84
CA LYS D 97 -32.88 62.07 -24.42
C LYS D 97 -33.94 61.66 -23.40
N ARG D 98 -33.63 60.67 -22.56
CA ARG D 98 -34.58 60.25 -21.54
C ARG D 98 -34.79 61.37 -20.52
N LEU D 99 -33.73 62.08 -20.16
CA LEU D 99 -33.88 63.20 -19.24
C LEU D 99 -34.71 64.31 -19.88
N ARG D 100 -34.49 64.57 -21.17
CA ARG D 100 -35.29 65.55 -21.87
C ARG D 100 -36.72 65.06 -22.05
N ASN D 101 -36.94 63.74 -21.98
CA ASN D 101 -38.24 63.11 -22.07
C ASN D 101 -38.84 62.85 -20.69
N GLY D 102 -38.45 63.66 -19.69
CA GLY D 102 -38.95 63.46 -18.34
C GLY D 102 -40.47 63.50 -18.24
N ASP D 103 -41.12 64.27 -19.10
CA ASP D 103 -42.58 64.31 -19.10
C ASP D 103 -43.14 62.91 -19.36
N THR D 104 -42.54 62.18 -20.30
CA THR D 104 -42.92 60.80 -20.61
C THR D 104 -44.38 60.73 -21.07
N SER D 105 -44.74 61.64 -21.98
CA SER D 105 -46.10 61.65 -22.53
C SER D 105 -46.40 60.37 -23.29
N ASN D 106 -45.37 59.72 -23.84
CA ASN D 106 -45.57 58.49 -24.60
C ASN D 106 -46.17 57.43 -23.69
N GLY D 107 -46.99 56.55 -24.27
CA GLY D 107 -47.58 55.47 -23.49
C GLY D 107 -46.52 54.57 -22.90
N VAL D 108 -45.51 54.23 -23.69
CA VAL D 108 -44.40 53.41 -23.22
C VAL D 108 -43.50 54.25 -22.31
N GLU D 109 -42.96 53.61 -21.29
CA GLU D 109 -42.03 54.24 -20.36
C GLU D 109 -40.62 53.79 -20.71
N LEU D 110 -39.76 54.75 -21.03
CA LEU D 110 -38.39 54.42 -21.44
C LEU D 110 -37.63 53.77 -20.28
N GLY D 111 -36.81 52.78 -20.63
CA GLY D 111 -35.99 52.07 -19.67
C GLY D 111 -34.53 52.18 -20.04
N LYS D 112 -33.68 52.23 -19.03
CA LYS D 112 -32.25 52.35 -19.25
C LYS D 112 -31.60 51.00 -19.53
N SER D 113 -30.48 51.05 -20.24
CA SER D 113 -29.67 49.89 -20.57
C SER D 113 -28.28 50.12 -19.99
N ASN D 114 -27.78 49.18 -19.20
CA ASN D 114 -26.48 49.32 -18.58
C ASN D 114 -25.38 48.83 -19.51
N ILE D 115 -24.13 49.12 -19.14
CA ILE D 115 -22.96 48.78 -19.92
C ILE D 115 -21.97 48.03 -19.06
N LEU D 116 -21.22 47.12 -19.69
CA LEU D 116 -20.19 46.31 -19.05
C LEU D 116 -18.94 46.42 -19.90
N LEU D 117 -17.92 47.11 -19.40
CA LEU D 117 -16.67 47.33 -20.11
C LEU D 117 -15.63 46.30 -19.68
N ILE D 118 -15.35 45.34 -20.55
CA ILE D 118 -14.37 44.29 -20.31
C ILE D 118 -13.11 44.68 -21.08
N GLY D 119 -11.94 44.40 -20.48
CA GLY D 119 -10.70 44.71 -21.15
C GLY D 119 -9.48 44.38 -20.31
N PRO D 120 -8.31 44.12 -20.95
CA PRO D 120 -7.11 43.82 -20.15
C PRO D 120 -6.57 45.05 -19.45
N THR D 121 -5.47 44.88 -18.73
CA THR D 121 -4.84 45.96 -18.00
C THR D 121 -4.35 47.04 -18.96
N GLY D 122 -4.46 48.30 -18.52
CA GLY D 122 -3.99 49.43 -19.32
C GLY D 122 -4.64 49.55 -20.68
N SER D 123 -5.92 49.21 -20.79
CA SER D 123 -6.65 49.27 -22.05
C SER D 123 -7.50 50.53 -22.20
N GLY D 124 -7.68 51.30 -21.12
CA GLY D 124 -8.45 52.52 -21.15
C GLY D 124 -9.81 52.45 -20.49
N LYS D 125 -10.09 51.41 -19.71
CA LYS D 125 -11.38 51.29 -19.03
C LYS D 125 -11.57 52.44 -18.05
N THR D 126 -10.69 52.53 -17.06
CA THR D 126 -10.78 53.60 -16.07
C THR D 126 -10.60 54.98 -16.71
N LEU D 127 -9.74 55.06 -17.73
CA LEU D 127 -9.49 56.34 -18.40
C LEU D 127 -10.75 56.89 -19.04
N LEU D 128 -11.57 56.01 -19.65
CA LEU D 128 -12.79 56.46 -20.29
C LEU D 128 -13.73 57.12 -19.30
N ALA D 129 -13.83 56.58 -18.09
CA ALA D 129 -14.70 57.15 -17.07
C ALA D 129 -14.26 58.56 -16.69
N GLU D 130 -12.96 58.75 -16.47
CA GLU D 130 -12.45 60.06 -16.09
C GLU D 130 -12.67 61.09 -17.20
N THR D 131 -12.46 60.68 -18.45
CA THR D 131 -12.64 61.61 -19.56
C THR D 131 -14.10 61.95 -19.78
N LEU D 132 -14.98 60.99 -19.54
CA LEU D 132 -16.41 61.22 -19.74
C LEU D 132 -16.96 62.23 -18.74
N ALA D 133 -16.49 62.17 -17.49
CA ALA D 133 -16.96 63.10 -16.46
C ALA D 133 -16.69 64.55 -16.83
N ARG D 134 -15.69 64.81 -17.68
CA ARG D 134 -15.37 66.17 -18.06
C ARG D 134 -16.53 66.86 -18.78
N LEU D 135 -17.33 66.11 -19.53
CA LEU D 135 -18.44 66.65 -20.30
C LEU D 135 -19.81 66.21 -19.81
N LEU D 136 -19.90 65.46 -18.72
CA LEU D 136 -21.19 65.00 -18.22
C LEU D 136 -21.88 66.14 -17.45
N ASP D 137 -23.05 66.55 -17.94
CA ASP D 137 -23.79 67.61 -17.25
C ASP D 137 -24.37 67.11 -15.94
N VAL D 138 -24.88 65.89 -15.92
CA VAL D 138 -25.44 65.28 -14.72
C VAL D 138 -24.29 64.87 -13.80
N PRO D 139 -24.51 64.73 -12.49
CA PRO D 139 -23.41 64.33 -11.61
C PRO D 139 -22.87 62.95 -11.96
N PHE D 140 -21.56 62.77 -11.75
CA PHE D 140 -20.88 61.52 -12.02
C PHE D 140 -19.97 61.17 -10.85
N THR D 141 -19.95 59.89 -10.49
CA THR D 141 -19.12 59.40 -9.40
C THR D 141 -18.52 58.05 -9.80
N MET D 142 -17.40 57.72 -9.16
CA MET D 142 -16.70 56.47 -9.39
C MET D 142 -16.63 55.70 -8.07
N ALA D 143 -16.87 54.40 -8.13
CA ALA D 143 -16.87 53.52 -6.97
C ALA D 143 -15.88 52.37 -7.17
N ASP D 144 -15.66 51.64 -6.08
CA ASP D 144 -14.77 50.49 -6.06
C ASP D 144 -15.56 49.30 -5.52
N ALA D 145 -15.62 48.23 -6.32
CA ALA D 145 -16.37 47.04 -5.92
C ALA D 145 -15.72 46.31 -4.76
N THR D 146 -14.39 46.38 -4.63
CA THR D 146 -13.70 45.69 -3.54
C THR D 146 -14.17 46.20 -2.18
N THR D 147 -14.36 47.52 -2.06
CA THR D 147 -14.82 48.07 -0.78
C THR D 147 -16.20 47.56 -0.43
N LEU D 148 -17.07 47.38 -1.43
CA LEU D 148 -18.43 46.92 -1.19
C LEU D 148 -18.44 45.51 -0.62
N THR D 149 -19.35 45.29 0.33
CA THR D 149 -19.53 43.99 0.98
C THR D 149 -21.01 43.81 1.27
N GLU D 150 -21.37 42.58 1.66
CA GLU D 150 -22.75 42.28 1.99
C GLU D 150 -23.18 43.06 3.22
N ALA D 151 -24.48 43.33 3.31
CA ALA D 151 -25.03 44.07 4.43
C ALA D 151 -24.79 43.33 5.74
N GLY D 152 -24.59 44.09 6.81
CA GLY D 152 -24.36 43.52 8.12
C GLY D 152 -22.94 43.14 8.42
N TYR D 153 -21.97 43.65 7.66
CA TYR D 153 -20.56 43.35 7.86
C TYR D 153 -19.77 44.65 7.92
N VAL D 154 -18.52 44.53 8.41
CA VAL D 154 -17.64 45.68 8.58
C VAL D 154 -17.42 46.42 7.26
N GLY D 155 -17.38 45.72 6.15
CA GLY D 155 -17.16 46.38 4.88
C GLY D 155 -18.30 47.32 4.51
N GLU D 156 -17.98 48.23 3.60
CA GLU D 156 -18.97 49.20 3.14
C GLU D 156 -20.11 48.52 2.40
N ASP D 157 -21.30 49.08 2.57
CA ASP D 157 -22.50 48.57 1.91
C ASP D 157 -22.61 49.15 0.50
N VAL D 158 -23.48 48.53 -0.31
CA VAL D 158 -23.66 48.96 -1.69
C VAL D 158 -24.38 50.30 -1.79
N GLU D 159 -25.22 50.63 -0.81
CA GLU D 159 -25.96 51.90 -0.87
C GLU D 159 -25.05 53.12 -0.73
N ASN D 160 -23.84 52.94 -0.21
CA ASN D 160 -22.92 54.07 -0.04
C ASN D 160 -22.59 54.73 -1.38
N ILE D 161 -22.67 53.98 -2.48
CA ILE D 161 -22.38 54.52 -3.80
C ILE D 161 -23.31 55.70 -4.11
N ILE D 162 -24.59 55.57 -3.73
CA ILE D 162 -25.54 56.65 -3.97
C ILE D 162 -25.15 57.87 -3.15
N GLN D 163 -24.58 57.66 -1.97
CA GLN D 163 -24.18 58.77 -1.13
C GLN D 163 -23.08 59.59 -1.81
N LYS D 164 -22.13 58.93 -2.45
CA LYS D 164 -21.06 59.65 -3.14
C LYS D 164 -21.62 60.51 -4.26
N LEU D 165 -22.58 59.99 -5.02
CA LEU D 165 -23.20 60.77 -6.09
C LEU D 165 -23.92 61.98 -5.52
N LEU D 166 -24.57 61.82 -4.38
CA LEU D 166 -25.31 62.92 -3.76
C LEU D 166 -24.37 64.06 -3.38
N GLN D 167 -23.17 63.73 -2.89
CA GLN D 167 -22.20 64.76 -2.51
C GLN D 167 -21.86 65.66 -3.69
N LYS D 168 -21.76 65.09 -4.89
CA LYS D 168 -21.40 65.88 -6.06
C LYS D 168 -22.46 66.91 -6.41
N CYS D 169 -23.74 66.54 -6.27
CA CYS D 169 -24.86 67.40 -6.64
C CYS D 169 -25.48 68.12 -5.44
N ASP D 170 -24.71 68.36 -4.39
CA ASP D 170 -25.18 69.06 -3.19
C ASP D 170 -26.34 68.34 -2.53
N TYR D 171 -26.26 67.01 -2.50
CA TYR D 171 -27.28 66.14 -1.91
C TYR D 171 -28.67 66.45 -2.47
N ASP D 172 -28.73 66.66 -3.78
CA ASP D 172 -29.98 66.94 -4.48
C ASP D 172 -30.49 65.62 -5.06
N VAL D 173 -31.60 65.12 -4.52
CA VAL D 173 -32.14 63.84 -4.97
C VAL D 173 -32.52 63.89 -6.45
N GLN D 174 -33.00 65.04 -6.92
CA GLN D 174 -33.38 65.15 -8.32
C GLN D 174 -32.18 64.95 -9.24
N LYS D 175 -31.06 65.62 -8.94
CA LYS D 175 -29.87 65.49 -9.75
C LYS D 175 -29.27 64.09 -9.64
N ALA D 176 -29.26 63.52 -8.44
CA ALA D 176 -28.70 62.18 -8.24
C ALA D 176 -29.49 61.14 -9.02
N GLN D 177 -30.81 61.29 -9.09
CA GLN D 177 -31.64 60.32 -9.80
C GLN D 177 -31.31 60.26 -11.28
N ARG D 178 -30.84 61.36 -11.86
CA ARG D 178 -30.47 61.41 -13.27
C ARG D 178 -28.96 61.33 -13.50
N GLY D 179 -28.19 61.04 -12.45
CA GLY D 179 -26.74 60.95 -12.58
C GLY D 179 -26.27 59.63 -13.16
N ILE D 180 -24.99 59.63 -13.57
CA ILE D 180 -24.32 58.48 -14.14
C ILE D 180 -23.40 57.91 -13.07
N VAL D 181 -23.28 56.58 -13.02
CA VAL D 181 -22.46 55.89 -12.03
C VAL D 181 -21.51 54.94 -12.74
N TYR D 182 -20.30 54.81 -12.20
CA TYR D 182 -19.27 53.92 -12.72
C TYR D 182 -18.80 53.06 -11.56
N ILE D 183 -18.71 51.74 -11.79
CA ILE D 183 -18.29 50.78 -10.77
C ILE D 183 -17.06 50.07 -11.30
N ASP D 184 -15.89 50.55 -10.92
CA ASP D 184 -14.65 49.94 -11.36
C ASP D 184 -14.38 48.64 -10.61
N GLU D 185 -13.49 47.83 -11.16
CA GLU D 185 -13.09 46.56 -10.56
C GLU D 185 -14.27 45.62 -10.33
N ILE D 186 -15.23 45.63 -11.26
CA ILE D 186 -16.39 44.77 -11.13
C ILE D 186 -16.03 43.30 -11.23
N ASP D 187 -14.89 42.96 -11.85
CA ASP D 187 -14.48 41.57 -11.95
C ASP D 187 -14.12 40.98 -10.60
N LYS D 188 -13.73 41.82 -9.64
CA LYS D 188 -13.32 41.34 -8.33
C LYS D 188 -14.46 40.63 -7.60
N ILE D 189 -15.69 41.12 -7.77
CA ILE D 189 -16.86 40.51 -7.11
C ILE D 189 -17.37 39.41 -8.04
N SER D 190 -16.78 38.23 -7.90
CA SER D 190 -17.16 37.08 -8.71
C SER D 190 -16.99 35.82 -7.89
N ARG D 191 -17.90 34.87 -8.09
CA ARG D 191 -17.81 33.61 -7.38
C ARG D 191 -16.53 32.89 -7.79
N LYS D 192 -15.80 32.35 -6.81
CA LYS D 192 -14.53 31.70 -7.06
C LYS D 192 -14.70 30.23 -7.49
N SER D 193 -15.39 30.06 -8.62
CA SER D 193 -15.65 28.75 -9.23
C SER D 193 -16.17 27.71 -8.25
N ASP D 194 -16.97 28.14 -7.27
CA ASP D 194 -17.57 27.25 -6.28
C ASP D 194 -19.04 27.66 -6.20
N ASN D 195 -19.87 27.03 -7.03
CA ASN D 195 -21.29 27.34 -7.03
C ASN D 195 -21.96 27.12 -5.68
N PRO D 196 -21.68 26.07 -4.91
CA PRO D 196 -22.36 25.96 -3.60
C PRO D 196 -22.03 27.09 -2.64
N SER D 197 -20.79 27.57 -2.62
CA SER D 197 -20.40 28.67 -1.71
C SER D 197 -20.69 28.31 -0.26
N ILE D 198 -19.96 27.29 0.22
CA ILE D 198 -20.11 26.76 1.57
C ILE D 198 -20.18 27.89 2.60
N THR D 199 -19.19 28.78 2.58
CA THR D 199 -19.16 29.93 3.47
C THR D 199 -19.61 31.15 2.67
N ARG D 200 -20.44 31.98 3.31
CA ARG D 200 -20.97 33.17 2.66
C ARG D 200 -19.85 34.08 2.16
N ASP D 201 -19.85 34.36 0.87
CA ASP D 201 -18.86 35.23 0.25
C ASP D 201 -19.43 36.64 0.23
N VAL D 202 -19.39 37.27 1.41
CA VAL D 202 -19.93 38.62 1.55
C VAL D 202 -19.18 39.59 0.65
N SER D 203 -17.86 39.44 0.55
CA SER D 203 -17.07 40.31 -0.31
C SER D 203 -17.25 39.96 -1.78
N GLY D 204 -17.68 38.73 -2.09
CA GLY D 204 -17.86 38.28 -3.46
C GLY D 204 -19.31 38.25 -3.91
N GLU D 205 -19.87 37.02 -3.93
CA GLU D 205 -21.24 36.80 -4.35
C GLU D 205 -22.24 37.69 -3.63
N GLY D 206 -21.99 38.00 -2.36
CA GLY D 206 -22.91 38.85 -1.62
C GLY D 206 -23.07 40.23 -2.22
N VAL D 207 -21.97 40.79 -2.72
CA VAL D 207 -22.02 42.14 -3.32
C VAL D 207 -22.93 42.13 -4.53
N GLN D 208 -22.86 41.08 -5.36
CA GLN D 208 -23.70 41.01 -6.54
C GLN D 208 -25.18 41.00 -6.18
N GLN D 209 -25.55 40.21 -5.16
CA GLN D 209 -26.95 40.12 -4.77
C GLN D 209 -27.49 41.47 -4.31
N ALA D 210 -26.68 42.25 -3.60
CA ALA D 210 -27.12 43.57 -3.17
C ALA D 210 -27.34 44.49 -4.35
N LEU D 211 -26.49 44.37 -5.37
CA LEU D 211 -26.57 45.19 -6.57
C LEU D 211 -27.64 44.73 -7.55
N LEU D 212 -28.20 43.52 -7.39
CA LEU D 212 -29.19 43.02 -8.32
C LEU D 212 -30.39 43.95 -8.44
N LYS D 213 -30.93 44.39 -7.30
CA LYS D 213 -32.09 45.28 -7.31
C LYS D 213 -31.70 46.75 -7.45
N LEU D 214 -30.46 47.12 -7.14
CA LEU D 214 -30.07 48.52 -7.23
C LEU D 214 -29.95 48.96 -8.69
N ILE D 215 -29.34 48.13 -9.53
CA ILE D 215 -29.17 48.49 -10.94
C ILE D 215 -30.53 48.69 -11.61
N GLU D 216 -31.47 47.76 -11.37
CA GLU D 216 -32.79 47.90 -11.99
C GLU D 216 -33.60 49.01 -11.33
N GLY D 217 -33.35 49.29 -10.05
CA GLY D 217 -34.07 50.33 -9.33
C GLY D 217 -34.49 49.95 -7.92
N THR D 218 -34.15 50.81 -6.96
CA THR D 218 -34.48 50.60 -5.56
C THR D 218 -34.51 51.96 -4.88
N VAL D 219 -35.34 52.06 -3.83
CA VAL D 219 -35.49 53.30 -3.07
C VAL D 219 -34.42 53.28 -1.99
N ALA D 220 -33.24 53.77 -2.34
CA ALA D 220 -32.11 53.79 -1.41
C ALA D 220 -32.33 54.77 -0.27
N ALA D 221 -31.75 54.42 0.88
CA ALA D 221 -31.80 55.24 2.09
C ALA D 221 -30.39 55.69 2.43
N VAL D 222 -30.19 57.00 2.58
CA VAL D 222 -28.88 57.57 2.88
C VAL D 222 -29.04 58.73 3.86
N PRO D 223 -27.95 59.14 4.51
CA PRO D 223 -28.05 60.26 5.44
C PRO D 223 -28.46 61.53 4.73
N PRO D 224 -29.14 62.45 5.43
CA PRO D 224 -29.59 63.68 4.74
C PRO D 224 -28.47 64.57 4.22
N GLN D 225 -27.54 64.99 5.10
CA GLN D 225 -26.41 65.82 4.70
C GLN D 225 -25.20 65.40 5.52
N GLY D 226 -24.41 64.47 4.98
CA GLY D 226 -23.19 63.97 5.60
C GLY D 226 -23.27 63.71 7.09
N GLY D 227 -24.41 63.26 7.59
CA GLY D 227 -24.59 62.99 9.00
C GLY D 227 -24.27 64.15 9.92
N ARG D 228 -24.89 65.32 9.71
CA ARG D 228 -24.62 66.46 10.58
C ARG D 228 -24.89 66.13 12.04
N LYS D 229 -26.01 65.47 12.33
CA LYS D 229 -26.34 65.02 13.67
C LYS D 229 -27.18 63.76 13.51
N HIS D 230 -26.75 62.68 14.16
CA HIS D 230 -27.47 61.42 14.05
C HIS D 230 -28.93 61.46 14.50
N PRO D 231 -29.35 62.26 15.50
CA PRO D 231 -30.79 62.30 15.82
C PRO D 231 -31.57 62.82 14.62
N GLN D 232 -32.82 62.34 14.49
CA GLN D 232 -33.73 62.70 13.39
C GLN D 232 -33.01 62.61 12.04
N GLN D 233 -32.62 61.37 11.72
CA GLN D 233 -31.90 61.10 10.48
C GLN D 233 -32.69 61.53 9.25
N GLU D 234 -33.98 61.15 9.18
CA GLU D 234 -34.85 61.37 8.02
C GLU D 234 -34.11 61.01 6.72
N PHE D 235 -33.70 59.74 6.66
CA PHE D 235 -32.98 59.19 5.52
C PHE D 235 -33.64 59.55 4.20
N LEU D 236 -32.84 60.11 3.29
CA LEU D 236 -33.34 60.51 1.98
C LEU D 236 -33.69 59.30 1.12
N GLN D 237 -34.80 59.42 0.40
CA GLN D 237 -35.28 58.36 -0.49
C GLN D 237 -34.85 58.70 -1.90
N VAL D 238 -34.05 57.83 -2.51
CA VAL D 238 -33.53 58.02 -3.87
C VAL D 238 -33.82 56.75 -4.66
N ASP D 239 -34.45 56.91 -5.82
CA ASP D 239 -34.78 55.79 -6.70
C ASP D 239 -33.73 55.71 -7.79
N THR D 240 -33.11 54.54 -7.93
CA THR D 240 -32.07 54.29 -8.93
C THR D 240 -32.62 53.64 -10.18
N SER D 241 -33.93 53.75 -10.42
CA SER D 241 -34.52 53.15 -11.61
C SER D 241 -34.03 53.82 -12.88
N LYS D 242 -33.77 55.14 -12.82
CA LYS D 242 -33.31 55.91 -13.97
C LYS D 242 -31.82 56.27 -13.89
N ILE D 243 -31.08 55.68 -12.96
CA ILE D 243 -29.66 55.98 -12.82
C ILE D 243 -28.86 54.98 -13.64
N LEU D 244 -28.15 55.47 -14.64
CA LEU D 244 -27.34 54.61 -15.48
C LEU D 244 -26.13 54.10 -14.70
N PHE D 245 -25.75 52.85 -14.95
CA PHE D 245 -24.61 52.21 -14.31
C PHE D 245 -23.69 51.65 -15.38
N ILE D 246 -22.39 51.88 -15.22
CA ILE D 246 -21.38 51.43 -16.17
C ILE D 246 -20.34 50.66 -15.38
N CYS D 247 -20.45 49.34 -15.37
CA CYS D 247 -19.50 48.49 -14.67
C CYS D 247 -18.31 48.19 -15.57
N GLY D 248 -17.14 48.04 -14.96
CA GLY D 248 -15.93 47.76 -15.71
C GLY D 248 -14.86 47.04 -14.90
N GLY D 249 -14.23 46.05 -15.52
CA GLY D 249 -13.18 45.30 -14.86
C GLY D 249 -12.45 44.42 -15.83
N ALA D 250 -11.27 43.97 -15.41
CA ALA D 250 -10.42 43.09 -16.20
C ALA D 250 -10.64 41.66 -15.71
N PHE D 251 -11.37 40.88 -16.49
CA PHE D 251 -11.68 39.50 -16.12
C PHE D 251 -10.50 38.62 -16.50
N ALA D 252 -9.60 38.42 -15.53
CA ALA D 252 -8.43 37.58 -15.74
C ALA D 252 -8.83 36.11 -15.70
N GLY D 253 -8.54 35.39 -16.79
CA GLY D 253 -8.86 33.98 -16.91
C GLY D 253 -10.09 33.70 -17.73
N LEU D 254 -10.84 34.73 -18.15
CA LEU D 254 -12.04 34.52 -18.95
C LEU D 254 -11.72 33.86 -20.28
N ASP D 255 -10.52 34.12 -20.83
CA ASP D 255 -10.14 33.52 -22.11
C ASP D 255 -10.15 32.00 -22.01
N LYS D 256 -9.70 31.45 -20.89
CA LYS D 256 -9.68 30.00 -20.70
C LYS D 256 -11.09 29.43 -20.79
N VAL D 257 -12.07 30.17 -20.27
CA VAL D 257 -13.45 29.70 -20.30
C VAL D 257 -13.99 29.74 -21.73
N ILE D 258 -13.83 30.87 -22.41
CA ILE D 258 -14.33 31.01 -23.78
C ILE D 258 -13.63 30.02 -24.71
N SER D 259 -12.34 29.78 -24.48
CA SER D 259 -11.59 28.88 -25.34
C SER D 259 -12.15 27.47 -25.31
N HIS D 260 -12.51 26.99 -24.11
CA HIS D 260 -13.05 25.64 -23.97
C HIS D 260 -14.31 25.45 -24.79
N ARG D 261 -15.21 26.44 -24.77
CA ARG D 261 -16.47 26.34 -25.50
C ARG D 261 -16.26 26.42 -27.00
N VAL D 262 -15.51 27.43 -27.46
CA VAL D 262 -15.34 27.62 -28.90
C VAL D 262 -14.44 26.56 -29.52
N GLU D 263 -13.34 26.21 -28.85
CA GLU D 263 -12.42 25.23 -29.43
C GLU D 263 -13.07 23.85 -29.53
N THR D 264 -12.67 23.13 -30.58
CA THR D 264 -13.20 21.79 -30.82
C THR D 264 -12.82 20.83 -29.70
N GLY D 265 -11.63 21.00 -29.13
CA GLY D 265 -11.12 20.14 -28.08
C GLY D 265 -9.93 19.33 -28.59
N SER D 266 -9.41 18.49 -27.70
CA SER D 266 -8.26 17.67 -28.04
C SER D 266 -8.35 16.32 -27.34
N GLY D 267 -7.73 15.32 -27.98
CA GLY D 267 -7.68 13.98 -27.45
C GLY D 267 -6.29 13.40 -27.67
N ILE D 268 -6.08 12.20 -27.15
CA ILE D 268 -4.79 11.55 -27.24
C ILE D 268 -4.75 10.38 -28.23
N GLY D 269 -5.86 9.71 -28.47
CA GLY D 269 -5.84 8.54 -29.32
C GLY D 269 -5.70 8.80 -30.82
N PHE D 270 -5.74 7.70 -31.57
CA PHE D 270 -5.61 7.75 -33.02
C PHE D 270 -6.77 8.51 -33.66
N GLY D 271 -7.98 8.31 -33.14
CA GLY D 271 -9.15 8.95 -33.70
C GLY D 271 -9.40 10.37 -33.25
N ALA D 272 -8.65 10.85 -32.26
CA ALA D 272 -8.84 12.20 -31.78
C ALA D 272 -8.21 13.21 -32.74
N THR D 273 -8.51 14.48 -32.48
CA THR D 273 -7.99 15.61 -33.25
C THR D 273 -6.96 16.34 -32.41
N VAL D 274 -5.75 16.50 -32.96
CA VAL D 274 -4.66 17.17 -32.29
C VAL D 274 -4.57 18.60 -32.81
N LYS D 275 -4.43 19.55 -31.89
CA LYS D 275 -4.32 20.97 -32.22
C LYS D 275 -2.95 21.47 -31.80
N ALA D 276 -2.25 22.09 -32.74
CA ALA D 276 -0.93 22.63 -32.46
C ALA D 276 -1.03 23.90 -31.63
N LYS D 277 -0.01 24.14 -30.80
CA LYS D 277 0.01 25.33 -29.96
C LYS D 277 0.02 26.60 -30.78
N SER D 278 0.64 26.57 -31.97
CA SER D 278 0.70 27.77 -32.81
C SER D 278 -0.69 28.20 -33.26
N ASP D 279 -1.49 27.27 -33.78
CA ASP D 279 -2.85 27.58 -34.24
C ASP D 279 -3.83 27.47 -33.08
N LYS D 280 -3.74 28.46 -32.18
CA LYS D 280 -4.58 28.54 -31.00
C LYS D 280 -5.16 29.94 -30.90
N ALA D 281 -6.33 30.03 -30.28
CA ALA D 281 -7.00 31.32 -30.15
C ALA D 281 -6.26 32.21 -29.15
N SER D 282 -6.19 33.49 -29.50
CA SER D 282 -5.56 34.51 -28.67
C SER D 282 -6.56 35.08 -27.67
N GLU D 283 -6.05 35.89 -26.75
CA GLU D 283 -6.90 36.51 -25.75
C GLU D 283 -7.90 37.47 -26.39
N GLY D 284 -7.44 38.33 -27.29
CA GLY D 284 -8.33 39.26 -27.95
C GLY D 284 -9.38 38.57 -28.79
N GLU D 285 -8.98 37.51 -29.50
CA GLU D 285 -9.91 36.77 -30.34
C GLU D 285 -11.01 36.11 -29.51
N LEU D 286 -10.64 35.50 -28.38
CA LEU D 286 -11.62 34.83 -27.54
C LEU D 286 -12.57 35.84 -26.90
N LEU D 287 -12.04 36.97 -26.44
CA LEU D 287 -12.87 37.98 -25.80
C LEU D 287 -13.96 38.52 -26.73
N ALA D 288 -13.66 38.59 -28.03
CA ALA D 288 -14.66 39.08 -28.98
C ALA D 288 -15.88 38.16 -29.03
N GLN D 289 -15.67 36.86 -28.80
CA GLN D 289 -16.74 35.88 -28.84
C GLN D 289 -17.38 35.65 -27.47
N VAL D 290 -17.08 36.51 -26.48
CA VAL D 290 -17.66 36.36 -25.14
C VAL D 290 -19.18 36.38 -25.22
N GLU D 291 -19.80 35.53 -24.41
CA GLU D 291 -21.24 35.40 -24.31
C GLU D 291 -21.64 35.37 -22.84
N PRO D 292 -22.92 35.63 -22.53
CA PRO D 292 -23.35 35.59 -21.12
C PRO D 292 -23.05 34.26 -20.43
N GLU D 293 -23.23 33.14 -21.13
CA GLU D 293 -22.96 31.84 -20.53
C GLU D 293 -21.52 31.71 -20.07
N ASP D 294 -20.59 32.39 -20.75
CA ASP D 294 -19.19 32.34 -20.36
C ASP D 294 -18.96 33.05 -19.02
N LEU D 295 -19.59 34.22 -18.84
CA LEU D 295 -19.42 34.96 -17.60
C LEU D 295 -19.97 34.20 -16.40
N ILE D 296 -21.04 33.43 -16.60
CA ILE D 296 -21.62 32.66 -15.50
C ILE D 296 -20.61 31.68 -14.95
N LYS D 297 -19.84 31.02 -15.84
CA LYS D 297 -18.84 30.08 -15.39
C LYS D 297 -17.69 30.79 -14.69
N PHE D 298 -17.39 32.03 -15.09
CA PHE D 298 -16.32 32.79 -14.45
C PHE D 298 -16.62 33.04 -12.98
N GLY D 299 -17.90 33.16 -12.62
CA GLY D 299 -18.30 33.41 -11.24
C GLY D 299 -19.49 34.33 -11.10
N LEU D 300 -19.78 35.11 -12.13
CA LEU D 300 -20.92 36.03 -12.06
C LEU D 300 -22.23 35.25 -11.94
N ILE D 301 -23.23 35.92 -11.37
CA ILE D 301 -24.55 35.33 -11.17
C ILE D 301 -25.37 35.61 -12.42
N PRO D 302 -26.24 34.68 -12.88
CA PRO D 302 -27.04 34.98 -14.09
C PRO D 302 -27.90 36.21 -13.95
N GLU D 303 -28.50 36.41 -12.77
CA GLU D 303 -29.32 37.59 -12.54
C GLU D 303 -28.53 38.88 -12.74
N PHE D 304 -27.21 38.83 -12.53
CA PHE D 304 -26.39 40.03 -12.65
C PHE D 304 -26.18 40.44 -14.10
N ILE D 305 -25.87 39.48 -14.99
CA ILE D 305 -25.65 39.82 -16.39
C ILE D 305 -26.92 40.38 -17.01
N GLY D 306 -28.09 39.89 -16.59
CA GLY D 306 -29.34 40.39 -17.14
C GLY D 306 -29.48 41.90 -16.95
N ARG D 307 -28.95 42.43 -15.85
CA ARG D 307 -28.99 43.86 -15.61
C ARG D 307 -28.01 44.61 -16.50
N LEU D 308 -27.04 43.91 -17.11
CA LEU D 308 -26.02 44.49 -17.99
C LEU D 308 -26.19 43.90 -19.38
N PRO D 309 -27.16 44.38 -20.17
CA PRO D 309 -27.33 43.81 -21.52
C PRO D 309 -26.22 44.18 -22.48
N VAL D 310 -25.77 45.42 -22.45
CA VAL D 310 -24.73 45.89 -23.36
C VAL D 310 -23.37 45.50 -22.81
N VAL D 311 -22.57 44.84 -23.64
CA VAL D 311 -21.23 44.41 -23.30
C VAL D 311 -20.30 44.91 -24.39
N ALA D 312 -19.31 45.72 -24.00
CA ALA D 312 -18.34 46.30 -24.93
C ALA D 312 -16.95 45.90 -24.46
N THR D 313 -16.28 45.05 -25.22
CA THR D 313 -14.95 44.59 -24.88
C THR D 313 -13.90 45.51 -25.50
N LEU D 314 -12.73 45.54 -24.87
CA LEU D 314 -11.60 46.36 -25.31
C LEU D 314 -10.45 45.45 -25.70
N ASN D 315 -9.90 45.67 -26.88
CA ASN D 315 -8.80 44.86 -27.37
C ASN D 315 -7.47 45.35 -26.79
N GLU D 316 -6.46 44.49 -26.88
CA GLU D 316 -5.14 44.82 -26.38
C GLU D 316 -4.49 45.85 -27.28
N LEU D 317 -3.80 46.82 -26.68
CA LEU D 317 -3.15 47.87 -27.44
C LEU D 317 -1.97 47.31 -28.23
N SER D 318 -1.87 47.72 -29.49
CA SER D 318 -0.81 47.30 -30.38
C SER D 318 0.34 48.32 -30.33
N GLU D 319 1.47 47.93 -30.95
CA GLU D 319 2.62 48.83 -30.98
C GLU D 319 2.28 50.15 -31.66
N GLU D 320 1.51 50.09 -32.75
CA GLU D 320 1.11 51.30 -33.44
C GLU D 320 0.29 52.20 -32.53
N ALA D 321 -0.64 51.61 -31.78
CA ALA D 321 -1.46 52.39 -30.86
C ALA D 321 -0.62 52.96 -29.72
N LEU D 322 0.28 52.15 -29.16
CA LEU D 322 1.15 52.62 -28.08
C LEU D 322 1.98 53.80 -28.51
N ILE D 323 2.47 53.78 -29.75
CA ILE D 323 3.28 54.88 -30.28
C ILE D 323 2.43 56.16 -30.33
N GLN D 324 1.19 56.04 -30.80
CA GLN D 324 0.32 57.21 -30.89
C GLN D 324 -0.01 57.76 -29.51
N ILE D 325 -0.19 56.87 -28.53
CA ILE D 325 -0.51 57.30 -27.16
C ILE D 325 0.60 58.16 -26.58
N LEU D 326 1.85 57.91 -26.99
CA LEU D 326 2.97 58.67 -26.45
C LEU D 326 2.97 60.14 -26.87
N LYS D 327 2.40 60.46 -28.04
CA LYS D 327 2.38 61.85 -28.52
C LYS D 327 1.01 62.41 -28.89
N GLU D 328 0.13 61.57 -29.43
CA GLU D 328 -1.17 62.08 -29.89
C GLU D 328 -2.08 62.62 -28.79
N PRO D 329 -2.35 61.90 -27.69
CA PRO D 329 -3.28 62.44 -26.69
C PRO D 329 -2.78 63.73 -26.03
N LYS D 330 -3.73 64.38 -25.35
CA LYS D 330 -3.45 65.64 -24.67
C LYS D 330 -2.46 65.46 -23.53
N ASN D 331 -2.60 64.39 -22.76
CA ASN D 331 -1.76 64.11 -21.60
C ASN D 331 -1.07 62.77 -21.85
N ALA D 332 0.09 62.82 -22.49
CA ALA D 332 0.90 61.66 -22.81
C ALA D 332 2.15 61.65 -21.95
N LEU D 333 2.85 60.52 -22.00
CA LEU D 333 4.08 60.38 -21.22
C LEU D 333 5.14 61.38 -21.68
N THR D 334 5.31 61.51 -23.00
CA THR D 334 6.30 62.46 -23.53
C THR D 334 5.94 63.88 -23.14
N LYS D 335 4.67 64.25 -23.28
CA LYS D 335 4.23 65.58 -22.91
C LYS D 335 4.42 65.83 -21.43
N GLN D 336 4.21 64.80 -20.60
CA GLN D 336 4.37 64.95 -19.16
C GLN D 336 5.81 65.30 -18.80
N TYR D 337 6.76 64.46 -19.23
CA TYR D 337 8.17 64.73 -18.93
C TYR D 337 8.64 66.00 -19.62
N GLN D 338 8.08 66.31 -20.79
CA GLN D 338 8.45 67.54 -21.49
C GLN D 338 8.16 68.75 -20.63
N ALA D 339 6.93 68.83 -20.08
CA ALA D 339 6.58 69.94 -19.21
C ALA D 339 7.34 69.86 -17.90
N LEU D 340 7.61 68.64 -17.42
CA LEU D 340 8.37 68.45 -16.19
C LEU D 340 9.73 69.14 -16.28
N PHE D 341 10.37 69.07 -17.45
CA PHE D 341 11.66 69.67 -17.67
C PHE D 341 11.58 71.13 -18.09
N ASN D 342 10.45 71.55 -18.68
CA ASN D 342 10.32 72.94 -19.12
C ASN D 342 10.45 73.92 -17.96
N LEU D 343 9.85 73.59 -16.81
CA LEU D 343 9.96 74.48 -15.65
C LEU D 343 11.39 74.56 -15.17
N GLU D 344 12.14 73.46 -15.28
CA GLU D 344 13.54 73.45 -14.88
C GLU D 344 14.41 74.31 -15.79
N GLY D 345 13.95 74.61 -17.00
CA GLY D 345 14.70 75.41 -17.95
C GLY D 345 15.38 74.61 -19.05
N VAL D 346 15.11 73.31 -19.15
CA VAL D 346 15.71 72.44 -20.15
C VAL D 346 14.59 71.85 -21.01
N ASP D 347 14.78 71.90 -22.33
CA ASP D 347 13.81 71.32 -23.25
C ASP D 347 14.06 69.83 -23.42
N LEU D 348 12.99 69.11 -23.75
CA LEU D 348 13.03 67.66 -23.93
C LEU D 348 12.50 67.32 -25.32
N GLU D 349 13.25 66.47 -26.03
CA GLU D 349 12.89 66.05 -27.39
C GLU D 349 13.02 64.54 -27.49
N PHE D 350 11.94 63.89 -27.89
CA PHE D 350 11.89 62.43 -28.05
C PHE D 350 11.81 62.11 -29.54
N ARG D 351 12.82 61.42 -30.04
CA ARG D 351 12.84 61.06 -31.46
C ARG D 351 11.81 60.00 -31.76
N ASP D 352 11.35 59.98 -33.01
CA ASP D 352 10.33 59.03 -33.43
C ASP D 352 10.81 57.59 -33.32
N GLU D 353 12.07 57.33 -33.65
CA GLU D 353 12.60 55.97 -33.57
C GLU D 353 12.60 55.47 -32.13
N ALA D 354 12.85 56.36 -31.17
CA ALA D 354 12.86 55.97 -29.76
C ALA D 354 11.49 55.51 -29.30
N LEU D 355 10.44 56.23 -29.72
CA LEU D 355 9.08 55.87 -29.32
C LEU D 355 8.73 54.46 -29.78
N ASP D 356 9.09 54.10 -31.01
CA ASP D 356 8.79 52.76 -31.52
C ASP D 356 9.49 51.70 -30.71
N ALA D 357 10.72 51.97 -30.27
CA ALA D 357 11.45 50.99 -29.46
C ALA D 357 10.79 50.80 -28.10
N ILE D 358 10.26 51.89 -27.53
CA ILE D 358 9.60 51.80 -26.22
C ILE D 358 8.36 50.92 -26.32
N ALA D 359 7.62 51.03 -27.43
CA ALA D 359 6.43 50.23 -27.61
C ALA D 359 6.74 48.73 -27.59
N LYS D 360 7.83 48.33 -28.23
CA LYS D 360 8.21 46.92 -28.25
C LYS D 360 8.58 46.45 -26.84
N LYS D 361 9.34 47.26 -26.10
CA LYS D 361 9.73 46.88 -24.75
C LYS D 361 8.52 46.81 -23.83
N ALA D 362 7.55 47.70 -24.02
CA ALA D 362 6.36 47.71 -23.18
C ALA D 362 5.55 46.44 -23.32
N MET D 363 5.41 45.95 -24.57
CA MET D 363 4.66 44.73 -24.81
C MET D 363 5.22 43.55 -24.01
N ALA D 364 6.55 43.49 -23.87
CA ALA D 364 7.16 42.41 -23.11
C ALA D 364 6.74 42.45 -21.65
N ARG D 365 6.53 43.66 -21.10
CA ARG D 365 6.14 43.78 -19.70
C ARG D 365 4.76 43.21 -19.43
N LYS D 366 3.87 43.21 -20.44
CA LYS D 366 2.51 42.69 -20.31
C LYS D 366 1.67 43.48 -19.32
N THR D 367 2.04 44.73 -19.05
CA THR D 367 1.33 45.58 -18.11
C THR D 367 0.45 46.62 -18.79
N GLY D 368 0.31 46.57 -20.11
CA GLY D 368 -0.50 47.53 -20.81
C GLY D 368 0.22 48.85 -21.02
N ALA D 369 -0.56 49.92 -21.17
CA ALA D 369 0.01 51.24 -21.38
C ALA D 369 0.89 51.68 -20.21
N ARG D 370 0.59 51.20 -19.00
CA ARG D 370 1.39 51.57 -17.83
C ARG D 370 2.84 51.14 -17.95
N GLY D 371 3.13 50.13 -18.77
CA GLY D 371 4.51 49.69 -18.93
C GLY D 371 5.40 50.76 -19.54
N LEU D 372 4.83 51.62 -20.38
CA LEU D 372 5.60 52.68 -21.02
C LEU D 372 6.28 53.59 -20.00
N ARG D 373 5.60 53.87 -18.89
CA ARG D 373 6.16 54.76 -17.87
C ARG D 373 7.42 54.15 -17.26
N SER D 374 7.45 52.84 -17.08
CA SER D 374 8.63 52.19 -16.50
C SER D 374 9.83 52.31 -17.43
N ILE D 375 9.62 52.15 -18.74
CA ILE D 375 10.71 52.23 -19.70
C ILE D 375 11.30 53.63 -19.74
N VAL D 376 10.45 54.66 -19.72
CA VAL D 376 10.93 56.03 -19.79
C VAL D 376 11.69 56.40 -18.52
N GLU D 377 11.16 56.01 -17.35
CA GLU D 377 11.81 56.35 -16.09
C GLU D 377 13.20 55.74 -15.99
N ALA D 378 13.35 54.47 -16.42
CA ALA D 378 14.65 53.82 -16.35
C ALA D 378 15.66 54.52 -17.24
N ALA D 379 15.23 54.94 -18.44
CA ALA D 379 16.15 55.62 -19.36
C ALA D 379 16.60 56.96 -18.82
N LEU D 380 15.66 57.74 -18.28
CA LEU D 380 15.95 59.08 -17.75
C LEU D 380 16.24 59.09 -16.25
N LEU D 381 16.45 57.93 -15.64
CA LEU D 381 16.72 57.88 -14.20
C LEU D 381 18.03 58.62 -13.87
N ASP D 382 19.13 58.20 -14.51
CA ASP D 382 20.41 58.84 -14.25
C ASP D 382 20.44 60.27 -14.74
N THR D 383 19.79 60.54 -15.88
CA THR D 383 19.77 61.88 -16.44
C THR D 383 19.15 62.89 -15.47
N MET D 384 17.95 62.59 -14.97
CA MET D 384 17.27 63.50 -14.04
C MET D 384 18.06 63.67 -12.74
N TYR D 385 18.84 62.66 -12.36
CA TYR D 385 19.61 62.76 -11.11
C TYR D 385 20.67 63.86 -11.20
N ASP D 386 21.34 63.98 -12.34
CA ASP D 386 22.40 64.97 -12.54
C ASP D 386 21.97 66.20 -13.33
N LEU D 387 20.77 66.21 -13.90
CA LEU D 387 20.33 67.35 -14.70
C LEU D 387 20.26 68.68 -13.94
N PRO D 388 19.73 68.76 -12.71
CA PRO D 388 19.65 70.07 -12.06
C PRO D 388 20.99 70.73 -11.79
N SER D 389 22.00 69.97 -11.37
CA SER D 389 23.29 70.57 -11.07
C SER D 389 23.98 71.08 -12.33
N MET D 390 23.74 70.44 -13.47
CA MET D 390 24.36 70.88 -14.72
C MET D 390 23.96 72.33 -15.03
N GLU D 391 24.79 72.99 -15.83
CA GLU D 391 24.61 74.39 -16.20
C GLU D 391 24.26 74.54 -17.67
N ASP D 392 23.41 75.53 -17.94
CA ASP D 392 22.97 75.95 -19.28
C ASP D 392 22.66 74.80 -20.25
N VAL D 393 21.98 73.77 -19.77
CA VAL D 393 21.60 72.64 -20.63
C VAL D 393 20.34 73.09 -21.37
N GLU D 394 20.52 73.57 -22.60
CA GLU D 394 19.42 74.10 -23.38
C GLU D 394 18.52 73.02 -23.97
N LYS D 395 19.06 71.84 -24.30
CA LYS D 395 18.23 70.80 -24.90
C LYS D 395 18.82 69.43 -24.63
N VAL D 396 17.94 68.43 -24.67
CA VAL D 396 18.29 67.03 -24.47
C VAL D 396 17.62 66.25 -25.59
N VAL D 397 18.30 65.21 -26.09
CA VAL D 397 17.80 64.38 -27.19
C VAL D 397 17.90 62.92 -26.79
N ILE D 398 16.84 62.17 -27.06
CA ILE D 398 16.75 60.75 -26.79
C ILE D 398 16.49 60.03 -28.10
N ASP D 399 17.22 58.95 -28.34
CA ASP D 399 17.09 58.16 -29.56
C ASP D 399 17.09 56.68 -29.19
N GLU D 400 16.83 55.85 -30.21
CA GLU D 400 16.78 54.40 -30.03
C GLU D 400 18.00 53.83 -29.32
N SER D 401 19.17 54.44 -29.53
CA SER D 401 20.39 53.97 -28.87
C SER D 401 20.30 54.11 -27.34
N VAL D 402 19.47 55.02 -26.85
CA VAL D 402 19.32 55.22 -25.41
C VAL D 402 18.33 54.22 -24.81
N ILE D 403 17.36 53.76 -25.61
CA ILE D 403 16.35 52.84 -25.10
C ILE D 403 16.97 51.52 -24.65
N ASP D 404 17.77 50.90 -25.51
CA ASP D 404 18.37 49.62 -25.14
C ASP D 404 19.42 49.76 -24.05
N GLY D 405 20.03 50.95 -23.91
CA GLY D 405 21.02 51.22 -22.89
C GLY D 405 22.45 51.28 -23.37
N GLN D 406 22.72 50.91 -24.63
CA GLN D 406 24.08 50.95 -25.14
C GLN D 406 24.65 52.37 -25.12
N SER D 407 23.81 53.37 -25.35
CA SER D 407 24.20 54.76 -25.41
C SER D 407 23.53 55.55 -24.29
N GLU D 408 24.05 56.77 -24.07
CA GLU D 408 23.60 57.72 -23.06
C GLU D 408 22.92 58.89 -23.76
N PRO D 409 21.86 59.48 -23.18
CA PRO D 409 21.20 60.61 -23.86
C PRO D 409 22.15 61.78 -24.05
N LEU D 410 22.03 62.42 -25.21
CA LEU D 410 22.89 63.55 -25.54
C LEU D 410 22.46 64.79 -24.78
N LEU D 411 23.45 65.56 -24.32
CA LEU D 411 23.23 66.79 -23.58
C LEU D 411 23.84 67.94 -24.35
N ILE D 412 23.02 68.93 -24.70
CA ILE D 412 23.46 70.11 -25.44
C ILE D 412 23.62 71.25 -24.46
N TYR D 413 24.77 71.93 -24.53
CA TYR D 413 25.09 73.05 -23.66
C TYR D 413 25.05 74.33 -24.47
N GLY D 414 24.37 75.34 -23.94
CA GLY D 414 24.25 76.62 -24.60
C GLY D 414 25.42 77.53 -24.33
N ALA E 63 13.82 76.92 -2.60
CA ALA E 63 14.29 76.07 -3.69
C ALA E 63 14.18 74.60 -3.31
N LEU E 64 13.66 73.79 -4.24
CA LEU E 64 13.52 72.37 -3.97
C LEU E 64 14.90 71.71 -3.90
N PRO E 65 15.13 70.81 -2.93
CA PRO E 65 16.46 70.18 -2.86
C PRO E 65 16.71 69.27 -4.06
N THR E 66 17.90 69.39 -4.64
CA THR E 66 18.26 68.60 -5.80
C THR E 66 18.52 67.15 -5.39
N PRO E 67 18.54 66.23 -6.37
CA PRO E 67 18.81 64.82 -6.02
C PRO E 67 20.15 64.62 -5.31
N HIS E 68 21.17 65.39 -5.68
CA HIS E 68 22.47 65.27 -5.02
C HIS E 68 22.35 65.54 -3.54
N GLU E 69 21.61 66.59 -3.16
CA GLU E 69 21.44 66.90 -1.74
C GLU E 69 20.68 65.78 -1.04
N ILE E 70 19.62 65.28 -1.66
CA ILE E 70 18.85 64.20 -1.06
C ILE E 70 19.70 62.94 -0.98
N ARG E 71 20.49 62.66 -2.02
CA ARG E 71 21.35 61.49 -2.02
C ARG E 71 22.41 61.60 -0.93
N ASN E 72 22.93 62.81 -0.71
CA ASN E 72 23.95 63.00 0.33
C ASN E 72 23.40 62.61 1.71
N HIS E 73 22.16 63.02 2.00
CA HIS E 73 21.55 62.66 3.28
C HIS E 73 21.40 61.16 3.41
N LEU E 74 20.96 60.49 2.34
CA LEU E 74 20.81 59.04 2.37
C LEU E 74 22.18 58.37 2.50
N ASP E 75 23.20 58.94 1.85
CA ASP E 75 24.55 58.38 1.94
C ASP E 75 25.06 58.42 3.37
N ASP E 76 24.68 59.46 4.13
CA ASP E 76 25.13 59.58 5.51
C ASP E 76 24.64 58.43 6.37
N TYR E 77 23.37 58.04 6.21
CA TYR E 77 22.78 56.97 7.00
C TYR E 77 22.75 55.61 6.31
N VAL E 78 22.82 55.56 4.98
CA VAL E 78 22.78 54.32 4.22
C VAL E 78 24.02 54.22 3.35
N ILE E 79 24.58 53.01 3.28
CA ILE E 79 25.79 52.73 2.51
C ILE E 79 25.57 51.46 1.68
N GLY E 80 26.10 51.46 0.46
CA GLY E 80 26.01 50.31 -0.41
C GLY E 80 24.74 50.18 -1.23
N GLN E 81 23.90 51.22 -1.28
CA GLN E 81 22.64 51.21 -2.01
C GLN E 81 22.56 52.43 -2.92
N GLU E 82 23.66 52.69 -3.64
CA GLU E 82 23.74 53.85 -4.53
C GLU E 82 22.60 53.89 -5.54
N GLN E 83 22.29 52.75 -6.16
CA GLN E 83 21.22 52.72 -7.15
C GLN E 83 19.86 53.01 -6.51
N ALA E 84 19.60 52.46 -5.34
CA ALA E 84 18.33 52.70 -4.66
C ALA E 84 18.16 54.17 -4.29
N LYS E 85 19.25 54.80 -3.83
CA LYS E 85 19.18 56.20 -3.43
C LYS E 85 18.81 57.10 -4.59
N LYS E 86 19.34 56.81 -5.78
CA LYS E 86 19.04 57.64 -6.94
C LYS E 86 17.57 57.62 -7.28
N VAL E 87 16.95 56.43 -7.27
CA VAL E 87 15.53 56.31 -7.60
C VAL E 87 14.68 57.08 -6.60
N LEU E 88 14.96 56.90 -5.31
CA LEU E 88 14.19 57.61 -4.29
C LEU E 88 14.50 59.10 -4.32
N ALA E 89 15.76 59.47 -4.56
CA ALA E 89 16.13 60.88 -4.58
C ALA E 89 15.46 61.61 -5.74
N VAL E 90 15.52 61.03 -6.94
CA VAL E 90 14.90 61.67 -8.09
C VAL E 90 13.38 61.67 -7.94
N ALA E 91 12.82 60.58 -7.41
CA ALA E 91 11.37 60.51 -7.20
C ALA E 91 10.91 61.59 -6.24
N VAL E 92 11.65 61.77 -5.13
CA VAL E 92 11.30 62.81 -4.17
C VAL E 92 11.42 64.18 -4.82
N TYR E 93 12.47 64.38 -5.62
CA TYR E 93 12.67 65.65 -6.31
C TYR E 93 11.55 65.89 -7.32
N ASN E 94 11.21 64.86 -8.10
CA ASN E 94 10.14 64.99 -9.07
C ASN E 94 8.80 65.19 -8.36
N HIS E 95 8.61 64.52 -7.22
CA HIS E 95 7.38 64.69 -6.45
C HIS E 95 7.22 66.13 -6.01
N TYR E 96 8.30 66.74 -5.53
CA TYR E 96 8.23 68.15 -5.12
C TYR E 96 7.90 69.03 -6.32
N LYS E 97 8.47 68.70 -7.48
CA LYS E 97 8.18 69.47 -8.69
C LYS E 97 6.71 69.38 -9.06
N ARG E 98 6.12 68.19 -8.91
CA ARG E 98 4.70 68.04 -9.19
C ARG E 98 3.88 68.86 -8.22
N LEU E 99 4.24 68.81 -6.93
CA LEU E 99 3.55 69.62 -5.94
C LEU E 99 3.83 71.10 -6.17
N ARG E 100 5.06 71.44 -6.54
CA ARG E 100 5.40 72.82 -6.86
C ARG E 100 4.64 73.27 -8.09
N ASN E 101 4.44 72.36 -9.04
CA ASN E 101 3.67 72.60 -10.26
C ASN E 101 2.20 72.24 -10.06
N GLY E 102 1.72 72.23 -8.81
CA GLY E 102 0.34 71.89 -8.53
C GLY E 102 -0.67 72.74 -9.26
N ASP E 103 -0.32 73.99 -9.56
CA ASP E 103 -1.23 74.86 -10.30
C ASP E 103 -1.57 74.22 -11.65
N THR E 104 -0.55 73.75 -12.36
CA THR E 104 -0.70 73.05 -13.63
C THR E 104 -1.44 73.92 -14.65
N SER E 105 -0.87 75.10 -14.90
CA SER E 105 -1.45 76.02 -15.88
C SER E 105 -1.51 75.37 -17.26
N ASN E 106 -0.51 74.57 -17.59
CA ASN E 106 -0.48 73.88 -18.88
C ASN E 106 -1.50 72.75 -18.90
N GLY E 107 -1.98 72.44 -20.11
CA GLY E 107 -2.96 71.38 -20.27
C GLY E 107 -2.48 70.02 -19.81
N VAL E 108 -1.17 69.75 -19.91
CA VAL E 108 -0.64 68.44 -19.52
C VAL E 108 -0.82 68.22 -18.02
N GLU E 109 -1.24 67.00 -17.67
CA GLU E 109 -1.44 66.58 -16.29
C GLU E 109 -0.30 65.63 -15.93
N LEU E 110 0.55 66.07 -15.01
CA LEU E 110 1.70 65.26 -14.60
C LEU E 110 1.26 63.96 -13.95
N GLY E 111 1.82 62.85 -14.43
CA GLY E 111 1.51 61.54 -13.88
C GLY E 111 2.31 61.23 -12.64
N LYS E 112 1.94 60.13 -11.99
CA LYS E 112 2.58 59.66 -10.76
C LYS E 112 3.21 58.30 -11.01
N SER E 113 4.44 58.13 -10.54
CA SER E 113 5.18 56.88 -10.68
C SER E 113 5.55 56.37 -9.30
N ASN E 114 5.17 55.13 -9.00
CA ASN E 114 5.44 54.50 -7.71
C ASN E 114 6.71 53.65 -7.79
N ILE E 115 7.32 53.45 -6.62
CA ILE E 115 8.57 52.70 -6.49
C ILE E 115 8.28 51.33 -5.85
N LEU E 116 9.06 50.33 -6.27
CA LEU E 116 8.96 48.97 -5.77
C LEU E 116 10.36 48.50 -5.35
N LEU E 117 10.67 48.64 -4.07
CA LEU E 117 11.98 48.26 -3.54
C LEU E 117 12.01 46.76 -3.21
N ILE E 118 12.73 45.99 -4.00
CA ILE E 118 12.87 44.55 -3.82
C ILE E 118 14.29 44.27 -3.36
N GLY E 119 14.45 43.74 -2.15
CA GLY E 119 15.77 43.44 -1.64
C GLY E 119 15.77 42.47 -0.47
N PRO E 120 16.92 41.84 -0.19
CA PRO E 120 16.97 40.89 0.92
C PRO E 120 16.79 41.59 2.26
N THR E 121 16.32 40.82 3.24
CA THR E 121 16.13 41.35 4.57
C THR E 121 17.46 41.78 5.16
N GLY E 122 17.44 42.91 5.87
CA GLY E 122 18.65 43.44 6.47
C GLY E 122 19.51 44.26 5.54
N SER E 123 19.00 44.64 4.37
CA SER E 123 19.72 45.44 3.39
C SER E 123 19.43 46.93 3.52
N GLY E 124 18.63 47.33 4.50
CA GLY E 124 18.30 48.73 4.71
C GLY E 124 17.10 49.24 3.94
N LYS E 125 16.18 48.37 3.54
CA LYS E 125 14.99 48.83 2.84
C LYS E 125 14.16 49.73 3.74
N THR E 126 13.92 49.28 4.98
CA THR E 126 13.17 50.08 5.94
C THR E 126 13.95 51.33 6.34
N LEU E 127 15.28 51.20 6.45
CA LEU E 127 16.12 52.33 6.84
C LEU E 127 16.01 53.48 5.85
N LEU E 128 15.93 53.18 4.56
CA LEU E 128 15.81 54.22 3.55
C LEU E 128 14.54 55.06 3.77
N ALA E 129 13.45 54.40 4.14
CA ALA E 129 12.20 55.12 4.39
C ALA E 129 12.30 55.99 5.64
N GLU E 130 12.93 55.47 6.69
CA GLU E 130 13.06 56.22 7.94
C GLU E 130 13.98 57.42 7.78
N THR E 131 15.01 57.32 6.92
CA THR E 131 15.95 58.41 6.74
C THR E 131 15.38 59.56 5.92
N LEU E 132 14.20 59.40 5.32
CA LEU E 132 13.58 60.45 4.53
C LEU E 132 12.63 61.33 5.35
N ALA E 133 11.98 60.75 6.36
CA ALA E 133 11.06 61.51 7.19
C ALA E 133 11.74 62.70 7.87
N ARG E 134 13.04 62.59 8.14
CA ARG E 134 13.76 63.68 8.78
C ARG E 134 13.73 64.94 7.94
N LEU E 135 13.99 64.81 6.64
CA LEU E 135 14.03 65.95 5.72
C LEU E 135 12.71 66.17 4.98
N LEU E 136 11.93 65.11 4.76
CA LEU E 136 10.66 65.23 4.03
C LEU E 136 9.75 66.29 4.64
N ASP E 137 9.28 67.20 3.79
CA ASP E 137 8.38 68.26 4.22
C ASP E 137 6.94 67.78 4.30
N VAL E 138 6.52 66.93 3.37
CA VAL E 138 5.16 66.41 3.33
C VAL E 138 5.00 65.32 4.36
N PRO E 139 3.79 65.00 4.82
CA PRO E 139 3.63 63.92 5.80
C PRO E 139 4.05 62.57 5.25
N PHE E 140 4.79 61.82 6.06
CA PHE E 140 5.29 60.50 5.71
C PHE E 140 4.98 59.53 6.83
N THR E 141 4.60 58.31 6.46
CA THR E 141 4.28 57.27 7.43
C THR E 141 4.73 55.92 6.88
N MET E 142 4.78 54.94 7.79
CA MET E 142 5.18 53.58 7.46
C MET E 142 4.11 52.61 7.94
N ALA E 143 3.91 51.53 7.19
CA ALA E 143 2.92 50.53 7.51
C ALA E 143 3.45 49.15 7.15
N ASP E 144 2.62 48.13 7.38
CA ASP E 144 2.95 46.74 7.09
C ASP E 144 1.82 46.13 6.27
N ALA E 145 2.18 45.51 5.15
CA ALA E 145 1.19 44.90 4.28
C ALA E 145 0.55 43.65 4.90
N THR E 146 1.33 42.90 5.70
CA THR E 146 0.80 41.67 6.30
C THR E 146 -0.44 41.94 7.14
N THR E 147 -0.46 43.07 7.85
CA THR E 147 -1.63 43.40 8.67
C THR E 147 -2.86 43.65 7.81
N LEU E 148 -2.68 44.30 6.66
CA LEU E 148 -3.79 44.61 5.78
C LEU E 148 -4.49 43.34 5.30
N THR E 149 -5.81 43.44 5.15
CA THR E 149 -6.63 42.33 4.67
C THR E 149 -7.77 42.89 3.83
N GLU E 150 -8.44 42.00 3.12
CA GLU E 150 -9.56 42.37 2.29
C GLU E 150 -10.71 42.91 3.14
N ALA E 151 -11.53 43.76 2.54
CA ALA E 151 -12.65 44.36 3.24
C ALA E 151 -13.68 43.29 3.59
N GLY E 152 -14.43 43.55 4.66
CA GLY E 152 -15.44 42.61 5.11
C GLY E 152 -14.92 41.46 5.94
N TYR E 153 -13.68 41.53 6.43
CA TYR E 153 -13.07 40.48 7.23
C TYR E 153 -12.50 41.08 8.49
N VAL E 154 -12.27 40.20 9.48
CA VAL E 154 -11.79 40.60 10.80
C VAL E 154 -10.33 41.03 10.83
N GLY E 155 -9.55 40.78 9.79
CA GLY E 155 -8.15 41.16 9.86
C GLY E 155 -7.89 42.66 9.86
N GLU E 156 -8.18 43.33 8.74
CA GLU E 156 -7.97 44.77 8.60
C GLU E 156 -8.50 45.23 7.25
N ASP E 157 -8.42 46.54 6.99
CA ASP E 157 -8.83 47.15 5.73
C ASP E 157 -7.66 47.98 5.21
N VAL E 158 -7.63 48.19 3.89
CA VAL E 158 -6.53 48.93 3.27
C VAL E 158 -6.62 50.43 3.52
N GLU E 159 -7.78 50.95 3.92
CA GLU E 159 -7.89 52.39 4.18
C GLU E 159 -7.18 52.80 5.46
N ASN E 160 -6.75 51.86 6.29
CA ASN E 160 -6.02 52.22 7.51
C ASN E 160 -4.69 52.86 7.18
N ILE E 161 -4.14 52.60 5.99
CA ILE E 161 -2.87 53.20 5.61
C ILE E 161 -3.00 54.72 5.58
N ILE E 162 -4.11 55.22 5.03
CA ILE E 162 -4.34 56.66 5.00
C ILE E 162 -4.54 57.18 6.42
N GLN E 163 -5.17 56.37 7.28
CA GLN E 163 -5.38 56.77 8.67
C GLN E 163 -4.06 57.03 9.37
N LYS E 164 -3.07 56.17 9.15
CA LYS E 164 -1.75 56.39 9.76
C LYS E 164 -1.14 57.68 9.24
N LEU E 165 -1.28 57.93 7.94
CA LEU E 165 -0.76 59.17 7.37
C LEU E 165 -1.48 60.38 7.94
N LEU E 166 -2.79 60.24 8.20
CA LEU E 166 -3.55 61.35 8.74
C LEU E 166 -3.05 61.77 10.11
N GLN E 167 -2.55 60.83 10.90
CA GLN E 167 -2.04 61.14 12.23
C GLN E 167 -0.90 62.15 12.17
N LYS E 168 0.03 61.97 11.24
CA LYS E 168 1.18 62.87 11.14
C LYS E 168 0.79 64.26 10.66
N CYS E 169 -0.19 64.36 9.77
CA CYS E 169 -0.60 65.63 9.19
C CYS E 169 -1.60 66.40 10.05
N ASP E 170 -1.82 65.97 11.29
CA ASP E 170 -2.80 66.60 12.19
C ASP E 170 -4.20 66.44 11.62
N TYR E 171 -4.45 65.32 10.95
CA TYR E 171 -5.75 64.99 10.38
C TYR E 171 -6.25 66.06 9.40
N ASP E 172 -5.34 66.55 8.57
CA ASP E 172 -5.63 67.57 7.55
C ASP E 172 -5.51 66.88 6.20
N VAL E 173 -6.65 66.69 5.53
CA VAL E 173 -6.67 65.99 4.25
C VAL E 173 -5.95 66.78 3.16
N GLN E 174 -5.98 68.12 3.22
CA GLN E 174 -5.35 68.92 2.17
C GLN E 174 -3.86 68.61 2.03
N LYS E 175 -3.12 68.69 3.14
CA LYS E 175 -1.70 68.38 3.07
C LYS E 175 -1.46 66.88 2.92
N ALA E 176 -2.39 66.05 3.44
CA ALA E 176 -2.24 64.61 3.32
C ALA E 176 -2.20 64.16 1.87
N GLN E 177 -2.95 64.83 1.00
CA GLN E 177 -2.97 64.48 -0.41
C GLN E 177 -1.60 64.62 -1.06
N ARG E 178 -0.73 65.46 -0.50
CA ARG E 178 0.62 65.66 -1.01
C ARG E 178 1.66 64.81 -0.26
N GLY E 179 1.21 63.89 0.61
CA GLY E 179 2.12 63.06 1.36
C GLY E 179 2.67 61.90 0.58
N ILE E 180 3.60 61.20 1.21
CA ILE E 180 4.26 60.01 0.65
C ILE E 180 3.99 58.86 1.61
N VAL E 181 3.81 57.67 1.05
CA VAL E 181 3.48 56.48 1.83
C VAL E 181 4.48 55.37 1.54
N TYR E 182 4.73 54.54 2.55
CA TYR E 182 5.61 53.39 2.46
C TYR E 182 4.86 52.17 2.95
N ILE E 183 4.99 51.05 2.22
CA ILE E 183 4.32 49.80 2.54
C ILE E 183 5.38 48.71 2.63
N ASP E 184 5.54 48.14 3.82
CA ASP E 184 6.53 47.11 4.08
C ASP E 184 5.92 45.71 4.01
N GLU E 185 6.79 44.73 3.80
CA GLU E 185 6.43 43.30 3.75
C GLU E 185 5.35 43.00 2.70
N ILE E 186 5.50 43.59 1.51
CA ILE E 186 4.53 43.33 0.45
C ILE E 186 4.71 41.93 -0.15
N ASP E 187 5.84 41.28 0.11
CA ASP E 187 6.08 39.94 -0.44
C ASP E 187 5.08 38.92 0.08
N LYS E 188 4.65 39.04 1.34
CA LYS E 188 3.71 38.09 1.93
C LYS E 188 2.34 38.10 1.25
N ILE E 189 2.02 39.15 0.49
CA ILE E 189 0.72 39.25 -0.15
C ILE E 189 0.63 38.40 -1.43
N SER E 190 1.75 37.94 -1.96
CA SER E 190 1.75 37.16 -3.19
C SER E 190 1.07 35.81 -3.01
N ARG E 191 0.38 35.36 -4.07
CA ARG E 191 -0.22 34.03 -4.08
C ARG E 191 0.90 33.01 -4.19
N LYS E 192 0.68 31.81 -3.66
CA LYS E 192 1.77 30.84 -3.71
C LYS E 192 1.91 30.24 -5.11
N SER E 193 0.90 29.48 -5.54
CA SER E 193 0.87 28.93 -6.90
C SER E 193 -0.41 28.13 -7.15
N ASP E 194 -0.84 28.08 -8.42
CA ASP E 194 -1.97 27.27 -8.91
C ASP E 194 -3.14 27.18 -7.93
N ASN E 195 -3.61 28.36 -7.47
CA ASN E 195 -4.71 28.36 -6.50
C ASN E 195 -6.04 28.56 -7.21
N PRO E 196 -7.07 27.72 -7.00
CA PRO E 196 -8.35 27.97 -7.67
C PRO E 196 -9.10 29.17 -7.12
N SER E 197 -8.71 29.67 -5.95
CA SER E 197 -9.30 30.82 -5.26
C SER E 197 -10.62 30.47 -4.58
N ILE E 198 -11.02 29.19 -4.55
CA ILE E 198 -12.27 28.81 -3.89
C ILE E 198 -12.24 29.21 -2.43
N THR E 199 -11.05 29.17 -1.81
CA THR E 199 -10.90 29.56 -0.42
C THR E 199 -11.12 31.07 -0.23
N ARG E 200 -11.08 31.85 -1.31
CA ARG E 200 -11.23 33.31 -1.24
C ARG E 200 -10.14 33.89 -0.32
N ASP E 201 -8.91 33.71 -0.77
CA ASP E 201 -7.75 34.19 -0.03
C ASP E 201 -7.91 35.66 0.31
N VAL E 202 -7.73 35.98 1.59
CA VAL E 202 -7.91 37.32 2.11
C VAL E 202 -6.57 38.01 2.35
N SER E 203 -5.65 37.33 3.03
CA SER E 203 -4.34 37.90 3.31
C SER E 203 -3.55 38.20 2.05
N GLY E 204 -3.80 37.47 0.97
CA GLY E 204 -3.05 37.63 -0.26
C GLY E 204 -3.69 38.42 -1.38
N GLU E 205 -4.22 37.71 -2.39
CA GLU E 205 -4.82 38.34 -3.56
C GLU E 205 -5.86 39.39 -3.21
N GLY E 206 -6.61 39.18 -2.12
CA GLY E 206 -7.62 40.17 -1.74
C GLY E 206 -7.02 41.54 -1.45
N VAL E 207 -5.86 41.57 -0.80
CA VAL E 207 -5.22 42.85 -0.48
C VAL E 207 -4.81 43.57 -1.75
N GLN E 208 -4.27 42.84 -2.73
CA GLN E 208 -3.83 43.46 -3.96
C GLN E 208 -4.99 44.09 -4.72
N GLN E 209 -6.13 43.40 -4.79
CA GLN E 209 -7.29 43.89 -5.52
C GLN E 209 -7.78 45.23 -4.96
N ALA E 210 -7.68 45.41 -3.65
CA ALA E 210 -8.13 46.65 -3.02
C ALA E 210 -7.13 47.78 -3.22
N LEU E 211 -5.84 47.46 -3.23
CA LEU E 211 -4.81 48.50 -3.37
C LEU E 211 -4.77 49.11 -4.77
N LEU E 212 -5.17 48.34 -5.80
CA LEU E 212 -5.16 48.81 -7.19
C LEU E 212 -5.70 50.21 -7.37
N LYS E 213 -6.94 50.46 -6.95
CA LYS E 213 -7.52 51.78 -7.08
C LYS E 213 -6.81 52.78 -6.17
N LEU E 214 -6.33 52.34 -5.01
CA LEU E 214 -5.67 53.23 -4.06
C LEU E 214 -4.40 53.82 -4.63
N ILE E 215 -3.55 52.98 -5.24
CA ILE E 215 -2.27 53.47 -5.75
C ILE E 215 -2.48 54.42 -6.94
N GLU E 216 -3.33 54.04 -7.90
CA GLU E 216 -3.57 54.91 -9.05
C GLU E 216 -4.27 56.19 -8.66
N GLY E 217 -5.05 56.17 -7.58
CA GLY E 217 -5.77 57.35 -7.11
C GLY E 217 -7.28 57.27 -7.13
N THR E 218 -7.87 57.19 -5.94
CA THR E 218 -9.31 57.15 -5.77
C THR E 218 -9.65 57.72 -4.40
N VAL E 219 -10.85 58.31 -4.31
CA VAL E 219 -11.29 58.85 -3.03
C VAL E 219 -11.52 57.70 -2.06
N ALA E 220 -11.05 57.85 -0.82
CA ALA E 220 -11.17 56.82 0.20
C ALA E 220 -11.81 57.37 1.46
N ALA E 221 -12.74 56.60 2.03
CA ALA E 221 -13.41 56.94 3.26
C ALA E 221 -12.57 56.42 4.42
N VAL E 222 -11.98 57.33 5.18
CA VAL E 222 -11.12 56.99 6.32
C VAL E 222 -11.85 57.37 7.61
N PRO E 223 -12.01 56.47 8.58
CA PRO E 223 -12.67 56.87 9.83
C PRO E 223 -11.83 57.88 10.58
N PRO E 224 -12.42 58.62 11.54
CA PRO E 224 -11.62 59.62 12.27
C PRO E 224 -10.42 59.06 13.02
N GLN E 225 -10.63 58.11 13.92
CA GLN E 225 -9.54 57.51 14.66
C GLN E 225 -10.03 56.30 15.42
N GLY E 226 -9.24 55.22 15.39
CA GLY E 226 -9.58 53.98 16.08
C GLY E 226 -10.98 53.48 15.79
N GLY E 227 -11.41 53.60 14.53
CA GLY E 227 -12.73 53.16 14.12
C GLY E 227 -12.64 52.25 12.91
N ARG E 228 -13.66 51.42 12.76
CA ARG E 228 -13.80 50.50 11.66
C ARG E 228 -14.95 50.95 10.76
N LYS E 229 -14.86 50.59 9.49
CA LYS E 229 -15.90 50.98 8.53
C LYS E 229 -17.25 50.42 8.96
N HIS E 230 -18.28 51.25 8.89
CA HIS E 230 -19.63 50.89 9.29
C HIS E 230 -20.58 51.84 8.58
N PRO E 231 -21.90 51.60 8.68
CA PRO E 231 -22.86 52.53 8.04
C PRO E 231 -22.82 53.95 8.61
N GLN E 232 -22.16 54.16 9.76
CA GLN E 232 -22.06 55.48 10.35
C GLN E 232 -21.40 56.46 9.38
N GLN E 233 -21.66 57.74 9.59
CA GLN E 233 -21.11 58.81 8.75
C GLN E 233 -19.75 59.30 9.23
N GLU E 234 -19.08 58.58 10.13
CA GLU E 234 -17.77 58.98 10.63
C GLU E 234 -16.73 58.56 9.60
N PHE E 235 -16.61 59.36 8.54
CA PHE E 235 -15.67 59.09 7.47
C PHE E 235 -15.08 60.39 6.95
N LEU E 236 -13.89 60.28 6.38
CA LEU E 236 -13.14 61.40 5.81
C LEU E 236 -12.76 61.07 4.38
N GLN E 237 -13.23 61.87 3.43
CA GLN E 237 -12.94 61.65 2.02
C GLN E 237 -11.52 62.12 1.73
N VAL E 238 -10.63 61.17 1.43
CA VAL E 238 -9.22 61.45 1.14
C VAL E 238 -8.90 60.92 -0.26
N ASP E 239 -8.23 61.75 -1.05
CA ASP E 239 -7.84 61.41 -2.41
C ASP E 239 -6.37 61.00 -2.44
N THR E 240 -6.09 59.84 -3.03
CA THR E 240 -4.74 59.31 -3.13
C THR E 240 -4.10 59.51 -4.50
N SER E 241 -4.68 60.38 -5.34
CA SER E 241 -4.12 60.59 -6.68
C SER E 241 -2.72 61.19 -6.61
N LYS E 242 -2.50 62.15 -5.71
CA LYS E 242 -1.20 62.80 -5.57
C LYS E 242 -0.35 62.22 -4.46
N ILE E 243 -0.79 61.13 -3.82
CA ILE E 243 -0.06 60.51 -2.73
C ILE E 243 0.83 59.42 -3.30
N LEU E 244 2.14 59.59 -3.15
CA LEU E 244 3.09 58.60 -3.63
C LEU E 244 3.09 57.38 -2.71
N PHE E 245 3.39 56.22 -3.29
CA PHE E 245 3.44 54.96 -2.57
C PHE E 245 4.74 54.24 -2.92
N ILE E 246 5.40 53.72 -1.90
CA ILE E 246 6.67 53.00 -2.04
C ILE E 246 6.48 51.65 -1.35
N CYS E 247 6.17 50.62 -2.12
CA CYS E 247 5.97 49.28 -1.59
C CYS E 247 7.31 48.55 -1.58
N GLY E 248 7.81 48.25 -0.38
CA GLY E 248 9.08 47.56 -0.21
C GLY E 248 8.94 46.22 0.45
N GLY E 249 9.49 45.17 -0.16
CA GLY E 249 9.42 43.84 0.41
C GLY E 249 10.57 42.97 -0.05
N ALA E 250 10.79 41.90 0.71
CA ALA E 250 11.86 40.93 0.44
C ALA E 250 11.21 39.74 -0.25
N PHE E 251 11.27 39.73 -1.58
CA PHE E 251 10.66 38.68 -2.38
C PHE E 251 11.57 37.45 -2.35
N ALA E 252 11.48 36.71 -1.25
CA ALA E 252 12.27 35.50 -1.09
C ALA E 252 11.83 34.46 -2.12
N GLY E 253 12.79 33.89 -2.83
CA GLY E 253 12.52 32.91 -3.85
C GLY E 253 12.41 33.47 -5.25
N LEU E 254 12.34 34.80 -5.39
CA LEU E 254 12.26 35.41 -6.71
C LEU E 254 13.51 35.14 -7.53
N ASP E 255 14.66 35.05 -6.86
CA ASP E 255 15.91 34.77 -7.57
C ASP E 255 15.83 33.44 -8.32
N LYS E 256 15.23 32.42 -7.69
CA LYS E 256 15.10 31.14 -8.37
C LYS E 256 14.23 31.27 -9.61
N VAL E 257 13.19 32.09 -9.54
CA VAL E 257 12.36 32.32 -10.71
C VAL E 257 13.18 32.99 -11.81
N ILE E 258 13.96 34.00 -11.44
CA ILE E 258 14.82 34.67 -12.40
C ILE E 258 15.89 33.70 -12.91
N SER E 259 16.45 32.89 -12.01
CA SER E 259 17.46 31.92 -12.42
C SER E 259 16.89 30.94 -13.43
N HIS E 260 15.64 30.55 -13.25
CA HIS E 260 15.00 29.62 -14.18
C HIS E 260 14.92 30.22 -15.58
N ARG E 261 14.22 31.34 -15.70
CA ARG E 261 14.02 31.98 -17.00
C ARG E 261 15.34 32.26 -17.72
N VAL E 262 16.36 32.71 -16.97
CA VAL E 262 17.65 33.00 -17.59
C VAL E 262 18.34 31.71 -18.03
N GLU E 263 18.32 30.67 -17.20
CA GLU E 263 18.99 29.40 -17.49
C GLU E 263 18.06 28.20 -17.35
N THR E 264 16.82 28.29 -17.85
CA THR E 264 15.92 27.15 -17.79
C THR E 264 16.45 25.99 -18.61
N GLY E 265 17.06 26.27 -19.76
CA GLY E 265 17.54 25.24 -20.65
C GLY E 265 16.38 24.63 -21.41
N SER E 266 16.72 23.79 -22.38
CA SER E 266 15.71 23.13 -23.20
C SER E 266 16.15 21.70 -23.46
N GLY E 267 15.40 20.74 -22.93
CA GLY E 267 15.68 19.34 -23.11
C GLY E 267 16.77 18.83 -22.17
N ILE E 268 16.83 17.50 -22.08
CA ILE E 268 17.81 16.81 -21.25
C ILE E 268 18.64 15.79 -22.01
N GLY E 269 18.16 15.28 -23.14
CA GLY E 269 18.84 14.24 -23.88
C GLY E 269 19.98 14.72 -24.77
N PHE E 270 20.41 13.78 -25.62
CA PHE E 270 21.51 14.03 -26.54
C PHE E 270 21.19 15.16 -27.52
N GLY E 271 19.95 15.20 -28.01
CA GLY E 271 19.54 16.22 -28.93
C GLY E 271 19.17 17.55 -28.30
N ALA E 272 19.19 17.62 -26.97
CA ALA E 272 18.85 18.84 -26.27
C ALA E 272 19.95 19.89 -26.42
N THR E 273 19.57 21.14 -26.12
CA THR E 273 20.48 22.28 -26.17
C THR E 273 20.80 22.68 -24.73
N VAL E 274 21.94 22.20 -24.24
CA VAL E 274 22.42 22.50 -22.90
C VAL E 274 23.61 23.46 -22.96
N LYS E 275 23.74 24.20 -24.07
CA LYS E 275 24.86 25.14 -24.22
C LYS E 275 24.83 26.19 -23.13
N ALA E 276 23.65 26.61 -22.68
CA ALA E 276 23.56 27.56 -21.59
C ALA E 276 24.19 26.95 -20.35
N LYS E 277 25.06 27.72 -19.70
CA LYS E 277 25.78 27.27 -18.52
C LYS E 277 25.35 28.09 -17.32
N SER E 278 24.89 27.40 -16.27
CA SER E 278 24.48 28.08 -15.05
C SER E 278 25.71 28.73 -14.42
N ASP E 279 25.59 30.00 -14.07
CA ASP E 279 26.68 30.77 -13.48
C ASP E 279 26.35 31.15 -12.04
N LYS E 280 27.38 31.21 -11.21
CA LYS E 280 27.23 31.56 -9.80
C LYS E 280 27.27 33.08 -9.69
N ALA E 281 26.13 33.67 -9.36
CA ALA E 281 26.01 35.12 -9.21
C ALA E 281 25.29 35.43 -7.92
N SER E 282 25.64 36.57 -7.33
CA SER E 282 25.02 37.00 -6.09
C SER E 282 23.53 37.26 -6.32
N GLU E 283 22.75 37.16 -5.24
CA GLU E 283 21.31 37.38 -5.36
C GLU E 283 21.02 38.82 -5.81
N GLY E 284 21.82 39.78 -5.34
CA GLY E 284 21.61 41.16 -5.74
C GLY E 284 21.91 41.36 -7.22
N GLU E 285 22.98 40.73 -7.71
CA GLU E 285 23.33 40.83 -9.11
C GLU E 285 22.24 40.23 -10.00
N LEU E 286 21.70 39.10 -9.58
CA LEU E 286 20.65 38.44 -10.34
C LEU E 286 19.34 39.23 -10.34
N LEU E 287 19.03 39.90 -9.22
CA LEU E 287 17.79 40.67 -9.14
C LEU E 287 17.75 41.81 -10.13
N ALA E 288 18.91 42.33 -10.54
CA ALA E 288 18.94 43.43 -11.50
C ALA E 288 18.28 43.03 -12.82
N GLN E 289 18.40 41.77 -13.21
CA GLN E 289 17.80 41.26 -14.44
C GLN E 289 16.31 40.96 -14.31
N VAL E 290 15.69 41.31 -13.18
CA VAL E 290 14.27 41.02 -12.98
C VAL E 290 13.43 41.84 -13.95
N GLU E 291 12.31 41.26 -14.37
CA GLU E 291 11.35 41.88 -15.27
C GLU E 291 9.97 41.66 -14.71
N PRO E 292 8.95 42.36 -15.21
CA PRO E 292 7.60 42.15 -14.69
C PRO E 292 7.10 40.73 -14.83
N GLU E 293 7.45 40.04 -15.92
CA GLU E 293 7.03 38.67 -16.12
C GLU E 293 7.42 37.76 -14.96
N ASP E 294 8.56 38.03 -14.32
CA ASP E 294 8.99 37.21 -13.18
C ASP E 294 8.06 37.39 -11.99
N LEU E 295 7.61 38.62 -11.75
CA LEU E 295 6.73 38.87 -10.61
C LEU E 295 5.39 38.17 -10.78
N ILE E 296 4.90 38.03 -12.01
CA ILE E 296 3.62 37.34 -12.24
C ILE E 296 3.71 35.90 -11.76
N LYS E 297 4.80 35.22 -12.07
CA LYS E 297 4.97 33.84 -11.64
C LYS E 297 5.12 33.75 -10.13
N PHE E 298 5.74 34.76 -9.51
CA PHE E 298 5.90 34.76 -8.06
C PHE E 298 4.56 34.74 -7.34
N GLY E 299 3.55 35.41 -7.90
CA GLY E 299 2.23 35.46 -7.30
C GLY E 299 1.56 36.82 -7.34
N LEU E 300 2.23 37.84 -7.90
CA LEU E 300 1.65 39.17 -7.96
C LEU E 300 0.74 39.31 -9.18
N ILE E 301 -0.39 39.97 -8.96
CA ILE E 301 -1.37 40.20 -10.04
C ILE E 301 -0.76 41.15 -11.06
N PRO E 302 -0.91 40.92 -12.38
CA PRO E 302 -0.32 41.86 -13.35
C PRO E 302 -0.83 43.29 -13.20
N GLU E 303 -2.08 43.46 -12.80
CA GLU E 303 -2.63 44.80 -12.59
C GLU E 303 -1.88 45.56 -11.50
N PHE E 304 -1.24 44.84 -10.57
CA PHE E 304 -0.51 45.48 -9.49
C PHE E 304 0.83 46.05 -9.93
N ILE E 305 1.56 45.32 -10.78
CA ILE E 305 2.86 45.80 -11.25
C ILE E 305 2.69 47.07 -12.07
N GLY E 306 1.61 47.15 -12.86
CA GLY E 306 1.36 48.34 -13.65
C GLY E 306 1.28 49.59 -12.80
N ARG E 307 0.82 49.46 -11.56
CA ARG E 307 0.76 50.59 -10.65
C ARG E 307 2.14 50.98 -10.14
N LEU E 308 3.11 50.05 -10.21
CA LEU E 308 4.49 50.27 -9.77
C LEU E 308 5.41 50.17 -10.99
N PRO E 309 5.53 51.23 -11.78
CA PRO E 309 6.41 51.14 -12.96
C PRO E 309 7.88 51.12 -12.61
N VAL E 310 8.30 51.94 -11.65
CA VAL E 310 9.71 52.01 -11.26
C VAL E 310 10.03 50.89 -10.28
N VAL E 311 11.13 50.19 -10.53
CA VAL E 311 11.60 49.10 -9.68
C VAL E 311 13.08 49.32 -9.40
N ALA E 312 13.46 49.21 -8.13
CA ALA E 312 14.84 49.36 -7.71
C ALA E 312 15.19 48.19 -6.79
N THR E 313 16.34 47.56 -7.04
CA THR E 313 16.80 46.42 -6.26
C THR E 313 18.03 46.78 -5.45
N LEU E 314 18.09 46.24 -4.23
CA LEU E 314 19.18 46.48 -3.29
C LEU E 314 20.00 45.21 -3.15
N ASN E 315 21.31 45.36 -3.29
CA ASN E 315 22.22 44.22 -3.18
C ASN E 315 22.46 43.87 -1.72
N GLU E 316 22.81 42.61 -1.49
CA GLU E 316 23.08 42.14 -0.14
C GLU E 316 24.39 42.71 0.39
N LEU E 317 24.41 42.96 1.69
CA LEU E 317 25.59 43.52 2.33
C LEU E 317 26.71 42.49 2.40
N SER E 318 27.95 42.98 2.37
CA SER E 318 29.16 42.17 2.42
C SER E 318 29.89 42.45 3.72
N GLU E 319 30.87 41.59 4.02
CA GLU E 319 31.64 41.73 5.25
C GLU E 319 32.34 43.09 5.33
N GLU E 320 32.89 43.56 4.21
CA GLU E 320 33.55 44.86 4.21
C GLU E 320 32.54 45.97 4.49
N ALA E 321 31.34 45.88 3.92
CA ALA E 321 30.32 46.90 4.15
C ALA E 321 29.92 46.95 5.61
N LEU E 322 29.81 45.79 6.27
CA LEU E 322 29.45 45.74 7.68
C LEU E 322 30.44 46.55 8.52
N ILE E 323 31.73 46.47 8.18
CA ILE E 323 32.73 47.22 8.91
C ILE E 323 32.51 48.71 8.73
N GLN E 324 32.17 49.14 7.51
CA GLN E 324 31.92 50.55 7.26
C GLN E 324 30.71 51.03 8.04
N ILE E 325 29.66 50.21 8.10
CA ILE E 325 28.44 50.56 8.82
C ILE E 325 28.71 50.79 10.30
N LEU E 326 29.75 50.16 10.84
CA LEU E 326 30.05 50.31 12.27
C LEU E 326 30.57 51.71 12.62
N LYS E 327 31.28 52.38 11.69
CA LYS E 327 31.85 53.71 11.96
C LYS E 327 31.40 54.80 11.01
N GLU E 328 31.25 54.52 9.71
CA GLU E 328 30.89 55.56 8.76
C GLU E 328 29.54 56.23 8.98
N PRO E 329 28.44 55.54 9.29
CA PRO E 329 27.16 56.23 9.44
C PRO E 329 27.14 57.27 10.54
N LYS E 330 26.33 58.31 10.32
CA LYS E 330 26.20 59.38 11.31
C LYS E 330 25.63 58.85 12.61
N ASN E 331 24.70 57.89 12.52
CA ASN E 331 24.08 57.23 13.67
C ASN E 331 24.66 55.85 13.87
N ALA E 332 25.95 55.71 13.58
CA ALA E 332 26.65 54.44 13.67
C ALA E 332 26.51 53.83 15.06
N LEU E 333 26.45 52.50 15.08
CA LEU E 333 26.31 51.75 16.34
C LEU E 333 27.46 52.06 17.29
N THR E 334 28.68 52.16 16.75
CA THR E 334 29.84 52.44 17.60
C THR E 334 29.72 53.80 18.28
N LYS E 335 29.27 54.82 17.54
CA LYS E 335 29.13 56.15 18.11
C LYS E 335 28.12 56.17 19.25
N GLN E 336 27.11 55.29 19.19
CA GLN E 336 26.09 55.28 20.25
C GLN E 336 26.70 54.87 21.58
N TYR E 337 27.50 53.80 21.59
CA TYR E 337 28.13 53.37 22.83
C TYR E 337 29.19 54.37 23.27
N GLN E 338 29.90 54.98 22.32
CA GLN E 338 30.91 55.97 22.67
C GLN E 338 30.27 57.16 23.39
N ALA E 339 29.16 57.67 22.84
CA ALA E 339 28.46 58.78 23.47
C ALA E 339 27.91 58.37 24.82
N LEU E 340 27.47 57.12 24.95
CA LEU E 340 26.96 56.62 26.23
C LEU E 340 28.02 56.69 27.31
N PHE E 341 29.29 56.47 26.92
CA PHE E 341 30.41 56.53 27.85
C PHE E 341 30.95 57.95 28.02
N ASN E 342 30.89 58.76 26.96
CA ASN E 342 31.42 60.13 27.03
C ASN E 342 30.68 60.96 28.07
N LEU E 343 29.35 60.79 28.18
CA LEU E 343 28.60 61.56 29.15
C LEU E 343 29.04 61.23 30.58
N GLU E 344 29.39 59.97 30.82
CA GLU E 344 29.86 59.58 32.14
C GLU E 344 31.21 60.22 32.47
N GLY E 345 32.01 60.53 31.45
CA GLY E 345 33.32 61.13 31.62
C GLY E 345 34.46 60.22 31.22
N VAL E 346 34.17 59.03 30.72
CA VAL E 346 35.19 58.07 30.31
C VAL E 346 35.14 57.94 28.79
N ASP E 347 36.28 58.16 28.14
CA ASP E 347 36.33 58.04 26.69
C ASP E 347 36.25 56.58 26.29
N LEU E 348 35.81 56.35 25.05
CA LEU E 348 35.67 55.01 24.49
C LEU E 348 36.27 55.00 23.10
N GLU E 349 36.99 53.92 22.79
CA GLU E 349 37.62 53.76 21.49
C GLU E 349 37.55 52.30 21.09
N PHE E 350 37.25 52.06 19.80
CA PHE E 350 37.17 50.73 19.24
C PHE E 350 38.26 50.61 18.19
N ARG E 351 39.11 49.61 18.33
CA ARG E 351 40.17 49.38 17.37
C ARG E 351 39.63 48.66 16.14
N ASP E 352 40.29 48.90 15.00
CA ASP E 352 39.88 48.24 13.77
C ASP E 352 39.97 46.72 13.89
N GLU E 353 40.85 46.23 14.77
CA GLU E 353 40.97 44.80 14.98
C GLU E 353 39.66 44.20 15.49
N ALA E 354 38.93 44.95 16.32
CA ALA E 354 37.66 44.47 16.85
C ALA E 354 36.54 44.57 15.82
N LEU E 355 36.56 45.62 14.99
CA LEU E 355 35.52 45.80 13.99
C LEU E 355 35.51 44.65 12.98
N ASP E 356 36.68 44.20 12.55
CA ASP E 356 36.75 43.10 11.61
C ASP E 356 36.17 41.83 12.22
N ALA E 357 36.52 41.56 13.49
CA ALA E 357 35.99 40.38 14.18
C ALA E 357 34.49 40.48 14.38
N ILE E 358 33.98 41.70 14.65
CA ILE E 358 32.55 41.87 14.86
C ILE E 358 31.79 41.55 13.58
N ALA E 359 32.30 41.99 12.44
CA ALA E 359 31.64 41.70 11.17
C ALA E 359 31.66 40.21 10.87
N LYS E 360 32.77 39.54 11.19
CA LYS E 360 32.87 38.11 10.93
C LYS E 360 31.85 37.33 11.74
N LYS E 361 31.62 37.74 13.00
CA LYS E 361 30.64 37.06 13.84
C LYS E 361 29.25 37.18 13.26
N ALA E 362 28.88 38.36 12.79
CA ALA E 362 27.55 38.56 12.20
C ALA E 362 27.39 37.70 10.95
N MET E 363 28.40 37.71 10.08
CA MET E 363 28.33 36.88 8.88
C MET E 363 28.33 35.40 9.23
N ALA E 364 29.12 35.01 10.24
CA ALA E 364 29.16 33.62 10.67
C ALA E 364 27.80 33.16 11.16
N ARG E 365 27.08 34.03 11.86
CA ARG E 365 25.75 33.73 12.37
C ARG E 365 24.63 34.15 11.44
N LYS E 366 24.95 34.83 10.32
CA LYS E 366 23.98 35.27 9.33
C LYS E 366 22.96 36.26 9.89
N THR E 367 23.25 36.86 11.05
CA THR E 367 22.31 37.82 11.63
C THR E 367 22.24 39.10 10.81
N GLY E 368 23.35 39.53 10.22
CA GLY E 368 23.39 40.73 9.41
C GLY E 368 23.69 41.98 10.21
N ALA E 369 23.27 43.12 9.64
CA ALA E 369 23.49 44.41 10.28
C ALA E 369 22.80 44.49 11.64
N ARG E 370 21.61 43.90 11.76
CA ARG E 370 20.89 43.95 13.03
C ARG E 370 21.68 43.25 14.13
N GLY E 371 22.37 42.16 13.81
CA GLY E 371 23.14 41.43 14.79
C GLY E 371 24.28 42.22 15.42
N LEU E 372 24.74 43.28 14.77
CA LEU E 372 25.84 44.08 15.29
C LEU E 372 25.55 44.57 16.72
N ARG E 373 24.31 44.94 16.99
CA ARG E 373 23.95 45.40 18.32
C ARG E 373 24.18 44.33 19.38
N SER E 374 23.80 43.09 19.06
CA SER E 374 23.99 42.00 20.01
C SER E 374 25.45 41.72 20.29
N ILE E 375 26.30 41.78 19.26
CA ILE E 375 27.72 41.50 19.43
C ILE E 375 28.36 42.55 20.34
N VAL E 376 28.04 43.82 20.10
CA VAL E 376 28.63 44.89 20.90
C VAL E 376 28.15 44.79 22.35
N GLU E 377 26.88 44.40 22.55
CA GLU E 377 26.34 44.29 23.89
C GLU E 377 27.10 43.26 24.71
N ALA E 378 27.38 42.09 24.12
CA ALA E 378 28.10 41.04 24.83
C ALA E 378 29.53 41.44 25.13
N ALA E 379 30.21 42.06 24.16
CA ALA E 379 31.60 42.44 24.35
C ALA E 379 31.76 43.46 25.46
N LEU E 380 30.84 44.43 25.56
CA LEU E 380 30.90 45.49 26.56
C LEU E 380 30.01 45.22 27.76
N LEU E 381 29.47 44.00 27.90
CA LEU E 381 28.61 43.69 29.02
C LEU E 381 29.34 43.83 30.36
N ASP E 382 30.56 43.31 30.43
CA ASP E 382 31.32 43.36 31.67
C ASP E 382 31.69 44.79 32.04
N THR E 383 32.19 45.56 31.07
CA THR E 383 32.62 46.94 31.36
C THR E 383 31.43 47.82 31.73
N MET E 384 30.34 47.74 30.98
CA MET E 384 29.17 48.57 31.27
C MET E 384 28.63 48.32 32.67
N TYR E 385 28.71 47.08 33.16
CA TYR E 385 28.24 46.77 34.50
C TYR E 385 29.13 47.40 35.57
N ASP E 386 30.46 47.32 35.39
CA ASP E 386 31.42 47.82 36.37
C ASP E 386 31.85 49.26 36.15
N LEU E 387 31.77 49.79 34.93
CA LEU E 387 32.25 51.15 34.68
C LEU E 387 31.56 52.22 35.52
N PRO E 388 30.24 52.22 35.73
CA PRO E 388 29.67 53.29 36.58
C PRO E 388 30.14 53.22 38.02
N SER E 389 30.22 52.02 38.60
CA SER E 389 30.68 51.88 39.97
C SER E 389 32.18 52.13 40.09
N MET E 390 32.95 51.77 39.07
CA MET E 390 34.39 51.95 39.12
C MET E 390 34.77 53.43 39.00
N GLU E 391 35.97 53.75 39.46
CA GLU E 391 36.52 55.10 39.43
C GLU E 391 37.94 55.06 38.88
N ASP E 392 38.42 56.25 38.50
CA ASP E 392 39.76 56.43 37.96
C ASP E 392 39.94 55.73 36.61
N VAL E 393 38.88 55.73 35.81
CA VAL E 393 38.89 55.14 34.47
C VAL E 393 38.80 56.29 33.49
N GLU E 394 39.92 56.70 32.91
CA GLU E 394 39.92 57.80 31.96
C GLU E 394 39.46 57.37 30.57
N LYS E 395 39.86 56.17 30.13
CA LYS E 395 39.47 55.69 28.81
C LYS E 395 39.52 54.17 28.79
N VAL E 396 38.78 53.59 27.85
CA VAL E 396 38.69 52.15 27.64
C VAL E 396 39.10 51.85 26.21
N VAL E 397 39.90 50.80 26.03
CA VAL E 397 40.39 50.38 24.71
C VAL E 397 39.92 48.96 24.45
N ILE E 398 39.33 48.73 23.29
CA ILE E 398 38.82 47.44 22.87
C ILE E 398 39.58 46.98 21.63
N ASP E 399 39.81 45.67 21.55
CA ASP E 399 40.53 45.06 20.44
C ASP E 399 39.91 43.69 20.15
N GLU E 400 40.46 43.00 19.15
CA GLU E 400 39.95 41.68 18.77
C GLU E 400 39.98 40.70 19.93
N SER E 401 40.93 40.84 20.86
CA SER E 401 41.01 39.95 22.00
C SER E 401 39.74 40.00 22.85
N VAL E 402 39.05 41.13 22.84
CA VAL E 402 37.81 41.28 23.62
C VAL E 402 36.67 40.49 22.96
N ILE E 403 36.66 40.46 21.62
CA ILE E 403 35.58 39.81 20.88
C ILE E 403 35.52 38.32 21.19
N ASP E 404 36.65 37.62 21.08
CA ASP E 404 36.62 36.18 21.33
C ASP E 404 36.42 35.87 22.82
N GLY E 405 36.76 36.80 23.70
CA GLY E 405 36.58 36.62 25.13
C GLY E 405 37.80 36.15 25.89
N GLN E 406 38.94 35.96 25.21
CA GLN E 406 40.14 35.51 25.90
C GLN E 406 40.66 36.58 26.86
N SER E 407 40.55 37.86 26.48
CA SER E 407 41.04 38.97 27.30
C SER E 407 39.96 40.01 27.53
N GLU E 408 39.91 40.52 28.76
CA GLU E 408 38.95 41.55 29.11
C GLU E 408 39.36 42.87 28.44
N PRO E 409 38.41 43.78 28.21
CA PRO E 409 38.76 45.05 27.57
C PRO E 409 39.75 45.85 28.40
N LEU E 410 40.77 46.38 27.72
CA LEU E 410 41.79 47.18 28.39
C LEU E 410 41.18 48.44 28.97
N LEU E 411 41.55 48.75 30.21
CA LEU E 411 41.07 49.93 30.92
C LEU E 411 42.25 50.84 31.21
N ILE E 412 42.11 52.11 30.85
CA ILE E 412 43.15 53.11 31.06
C ILE E 412 42.84 53.86 32.34
N TYR E 413 43.87 54.06 33.17
CA TYR E 413 43.75 54.76 34.45
C TYR E 413 44.42 56.11 34.36
N GLY E 414 43.78 57.12 34.95
CA GLY E 414 44.29 58.48 34.96
C GLY E 414 44.95 58.84 36.27
N LEU F 64 19.04 57.25 38.73
CA LEU F 64 19.81 56.41 37.83
C LEU F 64 20.92 55.67 38.59
N PRO F 65 20.54 54.69 39.41
CA PRO F 65 21.55 53.94 40.15
C PRO F 65 22.37 53.07 39.22
N THR F 66 23.60 52.78 39.66
CA THR F 66 24.50 51.96 38.88
C THR F 66 23.95 50.54 38.72
N PRO F 67 24.42 49.79 37.72
CA PRO F 67 23.94 48.41 37.56
C PRO F 67 24.18 47.55 38.78
N HIS F 68 25.32 47.73 39.45
CA HIS F 68 25.62 46.97 40.65
C HIS F 68 24.57 47.22 41.73
N GLU F 69 24.17 48.48 41.90
CA GLU F 69 23.15 48.80 42.89
C GLU F 69 21.82 48.15 42.52
N ILE F 70 21.48 48.15 41.24
CA ILE F 70 20.24 47.53 40.79
C ILE F 70 20.27 46.03 41.09
N ARG F 71 21.42 45.40 40.87
CA ARG F 71 21.54 43.97 41.15
C ARG F 71 21.33 43.68 42.64
N ASN F 72 21.81 44.58 43.50
CA ASN F 72 21.64 44.39 44.93
C ASN F 72 20.17 44.39 45.32
N HIS F 73 19.39 45.27 44.71
CA HIS F 73 17.96 45.32 45.00
C HIS F 73 17.29 44.02 44.54
N LEU F 74 17.65 43.53 43.36
CA LEU F 74 17.07 42.28 42.86
C LEU F 74 17.48 41.09 43.73
N ASP F 75 18.69 41.13 44.29
CA ASP F 75 19.16 40.03 45.13
C ASP F 75 18.30 39.89 46.38
N ASP F 76 17.71 40.99 46.86
CA ASP F 76 16.89 40.96 48.06
C ASP F 76 15.65 40.09 47.87
N TYR F 77 14.99 40.21 46.73
CA TYR F 77 13.76 39.47 46.45
C TYR F 77 13.95 38.23 45.57
N VAL F 78 14.99 38.21 44.73
CA VAL F 78 15.26 37.09 43.84
C VAL F 78 16.64 36.53 44.19
N ILE F 79 16.71 35.19 44.30
CA ILE F 79 17.94 34.50 44.65
C ILE F 79 18.15 33.35 43.67
N GLY F 80 19.42 33.06 43.39
CA GLY F 80 19.80 31.98 42.50
C GLY F 80 19.86 32.34 41.03
N GLN F 81 19.59 33.59 40.66
CA GLN F 81 19.63 34.06 39.28
C GLN F 81 20.54 35.28 39.17
N GLU F 82 21.67 35.24 39.89
CA GLU F 82 22.62 36.36 39.88
C GLU F 82 23.09 36.70 38.49
N GLN F 83 23.35 35.69 37.65
CA GLN F 83 23.82 35.96 36.29
C GLN F 83 22.78 36.72 35.49
N ALA F 84 21.50 36.33 35.61
CA ALA F 84 20.46 37.02 34.87
C ALA F 84 20.29 38.46 35.36
N LYS F 85 20.44 38.68 36.66
CA LYS F 85 20.31 40.03 37.21
C LYS F 85 21.34 40.97 36.59
N LYS F 86 22.55 40.48 36.37
CA LYS F 86 23.60 41.31 35.77
C LYS F 86 23.21 41.76 34.37
N VAL F 87 22.65 40.86 33.57
CA VAL F 87 22.28 41.21 32.20
C VAL F 87 21.16 42.25 32.21
N LEU F 88 20.15 42.06 33.04
CA LEU F 88 19.06 43.03 33.11
C LEU F 88 19.53 44.34 33.74
N ALA F 89 20.44 44.28 34.71
CA ALA F 89 20.91 45.50 35.36
C ALA F 89 21.64 46.41 34.36
N VAL F 90 22.51 45.83 33.53
CA VAL F 90 23.21 46.64 32.55
C VAL F 90 22.26 47.08 31.45
N ALA F 91 21.38 46.18 31.01
CA ALA F 91 20.43 46.51 29.96
C ALA F 91 19.45 47.59 30.41
N VAL F 92 18.87 47.45 31.60
CA VAL F 92 17.94 48.45 32.09
C VAL F 92 18.66 49.76 32.37
N TYR F 93 19.91 49.69 32.85
CA TYR F 93 20.67 50.90 33.12
C TYR F 93 20.87 51.71 31.84
N ASN F 94 21.17 51.03 30.74
CA ASN F 94 21.36 51.72 29.47
C ASN F 94 20.06 52.37 29.00
N HIS F 95 18.94 51.68 29.17
CA HIS F 95 17.64 52.23 28.76
C HIS F 95 17.32 53.49 29.55
N TYR F 96 17.53 53.44 30.87
CA TYR F 96 17.28 54.62 31.68
C TYR F 96 18.29 55.72 31.39
N LYS F 97 19.54 55.35 31.10
CA LYS F 97 20.55 56.34 30.78
C LYS F 97 20.16 57.10 29.51
N ARG F 98 19.62 56.38 28.52
CA ARG F 98 19.17 57.04 27.30
C ARG F 98 18.01 57.98 27.60
N LEU F 99 17.06 57.53 28.42
CA LEU F 99 15.96 58.40 28.82
C LEU F 99 16.47 59.55 29.67
N ARG F 100 17.41 59.26 30.58
CA ARG F 100 18.00 60.30 31.41
C ARG F 100 18.79 61.30 30.57
N ASN F 101 19.44 60.81 29.51
CA ASN F 101 20.21 61.65 28.61
C ASN F 101 19.33 62.18 27.48
N GLY F 102 18.23 62.82 27.88
CA GLY F 102 17.29 63.38 26.92
C GLY F 102 17.83 64.54 26.13
N ASP F 103 18.92 65.16 26.59
CA ASP F 103 19.50 66.29 25.88
C ASP F 103 19.90 65.91 24.47
N THR F 104 20.53 64.74 24.30
CA THR F 104 20.98 64.26 23.00
C THR F 104 21.86 65.30 22.30
N SER F 105 22.88 65.76 23.03
CA SER F 105 23.81 66.73 22.48
C SER F 105 24.56 66.14 21.29
N ASN F 106 25.03 64.91 21.44
CA ASN F 106 25.76 64.26 20.36
C ASN F 106 24.84 64.05 19.15
N GLY F 107 25.42 64.18 17.96
CA GLY F 107 24.66 63.96 16.74
C GLY F 107 24.11 62.54 16.66
N VAL F 108 24.81 61.58 17.26
CA VAL F 108 24.38 60.19 17.24
C VAL F 108 23.03 60.03 17.93
N GLU F 109 22.19 59.16 17.36
CA GLU F 109 20.88 58.84 17.90
C GLU F 109 20.99 57.48 18.60
N LEU F 110 20.64 57.44 19.88
CA LEU F 110 20.75 56.20 20.65
C LEU F 110 19.63 55.24 20.26
N GLY F 111 19.94 53.95 20.26
CA GLY F 111 19.01 52.90 19.88
C GLY F 111 18.60 52.05 21.08
N LYS F 112 17.33 51.68 21.10
CA LYS F 112 16.78 50.85 22.17
C LYS F 112 17.32 49.43 22.11
N SER F 113 17.50 48.84 23.29
CA SER F 113 17.98 47.47 23.45
C SER F 113 16.89 46.68 24.17
N ASN F 114 16.36 45.66 23.51
CA ASN F 114 15.30 44.82 24.07
C ASN F 114 15.86 43.49 24.51
N ILE F 115 15.46 43.05 25.70
CA ILE F 115 15.92 41.81 26.30
C ILE F 115 14.96 40.68 25.96
N LEU F 116 15.49 39.46 25.95
CA LEU F 116 14.75 38.24 25.68
C LEU F 116 15.09 37.25 26.79
N LEU F 117 14.10 36.97 27.64
CA LEU F 117 14.30 36.07 28.78
C LEU F 117 13.90 34.64 28.41
N ILE F 118 14.82 33.71 28.60
CA ILE F 118 14.59 32.29 28.32
C ILE F 118 14.83 31.55 29.63
N GLY F 119 13.75 31.02 30.20
CA GLY F 119 13.86 30.29 31.45
C GLY F 119 12.67 29.38 31.67
N PRO F 120 12.76 28.47 32.64
CA PRO F 120 11.64 27.55 32.89
C PRO F 120 10.50 28.25 33.61
N THR F 121 9.38 27.54 33.69
CA THR F 121 8.19 28.08 34.36
C THR F 121 8.46 28.32 35.83
N GLY F 122 7.85 29.38 36.36
CA GLY F 122 8.00 29.73 37.76
C GLY F 122 9.44 29.96 38.20
N SER F 123 10.29 30.43 37.28
CA SER F 123 11.70 30.67 37.58
C SER F 123 11.99 32.09 38.03
N GLY F 124 11.01 33.00 37.96
CA GLY F 124 11.19 34.38 38.36
C GLY F 124 11.22 35.39 37.23
N LYS F 125 10.83 35.00 36.01
CA LYS F 125 10.83 35.95 34.90
C LYS F 125 9.89 37.11 35.16
N THR F 126 8.65 36.80 35.55
CA THR F 126 7.68 37.86 35.81
C THR F 126 8.09 38.70 37.02
N LEU F 127 8.56 38.06 38.09
CA LEU F 127 8.95 38.79 39.29
C LEU F 127 10.08 39.77 39.01
N LEU F 128 11.00 39.41 38.11
CA LEU F 128 12.11 40.28 37.79
C LEU F 128 11.64 41.58 37.13
N ALA F 129 10.54 41.53 36.38
CA ALA F 129 10.05 42.72 35.68
C ALA F 129 9.56 43.79 36.64
N GLU F 130 8.55 43.47 37.46
CA GLU F 130 7.99 44.48 38.37
C GLU F 130 8.97 44.88 39.47
N THR F 131 9.87 43.98 39.88
CA THR F 131 10.83 44.32 40.93
C THR F 131 11.68 45.52 40.52
N LEU F 132 12.09 45.57 39.26
CA LEU F 132 12.87 46.72 38.80
C LEU F 132 12.05 48.00 38.88
N ALA F 133 10.77 47.92 38.52
CA ALA F 133 9.90 49.09 38.59
C ALA F 133 9.75 49.59 40.02
N ARG F 134 9.77 48.67 41.00
CA ARG F 134 9.65 49.08 42.39
C ARG F 134 10.84 49.97 42.79
N LEU F 135 12.04 49.62 42.31
CA LEU F 135 13.22 50.42 42.62
C LEU F 135 13.11 51.80 41.96
N LEU F 136 12.96 51.81 40.64
CA LEU F 136 12.82 53.03 39.85
C LEU F 136 11.34 53.11 39.46
N ASP F 137 10.62 54.00 40.14
CA ASP F 137 9.18 54.16 39.93
C ASP F 137 8.86 54.41 38.47
N VAL F 138 8.13 53.47 37.87
CA VAL F 138 7.70 53.53 36.47
C VAL F 138 6.47 52.64 36.34
N PRO F 139 5.56 52.89 35.41
CA PRO F 139 4.41 52.01 35.27
C PRO F 139 4.84 50.67 34.70
N PHE F 140 4.20 49.60 35.18
CA PHE F 140 4.49 48.24 34.72
C PHE F 140 3.21 47.55 34.28
N THR F 141 3.27 46.91 33.11
CA THR F 141 2.15 46.14 32.58
C THR F 141 2.70 44.82 32.06
N MET F 142 1.83 43.81 32.02
CA MET F 142 2.19 42.48 31.55
C MET F 142 1.17 42.03 30.52
N ALA F 143 1.67 41.27 29.53
CA ALA F 143 0.84 40.74 28.46
C ALA F 143 1.27 39.31 28.17
N ASP F 144 0.44 38.58 27.45
CA ASP F 144 0.70 37.20 27.09
C ASP F 144 0.50 37.01 25.59
N ALA F 145 1.41 36.28 24.95
CA ALA F 145 1.34 36.06 23.51
C ALA F 145 0.08 35.28 23.11
N THR F 146 -0.37 34.36 23.97
CA THR F 146 -1.57 33.60 23.64
C THR F 146 -2.79 34.51 23.52
N THR F 147 -2.83 35.59 24.30
CA THR F 147 -3.95 36.52 24.22
C THR F 147 -3.98 37.22 22.86
N LEU F 148 -2.81 37.56 22.31
CA LEU F 148 -2.71 38.29 21.06
C LEU F 148 -2.48 37.42 19.83
N THR F 149 -2.64 36.10 19.94
CA THR F 149 -2.48 35.24 18.77
C THR F 149 -3.73 35.20 17.89
N GLU F 150 -4.76 36.00 18.21
CA GLU F 150 -6.01 35.98 17.45
C GLU F 150 -5.80 36.30 15.98
N ALA F 151 -4.86 37.19 15.66
CA ALA F 151 -4.53 37.60 14.30
C ALA F 151 -5.64 38.38 13.61
N GLY F 152 -6.63 38.86 14.37
CA GLY F 152 -7.70 39.68 13.83
C GLY F 152 -7.66 41.03 14.51
N TYR F 153 -7.42 42.09 13.74
CA TYR F 153 -7.32 43.45 14.27
C TYR F 153 -6.29 43.51 15.39
N VAL F 154 -5.08 43.00 15.09
CA VAL F 154 -4.00 42.99 16.07
C VAL F 154 -3.61 44.40 16.49
N GLY F 155 -3.78 45.39 15.61
CA GLY F 155 -3.39 46.75 15.93
C GLY F 155 -4.06 47.31 17.17
N GLU F 156 -5.34 46.99 17.40
CA GLU F 156 -6.04 47.56 18.55
C GLU F 156 -5.58 46.94 19.87
N ASP F 157 -5.14 45.68 19.87
CA ASP F 157 -4.70 45.07 21.12
C ASP F 157 -3.28 45.48 21.51
N VAL F 158 -2.39 45.67 20.53
CA VAL F 158 -1.03 46.09 20.86
C VAL F 158 -1.06 47.48 21.51
N GLU F 159 -1.89 48.37 20.98
CA GLU F 159 -2.02 49.69 21.59
C GLU F 159 -2.80 49.60 22.89
N ASN F 160 -3.63 48.56 23.05
CA ASN F 160 -4.38 48.39 24.29
C ASN F 160 -3.43 48.11 25.46
N ILE F 161 -2.29 47.47 25.18
CA ILE F 161 -1.34 47.16 26.24
C ILE F 161 -0.80 48.46 26.86
N ILE F 162 -0.39 49.41 26.02
CA ILE F 162 0.10 50.67 26.55
C ILE F 162 -1.02 51.43 27.24
N GLN F 163 -2.26 51.28 26.73
CA GLN F 163 -3.41 51.89 27.40
C GLN F 163 -3.53 51.38 28.82
N LYS F 164 -3.31 50.08 29.01
CA LYS F 164 -3.30 49.51 30.34
C LYS F 164 -2.16 50.11 31.15
N LEU F 165 -1.01 50.30 30.51
CA LEU F 165 0.13 50.92 31.16
C LEU F 165 -0.16 52.38 31.46
N LEU F 166 -0.88 53.06 30.57
CA LEU F 166 -1.21 54.46 30.77
C LEU F 166 -2.07 54.66 32.02
N GLN F 167 -2.92 53.68 32.34
CA GLN F 167 -3.77 53.78 33.53
C GLN F 167 -2.92 53.94 34.79
N LYS F 168 -1.85 53.15 34.91
CA LYS F 168 -0.99 53.20 36.09
C LYS F 168 -0.21 54.51 36.20
N CYS F 169 0.15 55.12 35.06
CA CYS F 169 0.95 56.34 35.05
C CYS F 169 0.12 57.62 34.97
N ASP F 170 -1.18 57.54 35.28
CA ASP F 170 -2.07 58.70 35.24
C ASP F 170 -2.25 59.23 33.81
N TYR F 171 -2.12 58.34 32.82
CA TYR F 171 -2.29 58.70 31.41
C TYR F 171 -1.32 59.80 30.97
N ASP F 172 -0.08 59.73 31.45
CA ASP F 172 0.97 60.68 31.09
C ASP F 172 1.81 60.05 29.98
N VAL F 173 1.83 60.70 28.81
CA VAL F 173 2.58 60.17 27.68
C VAL F 173 4.06 60.05 28.01
N GLN F 174 4.64 61.08 28.63
CA GLN F 174 6.06 61.02 28.97
C GLN F 174 6.34 59.90 29.96
N LYS F 175 5.50 59.75 30.98
CA LYS F 175 5.69 58.69 31.95
C LYS F 175 5.50 57.32 31.31
N ALA F 176 4.52 57.21 30.40
CA ALA F 176 4.27 55.93 29.73
C ALA F 176 5.46 55.49 28.90
N GLN F 177 6.12 56.44 28.24
CA GLN F 177 7.28 56.10 27.42
C GLN F 177 8.38 55.47 28.26
N ARG F 178 8.59 55.98 29.48
CA ARG F 178 9.61 55.44 30.38
C ARG F 178 9.20 54.11 31.01
N GLY F 179 7.94 53.69 30.88
CA GLY F 179 7.50 52.46 31.48
C GLY F 179 8.15 51.23 30.86
N ILE F 180 8.12 50.15 31.64
CA ILE F 180 8.69 48.86 31.25
C ILE F 180 7.54 47.90 31.01
N VAL F 181 7.52 47.31 29.81
CA VAL F 181 6.49 46.34 29.43
C VAL F 181 7.11 44.94 29.45
N TYR F 182 6.30 43.95 29.81
CA TYR F 182 6.73 42.57 29.88
C TYR F 182 5.75 41.67 29.15
N ILE F 183 6.28 40.60 28.56
CA ILE F 183 5.50 39.63 27.81
C ILE F 183 6.07 38.26 28.21
N ASP F 184 5.30 37.20 27.93
CA ASP F 184 5.74 35.86 28.29
C ASP F 184 5.08 34.84 27.37
N GLU F 185 5.65 33.63 27.36
CA GLU F 185 5.17 32.52 26.55
C GLU F 185 5.28 32.81 25.06
N ILE F 186 6.44 33.34 24.66
CA ILE F 186 6.69 33.65 23.26
C ILE F 186 6.91 32.39 22.44
N ASP F 187 7.28 31.28 23.09
CA ASP F 187 7.50 30.02 22.38
C ASP F 187 6.26 29.52 21.66
N LYS F 188 5.07 29.81 22.20
CA LYS F 188 3.84 29.31 21.60
C LYS F 188 3.62 29.86 20.20
N ILE F 189 3.84 31.16 20.00
CA ILE F 189 3.61 31.74 18.68
C ILE F 189 4.61 31.21 17.66
N SER F 190 5.83 30.90 18.08
CA SER F 190 6.84 30.37 17.17
C SER F 190 6.42 29.01 16.63
N ARG F 191 6.69 28.77 15.35
CA ARG F 191 6.36 27.50 14.73
C ARG F 191 7.28 27.23 13.54
N GLY F 204 2.14 31.24 15.57
CA GLY F 204 1.71 31.82 14.32
C GLY F 204 2.75 32.77 13.73
N GLU F 205 3.14 32.51 12.48
CA GLU F 205 4.14 33.35 11.83
C GLU F 205 3.61 34.77 11.62
N GLY F 206 2.32 34.89 11.27
CA GLY F 206 1.75 36.21 11.05
C GLY F 206 1.75 37.05 12.31
N VAL F 207 1.56 36.42 13.47
CA VAL F 207 1.56 37.16 14.73
C VAL F 207 2.91 37.81 14.97
N GLN F 208 3.99 37.14 14.56
CA GLN F 208 5.32 37.70 14.72
C GLN F 208 5.53 38.94 13.87
N GLN F 209 4.87 39.00 12.72
CA GLN F 209 5.00 40.16 11.84
C GLN F 209 4.50 41.43 12.53
N ALA F 210 3.38 41.32 13.25
CA ALA F 210 2.85 42.47 13.97
C ALA F 210 3.64 42.77 15.23
N LEU F 211 4.16 41.74 15.90
CA LEU F 211 4.87 41.94 17.15
C LEU F 211 6.19 42.68 16.96
N LEU F 212 6.92 42.39 15.88
CA LEU F 212 8.22 43.04 15.67
C LEU F 212 8.07 44.54 15.50
N LYS F 213 6.98 45.00 14.88
CA LYS F 213 6.77 46.43 14.71
C LYS F 213 6.67 47.13 16.06
N LEU F 214 6.01 46.50 17.02
CA LEU F 214 5.89 47.10 18.35
C LEU F 214 7.24 47.22 19.03
N ILE F 215 8.12 46.23 18.84
CA ILE F 215 9.44 46.27 19.46
C ILE F 215 10.33 47.26 18.72
N GLU F 216 10.27 47.25 17.39
CA GLU F 216 11.10 48.16 16.60
C GLU F 216 10.77 49.62 16.89
N GLY F 217 9.50 49.91 17.19
CA GLY F 217 9.06 51.26 17.50
C GLY F 217 7.90 51.66 16.64
N THR F 218 6.81 52.09 17.27
CA THR F 218 5.61 52.50 16.54
C THR F 218 4.81 53.47 17.41
N VAL F 219 4.16 54.41 16.75
CA VAL F 219 3.32 55.40 17.42
C VAL F 219 1.89 54.87 17.45
N ALA F 220 1.32 54.75 18.65
CA ALA F 220 -0.01 54.21 18.85
C ALA F 220 -0.92 55.25 19.49
N ALA F 221 -2.06 55.51 18.85
CA ALA F 221 -3.03 56.45 19.37
C ALA F 221 -3.91 55.77 20.40
N VAL F 222 -4.19 56.49 21.49
CA VAL F 222 -5.02 55.98 22.59
C VAL F 222 -6.01 57.05 23.01
N PRO F 223 -7.22 56.66 23.43
CA PRO F 223 -8.18 57.68 23.87
C PRO F 223 -7.70 58.35 25.14
N PRO F 224 -8.06 59.63 25.36
CA PRO F 224 -7.60 60.32 26.58
C PRO F 224 -8.42 59.90 27.79
N GLN F 225 -7.80 59.12 28.68
CA GLN F 225 -8.38 58.62 29.94
C GLN F 225 -9.84 58.19 29.79
N GLY F 226 -10.08 57.32 28.81
CA GLY F 226 -11.42 56.82 28.56
C GLY F 226 -12.36 57.89 28.04
N GLY F 227 -13.46 58.11 28.74
CA GLY F 227 -14.45 59.08 28.33
C GLY F 227 -15.54 58.46 27.49
N ARG F 228 -16.68 59.16 27.43
CA ARG F 228 -17.80 58.67 26.65
C ARG F 228 -17.45 58.53 25.17
N LYS F 229 -16.74 59.52 24.63
CA LYS F 229 -16.28 59.56 23.25
C LYS F 229 -15.38 60.78 23.12
N HIS F 230 -14.47 60.74 22.14
CA HIS F 230 -13.56 61.85 21.92
C HIS F 230 -13.19 61.89 20.45
N PRO F 231 -12.86 63.05 19.90
CA PRO F 231 -12.50 63.13 18.49
C PRO F 231 -11.06 62.69 18.25
N GLN F 232 -10.76 62.46 16.96
CA GLN F 232 -9.41 62.04 16.56
C GLN F 232 -8.35 63.02 17.04
N GLN F 233 -8.69 64.30 17.18
CA GLN F 233 -7.70 65.29 17.61
C GLN F 233 -7.26 65.05 19.05
N GLU F 234 -8.19 64.73 19.94
CA GLU F 234 -7.87 64.55 21.35
C GLU F 234 -7.10 63.26 21.64
N PHE F 235 -7.15 62.27 20.73
CA PHE F 235 -6.47 61.00 20.94
C PHE F 235 -4.99 61.20 21.25
N LEU F 236 -4.53 60.57 22.34
CA LEU F 236 -3.15 60.66 22.76
C LEU F 236 -2.30 59.61 22.04
N GLN F 237 -1.19 60.05 21.46
CA GLN F 237 -0.27 59.19 20.73
C GLN F 237 1.01 59.05 21.52
N VAL F 238 1.38 57.81 21.83
CA VAL F 238 2.58 57.49 22.61
C VAL F 238 3.53 56.68 21.74
N ASP F 239 4.77 57.13 21.64
CA ASP F 239 5.79 56.44 20.87
C ASP F 239 6.31 55.24 21.67
N THR F 240 6.32 54.07 21.06
CA THR F 240 6.81 52.86 21.71
C THR F 240 8.32 52.67 21.56
N SER F 241 9.00 53.55 20.83
CA SER F 241 10.44 53.42 20.66
C SER F 241 11.18 53.63 21.98
N LYS F 242 10.64 54.46 22.87
CA LYS F 242 11.26 54.74 24.16
C LYS F 242 10.82 53.78 25.26
N ILE F 243 9.97 52.80 24.95
CA ILE F 243 9.48 51.85 25.95
C ILE F 243 10.32 50.59 25.88
N LEU F 244 10.69 50.06 27.05
CA LEU F 244 11.49 48.85 27.12
C LEU F 244 10.56 47.65 27.08
N PHE F 245 10.80 46.75 26.14
CA PHE F 245 10.00 45.53 25.97
C PHE F 245 10.84 44.32 26.34
N ILE F 246 10.26 43.45 27.18
CA ILE F 246 10.92 42.22 27.62
C ILE F 246 10.01 41.08 27.18
N CYS F 247 10.44 40.35 26.15
CA CYS F 247 9.67 39.24 25.60
C CYS F 247 10.14 37.94 26.24
N GLY F 248 9.58 37.64 27.41
CA GLY F 248 9.94 36.42 28.11
C GLY F 248 9.41 35.18 27.42
N GLY F 249 10.00 34.03 27.77
CA GLY F 249 9.58 32.78 27.18
C GLY F 249 10.24 31.62 27.90
N ALA F 250 9.74 30.42 27.58
CA ALA F 250 10.26 29.17 28.14
C ALA F 250 10.37 28.21 26.97
N PHE F 251 11.58 28.01 26.47
CA PHE F 251 11.84 27.15 25.32
C PHE F 251 12.33 25.80 25.83
N ALA F 252 11.38 24.89 26.07
CA ALA F 252 11.72 23.57 26.59
C ALA F 252 12.50 22.75 25.59
N GLY F 253 12.08 22.75 24.32
CA GLY F 253 12.75 21.96 23.29
C GLY F 253 14.00 22.58 22.70
N LEU F 254 14.31 23.83 23.02
CA LEU F 254 15.49 24.47 22.46
C LEU F 254 16.78 23.86 23.00
N ASP F 255 16.76 23.32 24.22
CA ASP F 255 17.97 22.73 24.79
C ASP F 255 18.48 21.57 23.92
N LYS F 256 17.56 20.77 23.39
CA LYS F 256 17.97 19.66 22.53
C LYS F 256 18.65 20.17 21.27
N VAL F 257 18.14 21.28 20.72
CA VAL F 257 18.72 21.86 19.51
C VAL F 257 20.14 22.31 19.77
N ILE F 258 20.40 22.87 20.95
CA ILE F 258 21.74 23.35 21.27
C ILE F 258 22.69 22.18 21.46
N SER F 259 22.23 21.12 22.13
CA SER F 259 23.08 19.95 22.33
C SER F 259 23.47 19.34 20.99
N HIS F 260 22.53 19.33 20.05
CA HIS F 260 22.81 18.80 18.72
C HIS F 260 23.89 19.61 18.02
N ARG F 261 23.81 20.94 18.14
CA ARG F 261 24.79 21.82 17.51
C ARG F 261 26.14 21.82 18.25
N VAL F 262 26.11 21.82 19.58
CA VAL F 262 27.34 21.92 20.36
C VAL F 262 27.87 20.55 20.77
N GLU F 263 27.02 19.69 21.32
CA GLU F 263 27.45 18.37 21.77
C GLU F 263 27.29 17.35 20.64
N THR F 264 27.51 16.08 20.95
CA THR F 264 27.38 15.02 19.97
C THR F 264 25.94 14.96 19.46
N GLY F 265 25.81 14.69 18.16
CA GLY F 265 24.50 14.60 17.53
C GLY F 265 23.90 13.20 17.60
N SER F 266 23.98 12.57 18.76
CA SER F 266 23.45 11.23 18.98
C SER F 266 22.59 11.26 20.23
N GLY F 267 21.33 10.85 20.08
CA GLY F 267 20.38 10.84 21.19
C GLY F 267 19.67 9.51 21.41
N ILE F 268 19.83 8.57 20.48
CA ILE F 268 19.15 7.28 20.54
C ILE F 268 20.11 6.11 20.76
N GLY F 269 21.27 6.14 20.13
CA GLY F 269 22.19 5.02 20.19
C GLY F 269 22.79 4.71 21.55
N PHE F 270 23.62 3.67 21.56
CA PHE F 270 24.29 3.22 22.77
C PHE F 270 25.20 4.30 23.34
N GLY F 271 25.94 4.99 22.48
CA GLY F 271 26.85 6.04 22.90
C GLY F 271 26.22 7.38 23.13
N ALA F 272 24.91 7.50 22.88
CA ALA F 272 24.22 8.75 23.08
C ALA F 272 23.99 9.02 24.57
N THR F 273 23.64 10.26 24.87
CA THR F 273 23.37 10.70 26.23
C THR F 273 21.85 10.84 26.39
N VAL F 274 21.26 9.90 27.11
CA VAL F 274 19.82 9.86 27.36
C VAL F 274 19.57 9.96 28.85
N LYS F 275 20.46 10.64 29.56
CA LYS F 275 20.36 10.77 31.02
C LYS F 275 19.27 11.79 31.36
N ALA F 276 18.03 11.38 31.12
CA ALA F 276 16.86 12.20 31.41
C ALA F 276 16.40 11.99 32.85
N LYS F 277 17.35 12.19 33.78
CA LYS F 277 17.12 12.04 35.21
C LYS F 277 16.22 13.12 35.79
N SER F 278 15.85 14.14 35.01
CA SER F 278 15.03 15.30 35.38
C SER F 278 15.86 16.30 36.18
N ASP F 279 17.16 16.07 36.36
CA ASP F 279 17.99 17.02 37.09
C ASP F 279 18.06 18.36 36.36
N LYS F 280 18.23 18.32 35.04
CA LYS F 280 18.31 19.50 34.18
C LYS F 280 19.44 20.46 34.59
N ALA F 281 20.45 19.96 35.30
CA ALA F 281 21.57 20.82 35.68
C ALA F 281 22.37 21.22 34.45
N SER F 282 22.54 20.30 33.51
CA SER F 282 23.28 20.61 32.29
C SER F 282 22.56 21.67 31.47
N GLU F 283 21.22 21.72 31.57
CA GLU F 283 20.43 22.70 30.84
C GLU F 283 20.85 24.14 31.14
N GLY F 284 21.34 24.41 32.35
CA GLY F 284 21.74 25.76 32.71
C GLY F 284 22.84 26.31 31.82
N GLU F 285 23.97 25.60 31.75
CA GLU F 285 25.06 26.06 30.88
C GLU F 285 24.74 25.83 29.42
N LEU F 286 23.90 24.85 29.10
CA LEU F 286 23.57 24.57 27.71
C LEU F 286 22.75 25.71 27.11
N LEU F 287 21.74 26.19 27.84
CA LEU F 287 20.94 27.30 27.34
C LEU F 287 21.73 28.60 27.30
N ALA F 288 22.79 28.72 28.12
CA ALA F 288 23.59 29.93 28.12
C ALA F 288 24.32 30.14 26.79
N GLN F 289 24.50 29.08 26.01
CA GLN F 289 25.16 29.15 24.71
C GLN F 289 24.19 29.48 23.58
N VAL F 290 23.00 30.00 23.91
CA VAL F 290 22.00 30.35 22.91
C VAL F 290 22.59 31.31 21.89
N GLU F 291 22.35 31.02 20.62
CA GLU F 291 22.80 31.82 19.49
C GLU F 291 21.62 31.99 18.55
N PRO F 292 21.70 32.90 17.57
CA PRO F 292 20.56 33.08 16.67
C PRO F 292 20.23 31.86 15.82
N GLU F 293 21.20 30.96 15.60
CA GLU F 293 20.94 29.78 14.78
C GLU F 293 19.93 28.83 15.44
N ASP F 294 20.05 28.57 16.74
CA ASP F 294 19.11 27.64 17.36
C ASP F 294 17.70 28.21 17.41
N LEU F 295 17.57 29.54 17.51
CA LEU F 295 16.24 30.16 17.57
C LEU F 295 15.48 29.98 16.27
N ILE F 296 16.16 30.14 15.12
CA ILE F 296 15.46 29.98 13.84
C ILE F 296 14.97 28.55 13.68
N LYS F 297 15.73 27.57 14.18
CA LYS F 297 15.27 26.19 14.13
C LYS F 297 13.99 26.03 14.93
N PHE F 298 13.88 26.75 16.06
CA PHE F 298 12.68 26.70 16.88
C PHE F 298 11.46 27.28 16.16
N GLY F 299 11.67 28.07 15.11
CA GLY F 299 10.60 28.68 14.32
C GLY F 299 10.58 30.18 14.34
N LEU F 300 11.39 30.85 15.15
CA LEU F 300 11.41 32.30 15.16
C LEU F 300 12.04 32.82 13.87
N ILE F 301 11.44 33.84 13.29
CA ILE F 301 11.96 34.42 12.06
C ILE F 301 13.19 35.26 12.41
N PRO F 302 14.17 35.38 11.51
CA PRO F 302 15.38 36.16 11.86
C PRO F 302 15.13 37.62 12.16
N GLU F 303 14.15 38.26 11.50
CA GLU F 303 13.88 39.67 11.76
C GLU F 303 13.51 39.91 13.21
N PHE F 304 12.66 39.05 13.77
CA PHE F 304 12.25 39.21 15.17
C PHE F 304 13.42 39.02 16.11
N ILE F 305 14.30 38.06 15.81
CA ILE F 305 15.47 37.80 16.65
C ILE F 305 16.39 39.02 16.68
N GLY F 306 16.52 39.72 15.55
CA GLY F 306 17.40 40.87 15.49
C GLY F 306 16.99 41.99 16.42
N ARG F 307 15.69 42.15 16.65
CA ARG F 307 15.19 43.19 17.55
C ARG F 307 15.35 42.85 19.02
N LEU F 308 15.92 41.69 19.35
CA LEU F 308 16.13 41.25 20.73
C LEU F 308 17.62 40.93 20.88
N PRO F 309 18.48 41.95 20.87
CA PRO F 309 19.92 41.68 20.99
C PRO F 309 20.33 41.13 22.34
N VAL F 310 19.76 41.65 23.43
CA VAL F 310 20.13 41.20 24.77
C VAL F 310 19.37 39.93 25.10
N VAL F 311 20.06 38.97 25.69
CA VAL F 311 19.48 37.68 26.07
C VAL F 311 19.94 37.32 27.48
N ALA F 312 18.99 37.03 28.35
CA ALA F 312 19.23 36.63 29.73
C ALA F 312 18.64 35.24 29.91
N THR F 313 19.40 34.33 30.52
CA THR F 313 18.98 32.95 30.70
C THR F 313 18.97 32.56 32.17
N LEU F 314 17.84 32.01 32.62
CA LEU F 314 17.66 31.51 33.97
C LEU F 314 17.92 30.00 33.92
N ASN F 315 18.66 29.48 34.89
CA ASN F 315 18.99 28.06 34.82
C ASN F 315 17.87 27.16 35.32
N GLU F 316 17.53 27.25 36.61
CA GLU F 316 16.48 26.42 37.20
C GLU F 316 16.36 26.83 38.66
N LEU F 317 15.26 26.41 39.30
CA LEU F 317 15.05 26.60 40.72
C LEU F 317 15.17 25.21 41.33
N SER F 318 16.23 24.99 42.11
CA SER F 318 16.49 23.70 42.73
C SER F 318 15.66 23.53 44.00
N GLU F 319 15.65 22.30 44.51
CA GLU F 319 14.91 22.01 45.73
C GLU F 319 15.46 22.83 46.89
N GLU F 320 16.79 22.92 47.00
CA GLU F 320 17.39 23.73 48.05
C GLU F 320 17.08 25.21 47.83
N ALA F 321 17.09 25.65 46.56
CA ALA F 321 16.80 27.05 46.26
C ALA F 321 15.39 27.42 46.70
N LEU F 322 14.45 26.48 46.56
CA LEU F 322 13.07 26.75 46.97
C LEU F 322 12.99 26.98 48.47
N ILE F 323 13.79 26.24 49.24
CA ILE F 323 13.80 26.40 50.69
C ILE F 323 14.24 27.82 51.05
N GLN F 324 15.27 28.31 50.36
CA GLN F 324 15.76 29.66 50.63
C GLN F 324 14.71 30.71 50.28
N ILE F 325 13.99 30.52 49.16
CA ILE F 325 12.97 31.47 48.74
C ILE F 325 11.85 31.57 49.77
N LEU F 326 11.61 30.50 50.52
CA LEU F 326 10.56 30.51 51.52
C LEU F 326 10.82 31.52 52.64
N LYS F 327 12.09 31.75 53.00
CA LYS F 327 12.45 32.65 54.10
C LYS F 327 13.41 33.77 53.74
N GLU F 328 14.39 33.54 52.86
CA GLU F 328 15.39 34.58 52.57
C GLU F 328 14.83 35.88 51.99
N PRO F 329 13.84 35.90 51.10
CA PRO F 329 13.35 37.19 50.58
C PRO F 329 12.83 38.10 51.68
N LYS F 330 12.81 39.41 51.37
CA LYS F 330 12.32 40.40 52.32
C LYS F 330 10.88 40.10 52.70
N ASN F 331 9.99 40.08 51.70
CA ASN F 331 8.58 39.74 51.91
C ASN F 331 8.39 38.24 51.68
N ALA F 332 9.13 37.48 52.46
CA ALA F 332 9.12 36.02 52.36
C ALA F 332 7.73 35.47 52.69
N LEU F 333 7.43 34.32 52.08
CA LEU F 333 6.14 33.67 52.31
C LEU F 333 5.94 33.34 53.78
N THR F 334 6.98 32.81 54.43
CA THR F 334 6.86 32.47 55.85
C THR F 334 6.62 33.72 56.68
N LYS F 335 7.30 34.82 56.35
CA LYS F 335 7.13 36.06 57.10
C LYS F 335 5.70 36.59 56.98
N GLN F 336 5.10 36.46 55.79
CA GLN F 336 3.74 36.94 55.59
C GLN F 336 2.76 36.19 56.51
N TYR F 337 2.87 34.86 56.54
CA TYR F 337 1.99 34.09 57.41
C TYR F 337 2.33 34.32 58.88
N GLN F 338 3.63 34.43 59.20
CA GLN F 338 4.03 34.68 60.57
C GLN F 338 3.44 35.99 61.10
N ALA F 339 3.47 37.04 60.28
CA ALA F 339 2.92 38.32 60.69
C ALA F 339 1.43 38.22 60.94
N LEU F 340 0.71 37.48 60.11
CA LEU F 340 -0.72 37.30 60.29
C LEU F 340 -1.03 36.65 61.63
N PHE F 341 -0.22 35.66 62.02
CA PHE F 341 -0.43 35.02 63.30
C PHE F 341 0.02 35.92 64.46
N ASN F 342 1.05 36.75 64.25
CA ASN F 342 1.56 37.60 65.31
C ASN F 342 0.51 38.56 65.82
N LEU F 343 -0.20 39.25 64.92
CA LEU F 343 -1.23 40.19 65.34
C LEU F 343 -2.38 39.48 66.05
N GLU F 344 -2.67 38.24 65.64
CA GLU F 344 -3.73 37.47 66.29
C GLU F 344 -3.45 37.29 67.78
N GLY F 345 -2.17 37.16 68.15
CA GLY F 345 -1.75 36.99 69.54
C GLY F 345 -0.91 35.75 69.77
N VAL F 346 -0.55 34.98 68.73
CA VAL F 346 0.27 33.79 68.86
C VAL F 346 1.33 33.81 67.77
N ASP F 347 2.57 33.55 68.13
CA ASP F 347 3.66 33.54 67.15
C ASP F 347 3.67 32.20 66.41
N LEU F 348 4.40 32.17 65.30
CA LEU F 348 4.51 30.99 64.46
C LEU F 348 5.98 30.65 64.23
N GLU F 349 6.30 29.37 64.26
CA GLU F 349 7.65 28.85 64.08
C GLU F 349 7.65 27.81 62.98
N PHE F 350 8.53 27.98 62.00
CA PHE F 350 8.66 27.07 60.86
C PHE F 350 9.96 26.28 61.00
N ARG F 351 9.83 24.99 61.34
CA ARG F 351 11.01 24.15 61.47
C ARG F 351 11.60 23.87 60.09
N ASP F 352 12.92 23.65 60.07
CA ASP F 352 13.60 23.34 58.82
C ASP F 352 13.06 22.06 58.20
N GLU F 353 12.62 21.12 59.04
CA GLU F 353 12.06 19.87 58.51
C GLU F 353 10.83 20.13 57.65
N ALA F 354 10.00 21.09 58.06
CA ALA F 354 8.81 21.41 57.29
C ALA F 354 9.16 22.02 55.94
N LEU F 355 10.27 22.76 55.86
CA LEU F 355 10.68 23.42 54.61
C LEU F 355 10.98 22.41 53.51
N ASP F 356 11.70 21.32 53.83
CA ASP F 356 12.03 20.35 52.79
C ASP F 356 10.79 19.68 52.23
N ALA F 357 9.81 19.40 53.10
CA ALA F 357 8.57 18.79 52.66
C ALA F 357 7.85 19.68 51.65
N ILE F 358 7.80 20.98 51.94
CA ILE F 358 7.15 21.92 51.03
C ILE F 358 7.93 22.03 49.73
N ALA F 359 9.26 22.11 49.81
CA ALA F 359 10.08 22.23 48.62
C ALA F 359 9.99 20.97 47.76
N LYS F 360 9.98 19.80 48.39
CA LYS F 360 9.89 18.55 47.63
C LYS F 360 8.57 18.46 46.87
N LYS F 361 7.48 18.90 47.51
CA LYS F 361 6.17 18.84 46.85
C LYS F 361 6.15 19.75 45.62
N ALA F 362 6.75 20.94 45.73
CA ALA F 362 6.76 21.86 44.60
C ALA F 362 7.58 21.30 43.43
N MET F 363 8.71 20.65 43.74
CA MET F 363 9.54 20.09 42.68
C MET F 363 8.81 19.01 41.91
N ALA F 364 8.14 18.09 42.62
CA ALA F 364 7.39 17.04 41.94
C ALA F 364 6.22 17.63 41.16
N ARG F 365 5.54 18.62 41.73
CA ARG F 365 4.42 19.26 41.05
C ARG F 365 4.86 20.09 39.86
N LYS F 366 6.13 20.53 39.82
CA LYS F 366 6.71 21.33 38.75
C LYS F 366 6.22 22.77 38.73
N THR F 367 5.77 23.29 39.88
CA THR F 367 5.27 24.65 39.97
C THR F 367 6.35 25.67 40.32
N GLY F 368 7.57 25.22 40.58
CA GLY F 368 8.61 26.17 40.97
C GLY F 368 8.22 26.80 42.29
N ALA F 369 8.39 28.12 42.37
CA ALA F 369 8.04 28.85 43.58
C ALA F 369 6.54 29.12 43.70
N ARG F 370 5.79 29.02 42.60
CA ARG F 370 4.36 29.31 42.61
C ARG F 370 3.59 28.41 43.58
N GLY F 371 3.84 27.10 43.53
CA GLY F 371 3.11 26.18 44.38
C GLY F 371 3.37 26.34 45.86
N LEU F 372 4.47 27.00 46.23
CA LEU F 372 4.80 27.20 47.64
C LEU F 372 3.66 27.86 48.41
N ARG F 373 3.04 28.88 47.81
CA ARG F 373 1.94 29.57 48.48
C ARG F 373 0.75 28.64 48.70
N SER F 374 0.40 27.84 47.70
CA SER F 374 -0.75 26.96 47.84
C SER F 374 -0.52 25.86 48.87
N ILE F 375 0.68 25.28 48.88
CA ILE F 375 0.97 24.20 49.83
C ILE F 375 0.93 24.72 51.27
N VAL F 376 1.44 25.93 51.50
CA VAL F 376 1.45 26.47 52.85
C VAL F 376 0.04 26.82 53.31
N GLU F 377 -0.76 27.41 52.43
CA GLU F 377 -2.12 27.78 52.80
C GLU F 377 -2.96 26.56 53.17
N ALA F 378 -2.83 25.47 52.41
CA ALA F 378 -3.61 24.27 52.71
C ALA F 378 -3.23 23.70 54.07
N ALA F 379 -1.92 23.69 54.39
CA ALA F 379 -1.48 23.15 55.67
C ALA F 379 -1.99 24.00 56.82
N LEU F 380 -2.02 25.32 56.65
CA LEU F 380 -2.45 26.25 57.68
C LEU F 380 -3.95 26.57 57.64
N LEU F 381 -4.70 25.99 56.69
CA LEU F 381 -6.12 26.29 56.60
C LEU F 381 -6.90 25.79 57.80
N ASP F 382 -6.63 24.56 58.24
CA ASP F 382 -7.36 24.00 59.38
C ASP F 382 -7.10 24.79 60.66
N THR F 383 -5.82 25.04 60.97
CA THR F 383 -5.48 25.77 62.19
C THR F 383 -5.99 27.20 62.14
N MET F 384 -5.93 27.85 60.98
CA MET F 384 -6.43 29.22 60.86
C MET F 384 -7.91 29.30 61.18
N TYR F 385 -8.65 28.22 60.90
CA TYR F 385 -10.08 28.21 61.18
C TYR F 385 -10.37 28.07 62.67
N ASP F 386 -9.63 27.22 63.37
CA ASP F 386 -9.87 26.97 64.79
C ASP F 386 -9.02 27.82 65.74
N LEU F 387 -7.85 28.30 65.30
CA LEU F 387 -7.02 29.10 66.20
C LEU F 387 -7.70 30.35 66.73
N PRO F 388 -8.47 31.13 65.94
CA PRO F 388 -9.13 32.30 66.55
C PRO F 388 -10.14 31.91 67.60
N SER F 389 -10.95 30.88 67.34
CA SER F 389 -11.92 30.42 68.31
C SER F 389 -11.23 29.83 69.53
N MET F 390 -10.18 29.04 69.31
CA MET F 390 -9.45 28.42 70.40
C MET F 390 -8.58 29.44 71.14
N GLU F 391 -8.24 29.09 72.37
CA GLU F 391 -7.42 29.94 73.23
C GLU F 391 -6.45 29.05 74.00
N ASP F 392 -5.53 29.68 74.71
CA ASP F 392 -4.48 29.06 75.53
C ASP F 392 -3.33 28.55 74.66
N VAL F 393 -3.34 28.83 73.35
CA VAL F 393 -2.25 28.41 72.46
C VAL F 393 -1.20 29.50 72.57
N GLU F 394 -0.24 29.30 73.46
CA GLU F 394 0.82 30.28 73.66
C GLU F 394 1.68 30.41 72.41
N LYS F 395 2.00 29.28 71.78
CA LYS F 395 2.82 29.29 70.57
C LYS F 395 2.42 28.10 69.70
N VAL F 396 2.74 28.20 68.41
CA VAL F 396 2.45 27.16 67.43
C VAL F 396 3.74 26.78 66.72
N VAL F 397 3.90 25.49 66.44
CA VAL F 397 5.07 24.95 65.75
C VAL F 397 4.59 24.04 64.64
N ILE F 398 5.40 23.95 63.58
CA ILE F 398 5.12 23.11 62.42
C ILE F 398 6.32 22.21 62.15
N ASP F 399 6.05 21.01 61.64
CA ASP F 399 7.08 20.04 61.32
C ASP F 399 6.73 19.37 60.00
N GLU F 400 7.65 18.52 59.52
CA GLU F 400 7.47 17.82 58.25
C GLU F 400 6.23 16.95 58.27
N SER F 401 5.88 16.36 59.42
CA SER F 401 4.71 15.50 59.51
C SER F 401 3.44 16.29 59.20
N VAL F 402 3.38 17.55 59.63
CA VAL F 402 2.21 18.40 59.40
C VAL F 402 2.01 18.62 57.90
N ILE F 403 3.09 18.79 57.16
CA ILE F 403 3.00 19.03 55.72
C ILE F 403 2.36 17.82 55.04
N ASP F 404 2.69 16.62 55.51
CA ASP F 404 2.13 15.41 54.94
C ASP F 404 0.62 15.36 55.12
N GLY F 405 0.10 15.95 56.19
CA GLY F 405 -1.32 15.98 56.50
C GLY F 405 -1.73 15.01 57.58
N GLN F 406 -0.88 14.03 57.89
CA GLN F 406 -1.20 13.06 58.93
C GLN F 406 -1.21 13.67 60.31
N SER F 407 -0.29 14.62 60.57
CA SER F 407 -0.17 15.25 61.86
C SER F 407 -0.82 16.64 61.88
N GLU F 408 -1.04 17.13 63.10
CA GLU F 408 -1.65 18.40 63.44
C GLU F 408 -0.57 19.36 63.95
N PRO F 409 -0.62 20.66 63.61
CA PRO F 409 0.41 21.58 64.12
C PRO F 409 0.48 21.58 65.64
N LEU F 410 1.70 21.45 66.16
CA LEU F 410 1.89 21.44 67.60
C LEU F 410 1.46 22.76 68.22
N LEU F 411 0.79 22.67 69.37
CA LEU F 411 0.30 23.83 70.11
C LEU F 411 1.00 23.87 71.47
N ILE F 412 1.42 25.07 71.87
CA ILE F 412 2.09 25.29 73.14
C ILE F 412 1.12 25.97 74.09
N TYR F 413 1.10 25.51 75.34
CA TYR F 413 0.20 26.03 76.36
C TYR F 413 1.00 26.55 77.55
N LEU G 1 -3.86 -7.66 5.25
CA LEU G 1 -2.86 -6.63 5.51
C LEU G 1 -3.08 -6.01 6.89
N VAL G 2 -2.09 -5.27 7.36
CA VAL G 2 -2.19 -4.62 8.67
C VAL G 2 -3.30 -3.56 8.63
N PRO G 3 -4.19 -3.49 9.63
CA PRO G 3 -5.24 -2.46 9.60
C PRO G 3 -4.81 -1.15 10.22
N MET G 4 -5.00 -0.05 9.49
CA MET G 4 -4.66 1.27 9.99
C MET G 4 -5.63 1.71 11.07
N VAL G 5 -5.14 2.55 11.98
CA VAL G 5 -5.92 3.07 13.09
C VAL G 5 -5.69 4.59 13.18
N ILE G 6 -6.66 5.25 13.81
CA ILE G 6 -6.64 6.70 13.97
C ILE G 6 -6.41 7.05 15.44
N GLU G 7 -5.50 7.99 15.68
CA GLU G 7 -5.17 8.46 17.02
C GLU G 7 -5.51 9.95 17.09
N GLN G 8 -6.28 10.33 18.11
CA GLN G 8 -6.66 11.71 18.32
C GLN G 8 -5.60 12.43 19.16
N THR G 9 -5.15 13.57 18.67
CA THR G 9 -4.17 14.39 19.36
C THR G 9 -4.56 15.86 19.22
N SER G 10 -3.82 16.72 19.90
CA SER G 10 -4.11 18.15 19.87
C SER G 10 -4.06 18.72 18.45
N ARG G 11 -3.10 18.25 17.65
CA ARG G 11 -2.99 18.75 16.28
C ARG G 11 -4.21 18.35 15.45
N GLY G 12 -4.66 17.11 15.60
CA GLY G 12 -5.81 16.62 14.88
C GLY G 12 -5.72 15.12 14.75
N GLU G 13 -6.57 14.56 13.90
CA GLU G 13 -6.55 13.12 13.69
C GLU G 13 -5.27 12.72 12.96
N ARG G 14 -4.68 11.61 13.40
CA ARG G 14 -3.47 11.07 12.83
C ARG G 14 -3.66 9.59 12.56
N SER G 15 -3.02 9.10 11.50
CA SER G 15 -3.13 7.71 11.08
C SER G 15 -1.88 6.94 11.47
N PHE G 16 -2.08 5.76 12.07
CA PHE G 16 -0.99 4.91 12.52
C PHE G 16 -1.29 3.47 12.17
N ASP G 17 -0.23 2.71 11.90
CA ASP G 17 -0.39 1.28 11.70
C ASP G 17 -0.72 0.66 13.06
N ILE G 18 -1.29 -0.54 13.04
CA ILE G 18 -1.65 -1.21 14.29
C ILE G 18 -0.40 -1.46 15.14
N TYR G 19 0.69 -1.89 14.50
CA TYR G 19 1.92 -2.15 15.25
C TYR G 19 2.59 -0.85 15.67
N SER G 20 2.64 0.14 14.77
CA SER G 20 3.25 1.42 15.11
C SER G 20 2.49 2.12 16.22
N ARG G 21 1.15 1.99 16.21
CA ARG G 21 0.35 2.61 17.26
C ARG G 21 0.71 2.04 18.62
N LEU G 22 0.90 0.71 18.70
CA LEU G 22 1.27 0.09 19.95
C LEU G 22 2.70 0.44 20.33
N LEU G 23 3.57 0.65 19.34
CA LEU G 23 4.95 1.03 19.63
C LEU G 23 4.98 2.38 20.34
N LYS G 24 4.01 3.25 20.05
CA LYS G 24 3.94 4.53 20.72
C LYS G 24 3.65 4.36 22.20
N GLU G 25 3.03 3.24 22.58
CA GLU G 25 2.73 2.93 23.97
C GLU G 25 3.79 2.02 24.59
N ARG G 26 4.99 1.97 24.02
CA ARG G 26 6.09 1.19 24.55
C ARG G 26 5.80 -0.32 24.54
N VAL G 27 5.27 -0.80 23.42
CA VAL G 27 4.94 -2.21 23.24
C VAL G 27 5.68 -2.71 22.00
N ILE G 28 6.50 -3.74 22.18
CA ILE G 28 7.27 -4.35 21.10
C ILE G 28 6.83 -5.80 20.95
N PHE G 29 6.60 -6.21 19.71
CA PHE G 29 6.16 -7.57 19.40
C PHE G 29 7.31 -8.41 18.88
N LEU G 30 7.64 -9.48 19.59
CA LEU G 30 8.67 -10.44 19.20
C LEU G 30 7.89 -11.64 18.67
N THR G 31 7.87 -11.80 17.35
CA THR G 31 7.11 -12.87 16.72
C THR G 31 7.91 -13.61 15.67
N GLY G 32 7.78 -14.94 15.67
CA GLY G 32 8.42 -15.78 14.70
C GLY G 32 9.84 -16.20 15.01
N GLN G 33 10.42 -16.87 14.03
CA GLN G 33 11.78 -17.37 14.11
C GLN G 33 12.76 -16.22 14.32
N VAL G 34 13.53 -16.29 15.40
CA VAL G 34 14.50 -15.26 15.71
C VAL G 34 15.63 -15.27 14.67
N GLU G 35 15.86 -14.13 14.04
CA GLU G 35 16.91 -13.98 13.05
C GLU G 35 17.55 -12.61 13.23
N ASP G 36 18.69 -12.43 12.58
CA ASP G 36 19.45 -11.18 12.69
C ASP G 36 18.63 -9.97 12.25
N HIS G 37 17.87 -10.09 11.17
CA HIS G 37 17.12 -8.95 10.65
C HIS G 37 16.05 -8.48 11.62
N MET G 38 15.22 -9.39 12.13
CA MET G 38 14.18 -8.97 13.06
C MET G 38 14.77 -8.52 14.40
N ALA G 39 15.89 -9.13 14.81
CA ALA G 39 16.49 -8.76 16.08
C ALA G 39 17.00 -7.32 16.05
N ASN G 40 17.65 -6.93 14.95
CA ASN G 40 18.11 -5.55 14.86
C ASN G 40 16.95 -4.57 14.85
N LEU G 41 15.78 -5.02 14.36
CA LEU G 41 14.61 -4.17 14.37
C LEU G 41 14.10 -3.98 15.79
N ILE G 42 14.14 -5.05 16.59
CA ILE G 42 13.73 -4.95 17.99
C ILE G 42 14.71 -4.09 18.75
N VAL G 43 16.00 -4.24 18.46
CA VAL G 43 17.03 -3.44 19.12
C VAL G 43 16.82 -1.96 18.84
N ALA G 44 16.51 -1.63 17.59
CA ALA G 44 16.26 -0.24 17.23
C ALA G 44 15.05 0.31 17.96
N GLN G 45 14.01 -0.51 18.11
CA GLN G 45 12.82 -0.08 18.82
C GLN G 45 13.13 0.22 20.29
N MET G 46 13.93 -0.63 20.92
CA MET G 46 14.29 -0.43 22.32
C MET G 46 15.06 0.87 22.51
N LEU G 47 16.10 1.07 21.70
CA LEU G 47 16.90 2.29 21.80
C LEU G 47 16.06 3.53 21.58
N PHE G 48 15.10 3.46 20.65
CA PHE G 48 14.25 4.61 20.38
C PHE G 48 13.38 4.94 21.59
N LEU G 49 12.80 3.92 22.23
CA LEU G 49 11.96 4.16 23.39
C LEU G 49 12.78 4.69 24.56
N GLU G 50 14.01 4.20 24.71
CA GLU G 50 14.88 4.67 25.78
C GLU G 50 15.08 6.18 25.70
N ALA G 51 15.27 6.70 24.49
CA ALA G 51 15.47 8.13 24.32
C ALA G 51 14.22 8.92 24.67
N GLU G 52 13.05 8.43 24.24
CA GLU G 52 11.80 9.15 24.50
C GLU G 52 11.55 9.28 25.99
N ASN G 53 11.65 8.18 26.73
CA ASN G 53 11.43 8.21 28.17
C ASN G 53 12.19 7.05 28.83
N PRO G 54 13.42 7.26 29.31
CA PRO G 54 14.15 6.15 29.96
C PRO G 54 13.54 5.70 31.27
N GLU G 55 12.63 6.46 31.87
CA GLU G 55 12.02 6.05 33.13
C GLU G 55 10.88 5.06 32.92
N LYS G 56 10.04 5.29 31.92
CA LYS G 56 8.91 4.40 31.68
C LYS G 56 9.37 3.03 31.21
N ASP G 57 8.62 2.01 31.60
CA ASP G 57 8.92 0.63 31.27
C ASP G 57 8.57 0.32 29.81
N ILE G 58 9.13 -0.79 29.34
CA ILE G 58 8.92 -1.30 27.99
C ILE G 58 8.34 -2.70 28.11
N TYR G 59 7.35 -3.00 27.26
CA TYR G 59 6.65 -4.28 27.27
C TYR G 59 6.96 -5.05 26.00
N LEU G 60 7.60 -6.21 26.16
CA LEU G 60 7.97 -7.10 25.07
C LEU G 60 7.03 -8.31 25.09
N TYR G 61 6.28 -8.49 24.00
CA TYR G 61 5.34 -9.61 23.86
C TYR G 61 6.04 -10.68 23.04
N ILE G 62 6.24 -11.85 23.65
CA ILE G 62 6.98 -12.95 23.04
C ILE G 62 6.06 -14.10 22.66
N ASN G 63 6.02 -14.40 21.36
CA ASN G 63 5.31 -15.54 20.81
C ASN G 63 6.22 -16.01 19.67
N SER G 64 7.12 -16.95 19.96
CA SER G 64 8.07 -17.40 18.96
C SER G 64 8.54 -18.79 19.30
N PRO G 65 8.99 -19.57 18.32
CA PRO G 65 9.52 -20.92 18.58
C PRO G 65 11.03 -20.96 18.80
N GLY G 66 11.70 -19.82 18.87
CA GLY G 66 13.13 -19.76 19.07
C GLY G 66 13.87 -19.46 17.78
N GLY G 67 15.19 -19.58 17.86
CA GLY G 67 16.01 -19.34 16.69
C GLY G 67 17.49 -19.24 16.95
N VAL G 68 18.16 -18.35 16.20
CA VAL G 68 19.59 -18.17 16.32
C VAL G 68 19.94 -17.61 17.69
N ILE G 69 21.07 -18.04 18.25
CA ILE G 69 21.50 -17.59 19.56
C ILE G 69 22.14 -16.21 19.47
N THR G 70 22.98 -15.99 18.46
CA THR G 70 23.64 -14.69 18.29
C THR G 70 22.60 -13.58 18.13
N ALA G 71 21.57 -13.82 17.33
CA ALA G 71 20.55 -12.81 17.13
C ALA G 71 19.77 -12.54 18.41
N GLY G 72 19.40 -13.60 19.13
CA GLY G 72 18.69 -13.44 20.37
C GLY G 72 19.54 -12.77 21.43
N MET G 73 20.84 -13.03 21.42
CA MET G 73 21.72 -12.44 22.41
C MET G 73 21.91 -10.95 22.21
N SER G 74 21.67 -10.44 21.00
CA SER G 74 21.75 -9.00 20.77
C SER G 74 20.58 -8.28 21.42
N ILE G 75 19.47 -8.99 21.61
CA ILE G 75 18.30 -8.42 22.25
C ILE G 75 18.48 -8.44 23.77
N TYR G 76 19.08 -9.50 24.29
CA TYR G 76 19.30 -9.62 25.72
C TYR G 76 20.25 -8.54 26.23
N ASP G 77 21.37 -8.34 25.53
CA ASP G 77 22.33 -7.33 25.95
C ASP G 77 21.73 -5.93 25.84
N THR G 78 20.85 -5.70 24.86
CA THR G 78 20.21 -4.41 24.73
C THR G 78 19.27 -4.15 25.89
N MET G 79 18.53 -5.18 26.31
CA MET G 79 17.59 -5.03 27.43
C MET G 79 18.32 -4.68 28.71
N GLN G 80 19.43 -5.36 29.00
CA GLN G 80 20.18 -5.09 30.20
C GLN G 80 20.90 -3.76 30.15
N PHE G 81 21.32 -3.34 28.96
CA PHE G 81 22.04 -2.07 28.83
C PHE G 81 21.15 -0.88 29.12
N ILE G 82 19.98 -0.81 28.47
CA ILE G 82 19.10 0.34 28.65
C ILE G 82 18.62 0.44 30.09
N LYS G 83 18.43 1.68 30.52
CA LYS G 83 17.97 1.94 31.89
C LYS G 83 16.53 1.48 32.14
N PRO G 84 15.55 1.77 31.27
CA PRO G 84 14.18 1.33 31.58
C PRO G 84 14.05 -0.18 31.69
N ASP G 85 13.17 -0.60 32.58
CA ASP G 85 12.90 -2.01 32.78
C ASP G 85 12.11 -2.54 31.61
N VAL G 86 12.42 -3.75 31.18
CA VAL G 86 11.78 -4.40 30.05
C VAL G 86 10.92 -5.54 30.57
N SER G 87 9.60 -5.34 30.54
CA SER G 87 8.66 -6.35 30.98
C SER G 87 8.43 -7.32 29.82
N THR G 88 8.40 -8.61 30.15
CA THR G 88 8.22 -9.66 29.16
C THR G 88 6.95 -10.43 29.45
N ILE G 89 6.09 -10.55 28.44
CA ILE G 89 4.83 -11.27 28.52
C ILE G 89 4.87 -12.36 27.45
N CYS G 90 4.51 -13.57 27.83
CA CYS G 90 4.50 -14.71 26.93
C CYS G 90 3.09 -14.98 26.45
N MET G 91 2.92 -14.98 25.13
CA MET G 91 1.63 -15.23 24.48
C MET G 91 1.79 -16.46 23.59
N GLY G 92 0.98 -17.48 23.85
CA GLY G 92 1.04 -18.69 23.07
C GLY G 92 2.17 -19.62 23.46
N GLN G 93 3.41 -19.23 23.19
CA GLN G 93 4.54 -20.08 23.54
C GLN G 93 5.83 -19.28 23.54
N ALA G 94 6.82 -19.83 24.26
CA ALA G 94 8.15 -19.25 24.34
C ALA G 94 9.12 -20.41 24.42
N ALA G 95 9.78 -20.70 23.31
CA ALA G 95 10.72 -21.80 23.20
C ALA G 95 12.07 -21.39 23.80
N SER G 96 13.09 -22.21 23.53
CA SER G 96 14.44 -22.03 24.04
C SER G 96 14.94 -20.59 24.01
N MET G 97 14.93 -19.97 22.84
CA MET G 97 15.38 -18.58 22.77
C MET G 97 14.32 -17.63 23.30
N GLY G 98 13.05 -17.89 22.99
CA GLY G 98 12.00 -17.04 23.51
C GLY G 98 11.90 -17.10 25.02
N ALA G 99 12.25 -18.24 25.62
CA ALA G 99 12.21 -18.40 27.06
C ALA G 99 13.37 -17.68 27.72
N PHE G 100 14.53 -17.66 27.07
CA PHE G 100 15.67 -16.96 27.62
C PHE G 100 15.40 -15.46 27.68
N LEU G 101 14.78 -14.93 26.63
CA LEU G 101 14.42 -13.51 26.64
C LEU G 101 13.30 -13.24 27.63
N LEU G 102 12.38 -14.20 27.80
CA LEU G 102 11.28 -14.05 28.74
C LEU G 102 11.80 -13.96 30.17
N THR G 103 12.65 -14.92 30.57
CA THR G 103 13.19 -14.91 31.91
C THR G 103 14.18 -13.77 32.10
N ALA G 104 14.77 -13.27 31.01
CA ALA G 104 15.71 -12.16 31.10
C ALA G 104 15.04 -10.83 31.43
N GLY G 105 13.71 -10.78 31.44
CA GLY G 105 13.01 -9.56 31.75
C GLY G 105 13.24 -9.12 33.18
N ALA G 106 12.82 -7.87 33.43
CA ALA G 106 12.98 -7.27 34.75
C ALA G 106 12.30 -8.10 35.82
N LYS G 107 12.96 -8.20 36.97
CA LYS G 107 12.43 -8.96 38.09
C LYS G 107 11.10 -8.38 38.54
N GLY G 108 10.10 -9.25 38.69
CA GLY G 108 8.78 -8.83 39.12
C GLY G 108 7.86 -8.39 38.00
N LYS G 109 8.39 -8.17 36.80
CA LYS G 109 7.62 -7.72 35.65
C LYS G 109 7.41 -8.82 34.61
N ARG G 110 8.00 -10.00 34.79
CA ARG G 110 7.82 -11.09 33.85
C ARG G 110 6.45 -11.71 34.08
N PHE G 111 5.68 -11.86 33.00
CA PHE G 111 4.33 -12.41 33.07
C PHE G 111 4.14 -13.47 32.00
N CYS G 112 3.09 -14.26 32.19
CA CYS G 112 2.76 -15.35 31.28
C CYS G 112 1.26 -15.58 31.29
N LEU G 113 0.69 -15.81 30.10
CA LEU G 113 -0.73 -16.09 30.02
C LEU G 113 -0.99 -17.49 30.55
N PRO G 114 -2.21 -17.77 31.03
CA PRO G 114 -2.48 -19.09 31.64
C PRO G 114 -2.26 -20.30 30.74
N ASN G 115 -2.54 -20.20 29.44
CA ASN G 115 -2.40 -21.34 28.53
C ASN G 115 -1.10 -21.34 27.73
N SER G 116 -0.17 -20.44 28.03
CA SER G 116 1.09 -20.39 27.32
C SER G 116 1.99 -21.56 27.75
N ARG G 117 2.80 -22.03 26.79
CA ARG G 117 3.72 -23.14 27.00
C ARG G 117 5.15 -22.67 26.82
N VAL G 118 5.98 -22.87 27.85
CA VAL G 118 7.38 -22.46 27.85
C VAL G 118 8.25 -23.71 27.77
N MET G 119 9.01 -23.84 26.68
CA MET G 119 9.93 -24.95 26.48
C MET G 119 11.36 -24.46 26.48
N ILE G 120 12.23 -25.19 27.17
CA ILE G 120 13.66 -24.87 27.26
C ILE G 120 14.49 -26.09 26.89
N HIS G 121 15.52 -25.87 26.07
CA HIS G 121 16.43 -26.94 25.68
C HIS G 121 17.83 -26.36 25.54
N GLN G 122 18.80 -27.25 25.35
CA GLN G 122 20.18 -26.83 25.19
C GLN G 122 20.46 -26.44 23.74
N PRO G 123 21.53 -25.68 23.48
CA PRO G 123 21.83 -25.27 22.11
C PRO G 123 22.13 -26.45 21.20
N LEU G 124 21.70 -26.32 19.94
CA LEU G 124 21.91 -27.32 18.92
C LEU G 124 22.58 -26.67 17.72
N GLY G 125 23.55 -27.36 17.14
CA GLY G 125 24.27 -26.87 15.98
C GLY G 125 25.00 -28.00 15.30
N GLY G 126 25.65 -27.67 14.20
CA GLY G 126 26.40 -28.68 13.47
C GLY G 126 27.48 -28.07 12.60
N TYR G 127 28.47 -28.90 12.29
CA TYR G 127 29.59 -28.50 11.45
C TYR G 127 30.08 -29.70 10.65
N GLN G 128 30.59 -29.42 9.45
CA GLN G 128 31.14 -30.43 8.56
C GLN G 128 32.52 -29.97 8.13
N GLY G 129 33.49 -30.87 8.16
CA GLY G 129 34.83 -30.53 7.75
C GLY G 129 35.85 -31.42 8.43
N GLN G 130 37.06 -30.89 8.53
CA GLN G 130 38.18 -31.60 9.14
C GLN G 130 38.01 -31.73 10.65
N ALA G 131 38.70 -32.72 11.20
CA ALA G 131 38.63 -32.97 12.63
C ALA G 131 39.13 -31.78 13.44
N THR G 132 40.17 -31.11 12.96
CA THR G 132 40.70 -29.94 13.66
C THR G 132 39.65 -28.85 13.76
N ASP G 133 38.92 -28.61 12.67
CA ASP G 133 37.87 -27.60 12.69
C ASP G 133 36.72 -28.01 13.59
N ILE G 134 36.36 -29.30 13.57
CA ILE G 134 35.28 -29.80 14.42
C ILE G 134 35.57 -29.55 15.88
N GLU G 135 36.83 -29.73 16.28
CA GLU G 135 37.22 -29.48 17.67
C GLU G 135 37.02 -28.01 18.04
N ILE G 136 37.32 -27.11 17.11
CA ILE G 136 37.16 -25.69 17.36
C ILE G 136 35.69 -25.34 17.56
N HIS G 137 34.84 -25.81 16.64
CA HIS G 137 33.42 -25.50 16.72
C HIS G 137 32.73 -26.24 17.88
N ALA G 138 33.20 -27.44 18.20
CA ALA G 138 32.60 -28.17 19.31
C ALA G 138 32.87 -27.47 20.64
N ARG G 139 34.08 -26.93 20.81
CA ARG G 139 34.39 -26.21 22.04
C ARG G 139 33.58 -24.92 22.13
N GLU G 140 33.36 -24.26 21.01
CA GLU G 140 32.61 -23.01 21.01
C GLU G 140 31.16 -23.20 21.43
N ILE G 141 30.47 -24.18 20.84
CA ILE G 141 29.07 -24.40 21.19
C ILE G 141 28.94 -24.84 22.64
N LEU G 142 29.93 -25.58 23.16
CA LEU G 142 29.87 -25.99 24.55
C LEU G 142 30.05 -24.78 25.46
N LYS G 143 30.91 -23.83 25.07
CA LYS G 143 31.08 -22.62 25.85
C LYS G 143 29.77 -21.83 25.87
N VAL G 144 29.10 -21.76 24.72
CA VAL G 144 27.81 -21.06 24.63
C VAL G 144 26.80 -21.72 25.55
N LYS G 145 26.84 -23.06 25.63
CA LYS G 145 25.91 -23.80 26.48
C LYS G 145 26.08 -23.39 27.94
N GLY G 146 27.33 -23.29 28.40
CA GLY G 146 27.57 -22.89 29.77
C GLY G 146 27.17 -21.46 30.01
N ARG G 147 27.40 -20.59 29.03
CA ARG G 147 27.03 -19.18 29.16
C ARG G 147 25.52 -19.04 29.31
N MET G 148 24.76 -19.73 28.46
CA MET G 148 23.31 -19.64 28.53
C MET G 148 22.79 -20.22 29.84
N ASN G 149 23.36 -21.34 30.29
CA ASN G 149 22.92 -21.94 31.54
C ASN G 149 23.27 -21.04 32.72
N GLU G 150 24.41 -20.37 32.67
CA GLU G 150 24.80 -19.46 33.75
C GLU G 150 23.80 -18.32 33.88
N LEU G 151 23.43 -17.73 32.75
CA LEU G 151 22.48 -16.62 32.77
C LEU G 151 21.09 -17.07 33.15
N MET G 152 20.66 -18.23 32.63
CA MET G 152 19.34 -18.74 32.96
C MET G 152 19.21 -19.01 34.46
N ALA G 153 20.28 -19.49 35.09
CA ALA G 153 20.26 -19.74 36.52
C ALA G 153 20.15 -18.45 37.30
N LEU G 154 20.83 -17.39 36.85
CA LEU G 154 20.78 -16.10 37.52
C LEU G 154 19.37 -15.54 37.54
N HIS G 155 18.68 -15.56 36.40
CA HIS G 155 17.34 -15.00 36.33
C HIS G 155 16.32 -15.90 37.03
N THR G 156 16.35 -17.19 36.75
CA THR G 156 15.40 -18.11 37.37
C THR G 156 15.66 -18.27 38.86
N GLY G 157 16.92 -18.22 39.29
CA GLY G 157 17.29 -18.39 40.67
C GLY G 157 17.68 -19.81 41.03
N GLN G 158 17.52 -20.76 40.12
CA GLN G 158 17.90 -22.13 40.37
C GLN G 158 19.40 -22.31 40.23
N SER G 159 19.91 -23.38 40.83
CA SER G 159 21.34 -23.66 40.76
C SER G 159 21.74 -24.03 39.34
N LEU G 160 23.02 -23.83 39.04
CA LEU G 160 23.53 -24.16 37.72
C LEU G 160 23.42 -25.65 37.44
N GLU G 161 23.61 -26.47 38.47
CA GLU G 161 23.52 -27.92 38.29
C GLU G 161 22.11 -28.33 37.87
N GLN G 162 21.08 -27.75 38.50
CA GLN G 162 19.72 -28.09 38.16
C GLN G 162 19.37 -27.67 36.75
N ILE G 163 19.78 -26.46 36.35
CA ILE G 163 19.50 -25.98 35.01
C ILE G 163 20.14 -26.88 33.97
N GLU G 164 21.38 -27.32 34.23
CA GLU G 164 22.07 -28.19 33.29
C GLU G 164 21.35 -29.52 33.10
N ARG G 165 20.88 -30.12 34.19
CA ARG G 165 20.17 -31.39 34.10
C ARG G 165 18.82 -31.22 33.42
N ASP G 166 18.07 -30.19 33.79
CA ASP G 166 16.74 -29.98 33.22
C ASP G 166 16.80 -29.65 31.74
N THR G 167 17.78 -28.85 31.31
CA THR G 167 17.88 -28.44 29.92
C THR G 167 18.67 -29.42 29.05
N GLU G 168 19.04 -30.59 29.59
CA GLU G 168 19.76 -31.55 28.77
C GLU G 168 18.89 -32.08 27.64
N ARG G 169 17.58 -32.04 27.83
CA ARG G 169 16.61 -32.48 26.84
C ARG G 169 15.44 -31.50 26.88
N ASP G 170 14.63 -31.53 25.83
CA ASP G 170 13.46 -30.66 25.76
C ASP G 170 12.59 -30.83 26.99
N ARG G 171 12.25 -29.72 27.62
CA ARG G 171 11.42 -29.70 28.82
C ARG G 171 10.33 -28.66 28.63
N PHE G 172 9.08 -29.11 28.66
CA PHE G 172 7.93 -28.23 28.48
C PHE G 172 7.40 -27.82 29.84
N LEU G 173 7.18 -26.52 30.02
CA LEU G 173 6.70 -25.96 31.27
C LEU G 173 5.45 -25.13 31.02
N SER G 174 4.39 -25.41 31.78
CA SER G 174 3.18 -24.64 31.68
C SER G 174 3.36 -23.32 32.42
N ALA G 175 2.37 -22.44 32.25
CA ALA G 175 2.45 -21.14 32.93
C ALA G 175 2.58 -21.26 34.44
N PRO G 176 1.84 -22.14 35.14
CA PRO G 176 2.06 -22.23 36.59
C PRO G 176 3.40 -22.86 36.94
N GLU G 177 3.79 -23.91 36.21
CA GLU G 177 5.07 -24.55 36.48
C GLU G 177 6.22 -23.57 36.28
N ALA G 178 6.10 -22.68 35.29
CA ALA G 178 7.13 -21.68 35.05
C ALA G 178 7.30 -20.74 36.23
N VAL G 179 6.23 -20.45 36.94
CA VAL G 179 6.31 -19.56 38.10
C VAL G 179 7.18 -20.18 39.18
N GLU G 180 6.98 -21.47 39.45
CA GLU G 180 7.78 -22.15 40.45
C GLU G 180 9.24 -22.26 40.01
N TYR G 181 9.46 -22.54 38.72
CA TYR G 181 10.82 -22.66 38.22
C TYR G 181 11.56 -21.33 38.25
N GLY G 182 10.83 -20.21 38.16
CA GLY G 182 11.41 -18.89 38.20
C GLY G 182 11.48 -18.18 36.86
N LEU G 183 11.01 -18.81 35.79
CA LEU G 183 11.05 -18.16 34.48
C LEU G 183 10.17 -16.93 34.43
N VAL G 184 9.05 -16.94 35.14
CA VAL G 184 8.13 -15.81 35.20
C VAL G 184 7.74 -15.60 36.66
N ASP G 185 7.00 -14.51 36.89
CA ASP G 185 6.58 -14.11 38.22
C ASP G 185 5.09 -14.29 38.49
N SER G 186 4.23 -13.77 37.63
CA SER G 186 2.79 -13.86 37.82
C SER G 186 2.09 -14.26 36.53
N ILE G 187 0.83 -14.66 36.67
CA ILE G 187 -0.02 -15.06 35.56
C ILE G 187 -1.16 -14.06 35.43
N LEU G 188 -1.32 -13.50 34.23
CA LEU G 188 -2.36 -12.51 33.94
C LEU G 188 -3.63 -13.23 33.49
N THR G 189 -4.37 -13.75 34.46
CA THR G 189 -5.61 -14.47 34.14
C THR G 189 -6.68 -13.52 33.63
N HIS G 190 -6.95 -12.45 34.38
CA HIS G 190 -7.99 -11.49 34.02
C HIS G 190 -7.57 -10.10 34.47
N ARG G 191 -8.06 -9.09 33.75
CA ARG G 191 -7.75 -7.71 34.08
C ARG G 191 -8.46 -7.33 35.38
N ASN G 192 -7.74 -6.67 36.27
CA ASN G 192 -8.28 -6.24 37.56
C ASN G 192 -8.25 -4.72 37.67
N LEU H 1 -7.19 -7.12 -4.67
CA LEU H 1 -7.04 -5.72 -4.28
C LEU H 1 -8.12 -5.35 -3.27
N VAL H 2 -7.70 -4.69 -2.19
CA VAL H 2 -8.62 -4.28 -1.13
C VAL H 2 -9.23 -2.94 -1.53
N PRO H 3 -10.56 -2.78 -1.54
CA PRO H 3 -11.14 -1.48 -1.91
C PRO H 3 -11.08 -0.48 -0.76
N MET H 4 -11.15 0.79 -1.14
CA MET H 4 -11.10 1.90 -0.21
C MET H 4 -12.48 2.55 -0.14
N VAL H 5 -12.86 2.95 1.08
CA VAL H 5 -14.15 3.58 1.34
C VAL H 5 -13.94 4.93 1.99
N ILE H 6 -14.92 5.80 1.81
CA ILE H 6 -14.91 7.16 2.36
C ILE H 6 -15.87 7.21 3.54
N GLU H 7 -15.42 7.80 4.64
CA GLU H 7 -16.21 7.97 5.85
C GLU H 7 -16.35 9.46 6.14
N GLN H 8 -17.60 9.91 6.31
CA GLN H 8 -17.84 11.31 6.60
C GLN H 8 -17.70 11.54 8.10
N THR H 9 -16.87 12.52 8.45
CA THR H 9 -16.60 12.86 9.85
C THR H 9 -16.66 14.37 10.00
N SER H 10 -16.71 14.81 11.27
CA SER H 10 -16.76 16.24 11.55
C SER H 10 -15.55 16.97 10.97
N ARG H 11 -14.36 16.38 11.12
CA ARG H 11 -13.15 17.00 10.59
C ARG H 11 -13.22 17.11 9.07
N GLY H 12 -13.79 16.11 8.41
CA GLY H 12 -13.92 16.10 6.98
C GLY H 12 -13.88 14.69 6.46
N GLU H 13 -13.79 14.57 5.14
CA GLU H 13 -13.75 13.27 4.50
C GLU H 13 -12.46 12.53 4.86
N ARG H 14 -12.59 11.23 5.11
CA ARG H 14 -11.48 10.36 5.47
C ARG H 14 -11.57 9.09 4.64
N SER H 15 -10.42 8.56 4.25
CA SER H 15 -10.34 7.35 3.44
C SER H 15 -9.79 6.19 4.25
N PHE H 16 -10.50 5.07 4.22
CA PHE H 16 -10.13 3.87 4.94
C PHE H 16 -10.23 2.65 4.05
N ASP H 17 -9.43 1.63 4.35
CA ASP H 17 -9.59 0.37 3.66
C ASP H 17 -10.81 -0.33 4.26
N ILE H 18 -11.39 -1.26 3.50
CA ILE H 18 -12.59 -1.94 3.94
C ILE H 18 -12.40 -2.64 5.28
N TYR H 19 -11.21 -3.19 5.52
CA TYR H 19 -10.97 -3.87 6.78
C TYR H 19 -10.77 -2.89 7.93
N SER H 20 -10.07 -1.78 7.69
CA SER H 20 -9.86 -0.80 8.74
C SER H 20 -11.16 -0.10 9.11
N ARG H 21 -12.01 0.15 8.12
CA ARG H 21 -13.30 0.80 8.39
C ARG H 21 -14.13 -0.05 9.33
N LEU H 22 -14.12 -1.36 9.13
CA LEU H 22 -14.87 -2.25 10.01
C LEU H 22 -14.21 -2.36 11.37
N LEU H 23 -12.88 -2.24 11.42
CA LEU H 23 -12.18 -2.28 12.70
C LEU H 23 -12.62 -1.10 13.55
N LYS H 24 -12.90 0.04 12.92
CA LYS H 24 -13.38 1.20 13.64
C LYS H 24 -14.70 0.90 14.34
N GLU H 25 -15.48 -0.03 13.78
CA GLU H 25 -16.76 -0.45 14.35
C GLU H 25 -16.61 -1.68 15.24
N ARG H 26 -15.40 -1.96 15.72
CA ARG H 26 -15.13 -3.09 16.62
C ARG H 26 -15.42 -4.44 15.97
N VAL H 27 -14.92 -4.61 14.75
CA VAL H 27 -15.07 -5.86 13.99
C VAL H 27 -13.69 -6.36 13.62
N ILE H 28 -13.37 -7.58 14.02
CA ILE H 28 -12.09 -8.23 13.73
C ILE H 28 -12.37 -9.45 12.89
N PHE H 29 -11.62 -9.61 11.80
CA PHE H 29 -11.79 -10.73 10.89
C PHE H 29 -10.71 -11.78 11.14
N LEU H 30 -11.14 -12.99 11.46
CA LEU H 30 -10.25 -14.14 11.65
C LEU H 30 -10.50 -15.01 10.43
N THR H 31 -9.55 -15.01 9.50
CA THR H 31 -9.69 -15.73 8.25
C THR H 31 -8.43 -16.50 7.90
N GLY H 32 -8.62 -17.72 7.40
CA GLY H 32 -7.54 -18.56 6.98
C GLY H 32 -6.88 -19.36 8.09
N GLN H 33 -5.80 -20.03 7.70
CA GLN H 33 -5.02 -20.85 8.61
C GLN H 33 -4.49 -20.03 9.76
N VAL H 34 -4.72 -20.51 10.98
CA VAL H 34 -4.24 -19.80 12.16
C VAL H 34 -2.74 -19.99 12.28
N GLU H 35 -2.03 -18.92 12.60
CA GLU H 35 -0.59 -18.96 12.74
C GLU H 35 -0.14 -17.80 13.62
N ASP H 36 1.15 -17.80 13.94
CA ASP H 36 1.71 -16.81 14.87
C ASP H 36 1.52 -15.37 14.40
N HIS H 37 1.77 -15.08 13.13
CA HIS H 37 1.70 -13.70 12.66
C HIS H 37 0.27 -13.18 12.63
N MET H 38 -0.66 -13.95 12.06
CA MET H 38 -2.04 -13.49 12.01
C MET H 38 -2.63 -13.39 13.41
N ALA H 39 -2.23 -14.30 14.32
CA ALA H 39 -2.75 -14.27 15.67
C ALA H 39 -2.27 -13.03 16.42
N ASN H 40 -1.00 -12.66 16.25
CA ASN H 40 -0.49 -11.47 16.91
C ASN H 40 -1.20 -10.22 16.40
N LEU H 41 -1.57 -10.22 15.12
CA LEU H 41 -2.30 -9.09 14.56
C LEU H 41 -3.67 -8.97 15.22
N ILE H 42 -4.35 -10.09 15.40
CA ILE H 42 -5.66 -10.09 16.04
C ILE H 42 -5.53 -9.65 17.49
N VAL H 43 -4.44 -10.06 18.15
CA VAL H 43 -4.22 -9.67 19.54
C VAL H 43 -4.05 -8.16 19.64
N ALA H 44 -3.33 -7.58 18.70
CA ALA H 44 -3.13 -6.13 18.71
C ALA H 44 -4.44 -5.39 18.51
N GLN H 45 -5.36 -5.94 17.71
CA GLN H 45 -6.63 -5.28 17.50
C GLN H 45 -7.51 -5.33 18.74
N MET H 46 -7.47 -6.47 19.47
CA MET H 46 -8.26 -6.58 20.67
C MET H 46 -7.81 -5.61 21.74
N LEU H 47 -6.50 -5.46 21.90
CA LEU H 47 -5.97 -4.55 22.89
C LEU H 47 -6.27 -3.11 22.52
N PHE H 48 -6.14 -2.77 21.23
CA PHE H 48 -6.42 -1.42 20.76
C PHE H 48 -7.88 -1.05 21.03
N LEU H 49 -8.81 -1.95 20.74
CA LEU H 49 -10.22 -1.66 20.94
C LEU H 49 -10.57 -1.60 22.42
N GLU H 50 -9.88 -2.37 23.26
CA GLU H 50 -10.12 -2.33 24.69
C GLU H 50 -9.87 -0.93 25.24
N ALA H 51 -8.77 -0.31 24.82
CA ALA H 51 -8.42 1.03 25.28
C ALA H 51 -9.45 2.06 24.82
N GLU H 52 -9.84 2.00 23.55
CA GLU H 52 -10.81 2.94 23.00
C GLU H 52 -12.10 2.96 23.82
N ASN H 53 -12.68 1.80 24.06
CA ASN H 53 -13.91 1.69 24.84
C ASN H 53 -13.94 0.31 25.48
N PRO H 54 -13.56 0.18 26.75
CA PRO H 54 -13.61 -1.14 27.39
C PRO H 54 -15.01 -1.63 27.72
N GLU H 55 -16.04 -0.79 27.54
CA GLU H 55 -17.41 -1.18 27.84
C GLU H 55 -18.11 -1.83 26.66
N LYS H 56 -17.91 -1.30 25.45
CA LYS H 56 -18.56 -1.85 24.27
C LYS H 56 -18.06 -3.26 23.98
N ASP H 57 -18.86 -4.01 23.24
CA ASP H 57 -18.55 -5.40 22.90
C ASP H 57 -17.82 -5.47 21.56
N ILE H 58 -16.86 -6.38 21.49
CA ILE H 58 -16.05 -6.62 20.30
C ILE H 58 -16.65 -7.80 19.55
N TYR H 59 -16.47 -7.82 18.23
CA TYR H 59 -16.99 -8.88 17.37
C TYR H 59 -15.83 -9.55 16.64
N LEU H 60 -15.95 -10.87 16.48
CA LEU H 60 -14.94 -11.69 15.82
C LEU H 60 -15.63 -12.59 14.80
N TYR H 61 -15.29 -12.41 13.53
CA TYR H 61 -15.86 -13.17 12.43
C TYR H 61 -14.88 -14.29 12.10
N ILE H 62 -15.26 -15.53 12.39
CA ILE H 62 -14.40 -16.69 12.22
C ILE H 62 -14.79 -17.48 10.98
N ASN H 63 -13.88 -17.54 10.00
CA ASN H 63 -14.01 -18.37 8.81
C ASN H 63 -12.60 -18.92 8.60
N SER H 64 -12.33 -20.09 9.18
CA SER H 64 -10.98 -20.65 9.10
C SER H 64 -10.99 -22.16 9.19
N PRO H 65 -10.05 -22.86 8.55
CA PRO H 65 -9.97 -24.31 8.67
C PRO H 65 -9.12 -24.81 9.83
N GLY H 66 -8.75 -23.93 10.76
CA GLY H 66 -7.94 -24.29 11.89
C GLY H 66 -6.49 -23.93 11.69
N GLY H 67 -5.66 -24.39 12.63
CA GLY H 67 -4.23 -24.11 12.53
C GLY H 67 -3.47 -24.50 13.77
N VAL H 68 -2.45 -23.71 14.08
CA VAL H 68 -1.60 -23.97 15.22
C VAL H 68 -2.37 -23.72 16.51
N ILE H 69 -2.12 -24.57 17.51
CA ILE H 69 -2.80 -24.44 18.80
C ILE H 69 -2.21 -23.28 19.60
N THR H 70 -0.88 -23.21 19.68
CA THR H 70 -0.22 -22.15 20.45
C THR H 70 -0.66 -20.76 19.99
N ALA H 71 -0.81 -20.57 18.68
CA ALA H 71 -1.25 -19.28 18.18
C ALA H 71 -2.69 -19.00 18.61
N GLY H 72 -3.52 -20.04 18.64
CA GLY H 72 -4.90 -19.87 19.06
C GLY H 72 -5.03 -19.51 20.53
N MET H 73 -4.18 -20.10 21.37
CA MET H 73 -4.24 -19.80 22.80
C MET H 73 -3.93 -18.33 23.07
N SER H 74 -3.08 -17.71 22.24
CA SER H 74 -2.79 -16.30 22.41
C SER H 74 -4.06 -15.48 22.21
N ILE H 75 -4.90 -15.89 21.27
CA ILE H 75 -6.16 -15.20 21.00
C ILE H 75 -7.15 -15.50 22.11
N TYR H 76 -7.25 -16.77 22.51
CA TYR H 76 -8.19 -17.18 23.55
C TYR H 76 -7.88 -16.48 24.88
N ASP H 77 -6.61 -16.49 25.28
CA ASP H 77 -6.23 -15.86 26.53
C ASP H 77 -6.51 -14.36 26.51
N THR H 78 -6.29 -13.72 25.36
CA THR H 78 -6.53 -12.29 25.23
C THR H 78 -8.01 -11.98 25.38
N MET H 79 -8.88 -12.83 24.82
CA MET H 79 -10.31 -12.61 24.89
C MET H 79 -10.80 -12.64 26.34
N GLN H 80 -10.37 -13.65 27.09
CA GLN H 80 -10.80 -13.76 28.48
C GLN H 80 -10.19 -12.67 29.34
N PHE H 81 -8.99 -12.21 29.01
CA PHE H 81 -8.33 -11.19 29.81
C PHE H 81 -9.04 -9.85 29.73
N ILE H 82 -9.24 -9.33 28.51
CA ILE H 82 -9.85 -8.02 28.35
C ILE H 82 -11.28 -7.99 28.88
N LYS H 83 -11.65 -6.82 29.42
CA LYS H 83 -12.99 -6.63 29.95
C LYS H 83 -14.09 -6.75 28.91
N PRO H 84 -13.97 -6.17 27.70
CA PRO H 84 -15.04 -6.29 26.71
C PRO H 84 -15.41 -7.72 26.37
N ASP H 85 -16.71 -7.94 26.24
CA ASP H 85 -17.21 -9.25 25.85
C ASP H 85 -16.95 -9.42 24.36
N VAL H 86 -16.44 -10.57 23.96
CA VAL H 86 -16.12 -10.85 22.57
C VAL H 86 -17.21 -11.73 21.99
N SER H 87 -17.89 -11.21 20.97
CA SER H 87 -18.95 -11.93 20.28
C SER H 87 -18.36 -12.63 19.07
N THR H 88 -18.56 -13.93 18.98
CA THR H 88 -18.03 -14.75 17.89
C THR H 88 -19.15 -15.15 16.95
N ILE H 89 -18.92 -14.92 15.67
CA ILE H 89 -19.87 -15.26 14.60
C ILE H 89 -19.12 -16.16 13.62
N CYS H 90 -19.71 -17.30 13.29
CA CYS H 90 -19.11 -18.25 12.38
C CYS H 90 -19.67 -18.04 10.97
N MET H 91 -18.77 -17.79 10.02
CA MET H 91 -19.12 -17.57 8.63
C MET H 91 -18.43 -18.65 7.81
N GLY H 92 -19.23 -19.42 7.07
CA GLY H 92 -18.66 -20.47 6.26
C GLY H 92 -18.32 -21.72 7.04
N GLN H 93 -17.29 -21.65 7.89
CA GLN H 93 -16.91 -22.81 8.68
C GLN H 93 -16.07 -22.39 9.87
N ALA H 94 -15.90 -23.35 10.78
CA ALA H 94 -15.09 -23.16 11.98
C ALA H 94 -14.57 -24.54 12.37
N ALA H 95 -13.29 -24.78 12.09
CA ALA H 95 -12.64 -26.05 12.37
C ALA H 95 -12.19 -26.09 13.83
N SER H 96 -11.34 -27.07 14.15
CA SER H 96 -10.84 -27.31 15.50
C SER H 96 -10.46 -26.06 16.28
N MET H 97 -9.56 -25.24 15.76
CA MET H 97 -9.21 -24.02 16.48
C MET H 97 -10.29 -22.95 16.33
N GLY H 98 -10.81 -22.77 15.11
CA GLY H 98 -11.88 -21.81 14.91
C GLY H 98 -13.09 -22.11 15.78
N ALA H 99 -13.39 -23.39 15.98
CA ALA H 99 -14.51 -23.78 16.82
C ALA H 99 -14.20 -23.51 18.28
N PHE H 100 -12.95 -23.76 18.69
CA PHE H 100 -12.55 -23.49 20.06
C PHE H 100 -12.65 -22.01 20.37
N LEU H 101 -12.28 -21.17 19.41
CA LEU H 101 -12.39 -19.73 19.60
C LEU H 101 -13.84 -19.29 19.50
N LEU H 102 -14.62 -19.95 18.65
CA LEU H 102 -16.04 -19.63 18.50
C LEU H 102 -16.78 -19.86 19.82
N THR H 103 -16.61 -21.04 20.40
CA THR H 103 -17.28 -21.35 21.66
C THR H 103 -16.70 -20.56 22.82
N ALA H 104 -15.46 -20.09 22.70
CA ALA H 104 -14.82 -19.31 23.76
C ALA H 104 -15.41 -17.91 23.89
N GLY H 105 -16.30 -17.50 22.99
CA GLY H 105 -16.91 -16.19 23.06
C GLY H 105 -17.78 -16.04 24.31
N ALA H 106 -18.21 -14.81 24.51
CA ALA H 106 -19.04 -14.48 25.66
C ALA H 106 -20.35 -15.25 25.62
N LYS H 107 -20.73 -15.79 26.78
CA LYS H 107 -21.97 -16.56 26.90
C LYS H 107 -23.16 -15.70 26.52
N GLY H 108 -23.91 -16.15 25.51
CA GLY H 108 -25.07 -15.44 25.02
C GLY H 108 -24.81 -14.62 23.78
N LYS H 109 -23.55 -14.35 23.45
CA LYS H 109 -23.17 -13.55 22.29
C LYS H 109 -22.50 -14.38 21.20
N ARG H 110 -22.53 -15.70 21.31
CA ARG H 110 -21.97 -16.58 20.29
C ARG H 110 -23.06 -16.85 19.26
N PHE H 111 -22.75 -16.59 17.99
CA PHE H 111 -23.70 -16.76 16.91
C PHE H 111 -23.11 -17.59 15.80
N CYS H 112 -23.99 -18.10 14.95
CA CYS H 112 -23.62 -18.93 13.82
C CYS H 112 -24.59 -18.67 12.69
N LEU H 113 -24.09 -18.68 11.47
CA LEU H 113 -24.93 -18.48 10.32
C LEU H 113 -25.63 -19.80 9.99
N PRO H 114 -26.80 -19.75 9.33
CA PRO H 114 -27.56 -21.00 9.11
C PRO H 114 -26.84 -22.09 8.33
N ASN H 115 -26.15 -21.78 7.25
CA ASN H 115 -25.47 -22.79 6.45
C ASN H 115 -24.02 -23.02 6.86
N SER H 116 -23.62 -22.56 8.04
CA SER H 116 -22.26 -22.76 8.51
C SER H 116 -22.03 -24.23 8.87
N ARG H 117 -20.75 -24.61 8.90
CA ARG H 117 -20.31 -25.97 9.19
C ARG H 117 -19.22 -25.92 10.24
N VAL H 118 -19.46 -26.54 11.39
CA VAL H 118 -18.51 -26.56 12.50
C VAL H 118 -17.96 -27.97 12.66
N MET H 119 -16.65 -28.06 12.87
CA MET H 119 -15.97 -29.34 13.05
C MET H 119 -14.97 -29.24 14.19
N ILE H 120 -14.99 -30.24 15.07
CA ILE H 120 -14.10 -30.30 16.23
C ILE H 120 -13.39 -31.65 16.23
N HIS H 121 -12.08 -31.63 16.39
CA HIS H 121 -11.27 -32.84 16.45
C HIS H 121 -10.17 -32.65 17.49
N GLN H 122 -9.52 -33.76 17.83
CA GLN H 122 -8.44 -33.72 18.80
C GLN H 122 -7.16 -33.18 18.16
N PRO H 123 -6.18 -32.77 18.95
CA PRO H 123 -4.94 -32.24 18.37
C PRO H 123 -4.14 -33.31 17.63
N LEU H 124 -3.46 -32.86 16.58
CA LEU H 124 -2.63 -33.70 15.74
C LEU H 124 -1.23 -33.11 15.69
N GLY H 125 -0.23 -33.96 15.87
CA GLY H 125 1.15 -33.55 15.85
C GLY H 125 2.04 -34.74 15.57
N GLY H 126 3.33 -34.48 15.40
CA GLY H 126 4.29 -35.54 15.14
C GLY H 126 5.69 -35.13 15.49
N TYR H 127 6.50 -36.13 15.87
CA TYR H 127 7.89 -35.92 16.22
C TYR H 127 8.73 -37.09 15.74
N GLN H 128 9.92 -36.79 15.24
CA GLN H 128 10.87 -37.79 14.76
C GLN H 128 12.16 -37.66 15.57
N GLY H 129 12.61 -38.78 16.13
CA GLY H 129 13.83 -38.74 16.92
C GLY H 129 13.93 -39.95 17.84
N GLN H 130 14.71 -39.76 18.90
CA GLN H 130 14.95 -40.80 19.88
C GLN H 130 13.68 -41.12 20.67
N ALA H 131 13.65 -42.33 21.23
CA ALA H 131 12.51 -42.76 22.03
C ALA H 131 12.31 -41.86 23.23
N THR H 132 13.40 -41.42 23.85
CA THR H 132 13.29 -40.53 25.01
C THR H 132 12.60 -39.23 24.63
N ASP H 133 12.99 -38.64 23.50
CA ASP H 133 12.37 -37.40 23.05
C ASP H 133 10.91 -37.63 22.70
N ILE H 134 10.60 -38.78 22.10
CA ILE H 134 9.21 -39.10 21.74
C ILE H 134 8.33 -39.10 22.98
N GLU H 135 8.82 -39.70 24.07
CA GLU H 135 8.05 -39.74 25.30
C GLU H 135 7.76 -38.34 25.83
N ILE H 136 8.68 -37.41 25.63
CA ILE H 136 8.49 -36.05 26.10
C ILE H 136 7.40 -35.35 25.29
N HIS H 137 7.55 -35.33 23.98
CA HIS H 137 6.58 -34.69 23.12
C HIS H 137 5.22 -35.39 23.17
N ALA H 138 5.23 -36.72 23.32
CA ALA H 138 3.98 -37.46 23.40
C ALA H 138 3.20 -37.06 24.65
N ARG H 139 3.89 -36.84 25.77
CA ARG H 139 3.21 -36.43 26.98
C ARG H 139 2.68 -35.01 26.86
N GLU H 140 3.43 -34.15 26.17
CA GLU H 140 3.03 -32.75 26.03
C GLU H 140 1.75 -32.61 25.21
N ILE H 141 1.64 -33.31 24.09
CA ILE H 141 0.45 -33.19 23.27
C ILE H 141 -0.76 -33.76 23.99
N LEU H 142 -0.57 -34.82 24.79
CA LEU H 142 -1.68 -35.37 25.55
C LEU H 142 -2.18 -34.36 26.57
N LYS H 143 -1.25 -33.61 27.18
CA LYS H 143 -1.64 -32.58 28.13
C LYS H 143 -2.48 -31.51 27.44
N VAL H 144 -2.07 -31.12 26.23
CA VAL H 144 -2.82 -30.12 25.48
C VAL H 144 -4.20 -30.64 25.13
N LYS H 145 -4.29 -31.93 24.79
CA LYS H 145 -5.57 -32.53 24.46
C LYS H 145 -6.51 -32.45 25.66
N GLY H 146 -6.00 -32.79 26.85
CA GLY H 146 -6.83 -32.71 28.04
C GLY H 146 -7.19 -31.28 28.38
N ARG H 147 -6.24 -30.35 28.22
CA ARG H 147 -6.50 -28.95 28.51
C ARG H 147 -7.55 -28.38 27.56
N MET H 148 -7.44 -28.71 26.27
CA MET H 148 -8.41 -28.21 25.30
C MET H 148 -9.80 -28.77 25.58
N ASN H 149 -9.88 -30.06 25.93
CA ASN H 149 -11.17 -30.66 26.23
C ASN H 149 -11.78 -30.05 27.49
N GLU H 150 -10.96 -29.75 28.49
CA GLU H 150 -11.48 -29.16 29.73
C GLU H 150 -12.07 -27.79 29.49
N LEU H 151 -11.46 -27.01 28.59
CA LEU H 151 -11.97 -25.68 28.31
C LEU H 151 -13.23 -25.74 27.45
N MET H 152 -13.29 -26.66 26.50
CA MET H 152 -14.47 -26.79 25.67
C MET H 152 -15.67 -27.22 26.49
N ALA H 153 -15.46 -28.13 27.44
CA ALA H 153 -16.54 -28.57 28.31
C ALA H 153 -17.11 -27.41 29.11
N LEU H 154 -16.25 -26.49 29.52
CA LEU H 154 -16.69 -25.33 30.29
C LEU H 154 -17.55 -24.40 29.46
N HIS H 155 -17.09 -24.05 28.26
CA HIS H 155 -17.84 -23.15 27.40
C HIS H 155 -19.09 -23.81 26.85
N THR H 156 -18.96 -25.03 26.31
CA THR H 156 -20.10 -25.72 25.74
C THR H 156 -21.10 -26.15 26.81
N GLY H 157 -20.62 -26.48 28.00
CA GLY H 157 -21.47 -26.96 29.06
C GLY H 157 -21.65 -28.46 29.10
N GLN H 158 -21.04 -29.18 28.16
CA GLN H 158 -21.12 -30.63 28.12
C GLN H 158 -20.11 -31.22 29.11
N SER H 159 -20.33 -32.49 29.47
CA SER H 159 -19.43 -33.15 30.38
C SER H 159 -18.09 -33.41 29.71
N LEU H 160 -17.05 -33.55 30.51
CA LEU H 160 -15.72 -33.80 29.99
C LEU H 160 -15.66 -35.14 29.27
N GLU H 161 -16.33 -36.15 29.82
CA GLU H 161 -16.34 -37.47 29.18
C GLU H 161 -16.97 -37.41 27.81
N GLN H 162 -18.08 -36.69 27.67
CA GLN H 162 -18.75 -36.57 26.37
C GLN H 162 -17.84 -35.91 25.34
N ILE H 163 -17.09 -34.89 25.75
CA ILE H 163 -16.21 -34.19 24.82
C ILE H 163 -15.11 -35.13 24.32
N GLU H 164 -14.53 -35.92 25.22
CA GLU H 164 -13.48 -36.85 24.83
C GLU H 164 -13.98 -37.84 23.79
N ARG H 165 -15.19 -38.37 23.98
CA ARG H 165 -15.77 -39.32 23.03
C ARG H 165 -16.01 -38.68 21.67
N ASP H 166 -16.61 -37.49 21.66
CA ASP H 166 -16.94 -36.82 20.41
C ASP H 166 -15.70 -36.32 19.68
N THR H 167 -14.71 -35.79 20.42
CA THR H 167 -13.51 -35.26 19.78
C THR H 167 -12.48 -36.34 19.46
N GLU H 168 -12.74 -37.60 19.77
CA GLU H 168 -11.79 -38.65 19.43
C GLU H 168 -11.56 -38.70 17.93
N ARG H 169 -12.61 -38.47 17.15
CA ARG H 169 -12.56 -38.42 15.70
C ARG H 169 -13.31 -37.19 15.25
N ASP H 170 -13.06 -36.79 14.00
CA ASP H 170 -13.70 -35.61 13.44
C ASP H 170 -15.21 -35.72 13.52
N ARG H 171 -15.85 -34.67 14.05
CA ARG H 171 -17.29 -34.60 14.20
C ARG H 171 -17.76 -33.29 13.60
N PHE H 172 -18.66 -33.36 12.64
CA PHE H 172 -19.20 -32.19 11.96
C PHE H 172 -20.57 -31.86 12.51
N LEU H 173 -20.76 -30.61 12.93
CA LEU H 173 -22.00 -30.13 13.48
C LEU H 173 -22.50 -28.94 12.68
N SER H 174 -23.77 -28.99 12.28
CA SER H 174 -24.39 -27.90 11.57
C SER H 174 -24.74 -26.79 12.56
N ALA H 175 -25.27 -25.68 12.05
CA ALA H 175 -25.64 -24.58 12.93
C ALA H 175 -26.68 -24.99 13.96
N PRO H 176 -27.78 -25.68 13.62
CA PRO H 176 -28.72 -26.08 14.68
C PRO H 176 -28.13 -27.10 15.64
N GLU H 177 -27.32 -28.02 15.12
CA GLU H 177 -26.72 -29.03 15.99
C GLU H 177 -25.74 -28.39 16.97
N ALA H 178 -25.02 -27.36 16.52
CA ALA H 178 -24.08 -26.67 17.39
C ALA H 178 -24.80 -26.00 18.56
N VAL H 179 -25.99 -25.47 18.32
CA VAL H 179 -26.77 -24.82 19.37
C VAL H 179 -27.09 -25.83 20.47
N GLU H 180 -27.45 -27.06 20.08
CA GLU H 180 -27.76 -28.09 21.06
C GLU H 180 -26.52 -28.53 21.81
N TYR H 181 -25.41 -28.67 21.09
CA TYR H 181 -24.15 -29.09 21.71
C TYR H 181 -23.62 -28.03 22.67
N GLY H 182 -23.95 -26.76 22.43
CA GLY H 182 -23.51 -25.66 23.26
C GLY H 182 -22.38 -24.83 22.68
N LEU H 183 -21.93 -25.13 21.46
CA LEU H 183 -20.86 -24.36 20.85
C LEU H 183 -21.29 -22.92 20.59
N VAL H 184 -22.53 -22.74 20.16
CA VAL H 184 -23.09 -21.42 19.89
C VAL H 184 -24.43 -21.31 20.61
N ASP H 185 -24.94 -20.09 20.69
CA ASP H 185 -26.18 -19.79 21.39
C ASP H 185 -27.38 -19.64 20.47
N SER H 186 -27.26 -18.87 19.39
CA SER H 186 -28.37 -18.64 18.49
C SER H 186 -27.86 -18.54 17.05
N ILE H 187 -28.82 -18.51 16.13
CA ILE H 187 -28.55 -18.40 14.70
C ILE H 187 -29.08 -17.08 14.19
N LEU H 188 -28.31 -16.44 13.30
CA LEU H 188 -28.66 -15.15 12.69
C LEU H 188 -29.20 -15.44 11.30
N THR H 189 -30.50 -15.70 11.21
CA THR H 189 -31.12 -16.01 9.93
C THR H 189 -31.38 -14.76 9.10
N HIS H 190 -32.03 -13.75 9.69
CA HIS H 190 -32.38 -12.52 8.98
C HIS H 190 -32.28 -11.33 9.90
N ARG H 191 -32.08 -10.16 9.29
CA ARG H 191 -32.00 -8.91 10.02
C ARG H 191 -33.38 -8.55 10.55
N ASN H 192 -33.45 -8.27 11.85
CA ASN H 192 -34.70 -7.91 12.50
C ASN H 192 -34.68 -6.44 12.93
N LEU I 1 -2.26 -3.55 -13.67
CA LEU I 1 -2.39 -2.27 -13.01
C LEU I 1 -3.84 -1.78 -13.10
N VAL I 2 -4.37 -1.32 -11.97
CA VAL I 2 -5.75 -0.83 -11.89
C VAL I 2 -5.75 0.67 -12.18
N PRO I 3 -6.62 1.19 -13.04
CA PRO I 3 -6.60 2.63 -13.29
C PRO I 3 -7.30 3.42 -12.19
N MET I 4 -6.89 4.68 -12.09
CA MET I 4 -7.44 5.63 -11.12
C MET I 4 -8.32 6.62 -11.85
N VAL I 5 -9.48 6.90 -11.28
CA VAL I 5 -10.46 7.81 -11.88
C VAL I 5 -10.77 8.93 -10.90
N ILE I 6 -11.12 10.08 -11.46
CA ILE I 6 -11.43 11.29 -10.71
C ILE I 6 -12.95 11.43 -10.58
N GLU I 7 -13.41 11.72 -9.37
CA GLU I 7 -14.82 11.94 -9.07
C GLU I 7 -14.99 13.38 -8.62
N GLN I 8 -15.93 14.08 -9.22
CA GLN I 8 -16.20 15.47 -8.88
C GLN I 8 -17.29 15.51 -7.81
N THR I 9 -16.96 16.09 -6.67
CA THR I 9 -17.87 16.21 -5.53
C THR I 9 -17.93 17.66 -5.10
N SER I 10 -18.92 17.97 -4.25
CA SER I 10 -19.07 19.33 -3.75
C SER I 10 -17.81 19.79 -3.01
N ARG I 11 -17.22 18.89 -2.20
CA ARG I 11 -16.01 19.24 -1.48
C ARG I 11 -14.85 19.48 -2.43
N GLY I 12 -14.79 18.71 -3.51
CA GLY I 12 -13.73 18.85 -4.50
C GLY I 12 -13.47 17.53 -5.18
N GLU I 13 -12.49 17.56 -6.08
CA GLU I 13 -12.13 16.37 -6.83
C GLU I 13 -11.42 15.36 -5.94
N ARG I 14 -11.73 14.09 -6.14
CA ARG I 14 -11.15 12.99 -5.39
C ARG I 14 -10.76 11.88 -6.35
N SER I 15 -9.69 11.17 -6.02
CA SER I 15 -9.18 10.09 -6.84
C SER I 15 -9.59 8.75 -6.24
N PHE I 16 -10.12 7.88 -7.09
CA PHE I 16 -10.59 6.56 -6.70
C PHE I 16 -10.09 5.50 -7.67
N ASP I 17 -9.83 4.31 -7.16
CA ASP I 17 -9.49 3.21 -8.04
C ASP I 17 -10.79 2.78 -8.73
N ILE I 18 -10.64 2.13 -9.89
CA ILE I 18 -11.81 1.76 -10.68
C ILE I 18 -12.76 0.86 -9.88
N TYR I 19 -12.22 -0.04 -9.05
CA TYR I 19 -13.09 -0.92 -8.28
C TYR I 19 -13.75 -0.19 -7.11
N SER I 20 -13.02 0.72 -6.46
CA SER I 20 -13.60 1.47 -5.35
C SER I 20 -14.67 2.43 -5.83
N ARG I 21 -14.47 3.03 -7.01
CA ARG I 21 -15.46 3.95 -7.55
C ARG I 21 -16.79 3.25 -7.78
N LEU I 22 -16.75 2.01 -8.27
CA LEU I 22 -17.99 1.27 -8.50
C LEU I 22 -18.58 0.78 -7.19
N LEU I 23 -17.74 0.55 -6.17
CA LEU I 23 -18.25 0.14 -4.87
C LEU I 23 -19.14 1.22 -4.29
N LYS I 24 -18.76 2.49 -4.50
CA LYS I 24 -19.57 3.61 -4.04
C LYS I 24 -20.97 3.57 -4.63
N GLU I 25 -21.12 2.98 -5.81
CA GLU I 25 -22.40 2.85 -6.48
C GLU I 25 -23.08 1.51 -6.18
N ARG I 26 -22.66 0.82 -5.12
CA ARG I 26 -23.28 -0.44 -4.69
C ARG I 26 -23.04 -1.57 -5.70
N VAL I 27 -21.83 -1.63 -6.24
CA VAL I 27 -21.45 -2.67 -7.20
C VAL I 27 -20.27 -3.44 -6.61
N ILE I 28 -20.45 -4.74 -6.45
CA ILE I 28 -19.44 -5.64 -5.92
C ILE I 28 -19.05 -6.61 -7.02
N PHE I 29 -17.74 -6.80 -7.20
CA PHE I 29 -17.21 -7.67 -8.24
C PHE I 29 -16.75 -9.00 -7.64
N LEU I 30 -17.37 -10.09 -8.11
CA LEU I 30 -17.00 -11.44 -7.72
C LEU I 30 -16.28 -12.01 -8.93
N THR I 31 -14.99 -12.30 -8.77
CA THR I 31 -14.18 -12.78 -9.88
C THR I 31 -13.18 -13.82 -9.43
N GLY I 32 -12.98 -14.83 -10.28
CA GLY I 32 -12.02 -15.88 -10.02
C GLY I 32 -12.52 -16.97 -9.09
N GLN I 33 -11.60 -17.89 -8.79
CA GLN I 33 -11.89 -19.01 -7.91
C GLN I 33 -12.34 -18.51 -6.54
N VAL I 34 -13.47 -19.02 -6.06
CA VAL I 34 -13.98 -18.61 -4.77
C VAL I 34 -13.10 -19.19 -3.67
N GLU I 35 -12.83 -18.38 -2.65
CA GLU I 35 -12.00 -18.80 -1.53
C GLU I 35 -12.36 -17.97 -0.32
N ASP I 36 -11.80 -18.37 0.83
CA ASP I 36 -12.09 -17.70 2.10
C ASP I 36 -11.67 -16.24 2.09
N HIS I 37 -10.51 -15.93 1.53
CA HIS I 37 -10.02 -14.55 1.56
C HIS I 37 -10.88 -13.61 0.73
N MET I 38 -11.16 -13.96 -0.54
CA MET I 38 -12.00 -13.09 -1.34
C MET I 38 -13.43 -13.07 -0.84
N ALA I 39 -13.89 -14.16 -0.24
CA ALA I 39 -15.26 -14.22 0.26
C ALA I 39 -15.45 -13.25 1.42
N ASN I 40 -14.49 -13.21 2.36
CA ASN I 40 -14.60 -12.27 3.47
C ASN I 40 -14.59 -10.83 2.97
N LEU I 41 -13.87 -10.58 1.87
CA LEU I 41 -13.84 -9.25 1.30
C LEU I 41 -15.21 -8.86 0.77
N ILE I 42 -15.89 -9.77 0.09
CA ILE I 42 -17.22 -9.51 -0.42
C ILE I 42 -18.19 -9.31 0.73
N VAL I 43 -18.06 -10.12 1.78
CA VAL I 43 -18.91 -10.00 2.95
C VAL I 43 -18.77 -8.62 3.57
N ALA I 44 -17.53 -8.14 3.70
CA ALA I 44 -17.30 -6.81 4.27
C ALA I 44 -17.92 -5.74 3.40
N GLN I 45 -17.85 -5.89 2.08
CA GLN I 45 -18.43 -4.91 1.18
C GLN I 45 -19.95 -4.88 1.32
N MET I 46 -20.57 -6.04 1.48
CA MET I 46 -22.02 -6.11 1.63
C MET I 46 -22.47 -5.42 2.92
N LEU I 47 -21.82 -5.76 4.03
CA LEU I 47 -22.18 -5.16 5.30
C LEU I 47 -21.96 -3.66 5.30
N PHE I 48 -20.89 -3.20 4.64
CA PHE I 48 -20.61 -1.77 4.58
C PHE I 48 -21.71 -1.03 3.84
N LEU I 49 -22.17 -1.57 2.72
CA LEU I 49 -23.22 -0.91 1.94
C LEU I 49 -24.54 -0.95 2.68
N GLU I 50 -24.82 -2.02 3.43
CA GLU I 50 -26.06 -2.11 4.19
C GLU I 50 -26.17 -0.96 5.18
N ALA I 51 -25.07 -0.62 5.83
CA ALA I 51 -25.07 0.47 6.80
C ALA I 51 -25.30 1.82 6.12
N GLU I 52 -24.69 2.02 4.95
CA GLU I 52 -24.84 3.30 4.24
C GLU I 52 -26.29 3.54 3.83
N ASN I 53 -26.91 2.53 3.21
CA ASN I 53 -28.30 2.64 2.76
C ASN I 53 -28.90 1.25 2.70
N PRO I 54 -29.56 0.79 3.76
CA PRO I 54 -30.16 -0.55 3.74
C PRO I 54 -31.35 -0.69 2.80
N GLU I 55 -31.83 0.40 2.20
CA GLU I 55 -32.96 0.35 1.28
C GLU I 55 -32.54 0.15 -0.16
N LYS I 56 -31.48 0.81 -0.60
CA LYS I 56 -31.01 0.68 -1.97
C LYS I 56 -30.53 -0.74 -2.24
N ASP I 57 -30.70 -1.17 -3.49
CA ASP I 57 -30.33 -2.52 -3.88
C ASP I 57 -28.85 -2.61 -4.25
N ILE I 58 -28.23 -3.72 -3.87
CA ILE I 58 -26.83 -3.99 -4.14
C ILE I 58 -26.76 -4.81 -5.44
N TYR I 59 -25.61 -4.74 -6.10
CA TYR I 59 -25.35 -5.45 -7.34
C TYR I 59 -24.10 -6.30 -7.17
N LEU I 60 -24.15 -7.53 -7.69
CA LEU I 60 -23.05 -8.48 -7.57
C LEU I 60 -22.77 -9.13 -8.93
N TYR I 61 -21.76 -8.62 -9.62
CA TYR I 61 -21.37 -9.18 -10.91
C TYR I 61 -20.59 -10.47 -10.65
N ILE I 62 -20.96 -11.53 -11.36
CA ILE I 62 -20.39 -12.86 -11.13
C ILE I 62 -19.77 -13.40 -12.41
N ASN I 63 -18.44 -13.49 -12.42
CA ASN I 63 -17.68 -14.11 -13.50
C ASN I 63 -16.67 -14.98 -12.75
N SER I 64 -17.03 -16.23 -12.46
CA SER I 64 -16.14 -17.11 -11.70
C SER I 64 -16.34 -18.55 -12.09
N PRO I 65 -15.31 -19.39 -12.01
CA PRO I 65 -15.46 -20.81 -12.33
C PRO I 65 -15.82 -21.70 -11.14
N GLY I 66 -16.16 -21.11 -9.99
CA GLY I 66 -16.52 -21.86 -8.81
C GLY I 66 -15.38 -21.93 -7.80
N GLY I 67 -15.63 -22.69 -6.75
CA GLY I 67 -14.62 -22.82 -5.70
C GLY I 67 -15.12 -23.55 -4.48
N VAL I 68 -14.54 -23.19 -3.34
CA VAL I 68 -14.90 -23.84 -2.07
C VAL I 68 -16.35 -23.58 -1.73
N ILE I 69 -17.00 -24.61 -1.18
CA ILE I 69 -18.41 -24.49 -0.80
C ILE I 69 -18.57 -23.58 0.41
N THR I 70 -17.77 -23.81 1.46
CA THR I 70 -17.88 -23.04 2.69
C THR I 70 -17.72 -21.54 2.45
N ALA I 71 -16.76 -21.16 1.61
CA ALA I 71 -16.58 -19.74 1.33
C ALA I 71 -17.82 -19.16 0.65
N GLY I 72 -18.44 -19.93 -0.24
CA GLY I 72 -19.64 -19.46 -0.92
C GLY I 72 -20.82 -19.30 0.02
N MET I 73 -20.97 -20.22 0.98
CA MET I 73 -22.10 -20.11 1.90
C MET I 73 -22.03 -18.85 2.73
N SER I 74 -20.83 -18.37 3.04
CA SER I 74 -20.70 -17.12 3.78
C SER I 74 -21.31 -15.97 2.99
N ILE I 75 -21.07 -15.96 1.68
CA ILE I 75 -21.63 -14.93 0.83
C ILE I 75 -23.13 -15.10 0.71
N TYR I 76 -23.60 -16.34 0.54
CA TYR I 76 -25.03 -16.61 0.42
C TYR I 76 -25.78 -16.20 1.66
N ASP I 77 -25.31 -16.62 2.84
CA ASP I 77 -25.99 -16.27 4.08
C ASP I 77 -25.98 -14.77 4.30
N THR I 78 -24.89 -14.10 3.94
CA THR I 78 -24.81 -12.65 4.09
C THR I 78 -25.82 -11.96 3.19
N MET I 79 -25.98 -12.45 1.97
CA MET I 79 -26.94 -11.85 1.04
C MET I 79 -28.36 -11.96 1.56
N GLN I 80 -28.69 -13.09 2.19
CA GLN I 80 -30.02 -13.29 2.73
C GLN I 80 -30.23 -12.56 4.05
N PHE I 81 -29.18 -12.44 4.86
CA PHE I 81 -29.30 -11.77 6.16
C PHE I 81 -29.62 -10.29 5.98
N ILE I 82 -28.82 -9.58 5.20
CA ILE I 82 -29.02 -8.15 5.03
C ILE I 82 -30.37 -7.85 4.39
N LYS I 83 -30.87 -6.65 4.66
CA LYS I 83 -32.14 -6.15 4.17
C LYS I 83 -32.11 -5.83 2.67
N PRO I 84 -31.07 -5.18 2.15
CA PRO I 84 -31.04 -4.86 0.72
C PRO I 84 -31.16 -6.08 -0.17
N ASP I 85 -31.90 -5.92 -1.25
CA ASP I 85 -32.06 -6.97 -2.24
C ASP I 85 -30.79 -7.01 -3.08
N VAL I 86 -30.15 -8.17 -3.16
CA VAL I 86 -28.92 -8.33 -3.92
C VAL I 86 -29.28 -8.77 -5.32
N SER I 87 -28.96 -7.95 -6.31
CA SER I 87 -29.25 -8.22 -7.71
C SER I 87 -28.00 -8.83 -8.34
N THR I 88 -28.08 -10.11 -8.66
CA THR I 88 -26.96 -10.84 -9.25
C THR I 88 -27.01 -10.75 -10.77
N ILE I 89 -25.83 -10.58 -11.36
CA ILE I 89 -25.67 -10.51 -12.80
C ILE I 89 -24.54 -11.46 -13.17
N CYS I 90 -24.71 -12.16 -14.30
CA CYS I 90 -23.74 -13.14 -14.77
C CYS I 90 -23.03 -12.60 -15.99
N MET I 91 -21.71 -12.46 -15.88
CA MET I 91 -20.86 -11.98 -16.94
C MET I 91 -19.89 -13.09 -17.30
N GLY I 92 -19.91 -13.51 -18.56
CA GLY I 92 -19.02 -14.58 -19.00
C GLY I 92 -19.49 -15.96 -18.62
N GLN I 93 -19.45 -16.30 -17.33
CA GLN I 93 -19.89 -17.62 -16.91
C GLN I 93 -20.19 -17.62 -15.42
N ALA I 94 -20.85 -18.69 -14.99
CA ALA I 94 -21.22 -18.88 -13.60
C ALA I 94 -21.27 -20.40 -13.36
N ALA I 95 -20.26 -20.91 -12.69
CA ALA I 95 -20.14 -22.33 -12.37
C ALA I 95 -21.01 -22.66 -11.16
N SER I 96 -20.80 -23.87 -10.61
CA SER I 96 -21.55 -24.38 -9.46
C SER I 96 -21.80 -23.36 -8.36
N MET I 97 -20.73 -22.76 -7.83
CA MET I 97 -20.92 -21.76 -6.79
C MET I 97 -21.39 -20.44 -7.37
N GLY I 98 -20.83 -20.03 -8.51
CA GLY I 98 -21.27 -18.82 -9.16
C GLY I 98 -22.74 -18.89 -9.52
N ALA I 99 -23.22 -20.07 -9.90
CA ALA I 99 -24.62 -20.26 -10.25
C ALA I 99 -25.48 -20.31 -8.99
N PHE I 100 -24.99 -20.97 -7.94
CA PHE I 100 -25.74 -21.02 -6.70
C PHE I 100 -25.90 -19.63 -6.11
N LEU I 101 -24.87 -18.79 -6.24
CA LEU I 101 -24.97 -17.42 -5.77
C LEU I 101 -25.81 -16.58 -6.72
N LEU I 102 -25.72 -16.87 -8.01
CA LEU I 102 -26.52 -16.15 -9.00
C LEU I 102 -28.01 -16.35 -8.75
N THR I 103 -28.43 -17.61 -8.62
CA THR I 103 -29.83 -17.89 -8.37
C THR I 103 -30.27 -17.45 -6.97
N ALA I 104 -29.32 -17.29 -6.06
CA ALA I 104 -29.63 -16.85 -4.71
C ALA I 104 -30.05 -15.39 -4.64
N GLY I 105 -29.88 -14.64 -5.73
CA GLY I 105 -30.27 -13.25 -5.75
C GLY I 105 -31.76 -13.07 -5.54
N ALA I 106 -32.12 -11.83 -5.25
CA ALA I 106 -33.51 -11.46 -5.02
C ALA I 106 -34.38 -11.82 -6.23
N LYS I 107 -35.56 -12.33 -5.94
CA LYS I 107 -36.50 -12.71 -6.99
C LYS I 107 -36.84 -11.49 -7.84
N GLY I 108 -36.71 -11.64 -9.15
CA GLY I 108 -36.99 -10.58 -10.09
C GLY I 108 -35.81 -9.67 -10.39
N LYS I 109 -34.68 -9.86 -9.69
CA LYS I 109 -33.49 -9.05 -9.87
C LYS I 109 -32.28 -9.87 -10.28
N ARG I 110 -32.49 -11.09 -10.77
CA ARG I 110 -31.42 -11.96 -11.25
C ARG I 110 -31.35 -11.80 -12.75
N PHE I 111 -30.16 -11.49 -13.26
CA PHE I 111 -29.95 -11.26 -14.67
C PHE I 111 -28.73 -12.01 -15.17
N CYS I 112 -28.65 -12.12 -16.50
CA CYS I 112 -27.54 -12.78 -17.16
C CYS I 112 -27.40 -12.19 -18.55
N LEU I 113 -26.15 -12.05 -18.99
CA LEU I 113 -25.90 -11.51 -20.31
C LEU I 113 -26.31 -12.55 -21.36
N PRO I 114 -26.59 -12.11 -22.60
CA PRO I 114 -27.06 -13.08 -23.62
C PRO I 114 -26.12 -14.24 -23.90
N ASN I 115 -24.81 -14.01 -23.94
CA ASN I 115 -23.84 -15.06 -24.24
C ASN I 115 -23.21 -15.72 -23.02
N SER I 116 -23.71 -15.44 -21.82
CA SER I 116 -23.15 -16.06 -20.64
C SER I 116 -23.47 -17.55 -20.62
N ARG I 117 -22.64 -18.31 -19.92
CA ARG I 117 -22.77 -19.76 -19.81
C ARG I 117 -22.81 -20.16 -18.34
N VAL I 118 -23.93 -20.76 -17.93
CA VAL I 118 -24.12 -21.21 -16.56
C VAL I 118 -23.87 -22.71 -16.51
N MET I 119 -23.39 -23.19 -15.37
CA MET I 119 -23.11 -24.61 -15.18
C MET I 119 -23.36 -24.98 -13.72
N ILE I 120 -24.04 -26.12 -13.52
CA ILE I 120 -24.36 -26.62 -12.20
C ILE I 120 -23.93 -28.08 -12.12
N HIS I 121 -23.26 -28.44 -11.02
CA HIS I 121 -22.81 -29.80 -10.80
C HIS I 121 -22.84 -30.08 -9.30
N GLN I 122 -22.72 -31.35 -8.96
CA GLN I 122 -22.73 -31.75 -7.56
C GLN I 122 -21.38 -31.47 -6.91
N PRO I 123 -21.31 -31.45 -5.58
CA PRO I 123 -20.05 -31.14 -4.91
C PRO I 123 -18.94 -32.14 -5.23
N LEU I 124 -17.71 -31.65 -5.14
CA LEU I 124 -16.50 -32.43 -5.38
C LEU I 124 -15.67 -32.45 -4.11
N GLY I 125 -15.19 -33.63 -3.72
CA GLY I 125 -14.39 -33.74 -2.52
C GLY I 125 -13.68 -35.07 -2.47
N GLY I 126 -12.81 -35.20 -1.47
CA GLY I 126 -12.05 -36.43 -1.29
C GLY I 126 -11.37 -36.46 0.06
N TYR I 127 -11.07 -37.68 0.50
CA TYR I 127 -10.41 -37.89 1.78
C TYR I 127 -9.60 -39.18 1.73
N GLN I 128 -8.45 -39.16 2.38
CA GLN I 128 -7.54 -40.30 2.46
C GLN I 128 -7.32 -40.63 3.93
N GLY I 129 -7.55 -41.88 4.30
CA GLY I 129 -7.36 -42.28 5.68
C GLY I 129 -8.10 -43.57 5.98
N GLN I 130 -8.29 -43.81 7.28
CA GLN I 130 -8.98 -44.98 7.76
C GLN I 130 -10.40 -45.04 7.22
N ALA I 131 -10.96 -46.25 7.21
CA ALA I 131 -12.32 -46.46 6.73
C ALA I 131 -13.32 -45.69 7.58
N THR I 132 -13.09 -45.63 8.88
CA THR I 132 -13.99 -44.91 9.78
C THR I 132 -14.03 -43.44 9.43
N ASP I 133 -12.87 -42.83 9.22
CA ASP I 133 -12.82 -41.41 8.86
C ASP I 133 -13.45 -41.17 7.50
N ILE I 134 -13.25 -42.10 6.56
CA ILE I 134 -13.84 -41.96 5.24
C ILE I 134 -15.36 -41.89 5.33
N GLU I 135 -15.95 -42.73 6.19
CA GLU I 135 -17.39 -42.72 6.36
C GLU I 135 -17.87 -41.39 6.92
N ILE I 136 -17.11 -40.82 7.87
CA ILE I 136 -17.48 -39.54 8.46
C ILE I 136 -17.51 -38.44 7.39
N HIS I 137 -16.41 -38.31 6.65
CA HIS I 137 -16.33 -37.27 5.62
C HIS I 137 -17.31 -37.52 4.49
N ALA I 138 -17.59 -38.78 4.17
CA ALA I 138 -18.52 -39.09 3.09
C ALA I 138 -19.93 -38.61 3.43
N ARG I 139 -20.34 -38.74 4.69
CA ARG I 139 -21.67 -38.30 5.07
C ARG I 139 -21.82 -36.78 4.98
N GLU I 140 -20.74 -36.03 5.19
CA GLU I 140 -20.83 -34.57 5.14
C GLU I 140 -21.08 -34.08 3.73
N ILE I 141 -20.29 -34.58 2.76
CA ILE I 141 -20.47 -34.13 1.39
C ILE I 141 -21.84 -34.52 0.88
N LEU I 142 -22.40 -35.62 1.38
CA LEU I 142 -23.75 -36.00 1.00
C LEU I 142 -24.76 -35.02 1.58
N LYS I 143 -24.56 -34.60 2.83
CA LYS I 143 -25.43 -33.62 3.45
C LYS I 143 -25.31 -32.28 2.74
N VAL I 144 -24.10 -31.89 2.38
CA VAL I 144 -23.88 -30.64 1.66
C VAL I 144 -24.56 -30.72 0.29
N LYS I 145 -24.47 -31.87 -0.36
CA LYS I 145 -25.13 -32.06 -1.65
C LYS I 145 -26.64 -31.93 -1.50
N GLY I 146 -27.19 -32.55 -0.47
CA GLY I 146 -28.62 -32.45 -0.24
C GLY I 146 -29.05 -31.07 0.18
N ARG I 147 -28.22 -30.40 0.99
CA ARG I 147 -28.54 -29.06 1.45
C ARG I 147 -28.47 -28.06 0.30
N MET I 148 -27.48 -28.20 -0.57
CA MET I 148 -27.35 -27.28 -1.70
C MET I 148 -28.48 -27.50 -2.70
N ASN I 149 -28.90 -28.74 -2.90
CA ASN I 149 -29.98 -29.01 -3.83
C ASN I 149 -31.30 -28.47 -3.32
N GLU I 150 -31.52 -28.52 -2.00
CA GLU I 150 -32.74 -27.97 -1.43
C GLU I 150 -32.84 -26.47 -1.68
N LEU I 151 -31.74 -25.76 -1.48
CA LEU I 151 -31.73 -24.32 -1.70
C LEU I 151 -31.92 -23.98 -3.17
N MET I 152 -31.30 -24.75 -4.07
CA MET I 152 -31.45 -24.49 -5.50
C MET I 152 -32.91 -24.64 -5.92
N ALA I 153 -33.60 -25.63 -5.37
CA ALA I 153 -35.00 -25.84 -5.68
C ALA I 153 -35.84 -24.67 -5.19
N LEU I 154 -35.48 -24.12 -4.03
CA LEU I 154 -36.21 -23.00 -3.46
C LEU I 154 -36.12 -21.75 -4.34
N HIS I 155 -34.92 -21.46 -4.85
CA HIS I 155 -34.73 -20.29 -5.67
C HIS I 155 -35.22 -20.49 -7.09
N THR I 156 -34.74 -21.56 -7.75
CA THR I 156 -35.15 -21.83 -9.12
C THR I 156 -36.63 -22.15 -9.24
N GLY I 157 -37.19 -22.81 -8.24
CA GLY I 157 -38.58 -23.21 -8.25
C GLY I 157 -38.82 -24.60 -8.78
N GLN I 158 -37.77 -25.29 -9.22
CA GLN I 158 -37.88 -26.64 -9.72
C GLN I 158 -38.00 -27.61 -8.54
N SER I 159 -38.56 -28.78 -8.82
CA SER I 159 -38.72 -29.78 -7.77
C SER I 159 -37.36 -30.31 -7.35
N LEU I 160 -37.30 -30.81 -6.11
CA LEU I 160 -36.05 -31.36 -5.59
C LEU I 160 -35.59 -32.55 -6.41
N GLU I 161 -36.53 -33.38 -6.85
CA GLU I 161 -36.17 -34.56 -7.65
C GLU I 161 -35.52 -34.15 -8.96
N GLN I 162 -36.06 -33.13 -9.63
CA GLN I 162 -35.49 -32.69 -10.89
C GLN I 162 -34.09 -32.13 -10.71
N ILE I 163 -33.86 -31.41 -9.62
CA ILE I 163 -32.53 -30.83 -9.37
C ILE I 163 -31.50 -31.94 -9.18
N GLU I 164 -31.89 -33.02 -8.51
CA GLU I 164 -30.96 -34.12 -8.29
C GLU I 164 -30.54 -34.75 -9.61
N ARG I 165 -31.50 -35.03 -10.49
CA ARG I 165 -31.20 -35.65 -11.77
C ARG I 165 -30.31 -34.76 -12.62
N ASP I 166 -30.65 -33.47 -12.69
CA ASP I 166 -29.89 -32.54 -13.52
C ASP I 166 -28.51 -32.23 -12.95
N THR I 167 -28.37 -32.24 -11.63
CA THR I 167 -27.11 -31.93 -10.98
C THR I 167 -26.19 -33.15 -10.80
N GLU I 168 -26.65 -34.34 -11.18
CA GLU I 168 -25.81 -35.53 -11.04
C GLU I 168 -24.51 -35.38 -11.82
N ARG I 169 -24.58 -34.80 -13.02
CA ARG I 169 -23.44 -34.56 -13.87
C ARG I 169 -23.46 -33.11 -14.32
N ASP I 170 -22.31 -32.65 -14.79
CA ASP I 170 -22.17 -31.27 -15.25
C ASP I 170 -23.20 -30.96 -16.32
N ARG I 171 -23.99 -29.91 -16.08
CA ARG I 171 -25.03 -29.47 -17.00
C ARG I 171 -24.78 -28.01 -17.32
N PHE I 172 -24.62 -27.69 -18.59
CA PHE I 172 -24.38 -26.33 -19.05
C PHE I 172 -25.68 -25.74 -19.58
N LEU I 173 -26.01 -24.54 -19.12
CA LEU I 173 -27.23 -23.85 -19.51
C LEU I 173 -26.91 -22.49 -20.08
N SER I 174 -27.43 -22.21 -21.27
CA SER I 174 -27.26 -20.91 -21.88
C SER I 174 -28.16 -19.91 -21.15
N ALA I 175 -27.97 -18.64 -21.49
CA ALA I 175 -28.78 -17.59 -20.85
C ALA I 175 -30.27 -17.81 -21.05
N PRO I 176 -30.78 -18.14 -22.24
CA PRO I 176 -32.23 -18.39 -22.35
C PRO I 176 -32.67 -19.64 -21.61
N GLU I 177 -31.87 -20.71 -21.67
CA GLU I 177 -32.23 -21.94 -20.98
C GLU I 177 -32.28 -21.73 -19.47
N ALA I 178 -31.41 -20.87 -18.95
CA ALA I 178 -31.40 -20.59 -17.51
C ALA I 178 -32.68 -19.90 -17.07
N VAL I 179 -33.24 -19.03 -17.93
CA VAL I 179 -34.48 -18.34 -17.59
C VAL I 179 -35.62 -19.34 -17.40
N GLU I 180 -35.70 -20.33 -18.29
CA GLU I 180 -36.75 -21.34 -18.18
C GLU I 180 -36.55 -22.20 -16.94
N TYR I 181 -35.29 -22.56 -16.64
CA TYR I 181 -35.00 -23.38 -15.48
C TYR I 181 -35.35 -22.64 -14.18
N GLY I 182 -35.11 -21.33 -14.16
CA GLY I 182 -35.39 -20.50 -13.00
C GLY I 182 -34.16 -19.89 -12.35
N LEU I 183 -32.96 -20.18 -12.86
CA LEU I 183 -31.75 -19.63 -12.27
C LEU I 183 -31.71 -18.11 -12.40
N VAL I 184 -32.25 -17.57 -13.48
CA VAL I 184 -32.27 -16.13 -13.73
C VAL I 184 -33.70 -15.73 -14.11
N ASP I 185 -33.94 -14.43 -14.07
CA ASP I 185 -35.24 -13.85 -14.38
C ASP I 185 -35.33 -13.21 -15.76
N SER I 186 -34.31 -12.45 -16.16
CA SER I 186 -34.32 -11.78 -17.44
C SER I 186 -32.92 -11.68 -18.03
N ILE I 187 -32.86 -11.32 -19.29
CA ILE I 187 -31.62 -11.16 -20.05
C ILE I 187 -31.45 -9.69 -20.39
N LEU I 188 -30.22 -9.19 -20.23
CA LEU I 188 -29.87 -7.79 -20.53
C LEU I 188 -29.16 -7.76 -21.87
N THR I 189 -29.93 -7.61 -22.94
CA THR I 189 -29.35 -7.57 -24.28
C THR I 189 -28.84 -6.19 -24.65
N HIS I 190 -29.65 -5.15 -24.43
CA HIS I 190 -29.26 -3.78 -24.75
C HIS I 190 -29.89 -2.84 -23.75
N ARG I 191 -29.29 -1.66 -23.60
CA ARG I 191 -29.79 -0.65 -22.68
C ARG I 191 -30.97 0.06 -23.33
N ASN I 192 -32.10 0.07 -22.64
CA ASN I 192 -33.32 0.71 -23.14
C ASN I 192 -33.47 2.10 -22.55
N LEU J 1 8.39 -0.34 -15.33
CA LEU J 1 7.83 0.76 -14.55
C LEU J 1 6.92 1.62 -15.42
N VAL J 2 5.76 1.98 -14.87
CA VAL J 2 4.78 2.79 -15.59
C VAL J 2 5.08 4.26 -15.31
N PRO J 3 5.19 5.13 -16.31
CA PRO J 3 5.50 6.54 -16.03
C PRO J 3 4.25 7.34 -15.68
N MET J 4 4.50 8.43 -14.97
CA MET J 4 3.46 9.35 -14.52
C MET J 4 3.55 10.65 -15.31
N VAL J 5 2.38 11.19 -15.67
CA VAL J 5 2.28 12.41 -16.44
C VAL J 5 1.45 13.43 -15.67
N ILE J 6 1.64 14.70 -16.04
CA ILE J 6 0.96 15.83 -15.43
C ILE J 6 -0.06 16.39 -16.40
N GLU J 7 -1.24 16.75 -15.87
CA GLU J 7 -2.32 17.34 -16.62
C GLU J 7 -2.58 18.73 -16.07
N GLN J 8 -2.64 19.72 -16.96
CA GLN J 8 -2.87 21.11 -16.57
C GLN J 8 -4.38 21.37 -16.57
N THR J 9 -5.00 21.13 -15.42
CA THR J 9 -6.43 21.33 -15.24
C THR J 9 -6.70 22.72 -14.67
N SER J 10 -7.99 23.09 -14.67
CA SER J 10 -8.37 24.38 -14.12
C SER J 10 -8.06 24.45 -12.62
N ARG J 11 -8.36 23.38 -11.90
CA ARG J 11 -8.11 23.30 -10.47
C ARG J 11 -6.68 22.79 -10.21
N GLY J 12 -5.71 23.56 -10.70
CA GLY J 12 -4.33 23.20 -10.54
C GLY J 12 -3.92 22.07 -11.48
N GLU J 13 -2.84 21.40 -11.11
CA GLU J 13 -2.29 20.29 -11.88
C GLU J 13 -2.43 18.99 -11.10
N ARG J 14 -2.72 17.92 -11.83
CA ARG J 14 -2.89 16.58 -11.27
C ARG J 14 -1.96 15.60 -11.97
N SER J 15 -1.46 14.64 -11.20
CA SER J 15 -0.55 13.62 -11.71
C SER J 15 -1.33 12.33 -11.94
N PHE J 16 -1.24 11.79 -13.15
CA PHE J 16 -1.92 10.57 -13.54
C PHE J 16 -0.94 9.60 -14.18
N ASP J 17 -1.19 8.32 -14.01
CA ASP J 17 -0.38 7.33 -14.70
C ASP J 17 -0.71 7.40 -16.19
N ILE J 18 0.20 6.90 -17.02
CA ILE J 18 0.02 6.98 -18.46
C ILE J 18 -1.29 6.31 -18.90
N TYR J 19 -1.65 5.20 -18.28
CA TYR J 19 -2.89 4.53 -18.69
C TYR J 19 -4.12 5.26 -18.17
N SER J 20 -4.06 5.81 -16.96
CA SER J 20 -5.21 6.53 -16.42
C SER J 20 -5.47 7.82 -17.20
N ARG J 21 -4.40 8.48 -17.65
CA ARG J 21 -4.56 9.70 -18.44
C ARG J 21 -5.32 9.41 -19.72
N LEU J 22 -5.02 8.30 -20.38
CA LEU J 22 -5.71 7.96 -21.61
C LEU J 22 -7.13 7.49 -21.32
N LEU J 23 -7.36 6.86 -20.16
CA LEU J 23 -8.70 6.46 -19.79
C LEU J 23 -9.61 7.66 -19.69
N LYS J 24 -9.08 8.78 -19.21
CA LYS J 24 -9.84 10.02 -19.13
C LYS J 24 -10.30 10.47 -20.50
N GLU J 25 -9.56 10.09 -21.55
CA GLU J 25 -9.89 10.42 -22.93
C GLU J 25 -10.68 9.31 -23.62
N ARG J 26 -11.27 8.39 -22.84
CA ARG J 26 -12.09 7.31 -23.37
C ARG J 26 -11.28 6.33 -24.22
N VAL J 27 -10.10 5.96 -23.72
CA VAL J 27 -9.21 5.01 -24.38
C VAL J 27 -8.94 3.87 -23.41
N ILE J 28 -9.24 2.64 -23.85
CA ILE J 28 -9.03 1.43 -23.06
C ILE J 28 -8.06 0.55 -23.81
N PHE J 29 -7.11 -0.04 -23.08
CA PHE J 29 -6.08 -0.89 -23.65
C PHE J 29 -6.35 -2.35 -23.31
N LEU J 30 -6.51 -3.18 -24.34
CA LEU J 30 -6.70 -4.62 -24.20
C LEU J 30 -5.41 -5.25 -24.71
N THR J 31 -4.59 -5.76 -23.80
CA THR J 31 -3.32 -6.35 -24.18
C THR J 31 -3.05 -7.61 -23.37
N GLY J 32 -2.41 -8.58 -24.03
CA GLY J 32 -2.05 -9.83 -23.42
C GLY J 32 -3.17 -10.85 -23.47
N GLN J 33 -2.87 -12.02 -22.91
CA GLN J 33 -3.82 -13.12 -22.89
C GLN J 33 -5.09 -12.70 -22.14
N VAL J 34 -6.24 -12.94 -22.77
CA VAL J 34 -7.52 -12.59 -22.17
C VAL J 34 -7.81 -13.53 -21.01
N GLU J 35 -8.29 -12.97 -19.90
CA GLU J 35 -8.63 -13.76 -18.73
C GLU J 35 -9.72 -13.05 -17.96
N ASP J 36 -10.26 -13.75 -16.95
CA ASP J 36 -11.34 -13.22 -16.14
C ASP J 36 -10.96 -11.94 -15.43
N HIS J 37 -9.77 -11.87 -14.85
CA HIS J 37 -9.38 -10.70 -14.07
C HIS J 37 -9.21 -9.46 -14.95
N MET J 38 -8.48 -9.55 -16.05
CA MET J 38 -8.34 -8.38 -16.91
C MET J 38 -9.65 -8.04 -17.60
N ALA J 39 -10.47 -9.03 -17.92
CA ALA J 39 -11.74 -8.78 -18.56
C ALA J 39 -12.67 -8.00 -17.64
N ASN J 40 -12.66 -8.32 -16.35
CA ASN J 40 -13.50 -7.61 -15.40
C ASN J 40 -13.02 -6.18 -15.21
N LEU J 41 -11.76 -5.89 -15.55
CA LEU J 41 -11.24 -4.54 -15.44
C LEU J 41 -11.67 -3.70 -16.63
N ILE J 42 -11.71 -4.31 -17.82
CA ILE J 42 -12.18 -3.61 -19.01
C ILE J 42 -13.67 -3.30 -18.90
N VAL J 43 -14.43 -4.24 -18.33
CA VAL J 43 -15.86 -4.05 -18.15
C VAL J 43 -16.13 -2.87 -17.23
N ALA J 44 -15.33 -2.74 -16.16
CA ALA J 44 -15.50 -1.64 -15.24
C ALA J 44 -15.24 -0.31 -15.94
N GLN J 45 -14.22 -0.27 -16.79
CA GLN J 45 -13.89 0.95 -17.51
C GLN J 45 -15.00 1.32 -18.50
N MET J 46 -15.56 0.33 -19.19
CA MET J 46 -16.62 0.61 -20.15
C MET J 46 -17.86 1.17 -19.46
N LEU J 47 -18.23 0.57 -18.33
CA LEU J 47 -19.40 1.05 -17.60
C LEU J 47 -19.15 2.44 -17.03
N PHE J 48 -17.96 2.68 -16.50
CA PHE J 48 -17.63 3.99 -15.95
C PHE J 48 -17.69 5.07 -17.01
N LEU J 49 -17.15 4.80 -18.19
CA LEU J 49 -17.16 5.78 -19.27
C LEU J 49 -18.58 6.07 -19.73
N GLU J 50 -19.43 5.05 -19.76
CA GLU J 50 -20.81 5.24 -20.18
C GLU J 50 -21.53 6.24 -19.27
N ALA J 51 -21.29 6.14 -17.96
CA ALA J 51 -21.92 7.04 -17.02
C ALA J 51 -21.47 8.48 -17.23
N GLU J 52 -20.18 8.67 -17.49
CA GLU J 52 -19.65 10.03 -17.69
C GLU J 52 -20.28 10.70 -18.91
N ASN J 53 -20.26 10.02 -20.05
CA ASN J 53 -20.82 10.58 -21.29
C ASN J 53 -21.29 9.44 -22.18
N PRO J 54 -22.59 9.13 -22.20
CA PRO J 54 -23.05 8.05 -23.09
C PRO J 54 -22.89 8.35 -24.57
N GLU J 55 -23.01 9.62 -24.97
CA GLU J 55 -22.93 9.96 -26.39
C GLU J 55 -21.52 9.77 -26.94
N LYS J 56 -20.50 10.16 -26.20
CA LYS J 56 -19.13 10.06 -26.70
C LYS J 56 -18.72 8.61 -26.92
N ASP J 57 -17.92 8.40 -27.95
CA ASP J 57 -17.45 7.08 -28.33
C ASP J 57 -16.26 6.63 -27.49
N ILE J 58 -16.19 5.32 -27.26
CA ILE J 58 -15.13 4.70 -26.49
C ILE J 58 -14.19 3.99 -27.46
N TYR J 59 -12.90 4.16 -27.25
CA TYR J 59 -11.87 3.56 -28.10
C TYR J 59 -11.21 2.40 -27.38
N LEU J 60 -11.08 1.27 -28.08
CA LEU J 60 -10.47 0.06 -27.55
C LEU J 60 -9.32 -0.36 -28.46
N TYR J 61 -8.14 -0.55 -27.88
CA TYR J 61 -6.93 -0.93 -28.61
C TYR J 61 -6.63 -2.38 -28.26
N ILE J 62 -6.62 -3.24 -29.28
CA ILE J 62 -6.47 -4.68 -29.09
C ILE J 62 -5.13 -5.16 -29.67
N ASN J 63 -4.23 -5.55 -28.79
CA ASN J 63 -2.95 -6.17 -29.14
C ASN J 63 -2.89 -7.40 -28.24
N SER J 64 -3.46 -8.53 -28.66
CA SER J 64 -3.51 -9.71 -27.82
C SER J 64 -3.48 -10.99 -28.64
N PRO J 65 -2.94 -12.08 -28.08
CA PRO J 65 -2.94 -13.36 -28.80
C PRO J 65 -4.17 -14.24 -28.53
N GLY J 66 -5.19 -13.73 -27.88
CA GLY J 66 -6.39 -14.47 -27.57
C GLY J 66 -6.41 -14.95 -26.14
N GLY J 67 -7.42 -15.76 -25.83
CA GLY J 67 -7.55 -16.27 -24.48
C GLY J 67 -8.85 -17.01 -24.25
N VAL J 68 -9.30 -16.96 -22.99
CA VAL J 68 -10.52 -17.64 -22.59
C VAL J 68 -11.72 -17.08 -23.34
N ILE J 69 -12.59 -17.98 -23.80
CA ILE J 69 -13.78 -17.58 -24.54
C ILE J 69 -14.77 -16.87 -23.63
N THR J 70 -14.98 -17.38 -22.42
CA THR J 70 -15.94 -16.79 -21.50
C THR J 70 -15.54 -15.38 -21.10
N ALA J 71 -14.25 -15.16 -20.81
CA ALA J 71 -13.79 -13.83 -20.43
C ALA J 71 -14.05 -12.82 -21.54
N GLY J 72 -13.80 -13.21 -22.79
CA GLY J 72 -14.04 -12.32 -23.90
C GLY J 72 -15.50 -11.99 -24.08
N MET J 73 -16.39 -12.95 -23.81
CA MET J 73 -17.81 -12.71 -23.96
C MET J 73 -18.29 -11.64 -23.00
N SER J 74 -17.70 -11.55 -21.81
CA SER J 74 -18.08 -10.51 -20.87
C SER J 74 -17.80 -9.14 -21.47
N ILE J 75 -16.69 -9.03 -22.19
CA ILE J 75 -16.34 -7.77 -22.86
C ILE J 75 -17.28 -7.53 -24.04
N TYR J 76 -17.55 -8.57 -24.82
CA TYR J 76 -18.41 -8.44 -25.99
C TYR J 76 -19.82 -8.03 -25.60
N ASP J 77 -20.39 -8.71 -24.60
CA ASP J 77 -21.75 -8.40 -24.18
C ASP J 77 -21.82 -7.00 -23.59
N THR J 78 -20.78 -6.57 -22.89
CA THR J 78 -20.75 -5.24 -22.32
C THR J 78 -20.74 -4.17 -23.40
N MET J 79 -19.97 -4.39 -24.46
CA MET J 79 -19.90 -3.42 -25.55
C MET J 79 -21.26 -3.22 -26.21
N GLN J 80 -21.97 -4.31 -26.50
CA GLN J 80 -23.27 -4.20 -27.13
C GLN J 80 -24.30 -3.57 -26.19
N PHE J 81 -24.20 -3.83 -24.89
CA PHE J 81 -25.15 -3.28 -23.94
C PHE J 81 -25.05 -1.77 -23.86
N ILE J 82 -23.84 -1.24 -23.67
CA ILE J 82 -23.68 0.19 -23.50
C ILE J 82 -24.08 0.96 -24.76
N LYS J 83 -24.79 2.06 -24.54
CA LYS J 83 -25.24 2.91 -25.63
C LYS J 83 -24.09 3.45 -26.48
N PRO J 84 -23.00 4.00 -25.92
CA PRO J 84 -21.92 4.49 -26.77
C PRO J 84 -21.35 3.45 -27.71
N ASP J 85 -20.86 3.92 -28.85
CA ASP J 85 -20.27 3.07 -29.86
C ASP J 85 -18.80 2.84 -29.52
N VAL J 86 -18.41 1.57 -29.48
CA VAL J 86 -17.03 1.19 -29.16
C VAL J 86 -16.26 1.07 -30.47
N SER J 87 -15.23 1.89 -30.62
CA SER J 87 -14.38 1.90 -31.80
C SER J 87 -13.13 1.08 -31.52
N THR J 88 -13.04 -0.09 -32.14
CA THR J 88 -11.91 -0.98 -31.95
C THR J 88 -10.79 -0.65 -32.93
N ILE J 89 -9.56 -0.79 -32.45
CA ILE J 89 -8.36 -0.56 -33.24
C ILE J 89 -7.43 -1.74 -32.97
N CYS J 90 -6.73 -2.19 -34.00
CA CYS J 90 -5.82 -3.33 -33.91
C CYS J 90 -4.39 -2.87 -34.07
N MET J 91 -3.59 -3.11 -33.04
CA MET J 91 -2.17 -2.77 -33.01
C MET J 91 -1.39 -4.05 -32.83
N GLY J 92 -0.48 -4.33 -33.76
CA GLY J 92 0.33 -5.52 -33.68
C GLY J 92 -0.35 -6.79 -34.16
N GLN J 93 -1.30 -7.30 -33.40
CA GLN J 93 -1.99 -8.52 -33.79
C GLN J 93 -3.35 -8.59 -33.10
N ALA J 94 -4.20 -9.47 -33.65
CA ALA J 94 -5.54 -9.70 -33.12
C ALA J 94 -5.89 -11.15 -33.44
N ALA J 95 -5.77 -12.01 -32.45
CA ALA J 95 -6.03 -13.43 -32.58
C ALA J 95 -7.53 -13.70 -32.50
N SER J 96 -7.90 -14.97 -32.35
CA SER J 96 -9.28 -15.44 -32.28
C SER J 96 -10.21 -14.55 -31.45
N MET J 97 -9.88 -14.33 -30.19
CA MET J 97 -10.72 -13.48 -29.37
C MET J 97 -10.47 -12.01 -29.67
N GLY J 98 -9.20 -11.63 -29.86
CA GLY J 98 -8.90 -10.26 -30.22
C GLY J 98 -9.57 -9.84 -31.51
N ALA J 99 -9.70 -10.78 -32.45
CA ALA J 99 -10.36 -10.51 -33.72
C ALA J 99 -11.87 -10.46 -33.53
N PHE J 100 -12.40 -11.35 -32.68
CA PHE J 100 -13.83 -11.35 -32.40
C PHE J 100 -14.25 -10.03 -31.75
N LEU J 101 -13.45 -9.55 -30.80
CA LEU J 101 -13.76 -8.27 -30.17
C LEU J 101 -13.50 -7.13 -31.14
N LEU J 102 -12.51 -7.27 -32.01
CA LEU J 102 -12.21 -6.25 -33.00
C LEU J 102 -13.39 -6.05 -33.95
N THR J 103 -13.86 -7.14 -34.57
CA THR J 103 -14.98 -7.04 -35.48
C THR J 103 -16.28 -6.68 -34.75
N ALA J 104 -16.36 -6.96 -33.45
CA ALA J 104 -17.54 -6.62 -32.67
C ALA J 104 -17.78 -5.13 -32.57
N GLY J 105 -16.77 -4.31 -32.86
CA GLY J 105 -16.91 -2.87 -32.78
C GLY J 105 -18.00 -2.35 -33.68
N ALA J 106 -18.37 -1.09 -33.41
CA ALA J 106 -19.41 -0.42 -34.16
C ALA J 106 -19.09 -0.38 -35.64
N LYS J 107 -20.12 -0.56 -36.46
CA LYS J 107 -19.96 -0.53 -37.91
C LYS J 107 -19.45 0.84 -38.35
N GLY J 108 -18.37 0.83 -39.13
CA GLY J 108 -17.78 2.05 -39.62
C GLY J 108 -16.73 2.64 -38.70
N LYS J 109 -16.54 2.07 -37.51
CA LYS J 109 -15.57 2.56 -36.53
C LYS J 109 -14.54 1.51 -36.16
N ARG J 110 -14.38 0.48 -37.00
CA ARG J 110 -13.38 -0.56 -36.79
C ARG J 110 -12.19 -0.23 -37.67
N PHE J 111 -11.01 -0.14 -37.07
CA PHE J 111 -9.80 0.24 -37.77
C PHE J 111 -8.69 -0.78 -37.52
N CYS J 112 -7.65 -0.69 -38.34
CA CYS J 112 -6.50 -1.58 -38.26
C CYS J 112 -5.28 -0.85 -38.82
N LEU J 113 -4.14 -1.09 -38.19
CA LEU J 113 -2.92 -0.48 -38.68
C LEU J 113 -2.43 -1.24 -39.91
N PRO J 114 -1.68 -0.59 -40.80
CA PRO J 114 -1.27 -1.27 -42.04
C PRO J 114 -0.45 -2.53 -41.85
N ASN J 115 0.46 -2.57 -40.87
CA ASN J 115 1.31 -3.73 -40.64
C ASN J 115 0.75 -4.69 -39.60
N SER J 116 -0.52 -4.57 -39.24
CA SER J 116 -1.11 -5.46 -38.25
C SER J 116 -1.53 -6.78 -38.88
N ARG J 117 -1.64 -7.80 -38.04
CA ARG J 117 -2.04 -9.14 -38.43
C ARG J 117 -3.32 -9.53 -37.70
N VAL J 118 -4.07 -10.44 -38.31
CA VAL J 118 -5.32 -10.94 -37.74
C VAL J 118 -5.32 -12.46 -37.91
N MET J 119 -5.90 -13.15 -36.94
CA MET J 119 -5.96 -14.61 -36.95
C MET J 119 -7.27 -15.08 -36.36
N ILE J 120 -7.99 -15.90 -37.11
CA ILE J 120 -9.29 -16.45 -36.70
C ILE J 120 -9.20 -17.98 -36.78
N HIS J 121 -9.59 -18.63 -35.69
CA HIS J 121 -9.59 -20.09 -35.62
C HIS J 121 -10.75 -20.52 -34.73
N GLN J 122 -11.10 -21.80 -34.84
CA GLN J 122 -12.19 -22.33 -34.04
C GLN J 122 -11.73 -22.50 -32.58
N PRO J 123 -12.67 -22.65 -31.64
CA PRO J 123 -12.30 -22.79 -30.24
C PRO J 123 -11.43 -24.01 -29.96
N LEU J 124 -10.67 -23.91 -28.88
CA LEU J 124 -9.78 -24.97 -28.40
C LEU J 124 -10.21 -25.38 -27.01
N GLY J 125 -10.26 -26.68 -26.76
CA GLY J 125 -10.65 -27.17 -25.46
C GLY J 125 -10.31 -28.64 -25.29
N GLY J 126 -10.51 -29.12 -24.08
CA GLY J 126 -10.25 -30.51 -23.77
C GLY J 126 -10.80 -30.94 -22.43
N TYR J 127 -11.08 -32.24 -22.28
CA TYR J 127 -11.59 -32.79 -21.04
C TYR J 127 -11.13 -34.22 -20.89
N GLN J 128 -10.87 -34.63 -19.66
CA GLN J 128 -10.44 -35.97 -19.32
C GLN J 128 -11.43 -36.54 -18.32
N GLY J 129 -11.95 -37.73 -18.61
CA GLY J 129 -12.91 -38.36 -17.71
C GLY J 129 -13.66 -39.48 -18.42
N GLN J 130 -14.84 -39.77 -17.88
CA GLN J 130 -15.68 -40.82 -18.44
C GLN J 130 -16.23 -40.41 -19.80
N ALA J 131 -16.67 -41.41 -20.55
CA ALA J 131 -17.24 -41.16 -21.86
C ALA J 131 -18.49 -40.31 -21.78
N THR J 132 -19.30 -40.51 -20.73
CA THR J 132 -20.53 -39.75 -20.56
C THR J 132 -20.24 -38.27 -20.40
N ASP J 133 -19.30 -37.92 -19.52
CA ASP J 133 -18.97 -36.51 -19.32
C ASP J 133 -18.26 -35.92 -20.53
N ILE J 134 -17.48 -36.75 -21.24
CA ILE J 134 -16.81 -36.26 -22.44
C ILE J 134 -17.84 -35.81 -23.47
N GLU J 135 -18.91 -36.59 -23.62
CA GLU J 135 -19.97 -36.22 -24.56
C GLU J 135 -20.60 -34.89 -24.18
N ILE J 136 -20.73 -34.64 -22.87
CA ILE J 136 -21.33 -33.39 -22.41
C ILE J 136 -20.47 -32.21 -22.81
N HIS J 137 -19.22 -32.19 -22.36
CA HIS J 137 -18.31 -31.09 -22.67
C HIS J 137 -18.10 -30.93 -24.17
N ALA J 138 -18.15 -32.04 -24.92
CA ALA J 138 -17.97 -31.95 -26.36
C ALA J 138 -19.12 -31.21 -27.02
N ARG J 139 -20.34 -31.41 -26.53
CA ARG J 139 -21.49 -30.72 -27.11
C ARG J 139 -21.41 -29.22 -26.92
N GLU J 140 -20.90 -28.76 -25.79
CA GLU J 140 -20.84 -27.33 -25.52
C GLU J 140 -19.80 -26.63 -26.38
N ILE J 141 -18.59 -27.21 -26.49
CA ILE J 141 -17.57 -26.56 -27.32
C ILE J 141 -18.04 -26.50 -28.76
N LEU J 142 -18.81 -27.51 -29.20
CA LEU J 142 -19.38 -27.45 -30.54
C LEU J 142 -20.45 -26.37 -30.61
N LYS J 143 -21.23 -26.23 -29.54
CA LYS J 143 -22.25 -25.19 -29.50
C LYS J 143 -21.61 -23.81 -29.43
N VAL J 144 -20.53 -23.68 -28.67
CA VAL J 144 -19.83 -22.41 -28.58
C VAL J 144 -19.24 -22.05 -29.93
N LYS J 145 -18.74 -23.05 -30.65
CA LYS J 145 -18.17 -22.82 -31.98
C LYS J 145 -19.24 -22.27 -32.92
N GLY J 146 -20.43 -22.87 -32.90
CA GLY J 146 -21.50 -22.38 -33.74
C GLY J 146 -21.95 -20.97 -33.35
N ARG J 147 -22.00 -20.70 -32.05
CA ARG J 147 -22.40 -19.38 -31.59
C ARG J 147 -21.39 -18.32 -32.01
N MET J 148 -20.10 -18.63 -31.89
CA MET J 148 -19.07 -17.66 -32.27
C MET J 148 -19.05 -17.44 -33.78
N ASN J 149 -19.36 -18.48 -34.55
CA ASN J 149 -19.38 -18.32 -36.01
C ASN J 149 -20.59 -17.52 -36.46
N GLU J 150 -21.70 -17.60 -35.72
CA GLU J 150 -22.88 -16.83 -36.08
C GLU J 150 -22.65 -15.35 -35.83
N LEU J 151 -22.07 -15.01 -34.68
CA LEU J 151 -21.80 -13.61 -34.36
C LEU J 151 -20.75 -13.02 -35.29
N MET J 152 -19.70 -13.78 -35.61
CA MET J 152 -18.68 -13.28 -36.50
C MET J 152 -19.25 -13.04 -37.90
N ALA J 153 -20.15 -13.91 -38.34
CA ALA J 153 -20.78 -13.74 -39.64
C ALA J 153 -21.60 -12.47 -39.69
N LEU J 154 -22.24 -12.13 -38.57
CA LEU J 154 -23.07 -10.93 -38.50
C LEU J 154 -22.23 -9.67 -38.66
N HIS J 155 -21.14 -9.56 -37.92
CA HIS J 155 -20.30 -8.36 -38.00
C HIS J 155 -19.53 -8.30 -39.31
N THR J 156 -18.90 -9.42 -39.70
CA THR J 156 -18.15 -9.43 -40.95
C THR J 156 -19.05 -9.27 -42.17
N GLY J 157 -20.26 -9.81 -42.11
CA GLY J 157 -21.19 -9.74 -43.22
C GLY J 157 -21.13 -10.93 -44.15
N GLN J 158 -20.23 -11.88 -43.91
CA GLN J 158 -20.11 -13.06 -44.74
C GLN J 158 -21.08 -14.14 -44.29
N SER J 159 -21.34 -15.09 -45.18
CA SER J 159 -22.25 -16.18 -44.88
C SER J 159 -21.69 -17.07 -43.78
N LEU J 160 -22.61 -17.72 -43.05
CA LEU J 160 -22.21 -18.60 -41.96
C LEU J 160 -21.36 -19.75 -42.46
N GLU J 161 -21.75 -20.36 -43.60
CA GLU J 161 -20.99 -21.48 -44.14
C GLU J 161 -19.58 -21.06 -44.51
N GLN J 162 -19.40 -19.85 -45.03
CA GLN J 162 -18.06 -19.38 -45.38
C GLN J 162 -17.19 -19.24 -44.15
N ILE J 163 -17.76 -18.72 -43.06
CA ILE J 163 -16.99 -18.56 -41.82
C ILE J 163 -16.54 -19.90 -41.29
N GLU J 164 -17.40 -20.92 -41.39
CA GLU J 164 -17.04 -22.25 -40.90
C GLU J 164 -15.86 -22.82 -41.67
N ARG J 165 -15.87 -22.67 -43.00
CA ARG J 165 -14.78 -23.20 -43.82
C ARG J 165 -13.45 -22.54 -43.47
N ASP J 166 -13.46 -21.23 -43.27
CA ASP J 166 -12.23 -20.51 -42.96
C ASP J 166 -11.77 -20.77 -41.53
N THR J 167 -12.69 -20.77 -40.57
CA THR J 167 -12.34 -20.96 -39.16
C THR J 167 -11.91 -22.39 -38.83
N GLU J 168 -12.19 -23.36 -39.69
CA GLU J 168 -11.81 -24.75 -39.42
C GLU J 168 -10.34 -24.88 -39.07
N ARG J 169 -9.48 -24.17 -39.79
CA ARG J 169 -8.05 -24.14 -39.54
C ARG J 169 -7.61 -22.68 -39.47
N ASP J 170 -6.51 -22.47 -38.77
CA ASP J 170 -5.96 -21.12 -38.60
C ASP J 170 -5.80 -20.41 -39.93
N ARG J 171 -6.27 -19.16 -39.98
CA ARG J 171 -6.20 -18.31 -41.15
C ARG J 171 -5.55 -17.00 -40.73
N PHE J 172 -4.68 -16.48 -41.58
CA PHE J 172 -3.97 -15.24 -41.31
C PHE J 172 -4.41 -14.19 -42.33
N LEU J 173 -4.92 -13.07 -41.84
CA LEU J 173 -5.42 -11.99 -42.67
C LEU J 173 -4.63 -10.72 -42.41
N SER J 174 -4.12 -10.12 -43.47
CA SER J 174 -3.40 -8.85 -43.37
C SER J 174 -4.42 -7.74 -43.18
N ALA J 175 -3.94 -6.52 -42.98
CA ALA J 175 -4.86 -5.39 -42.80
C ALA J 175 -5.73 -5.16 -44.02
N PRO J 176 -5.23 -5.11 -45.25
CA PRO J 176 -6.15 -4.94 -46.38
C PRO J 176 -7.07 -6.13 -46.58
N GLU J 177 -6.57 -7.33 -46.31
CA GLU J 177 -7.40 -8.54 -46.44
C GLU J 177 -8.56 -8.51 -45.46
N ALA J 178 -8.33 -8.02 -44.25
CA ALA J 178 -9.39 -7.94 -43.25
C ALA J 178 -10.50 -7.01 -43.70
N VAL J 179 -10.14 -5.92 -44.39
CA VAL J 179 -11.14 -4.97 -44.88
C VAL J 179 -12.07 -5.67 -45.87
N GLU J 180 -11.52 -6.46 -46.78
CA GLU J 180 -12.34 -7.18 -47.74
C GLU J 180 -13.18 -8.24 -47.05
N TYR J 181 -12.60 -8.94 -46.08
CA TYR J 181 -13.34 -9.96 -45.34
C TYR J 181 -14.47 -9.35 -44.53
N GLY J 182 -14.27 -8.15 -44.00
CA GLY J 182 -15.26 -7.45 -43.20
C GLY J 182 -14.92 -7.35 -41.73
N LEU J 183 -13.77 -7.86 -41.30
CA LEU J 183 -13.40 -7.77 -39.89
C LEU J 183 -13.23 -6.32 -39.46
N VAL J 184 -12.68 -5.49 -40.34
CA VAL J 184 -12.46 -4.07 -40.09
C VAL J 184 -13.00 -3.28 -41.26
N ASP J 185 -13.14 -1.98 -41.05
CA ASP J 185 -13.70 -1.06 -42.04
C ASP J 185 -12.65 -0.30 -42.84
N SER J 186 -11.65 0.26 -42.17
CA SER J 186 -10.63 1.04 -42.86
C SER J 186 -9.30 0.88 -42.15
N ILE J 187 -8.26 1.44 -42.78
CA ILE J 187 -6.89 1.39 -42.28
C ILE J 187 -6.44 2.81 -41.94
N LEU J 188 -5.71 2.94 -40.83
CA LEU J 188 -5.19 4.22 -40.35
C LEU J 188 -3.70 4.25 -40.69
N THR J 189 -3.38 4.79 -41.86
CA THR J 189 -1.99 4.87 -42.30
C THR J 189 -1.29 6.09 -41.72
N HIS J 190 -1.86 7.27 -41.90
CA HIS J 190 -1.28 8.52 -41.41
C HIS J 190 -2.39 9.44 -40.92
N ARG J 191 -2.03 10.35 -40.04
CA ARG J 191 -2.98 11.31 -39.50
C ARG J 191 -3.26 12.39 -40.55
N ASN J 192 -4.53 12.69 -40.74
CA ASN J 192 -4.98 13.69 -41.70
C ASN J 192 -5.77 14.79 -41.02
N LEU K 1 16.26 0.68 -7.21
CA LEU K 1 15.07 1.46 -7.50
C LEU K 1 15.40 2.70 -8.30
N VAL K 2 14.44 3.20 -9.05
CA VAL K 2 14.67 4.40 -9.86
C VAL K 2 14.87 5.61 -8.94
N PRO K 3 15.79 6.53 -9.23
CA PRO K 3 15.97 7.69 -8.35
C PRO K 3 15.01 8.83 -8.67
N MET K 4 14.36 9.35 -7.65
CA MET K 4 13.44 10.47 -7.82
C MET K 4 14.21 11.76 -8.02
N VAL K 5 13.64 12.64 -8.85
CA VAL K 5 14.24 13.94 -9.16
C VAL K 5 13.17 15.01 -8.98
N ILE K 6 13.63 16.23 -8.75
CA ILE K 6 12.77 17.38 -8.54
C ILE K 6 13.12 18.47 -9.55
N GLU K 7 12.12 19.27 -9.89
CA GLU K 7 12.26 20.38 -10.82
C GLU K 7 11.98 21.65 -10.02
N GLN K 8 13.02 22.45 -9.79
CA GLN K 8 12.90 23.70 -9.04
C GLN K 8 12.55 24.79 -10.04
N THR K 9 11.25 24.94 -10.26
CA THR K 9 10.71 25.92 -11.21
C THR K 9 9.53 26.62 -10.55
N SER K 10 8.99 27.59 -11.29
CA SER K 10 7.83 28.36 -10.85
C SER K 10 6.61 27.44 -10.77
N ARG K 11 5.48 28.01 -10.33
CA ARG K 11 4.22 27.28 -10.19
C ARG K 11 4.37 26.04 -9.33
N GLY K 12 5.27 26.10 -8.35
CA GLY K 12 5.53 25.00 -7.45
C GLY K 12 6.59 24.04 -7.98
N GLU K 13 7.11 23.23 -7.07
CA GLU K 13 8.13 22.23 -7.40
C GLU K 13 7.45 20.87 -7.47
N ARG K 14 7.79 20.10 -8.50
CA ARG K 14 7.21 18.79 -8.75
C ARG K 14 8.30 17.73 -8.72
N SER K 15 8.00 16.61 -8.08
CA SER K 15 8.90 15.47 -7.97
C SER K 15 8.43 14.35 -8.87
N PHE K 16 9.33 13.84 -9.71
CA PHE K 16 9.01 12.75 -10.62
C PHE K 16 10.17 11.77 -10.65
N ASP K 17 9.86 10.55 -11.08
CA ASP K 17 10.92 9.57 -11.27
C ASP K 17 11.75 10.05 -12.46
N ILE K 18 13.00 9.59 -12.52
CA ILE K 18 13.90 10.05 -13.58
C ILE K 18 13.35 9.73 -14.96
N TYR K 19 12.69 8.58 -15.12
CA TYR K 19 12.14 8.23 -16.42
C TYR K 19 10.99 9.16 -16.80
N SER K 20 10.11 9.47 -15.85
CA SER K 20 8.99 10.36 -16.14
C SER K 20 9.48 11.78 -16.41
N ARG K 21 10.54 12.20 -15.71
CA ARG K 21 11.09 13.53 -15.94
C ARG K 21 11.55 13.67 -17.38
N LEU K 22 12.25 12.68 -17.89
CA LEU K 22 12.71 12.72 -19.28
C LEU K 22 11.54 12.64 -20.24
N LEU K 23 10.48 11.93 -19.88
CA LEU K 23 9.31 11.84 -20.74
C LEU K 23 8.71 13.21 -20.99
N LYS K 24 8.75 14.07 -19.96
CA LYS K 24 8.26 15.44 -20.13
C LYS K 24 9.06 16.17 -21.20
N GLU K 25 10.33 15.82 -21.36
CA GLU K 25 11.21 16.39 -22.36
C GLU K 25 11.13 15.66 -23.69
N ARG K 26 10.09 14.83 -23.89
CA ARG K 26 9.88 14.09 -25.14
C ARG K 26 11.00 13.08 -25.40
N VAL K 27 11.25 12.23 -24.41
CA VAL K 27 12.28 11.20 -24.48
C VAL K 27 11.66 9.89 -24.00
N ILE K 28 11.66 8.88 -24.85
CA ILE K 28 11.10 7.56 -24.56
C ILE K 28 12.23 6.54 -24.61
N PHE K 29 12.32 5.72 -23.57
CA PHE K 29 13.35 4.69 -23.46
C PHE K 29 12.81 3.34 -23.90
N LEU K 30 13.44 2.77 -24.93
CA LEU K 30 13.11 1.44 -25.44
C LEU K 30 14.27 0.57 -25.01
N THR K 31 14.04 -0.25 -23.98
CA THR K 31 15.08 -1.10 -23.41
C THR K 31 14.57 -2.50 -23.17
N GLY K 32 15.44 -3.48 -23.40
CA GLY K 32 15.12 -4.86 -23.18
C GLY K 32 14.36 -5.52 -24.32
N GLN K 33 13.96 -6.76 -24.06
CA GLN K 33 13.22 -7.54 -25.03
C GLN K 33 11.89 -6.89 -25.37
N VAL K 34 11.60 -6.79 -26.66
CA VAL K 34 10.34 -6.21 -27.09
C VAL K 34 9.21 -7.19 -26.82
N GLU K 35 8.10 -6.67 -26.30
CA GLU K 35 6.95 -7.49 -25.97
C GLU K 35 5.71 -6.62 -26.03
N ASP K 36 4.55 -7.26 -25.93
CA ASP K 36 3.27 -6.56 -26.03
C ASP K 36 3.10 -5.51 -24.94
N HIS K 37 3.47 -5.83 -23.70
CA HIS K 37 3.26 -4.90 -22.60
C HIS K 37 4.15 -3.67 -22.70
N MET K 38 5.45 -3.87 -22.94
CA MET K 38 6.35 -2.73 -23.06
C MET K 38 6.03 -1.92 -24.32
N ALA K 39 5.70 -2.60 -25.42
CA ALA K 39 5.37 -1.92 -26.65
C ALA K 39 4.10 -1.09 -26.49
N ASN K 40 3.12 -1.64 -25.77
CA ASN K 40 1.88 -0.91 -25.53
C ASN K 40 2.15 0.36 -24.75
N LEU K 41 3.08 0.29 -23.79
CA LEU K 41 3.42 1.46 -23.00
C LEU K 41 4.07 2.53 -23.87
N ILE K 42 4.97 2.13 -24.76
CA ILE K 42 5.62 3.08 -25.65
C ILE K 42 4.60 3.74 -26.56
N VAL K 43 3.59 2.98 -27.00
CA VAL K 43 2.56 3.52 -27.85
C VAL K 43 1.80 4.63 -27.12
N ALA K 44 1.53 4.42 -25.84
CA ALA K 44 0.81 5.44 -25.07
C ALA K 44 1.63 6.71 -24.95
N GLN K 45 2.94 6.58 -24.71
CA GLN K 45 3.80 7.74 -24.61
C GLN K 45 3.84 8.52 -25.92
N MET K 46 3.93 7.81 -27.04
CA MET K 46 3.95 8.48 -28.34
C MET K 46 2.65 9.23 -28.59
N LEU K 47 1.52 8.56 -28.36
CA LEU K 47 0.23 9.20 -28.54
C LEU K 47 0.05 10.33 -27.55
N PHE K 48 0.52 10.13 -26.32
CA PHE K 48 0.41 11.16 -25.30
C PHE K 48 1.19 12.40 -25.68
N LEU K 49 2.47 12.23 -26.04
CA LEU K 49 3.32 13.37 -26.38
C LEU K 49 2.82 14.13 -27.60
N GLU K 50 2.17 13.44 -28.52
CA GLU K 50 1.64 14.09 -29.73
C GLU K 50 0.66 15.20 -29.36
N ALA K 51 -0.16 14.98 -28.34
CA ALA K 51 -1.18 15.95 -27.96
C ALA K 51 -0.60 17.29 -27.52
N GLU K 52 0.49 17.28 -26.75
CA GLU K 52 1.06 18.54 -26.27
C GLU K 52 1.55 19.42 -27.42
N ASN K 53 2.40 18.89 -28.27
CA ASN K 53 2.99 19.66 -29.37
C ASN K 53 3.29 18.72 -30.52
N PRO K 54 2.37 18.58 -31.49
CA PRO K 54 2.65 17.73 -32.65
C PRO K 54 3.85 18.18 -33.46
N GLU K 55 4.25 19.45 -33.33
CA GLU K 55 5.38 19.96 -34.10
C GLU K 55 6.72 19.54 -33.51
N LYS K 56 6.82 19.49 -32.19
CA LYS K 56 8.09 19.11 -31.57
C LYS K 56 8.40 17.64 -31.82
N ASP K 57 9.70 17.35 -31.91
CA ASP K 57 10.18 16.01 -32.17
C ASP K 57 10.19 15.15 -30.92
N ILE K 58 10.10 13.84 -31.14
CA ILE K 58 10.11 12.84 -30.09
C ILE K 58 11.38 12.02 -30.25
N TYR K 59 12.06 11.77 -29.14
CA TYR K 59 13.31 11.01 -29.12
C TYR K 59 13.06 9.61 -28.57
N LEU K 60 13.65 8.61 -29.23
CA LEU K 60 13.53 7.22 -28.84
C LEU K 60 14.92 6.63 -28.72
N TYR K 61 15.24 6.13 -27.53
CA TYR K 61 16.54 5.53 -27.24
C TYR K 61 16.37 4.02 -27.25
N ILE K 62 17.16 3.34 -28.09
CA ILE K 62 17.05 1.90 -28.29
C ILE K 62 18.30 1.19 -27.81
N ASN K 63 18.14 0.32 -26.82
CA ASN K 63 19.18 -0.56 -26.29
C ASN K 63 18.59 -1.94 -26.08
N SER K 64 17.81 -2.40 -27.05
CA SER K 64 17.09 -3.67 -27.00
C SER K 64 17.78 -4.76 -27.82
N PRO K 65 17.75 -6.02 -27.37
CA PRO K 65 18.32 -7.11 -28.17
C PRO K 65 17.33 -7.75 -29.13
N GLY K 66 16.16 -7.15 -29.34
CA GLY K 66 15.13 -7.66 -30.22
C GLY K 66 14.00 -8.31 -29.46
N GLY K 67 13.00 -8.74 -30.21
CA GLY K 67 11.84 -9.39 -29.62
C GLY K 67 10.78 -9.80 -30.61
N VAL K 68 9.54 -9.86 -30.13
CA VAL K 68 8.41 -10.25 -30.96
C VAL K 68 8.24 -9.27 -32.12
N ILE K 69 7.73 -9.77 -33.23
CA ILE K 69 7.52 -8.93 -34.41
C ILE K 69 6.25 -8.12 -34.29
N THR K 70 5.16 -8.77 -33.86
CA THR K 70 3.86 -8.10 -33.74
C THR K 70 3.95 -6.89 -32.82
N ALA K 71 4.65 -7.02 -31.70
CA ALA K 71 4.79 -5.90 -30.78
C ALA K 71 5.58 -4.78 -31.43
N GLY K 72 6.59 -5.13 -32.24
CA GLY K 72 7.38 -4.12 -32.91
C GLY K 72 6.59 -3.34 -33.93
N MET K 73 5.70 -4.01 -34.66
CA MET K 73 4.91 -3.31 -35.67
C MET K 73 3.95 -2.32 -35.03
N SER K 74 3.54 -2.57 -33.78
CA SER K 74 2.66 -1.64 -33.10
C SER K 74 3.37 -0.32 -32.86
N ILE K 75 4.68 -0.37 -32.66
CA ILE K 75 5.48 0.84 -32.44
C ILE K 75 5.79 1.50 -33.78
N TYR K 76 6.19 0.71 -34.78
CA TYR K 76 6.49 1.23 -36.10
C TYR K 76 5.29 1.96 -36.69
N ASP K 77 4.12 1.35 -36.63
CA ASP K 77 2.92 1.97 -37.18
C ASP K 77 2.55 3.25 -36.44
N THR K 78 2.78 3.27 -35.13
CA THR K 78 2.48 4.46 -34.34
C THR K 78 3.39 5.61 -34.72
N MET K 79 4.68 5.33 -34.93
CA MET K 79 5.64 6.37 -35.29
C MET K 79 5.27 7.02 -36.62
N GLN K 80 4.93 6.21 -37.62
CA GLN K 80 4.58 6.75 -38.92
C GLN K 80 3.24 7.45 -38.90
N PHE K 81 2.33 7.02 -38.03
CA PHE K 81 1.01 7.63 -37.95
C PHE K 81 1.08 9.07 -37.44
N ILE K 82 1.70 9.26 -36.27
CA ILE K 82 1.75 10.59 -35.67
C ILE K 82 2.49 11.59 -36.53
N LYS K 83 2.11 12.86 -36.38
CA LYS K 83 2.75 13.95 -37.12
C LYS K 83 4.17 14.24 -36.66
N PRO K 84 4.49 14.33 -35.36
CA PRO K 84 5.87 14.63 -34.97
C PRO K 84 6.87 13.60 -35.46
N ASP K 85 8.03 14.09 -35.87
CA ASP K 85 9.09 13.23 -36.36
C ASP K 85 9.77 12.56 -35.17
N VAL K 86 9.94 11.24 -35.27
CA VAL K 86 10.55 10.45 -34.22
C VAL K 86 12.03 10.27 -34.53
N SER K 87 12.88 10.76 -33.64
CA SER K 87 14.32 10.68 -33.79
C SER K 87 14.82 9.49 -32.97
N THR K 88 15.41 8.52 -33.65
CA THR K 88 15.91 7.31 -33.00
C THR K 88 17.41 7.41 -32.77
N ILE K 89 17.84 6.95 -31.60
CA ILE K 89 19.23 6.95 -31.19
C ILE K 89 19.54 5.57 -30.64
N CYS K 90 20.67 5.00 -31.07
CA CYS K 90 21.08 3.67 -30.64
C CYS K 90 22.14 3.79 -29.56
N MET K 91 21.83 3.22 -28.39
CA MET K 91 22.72 3.20 -27.24
C MET K 91 23.05 1.74 -26.93
N GLY K 92 24.32 1.40 -26.96
CA GLY K 92 24.73 0.04 -26.68
C GLY K 92 24.53 -0.90 -27.85
N GLN K 93 23.29 -1.20 -28.20
CA GLN K 93 23.05 -2.09 -29.33
C GLN K 93 21.63 -1.93 -29.85
N ALA K 94 21.43 -2.44 -31.06
CA ALA K 94 20.13 -2.44 -31.72
C ALA K 94 20.09 -3.69 -32.59
N ALA K 95 19.37 -4.70 -32.12
CA ALA K 95 19.26 -5.98 -32.81
C ALA K 95 18.20 -5.88 -33.90
N SER K 96 17.80 -7.04 -34.44
CA SER K 96 16.83 -7.17 -35.51
C SER K 96 15.62 -6.25 -35.36
N MET K 97 14.92 -6.35 -34.24
CA MET K 97 13.74 -5.51 -34.04
C MET K 97 14.15 -4.09 -33.68
N GLY K 98 15.13 -3.93 -32.81
CA GLY K 98 15.59 -2.60 -32.47
C GLY K 98 16.16 -1.85 -33.66
N ALA K 99 16.82 -2.57 -34.57
CA ALA K 99 17.37 -1.95 -35.76
C ALA K 99 16.27 -1.54 -36.72
N PHE K 100 15.22 -2.35 -36.82
CA PHE K 100 14.11 -2.01 -37.69
C PHE K 100 13.42 -0.74 -37.22
N LEU K 101 13.32 -0.57 -35.91
CA LEU K 101 12.73 0.64 -35.35
C LEU K 101 13.71 1.80 -35.45
N LEU K 102 15.00 1.52 -35.39
CA LEU K 102 16.03 2.54 -35.51
C LEU K 102 15.99 3.17 -36.90
N THR K 103 16.04 2.33 -37.94
CA THR K 103 16.00 2.84 -39.30
C THR K 103 14.65 3.44 -39.66
N ALA K 104 13.58 3.01 -38.98
CA ALA K 104 12.25 3.53 -39.23
C ALA K 104 12.10 4.99 -38.81
N GLY K 105 13.04 5.54 -38.05
CA GLY K 105 12.97 6.92 -37.63
C GLY K 105 12.96 7.88 -38.80
N ALA K 106 12.67 9.13 -38.47
CA ALA K 106 12.62 10.19 -39.46
C ALA K 106 13.95 10.35 -40.17
N LYS K 107 13.89 10.52 -41.50
CA LYS K 107 15.10 10.70 -42.29
C LYS K 107 15.84 11.95 -41.82
N GLY K 108 17.14 11.80 -41.60
CA GLY K 108 17.95 12.89 -41.12
C GLY K 108 18.00 13.04 -39.62
N LYS K 109 17.19 12.27 -38.89
CA LYS K 109 17.12 12.34 -37.43
C LYS K 109 17.38 10.98 -36.78
N ARG K 110 18.15 10.13 -37.47
CA ARG K 110 18.54 8.82 -36.97
C ARG K 110 20.01 8.92 -36.60
N PHE K 111 20.34 8.60 -35.35
CA PHE K 111 21.70 8.68 -34.85
C PHE K 111 22.13 7.39 -34.20
N CYS K 112 23.43 7.26 -34.00
CA CYS K 112 24.03 6.09 -33.40
C CYS K 112 25.30 6.52 -32.69
N LEU K 113 25.53 5.96 -31.51
CA LEU K 113 26.73 6.28 -30.77
C LEU K 113 27.94 5.64 -31.45
N PRO K 114 29.15 6.20 -31.24
CA PRO K 114 30.33 5.66 -31.95
C PRO K 114 30.64 4.20 -31.69
N ASN K 115 30.47 3.71 -30.46
CA ASN K 115 30.79 2.32 -30.12
C ASN K 115 29.57 1.42 -30.07
N SER K 116 28.44 1.85 -30.61
CA SER K 116 27.25 1.02 -30.63
C SER K 116 27.34 -0.01 -31.76
N ARG K 117 26.62 -1.11 -31.56
CA ARG K 117 26.57 -2.21 -32.53
C ARG K 117 25.16 -2.40 -33.04
N VAL K 118 25.05 -2.90 -34.26
CA VAL K 118 23.75 -3.14 -34.90
C VAL K 118 23.83 -4.48 -35.61
N MET K 119 22.71 -5.21 -35.61
CA MET K 119 22.63 -6.48 -36.30
C MET K 119 21.23 -6.65 -36.86
N ILE K 120 21.17 -7.28 -38.03
CA ILE K 120 19.92 -7.51 -38.76
C ILE K 120 19.89 -8.97 -39.20
N HIS K 121 18.75 -9.63 -38.97
CA HIS K 121 18.59 -11.02 -39.37
C HIS K 121 17.13 -11.25 -39.73
N GLN K 122 16.88 -12.36 -40.41
CA GLN K 122 15.53 -12.71 -40.82
C GLN K 122 14.71 -13.21 -39.63
N PRO K 123 13.39 -13.21 -39.74
CA PRO K 123 12.56 -13.69 -38.62
C PRO K 123 12.76 -15.17 -38.35
N LEU K 124 12.67 -15.51 -37.07
CA LEU K 124 12.79 -16.89 -36.60
C LEU K 124 11.51 -17.28 -35.87
N GLY K 125 11.02 -18.47 -36.16
CA GLY K 125 9.81 -18.98 -35.54
C GLY K 125 9.73 -20.48 -35.70
N GLY K 126 8.69 -21.06 -35.13
CA GLY K 126 8.48 -22.49 -35.23
C GLY K 126 7.07 -22.88 -34.86
N TYR K 127 6.63 -24.00 -35.42
CA TYR K 127 5.29 -24.54 -35.17
C TYR K 127 5.35 -26.06 -35.15
N GLN K 128 4.59 -26.65 -34.22
CA GLN K 128 4.49 -28.10 -34.07
C GLN K 128 3.05 -28.51 -34.31
N GLY K 129 2.84 -29.49 -35.19
CA GLY K 129 1.49 -29.95 -35.47
C GLY K 129 1.43 -30.65 -36.81
N GLN K 130 0.20 -30.70 -37.34
CA GLN K 130 -0.06 -31.34 -38.61
C GLN K 130 0.64 -30.61 -39.76
N ALA K 131 0.88 -31.37 -40.83
CA ALA K 131 1.54 -30.82 -42.01
C ALA K 131 0.73 -29.68 -42.60
N THR K 132 -0.60 -29.80 -42.58
CA THR K 132 -1.45 -28.74 -43.13
C THR K 132 -1.27 -27.44 -42.37
N ASP K 133 -1.20 -27.51 -41.05
CA ASP K 133 -1.02 -26.31 -40.25
C ASP K 133 0.37 -25.71 -40.44
N ILE K 134 1.38 -26.56 -40.61
CA ILE K 134 2.75 -26.10 -40.82
C ILE K 134 2.82 -25.21 -42.06
N GLU K 135 2.15 -25.62 -43.14
CA GLU K 135 2.14 -24.83 -44.36
C GLU K 135 1.54 -23.46 -44.13
N ILE K 136 0.49 -23.38 -43.32
CA ILE K 136 -0.16 -22.12 -43.02
C ILE K 136 0.80 -21.19 -42.27
N HIS K 137 1.44 -21.71 -41.23
CA HIS K 137 2.36 -20.89 -40.45
C HIS K 137 3.63 -20.58 -41.22
N ALA K 138 4.12 -21.54 -42.01
CA ALA K 138 5.33 -21.29 -42.79
C ALA K 138 5.09 -20.19 -43.82
N ARG K 139 3.91 -20.19 -44.43
CA ARG K 139 3.58 -19.13 -45.39
C ARG K 139 3.49 -17.78 -44.70
N GLU K 140 2.96 -17.77 -43.48
CA GLU K 140 2.80 -16.51 -42.74
C GLU K 140 4.14 -15.88 -42.41
N ILE K 141 5.07 -16.67 -41.88
CA ILE K 141 6.36 -16.09 -41.50
C ILE K 141 7.13 -15.65 -42.73
N LEU K 142 6.96 -16.34 -43.86
CA LEU K 142 7.64 -15.91 -45.09
C LEU K 142 7.08 -14.58 -45.57
N LYS K 143 5.77 -14.39 -45.44
CA LYS K 143 5.17 -13.12 -45.80
C LYS K 143 5.70 -12.00 -44.92
N VAL K 144 5.84 -12.29 -43.62
CA VAL K 144 6.39 -11.32 -42.67
C VAL K 144 7.81 -10.97 -43.07
N LYS K 145 8.60 -11.98 -43.42
CA LYS K 145 9.98 -11.75 -43.84
C LYS K 145 10.04 -10.87 -45.06
N GLY K 146 9.17 -11.11 -46.04
CA GLY K 146 9.16 -10.28 -47.22
C GLY K 146 8.71 -8.86 -46.92
N ARG K 147 7.71 -8.73 -46.04
CA ARG K 147 7.21 -7.41 -45.67
C ARG K 147 8.27 -6.60 -44.94
N MET K 148 8.99 -7.23 -44.01
CA MET K 148 10.02 -6.53 -43.26
C MET K 148 11.16 -6.08 -44.16
N ASN K 149 11.55 -6.91 -45.13
CA ASN K 149 12.61 -6.53 -46.03
C ASN K 149 12.21 -5.35 -46.90
N GLU K 150 10.94 -5.31 -47.32
CA GLU K 150 10.45 -4.20 -48.12
C GLU K 150 10.56 -2.88 -47.36
N LEU K 151 10.15 -2.88 -46.08
CA LEU K 151 10.20 -1.66 -45.28
C LEU K 151 11.63 -1.26 -44.98
N MET K 152 12.50 -2.22 -44.67
CA MET K 152 13.89 -1.89 -44.38
C MET K 152 14.57 -1.30 -45.62
N ALA K 153 14.25 -1.83 -46.80
CA ALA K 153 14.81 -1.29 -48.03
C ALA K 153 14.37 0.14 -48.25
N LEU K 154 13.12 0.45 -47.92
CA LEU K 154 12.59 1.79 -48.10
C LEU K 154 13.34 2.80 -47.23
N HIS K 155 13.52 2.49 -45.95
CA HIS K 155 14.19 3.41 -45.04
C HIS K 155 15.67 3.50 -45.33
N THR K 156 16.35 2.35 -45.45
CA THR K 156 17.79 2.35 -45.70
C THR K 156 18.11 2.91 -47.09
N GLY K 157 17.27 2.61 -48.07
CA GLY K 157 17.49 3.02 -49.44
C GLY K 157 18.10 1.96 -50.31
N GLN K 158 18.54 0.85 -49.73
CA GLN K 158 19.14 -0.24 -50.47
C GLN K 158 18.06 -1.00 -51.26
N SER K 159 18.50 -1.75 -52.26
CA SER K 159 17.57 -2.53 -53.05
C SER K 159 17.05 -3.71 -52.25
N LEU K 160 15.87 -4.19 -52.63
CA LEU K 160 15.27 -5.32 -51.94
C LEU K 160 16.14 -6.57 -52.06
N GLU K 161 16.81 -6.74 -53.19
CA GLU K 161 17.68 -7.90 -53.38
C GLU K 161 18.85 -7.87 -52.42
N GLN K 162 19.47 -6.70 -52.25
CA GLN K 162 20.61 -6.60 -51.33
C GLN K 162 20.20 -6.89 -49.90
N ILE K 163 19.03 -6.37 -49.49
CA ILE K 163 18.55 -6.60 -48.12
C ILE K 163 18.30 -8.08 -47.89
N GLU K 164 17.74 -8.76 -48.89
CA GLU K 164 17.48 -10.19 -48.74
C GLU K 164 18.75 -10.99 -48.54
N ARG K 165 19.79 -10.69 -49.32
CA ARG K 165 21.05 -11.42 -49.20
C ARG K 165 21.72 -11.14 -47.86
N ASP K 166 21.74 -9.88 -47.43
CA ASP K 166 22.40 -9.53 -46.19
C ASP K 166 21.66 -10.05 -44.96
N THR K 167 20.33 -10.13 -45.01
CA THR K 167 19.54 -10.58 -43.88
C THR K 167 19.35 -12.09 -43.82
N GLU K 168 19.94 -12.86 -44.75
CA GLU K 168 19.77 -14.30 -44.67
C GLU K 168 20.40 -14.85 -43.40
N ARG K 169 21.52 -14.27 -43.00
CA ARG K 169 22.23 -14.63 -41.78
C ARG K 169 22.54 -13.36 -41.03
N ASP K 170 22.83 -13.51 -39.74
CA ASP K 170 23.16 -12.36 -38.89
C ASP K 170 24.31 -11.56 -39.48
N ARG K 171 24.11 -10.25 -39.60
CA ARG K 171 25.11 -9.33 -40.14
C ARG K 171 25.33 -8.23 -39.11
N PHE K 172 26.54 -8.18 -38.54
CA PHE K 172 26.88 -7.19 -37.52
C PHE K 172 27.48 -5.97 -38.19
N LEU K 173 26.88 -4.80 -37.94
CA LEU K 173 27.30 -3.54 -38.52
C LEU K 173 27.67 -2.56 -37.41
N SER K 174 28.85 -1.97 -37.51
CA SER K 174 29.28 -0.96 -36.57
C SER K 174 28.59 0.37 -36.89
N ALA K 175 28.78 1.35 -36.03
CA ALA K 175 28.17 2.66 -36.25
C ALA K 175 28.58 3.28 -37.58
N PRO K 176 29.85 3.27 -37.99
CA PRO K 176 30.16 3.83 -39.32
C PRO K 176 29.60 3.00 -40.45
N GLU K 177 29.64 1.68 -40.32
CA GLU K 177 29.10 0.81 -41.36
C GLU K 177 27.60 1.01 -41.52
N ALA K 178 26.91 1.25 -40.41
CA ALA K 178 25.47 1.47 -40.47
C ALA K 178 25.14 2.72 -41.27
N VAL K 179 25.98 3.76 -41.15
CA VAL K 179 25.75 5.00 -41.89
C VAL K 179 25.82 4.74 -43.39
N GLU K 180 26.83 3.98 -43.82
CA GLU K 180 26.97 3.66 -45.24
C GLU K 180 25.81 2.81 -45.72
N TYR K 181 25.40 1.84 -44.91
CA TYR K 181 24.27 0.97 -45.28
C TYR K 181 22.99 1.77 -45.40
N GLY K 182 22.80 2.74 -44.50
CA GLY K 182 21.61 3.58 -44.48
C GLY K 182 20.74 3.42 -43.25
N LEU K 183 21.12 2.57 -42.30
CA LEU K 183 20.31 2.37 -41.10
C LEU K 183 20.23 3.65 -40.28
N VAL K 184 21.33 4.43 -40.22
CA VAL K 184 21.39 5.67 -39.49
C VAL K 184 21.98 6.74 -40.39
N ASP K 185 21.75 7.99 -40.02
CA ASP K 185 22.20 9.15 -40.78
C ASP K 185 23.51 9.75 -40.31
N SER K 186 23.79 9.75 -39.02
CA SER K 186 25.02 10.35 -38.51
C SER K 186 25.35 9.75 -37.15
N ILE K 187 26.53 10.12 -36.66
CA ILE K 187 27.05 9.65 -35.38
C ILE K 187 27.20 10.84 -34.44
N LEU K 188 26.96 10.61 -33.15
CA LEU K 188 27.07 11.61 -32.10
C LEU K 188 28.28 11.26 -31.25
N THR K 189 29.41 11.91 -31.52
CA THR K 189 30.64 11.64 -30.80
C THR K 189 30.76 12.54 -29.55
N HIS K 190 30.67 13.85 -29.74
CA HIS K 190 30.77 14.81 -28.65
C HIS K 190 29.77 15.93 -28.87
N ARG K 191 29.38 16.56 -27.78
CA ARG K 191 28.45 17.67 -27.86
C ARG K 191 29.15 18.90 -28.41
N ASN K 192 28.47 19.60 -29.32
CA ASN K 192 29.01 20.79 -29.97
C ASN K 192 28.37 22.05 -29.40
N LEU L 1 16.35 -2.25 3.31
CA LEU L 1 15.44 -1.17 2.94
C LEU L 1 16.21 0.14 2.79
N VAL L 2 15.79 0.95 1.83
CA VAL L 2 16.44 2.24 1.57
C VAL L 2 16.02 3.23 2.65
N PRO L 3 16.96 3.84 3.39
CA PRO L 3 16.55 4.81 4.42
C PRO L 3 16.34 6.20 3.82
N MET L 4 15.19 6.78 4.08
CA MET L 4 14.87 8.11 3.58
C MET L 4 15.55 9.16 4.45
N VAL L 5 15.79 10.33 3.85
CA VAL L 5 16.45 11.44 4.52
C VAL L 5 15.67 12.72 4.22
N ILE L 6 15.84 13.69 5.11
CA ILE L 6 15.17 14.99 5.03
C ILE L 6 16.23 16.07 4.84
N GLU L 7 15.93 17.02 3.94
CA GLU L 7 16.79 18.15 3.67
C GLU L 7 16.03 19.42 4.00
N GLN L 8 16.76 20.45 4.44
CA GLN L 8 16.17 21.72 4.84
C GLN L 8 16.36 22.77 3.77
N THR L 9 15.26 23.39 3.36
CA THR L 9 15.25 24.45 2.35
C THR L 9 14.39 25.60 2.85
N SER L 10 14.56 26.76 2.20
CA SER L 10 13.77 27.93 2.58
C SER L 10 12.29 27.68 2.31
N ARG L 11 11.96 27.06 1.18
CA ARG L 11 10.57 26.75 0.88
C ARG L 11 9.99 25.79 1.90
N GLY L 12 10.78 24.81 2.33
CA GLY L 12 10.35 23.84 3.31
C GLY L 12 11.13 22.56 3.18
N GLU L 13 10.93 21.70 4.17
CA GLU L 13 11.61 20.41 4.23
C GLU L 13 11.04 19.45 3.19
N ARG L 14 11.93 18.68 2.56
CA ARG L 14 11.56 17.70 1.54
C ARG L 14 12.23 16.37 1.85
N SER L 15 11.45 15.30 1.78
CA SER L 15 11.95 13.95 2.01
C SER L 15 12.52 13.39 0.71
N PHE L 16 13.69 12.76 0.81
CA PHE L 16 14.36 12.18 -0.33
C PHE L 16 14.97 10.83 0.03
N ASP L 17 15.13 9.99 -0.98
CA ASP L 17 15.78 8.71 -0.80
C ASP L 17 17.27 8.95 -0.59
N ILE L 18 17.96 7.94 -0.07
CA ILE L 18 19.40 8.10 0.17
C ILE L 18 20.14 8.25 -1.15
N TYR L 19 19.77 7.47 -2.16
CA TYR L 19 20.44 7.58 -3.45
C TYR L 19 20.03 8.85 -4.18
N SER L 20 18.75 9.23 -4.09
CA SER L 20 18.29 10.44 -4.74
C SER L 20 18.93 11.67 -4.12
N ARG L 21 19.12 11.66 -2.79
CA ARG L 21 19.76 12.78 -2.13
C ARG L 21 21.17 12.98 -2.64
N LEU L 22 21.92 11.89 -2.86
CA LEU L 22 23.27 12.01 -3.37
C LEU L 22 23.27 12.38 -4.83
N LEU L 23 22.23 11.99 -5.57
CA LEU L 23 22.13 12.37 -6.99
C LEU L 23 22.09 13.88 -7.13
N LYS L 24 21.44 14.56 -6.18
CA LYS L 24 21.38 16.02 -6.21
C LYS L 24 22.77 16.62 -6.13
N GLU L 25 23.71 15.91 -5.48
CA GLU L 25 25.09 16.35 -5.35
C GLU L 25 25.98 15.81 -6.46
N ARG L 26 25.39 15.35 -7.57
CA ARG L 26 26.12 14.84 -8.72
C ARG L 26 26.95 13.60 -8.37
N VAL L 27 26.30 12.64 -7.72
CA VAL L 27 26.91 11.38 -7.32
C VAL L 27 26.06 10.25 -7.87
N ILE L 28 26.68 9.38 -8.67
CA ILE L 28 26.01 8.23 -9.28
C ILE L 28 26.73 6.98 -8.82
N PHE L 29 25.95 5.94 -8.52
CA PHE L 29 26.48 4.66 -8.02
C PHE L 29 26.30 3.56 -9.04
N LEU L 30 27.41 3.02 -9.52
CA LEU L 30 27.42 1.89 -10.44
C LEU L 30 27.76 0.67 -9.59
N THR L 31 26.76 -0.17 -9.34
CA THR L 31 26.93 -1.34 -8.48
C THR L 31 26.33 -2.58 -9.11
N GLY L 32 27.00 -3.71 -8.88
CA GLY L 32 26.56 -4.99 -9.37
C GLY L 32 26.86 -5.24 -10.83
N GLN L 33 26.29 -6.35 -11.31
CA GLN L 33 26.48 -6.76 -12.69
C GLN L 33 25.91 -5.73 -13.64
N VAL L 34 26.64 -5.45 -14.71
CA VAL L 34 26.22 -4.47 -15.69
C VAL L 34 25.21 -5.13 -16.64
N GLU L 35 24.13 -4.43 -16.91
CA GLU L 35 23.09 -4.93 -17.80
C GLU L 35 22.35 -3.74 -18.39
N ASP L 36 21.45 -4.03 -19.33
CA ASP L 36 20.75 -2.99 -20.07
C ASP L 36 19.91 -2.08 -19.17
N HIS L 37 19.16 -2.67 -18.24
CA HIS L 37 18.26 -1.86 -17.42
C HIS L 37 19.03 -0.93 -16.48
N MET L 38 20.02 -1.45 -15.75
CA MET L 38 20.79 -0.60 -14.85
C MET L 38 21.58 0.44 -15.64
N ALA L 39 22.09 0.05 -16.80
CA ALA L 39 22.87 0.98 -17.62
C ALA L 39 22.01 2.15 -18.09
N ASN L 40 20.78 1.87 -18.51
CA ASN L 40 19.89 2.94 -18.96
C ASN L 40 19.59 3.91 -17.83
N LEU L 41 19.56 3.40 -16.59
CA LEU L 41 19.31 4.27 -15.45
C LEU L 41 20.49 5.21 -15.22
N ILE L 42 21.71 4.70 -15.40
CA ILE L 42 22.89 5.54 -15.25
C ILE L 42 22.94 6.58 -16.37
N VAL L 43 22.55 6.19 -17.57
CA VAL L 43 22.55 7.10 -18.71
C VAL L 43 21.57 8.24 -18.45
N ALA L 44 20.40 7.92 -17.91
CA ALA L 44 19.40 8.94 -17.62
C ALA L 44 19.90 9.91 -16.55
N GLN L 45 20.67 9.41 -15.59
CA GLN L 45 21.20 10.29 -14.55
C GLN L 45 22.28 11.21 -15.11
N MET L 46 23.15 10.68 -15.97
CA MET L 46 24.19 11.50 -16.57
C MET L 46 23.59 12.64 -17.38
N LEU L 47 22.58 12.34 -18.19
CA LEU L 47 21.95 13.37 -18.99
C LEU L 47 21.21 14.38 -18.12
N PHE L 48 20.53 13.90 -17.08
CA PHE L 48 19.81 14.78 -16.17
C PHE L 48 20.76 15.77 -15.51
N LEU L 49 21.93 15.31 -15.07
CA LEU L 49 22.88 16.19 -14.42
C LEU L 49 23.49 17.17 -15.41
N GLU L 50 23.68 16.75 -16.66
CA GLU L 50 24.22 17.64 -17.67
C GLU L 50 23.32 18.86 -17.85
N ALA L 51 22.01 18.64 -17.87
CA ALA L 51 21.06 19.73 -18.03
C ALA L 51 21.10 20.69 -16.84
N GLU L 52 21.21 20.14 -15.63
CA GLU L 52 21.22 20.97 -14.43
C GLU L 52 22.43 21.91 -14.43
N ASN L 53 23.62 21.36 -14.64
CA ASN L 53 24.84 22.15 -14.68
C ASN L 53 25.86 21.42 -15.55
N PRO L 54 26.00 21.81 -16.82
CA PRO L 54 26.98 21.12 -17.67
C PRO L 54 28.43 21.39 -17.30
N GLU L 55 28.69 22.41 -16.48
CA GLU L 55 30.06 22.74 -16.10
C GLU L 55 30.53 21.95 -14.87
N LYS L 56 29.67 21.74 -13.89
CA LYS L 56 30.05 21.00 -12.70
C LYS L 56 30.33 19.54 -13.05
N ASP L 57 31.36 18.99 -12.42
CA ASP L 57 31.76 17.61 -12.67
C ASP L 57 30.76 16.64 -12.06
N ILE L 58 30.94 15.36 -12.40
CA ILE L 58 30.10 14.27 -11.93
C ILE L 58 31.01 13.21 -11.31
N TYR L 59 30.54 12.59 -10.24
CA TYR L 59 31.30 11.58 -9.50
C TYR L 59 30.60 10.24 -9.62
N LEU L 60 31.27 9.28 -10.27
CA LEU L 60 30.75 7.94 -10.49
C LEU L 60 31.54 6.96 -9.62
N TYR L 61 30.85 6.33 -8.67
CA TYR L 61 31.46 5.34 -7.79
C TYR L 61 31.21 3.97 -8.39
N ILE L 62 32.28 3.25 -8.72
CA ILE L 62 32.21 1.96 -9.38
C ILE L 62 32.61 0.84 -8.44
N ASN L 63 31.72 -0.15 -8.32
CA ASN L 63 31.98 -1.37 -7.55
C ASN L 63 31.18 -2.45 -8.26
N SER L 64 31.83 -3.19 -9.17
CA SER L 64 31.10 -4.20 -9.93
C SER L 64 32.06 -5.25 -10.44
N PRO L 65 31.58 -6.47 -10.69
CA PRO L 65 32.43 -7.52 -11.26
C PRO L 65 32.39 -7.61 -12.77
N GLY L 66 31.73 -6.67 -13.45
CA GLY L 66 31.62 -6.66 -14.89
C GLY L 66 30.26 -7.13 -15.37
N GLY L 67 30.13 -7.18 -16.69
CA GLY L 67 28.86 -7.62 -17.26
C GLY L 67 28.86 -7.51 -18.77
N VAL L 68 27.66 -7.21 -19.30
CA VAL L 68 27.49 -7.09 -20.75
C VAL L 68 28.32 -5.92 -21.27
N ILE L 69 28.92 -6.14 -22.44
CA ILE L 69 29.76 -5.11 -23.06
C ILE L 69 28.90 -4.03 -23.71
N THR L 70 27.83 -4.43 -24.41
CA THR L 70 26.96 -3.46 -25.06
C THR L 70 26.37 -2.48 -24.05
N ALA L 71 25.92 -2.98 -22.90
CA ALA L 71 25.37 -2.11 -21.88
C ALA L 71 26.42 -1.14 -21.36
N GLY L 72 27.64 -1.63 -21.13
CA GLY L 72 28.70 -0.76 -20.64
C GLY L 72 29.10 0.29 -21.65
N MET L 73 29.06 -0.06 -22.94
CA MET L 73 29.43 0.92 -23.97
C MET L 73 28.43 2.06 -24.02
N SER L 74 27.17 1.81 -23.65
CA SER L 74 26.19 2.89 -23.60
C SER L 74 26.60 3.92 -22.57
N ILE L 75 27.08 3.46 -21.42
CA ILE L 75 27.55 4.35 -20.37
C ILE L 75 28.82 5.07 -20.82
N TYR L 76 29.73 4.34 -21.45
CA TYR L 76 30.99 4.92 -21.90
C TYR L 76 30.76 6.01 -22.94
N ASP L 77 29.89 5.75 -23.91
CA ASP L 77 29.62 6.75 -24.94
C ASP L 77 28.94 7.97 -24.34
N THR L 78 28.03 7.76 -23.39
CA THR L 78 27.34 8.87 -22.75
C THR L 78 28.31 9.77 -22.00
N MET L 79 29.29 9.17 -21.31
CA MET L 79 30.26 9.94 -20.54
C MET L 79 31.07 10.87 -21.44
N GLN L 80 31.52 10.36 -22.58
CA GLN L 80 32.32 11.17 -23.50
C GLN L 80 31.48 12.27 -24.13
N PHE L 81 30.22 11.99 -24.45
CA PHE L 81 29.37 12.98 -25.11
C PHE L 81 29.04 14.16 -24.21
N ILE L 82 28.68 13.91 -22.96
CA ILE L 82 28.31 14.99 -22.06
C ILE L 82 29.51 15.88 -21.77
N LYS L 83 29.25 17.18 -21.65
CA LYS L 83 30.31 18.13 -21.33
C LYS L 83 30.91 17.94 -19.94
N PRO L 84 30.13 17.63 -18.89
CA PRO L 84 30.74 17.43 -17.57
C PRO L 84 31.78 16.33 -17.56
N ASP L 85 32.83 16.54 -16.78
CA ASP L 85 33.89 15.56 -16.61
C ASP L 85 33.43 14.54 -15.58
N VAL L 86 33.39 13.27 -15.96
CA VAL L 86 32.94 12.21 -15.08
C VAL L 86 34.14 11.69 -14.30
N SER L 87 34.18 11.99 -13.00
CA SER L 87 35.27 11.57 -12.13
C SER L 87 34.93 10.18 -11.59
N THR L 88 35.57 9.15 -12.15
CA THR L 88 35.34 7.79 -11.74
C THR L 88 36.12 7.46 -10.48
N ILE L 89 35.51 6.66 -9.61
CA ILE L 89 36.11 6.21 -8.35
C ILE L 89 35.82 4.73 -8.20
N CYS L 90 36.86 3.96 -7.88
CA CYS L 90 36.75 2.52 -7.74
C CYS L 90 36.67 2.13 -6.27
N MET L 91 35.52 1.57 -5.88
CA MET L 91 35.28 1.10 -4.52
C MET L 91 35.19 -0.42 -4.55
N GLY L 92 36.03 -1.07 -3.74
CA GLY L 92 36.01 -2.51 -3.67
C GLY L 92 36.70 -3.20 -4.83
N GLN L 93 36.13 -3.10 -6.02
CA GLN L 93 36.74 -3.74 -7.18
C GLN L 93 36.21 -3.14 -8.47
N ALA L 94 36.92 -3.42 -9.55
CA ALA L 94 36.55 -2.97 -10.89
C ALA L 94 37.09 -4.00 -11.86
N ALA L 95 36.19 -4.80 -12.43
CA ALA L 95 36.53 -5.85 -13.36
C ALA L 95 36.65 -5.29 -14.77
N SER L 96 36.70 -6.17 -15.77
CA SER L 96 36.85 -5.82 -17.18
C SER L 96 36.01 -4.62 -17.61
N MET L 97 34.70 -4.69 -17.41
CA MET L 97 33.86 -3.56 -17.79
C MET L 97 33.93 -2.45 -16.75
N GLY L 98 33.97 -2.81 -15.47
CA GLY L 98 34.09 -1.81 -14.43
C GLY L 98 35.36 -1.00 -14.58
N ALA L 99 36.45 -1.66 -14.97
CA ALA L 99 37.73 -0.99 -15.15
C ALA L 99 37.72 -0.15 -16.43
N PHE L 100 37.05 -0.64 -17.47
CA PHE L 100 36.96 0.12 -18.71
C PHE L 100 36.24 1.43 -18.48
N LEU L 101 35.21 1.42 -17.63
CA LEU L 101 34.50 2.63 -17.30
C LEU L 101 35.30 3.48 -16.32
N LEU L 102 36.11 2.84 -15.49
CA LEU L 102 36.96 3.55 -14.54
C LEU L 102 38.00 4.37 -15.29
N THR L 103 38.75 3.72 -16.18
CA THR L 103 39.79 4.43 -16.94
C THR L 103 39.19 5.38 -17.97
N ALA L 104 37.93 5.20 -18.34
CA ALA L 104 37.29 6.10 -19.30
C ALA L 104 37.05 7.49 -18.72
N GLY L 105 37.11 7.63 -17.39
CA GLY L 105 36.91 8.92 -16.76
C GLY L 105 37.89 9.97 -17.27
N ALA L 106 37.52 11.23 -16.99
CA ALA L 106 38.32 12.37 -17.40
C ALA L 106 39.74 12.27 -16.88
N LYS L 107 40.70 12.61 -17.74
CA LYS L 107 42.11 12.58 -17.39
C LYS L 107 42.35 13.50 -16.19
N GLY L 108 42.98 12.95 -15.16
CA GLY L 108 43.26 13.68 -13.95
C GLY L 108 42.18 13.62 -12.90
N LYS L 109 41.04 12.98 -13.19
CA LYS L 109 39.92 12.87 -12.27
C LYS L 109 39.53 11.41 -12.06
N ARG L 110 40.47 10.49 -12.26
CA ARG L 110 40.26 9.07 -12.05
C ARG L 110 40.95 8.70 -10.76
N PHE L 111 40.18 8.17 -9.80
CA PHE L 111 40.71 7.81 -8.50
C PHE L 111 40.39 6.36 -8.18
N CYS L 112 41.16 5.83 -7.23
CA CYS L 112 41.01 4.46 -6.77
C CYS L 112 41.30 4.43 -5.28
N LEU L 113 40.49 3.70 -4.54
CA LEU L 113 40.72 3.59 -3.12
C LEU L 113 41.92 2.66 -2.87
N PRO L 114 42.63 2.82 -1.76
CA PRO L 114 43.86 2.04 -1.55
C PRO L 114 43.71 0.53 -1.55
N ASN L 115 42.64 -0.02 -0.99
CA ASN L 115 42.47 -1.47 -0.90
C ASN L 115 41.63 -2.06 -2.03
N SER L 116 41.29 -1.27 -3.05
CA SER L 116 40.52 -1.79 -4.16
C SER L 116 41.36 -2.68 -5.05
N ARG L 117 40.69 -3.63 -5.72
CA ARG L 117 41.32 -4.59 -6.61
C ARG L 117 40.75 -4.42 -8.01
N VAL L 118 41.60 -4.03 -8.95
CA VAL L 118 41.20 -3.85 -10.35
C VAL L 118 41.57 -5.11 -11.12
N MET L 119 40.79 -5.41 -12.14
CA MET L 119 41.02 -6.59 -12.98
C MET L 119 40.60 -6.30 -14.41
N ILE L 120 41.40 -6.76 -15.36
CA ILE L 120 41.15 -6.56 -16.79
C ILE L 120 41.34 -7.89 -17.51
N HIS L 121 40.39 -8.22 -18.39
CA HIS L 121 40.45 -9.45 -19.17
C HIS L 121 39.76 -9.22 -20.50
N GLN L 122 40.06 -10.08 -21.46
CA GLN L 122 39.47 -9.98 -22.79
C GLN L 122 38.02 -10.46 -22.77
N PRO L 123 37.21 -10.03 -23.75
CA PRO L 123 35.80 -10.44 -23.76
C PRO L 123 35.63 -11.94 -23.88
N LEU L 124 34.56 -12.44 -23.25
CA LEU L 124 34.21 -13.85 -23.26
C LEU L 124 32.78 -14.00 -23.77
N GLY L 125 32.58 -15.00 -24.63
CA GLY L 125 31.27 -15.25 -25.20
C GLY L 125 31.23 -16.62 -25.82
N GLY L 126 30.06 -16.95 -26.38
CA GLY L 126 29.89 -18.23 -27.04
C GLY L 126 28.64 -18.32 -27.89
N TYR L 127 28.70 -19.15 -28.93
CA TYR L 127 27.57 -19.34 -29.83
C TYR L 127 27.46 -20.80 -30.23
N GLN L 128 26.23 -21.29 -30.32
CA GLN L 128 25.92 -22.65 -30.72
C GLN L 128 25.16 -22.59 -32.03
N GLY L 129 25.63 -23.31 -33.04
CA GLY L 129 24.96 -23.31 -34.33
C GLY L 129 25.86 -23.86 -35.41
N GLN L 130 25.48 -23.56 -36.65
CA GLN L 130 26.23 -24.00 -37.81
C GLN L 130 27.61 -23.33 -37.85
N ALA L 131 28.52 -23.98 -38.57
CA ALA L 131 29.88 -23.46 -38.69
C ALA L 131 29.89 -22.08 -39.32
N THR L 132 28.99 -21.83 -40.28
CA THR L 132 28.93 -20.53 -40.92
C THR L 132 28.56 -19.45 -39.92
N ASP L 133 27.57 -19.72 -39.07
CA ASP L 133 27.17 -18.74 -38.06
C ASP L 133 28.28 -18.50 -37.06
N ILE L 134 28.99 -19.56 -36.68
CA ILE L 134 30.10 -19.45 -35.72
C ILE L 134 31.16 -18.49 -36.26
N GLU L 135 31.44 -18.56 -37.56
CA GLU L 135 32.44 -17.69 -38.17
C GLU L 135 32.01 -16.23 -38.06
N ILE L 136 30.74 -15.95 -38.26
CA ILE L 136 30.24 -14.59 -38.18
C ILE L 136 30.37 -14.05 -36.76
N HIS L 137 29.89 -14.83 -35.78
CA HIS L 137 29.94 -14.39 -34.40
C HIS L 137 31.37 -14.29 -33.89
N ALA L 138 32.24 -15.22 -34.30
CA ALA L 138 33.63 -15.16 -33.88
C ALA L 138 34.30 -13.89 -34.38
N ARG L 139 33.97 -13.46 -35.59
CA ARG L 139 34.52 -12.22 -36.13
C ARG L 139 34.07 -11.00 -35.33
N GLU L 140 32.83 -11.02 -34.82
CA GLU L 140 32.30 -9.87 -34.10
C GLU L 140 32.94 -9.73 -32.73
N ILE L 141 33.16 -10.85 -32.02
CA ILE L 141 33.76 -10.74 -30.70
C ILE L 141 35.21 -10.34 -30.82
N LEU L 142 35.90 -10.79 -31.88
CA LEU L 142 37.28 -10.39 -32.07
C LEU L 142 37.38 -8.90 -32.37
N LYS L 143 36.41 -8.36 -33.12
CA LYS L 143 36.39 -6.94 -33.41
C LYS L 143 36.18 -6.14 -32.13
N VAL L 144 35.29 -6.64 -31.26
CA VAL L 144 35.03 -5.97 -29.99
C VAL L 144 36.30 -5.96 -29.15
N LYS L 145 37.06 -7.05 -29.19
CA LYS L 145 38.31 -7.12 -28.44
C LYS L 145 39.30 -6.08 -28.93
N GLY L 146 39.41 -5.94 -30.26
CA GLY L 146 40.31 -4.94 -30.81
C GLY L 146 39.87 -3.53 -30.48
N ARG L 147 38.56 -3.28 -30.51
CA ARG L 147 38.06 -1.94 -30.22
C ARG L 147 38.26 -1.58 -28.75
N MET L 148 38.00 -2.52 -27.84
CA MET L 148 38.18 -2.25 -26.42
C MET L 148 39.65 -2.04 -26.09
N ASN L 149 40.53 -2.85 -26.67
CA ASN L 149 41.96 -2.69 -26.41
C ASN L 149 42.46 -1.36 -26.96
N GLU L 150 41.95 -0.95 -28.11
CA GLU L 150 42.34 0.33 -28.69
C GLU L 150 41.95 1.48 -27.78
N LEU L 151 40.78 1.40 -27.17
CA LEU L 151 40.32 2.48 -26.28
C LEU L 151 41.07 2.44 -24.95
N MET L 152 41.32 1.25 -24.43
CA MET L 152 42.07 1.14 -23.18
C MET L 152 43.46 1.74 -23.31
N ALA L 153 44.11 1.48 -24.44
CA ALA L 153 45.44 2.04 -24.67
C ALA L 153 45.40 3.56 -24.70
N LEU L 154 44.32 4.12 -25.26
CA LEU L 154 44.18 5.56 -25.34
C LEU L 154 44.07 6.19 -23.95
N HIS L 155 43.19 5.63 -23.12
CA HIS L 155 43.00 6.18 -21.77
C HIS L 155 44.19 5.89 -20.87
N THR L 156 44.66 4.64 -20.86
CA THR L 156 45.80 4.27 -20.02
C THR L 156 47.10 4.91 -20.50
N GLY L 157 47.26 5.06 -21.81
CA GLY L 157 48.46 5.61 -22.38
C GLY L 157 49.49 4.57 -22.77
N GLN L 158 49.23 3.30 -22.51
CA GLN L 158 50.14 2.22 -22.87
C GLN L 158 49.95 1.85 -24.34
N SER L 159 50.94 1.17 -24.88
CA SER L 159 50.87 0.77 -26.27
C SER L 159 49.83 -0.33 -26.47
N LEU L 160 49.30 -0.42 -27.69
CA LEU L 160 48.29 -1.42 -27.98
C LEU L 160 48.85 -2.83 -27.84
N GLU L 161 50.12 -3.02 -28.21
CA GLU L 161 50.73 -4.34 -28.11
C GLU L 161 50.83 -4.78 -26.65
N GLN L 162 51.14 -3.86 -25.75
CA GLN L 162 51.25 -4.21 -24.33
C GLN L 162 49.90 -4.57 -23.75
N ILE L 163 48.85 -3.86 -24.16
CA ILE L 163 47.51 -4.14 -23.63
C ILE L 163 47.06 -5.53 -24.06
N GLU L 164 47.35 -5.91 -25.30
CA GLU L 164 46.93 -7.22 -25.79
C GLU L 164 47.58 -8.34 -24.98
N ARG L 165 48.88 -8.21 -24.67
CA ARG L 165 49.57 -9.23 -23.89
C ARG L 165 48.98 -9.34 -22.49
N ASP L 166 48.75 -8.20 -21.84
CA ASP L 166 48.24 -8.19 -20.48
C ASP L 166 46.80 -8.68 -20.40
N THR L 167 45.97 -8.36 -21.40
CA THR L 167 44.57 -8.74 -21.37
C THR L 167 44.29 -10.15 -21.89
N GLU L 168 45.30 -10.89 -22.36
CA GLU L 168 45.07 -12.24 -22.84
C GLU L 168 44.48 -13.11 -21.73
N ARG L 169 44.95 -12.91 -20.51
CA ARG L 169 44.47 -13.62 -19.33
C ARG L 169 44.17 -12.61 -18.25
N ASP L 170 43.41 -13.04 -17.24
CA ASP L 170 43.05 -12.16 -16.13
C ASP L 170 44.30 -11.61 -15.46
N ARG L 171 44.29 -10.30 -15.22
CA ARG L 171 45.39 -9.60 -14.57
C ARG L 171 44.82 -8.74 -13.46
N PHE L 172 45.23 -9.01 -12.22
CA PHE L 172 44.76 -8.28 -11.06
C PHE L 172 45.77 -7.19 -10.74
N LEU L 173 45.30 -5.95 -10.70
CA LEU L 173 46.12 -4.78 -10.41
C LEU L 173 45.64 -4.11 -9.14
N SER L 174 46.56 -3.93 -8.20
CA SER L 174 46.22 -3.22 -6.97
C SER L 174 46.11 -1.74 -7.28
N ALA L 175 45.72 -0.95 -6.27
CA ALA L 175 45.58 0.48 -6.49
C ALA L 175 46.90 1.15 -6.88
N PRO L 176 48.02 0.89 -6.22
CA PRO L 176 49.28 1.52 -6.69
C PRO L 176 49.69 1.02 -8.06
N GLU L 177 49.49 -0.27 -8.34
CA GLU L 177 49.85 -0.82 -9.64
C GLU L 177 49.04 -0.18 -10.75
N ALA L 178 47.76 0.11 -10.48
CA ALA L 178 46.91 0.74 -11.48
C ALA L 178 47.37 2.15 -11.81
N VAL L 179 47.92 2.87 -10.83
CA VAL L 179 48.38 4.23 -11.06
C VAL L 179 49.51 4.23 -12.08
N GLU L 180 50.51 3.37 -11.89
CA GLU L 180 51.62 3.32 -12.83
C GLU L 180 51.18 2.76 -14.16
N TYR L 181 50.23 1.84 -14.17
CA TYR L 181 49.74 1.28 -15.42
C TYR L 181 48.99 2.32 -16.25
N GLY L 182 48.34 3.28 -15.59
CA GLY L 182 47.59 4.33 -16.24
C GLY L 182 46.09 4.23 -16.12
N LEU L 183 45.57 3.18 -15.49
CA LEU L 183 44.13 3.03 -15.34
C LEU L 183 43.54 4.16 -14.51
N VAL L 184 44.22 4.54 -13.43
CA VAL L 184 43.79 5.61 -12.54
C VAL L 184 44.91 6.62 -12.38
N ASP L 185 44.53 7.83 -12.01
CA ASP L 185 45.47 8.94 -11.84
C ASP L 185 46.12 8.99 -10.46
N SER L 186 45.36 8.76 -9.39
CA SER L 186 45.92 8.83 -8.06
C SER L 186 45.02 8.07 -7.09
N ILE L 187 45.55 7.84 -5.89
CA ILE L 187 44.86 7.13 -4.83
C ILE L 187 44.25 8.12 -3.85
N LEU L 188 43.03 7.84 -3.40
CA LEU L 188 42.32 8.69 -2.44
C LEU L 188 42.51 8.08 -1.05
N THR L 189 43.64 8.43 -0.42
CA THR L 189 43.92 7.91 0.90
C THR L 189 43.02 8.56 1.95
N HIS L 190 42.84 9.88 1.89
CA HIS L 190 42.00 10.60 2.83
C HIS L 190 41.36 11.78 2.11
N ARG L 191 40.36 12.37 2.76
CA ARG L 191 39.67 13.52 2.20
C ARG L 191 40.63 14.68 1.99
N ASN L 192 41.56 14.87 2.93
CA ASN L 192 42.54 15.94 2.86
C ASN L 192 43.82 15.46 2.20
N LEU M 1 7.46 -5.92 8.43
CA LEU M 1 6.97 -4.55 8.35
C LEU M 1 7.65 -3.67 9.39
N VAL M 2 8.51 -2.78 8.93
CA VAL M 2 9.22 -1.88 9.85
C VAL M 2 8.22 -0.89 10.43
N PRO M 3 8.29 -0.56 11.73
CA PRO M 3 7.34 0.40 12.28
C PRO M 3 7.73 1.84 11.96
N MET M 4 6.73 2.72 12.04
CA MET M 4 6.87 4.14 11.78
C MET M 4 6.84 4.89 13.10
N VAL M 5 7.78 5.82 13.28
CA VAL M 5 7.91 6.61 14.50
C VAL M 5 7.73 8.08 14.15
N ILE M 6 7.09 8.82 15.04
CA ILE M 6 6.81 10.24 14.86
C ILE M 6 7.79 11.07 15.69
N GLU M 7 8.46 12.01 15.03
CA GLU M 7 9.38 12.94 15.68
C GLU M 7 8.65 14.27 15.79
N GLN M 8 8.53 14.78 17.01
CA GLN M 8 7.81 16.02 17.28
C GLN M 8 8.80 17.13 17.63
N THR M 9 8.68 18.24 16.90
CA THR M 9 9.50 19.42 17.12
C THR M 9 8.61 20.65 16.97
N SER M 10 9.16 21.82 17.30
CA SER M 10 8.41 23.06 17.22
C SER M 10 7.90 23.31 15.81
N ARG M 11 8.71 23.00 14.81
CA ARG M 11 8.32 23.22 13.42
C ARG M 11 7.10 22.37 13.06
N GLY M 12 7.08 21.12 13.51
CA GLY M 12 5.98 20.24 13.20
C GLY M 12 6.31 18.82 13.59
N GLU M 13 5.47 17.90 13.13
CA GLU M 13 5.64 16.47 13.38
C GLU M 13 5.97 15.76 12.08
N ARG M 14 6.99 14.92 12.11
CA ARG M 14 7.44 14.15 10.95
C ARG M 14 7.41 12.67 11.28
N SER M 15 7.09 11.86 10.28
CA SER M 15 7.04 10.41 10.40
C SER M 15 8.20 9.80 9.65
N PHE M 16 8.93 8.91 10.32
CA PHE M 16 10.06 8.22 9.74
C PHE M 16 10.00 6.74 10.10
N ASP M 17 10.63 5.92 9.27
CA ASP M 17 10.74 4.52 9.64
C ASP M 17 11.77 4.44 10.76
N ILE M 18 11.75 3.32 11.50
CA ILE M 18 12.65 3.18 12.63
C ILE M 18 14.11 3.30 12.20
N TYR M 19 14.47 2.71 11.06
CA TYR M 19 15.85 2.79 10.60
C TYR M 19 16.24 4.21 10.20
N SER M 20 15.33 4.95 9.58
CA SER M 20 15.65 6.31 9.17
C SER M 20 15.71 7.26 10.36
N ARG M 21 14.90 7.02 11.39
CA ARG M 21 14.93 7.87 12.57
C ARG M 21 16.29 7.79 13.24
N LEU M 22 16.86 6.59 13.32
CA LEU M 22 18.17 6.43 13.94
C LEU M 22 19.27 6.97 13.03
N LEU M 23 19.02 7.01 11.72
CA LEU M 23 20.03 7.56 10.81
C LEU M 23 20.28 9.03 11.10
N LYS M 24 19.25 9.78 11.50
CA LYS M 24 19.43 11.18 11.86
C LYS M 24 20.41 11.32 13.01
N GLU M 25 20.52 10.31 13.85
CA GLU M 25 21.43 10.31 14.99
C GLU M 25 22.78 9.68 14.63
N ARG M 26 23.10 9.57 13.34
CA ARG M 26 24.37 9.04 12.88
C ARG M 26 24.57 7.58 13.31
N VAL M 27 23.53 6.78 13.14
CA VAL M 27 23.54 5.36 13.48
C VAL M 27 23.26 4.57 12.21
N ILE M 28 24.23 3.76 11.78
CA ILE M 28 24.13 2.92 10.60
C ILE M 28 24.08 1.47 11.05
N PHE M 29 23.14 0.71 10.48
CA PHE M 29 22.96 -0.70 10.83
C PHE M 29 23.54 -1.60 9.75
N LEU M 30 24.48 -2.45 10.14
CA LEU M 30 25.10 -3.44 9.26
C LEU M 30 24.53 -4.78 9.70
N THR M 31 23.72 -5.40 8.83
CA THR M 31 23.07 -6.66 9.15
C THR M 31 23.12 -7.64 7.98
N GLY M 32 23.36 -8.90 8.32
CA GLY M 32 23.39 -9.97 7.35
C GLY M 32 24.70 -10.10 6.59
N GLN M 33 24.68 -10.99 5.61
CA GLN M 33 25.86 -11.26 4.81
C GLN M 33 26.27 -10.00 4.03
N VAL M 34 27.55 -9.71 4.04
CA VAL M 34 28.06 -8.55 3.32
C VAL M 34 27.99 -8.81 1.83
N GLU M 35 27.59 -7.78 1.07
CA GLU M 35 27.47 -7.89 -0.37
C GLU M 35 27.57 -6.49 -0.95
N ASP M 36 27.69 -6.43 -2.27
CA ASP M 36 27.86 -5.16 -2.97
C ASP M 36 26.68 -4.22 -2.75
N HIS M 37 25.45 -4.74 -2.84
CA HIS M 37 24.28 -3.88 -2.70
C HIS M 37 24.13 -3.33 -1.29
N MET M 38 24.19 -4.19 -0.27
CA MET M 38 24.07 -3.69 1.09
C MET M 38 25.24 -2.79 1.45
N ALA M 39 26.44 -3.13 1.00
CA ALA M 39 27.61 -2.31 1.29
C ALA M 39 27.49 -0.95 0.63
N ASN M 40 26.98 -0.90 -0.59
CA ASN M 40 26.79 0.37 -1.27
C ASN M 40 25.84 1.27 -0.50
N LEU M 41 24.82 0.67 0.10
CA LEU M 41 23.86 1.44 0.89
C LEU M 41 24.54 2.03 2.12
N ILE M 42 25.40 1.25 2.77
CA ILE M 42 26.12 1.75 3.94
C ILE M 42 27.05 2.88 3.54
N VAL M 43 27.69 2.75 2.38
CA VAL M 43 28.60 3.79 1.90
C VAL M 43 27.85 5.09 1.68
N ALA M 44 26.66 5.02 1.09
CA ALA M 44 25.87 6.21 0.85
C ALA M 44 25.49 6.91 2.15
N GLN M 45 25.26 6.14 3.21
CA GLN M 45 24.91 6.75 4.49
C GLN M 45 26.11 7.48 5.09
N MET M 46 27.31 6.93 4.90
CA MET M 46 28.51 7.57 5.44
C MET M 46 28.78 8.89 4.73
N LEU M 47 28.65 8.92 3.41
CA LEU M 47 28.88 10.16 2.67
C LEU M 47 27.82 11.19 3.00
N PHE M 48 26.57 10.77 3.13
CA PHE M 48 25.50 11.70 3.47
C PHE M 48 25.74 12.32 4.84
N LEU M 49 26.13 11.52 5.82
CA LEU M 49 26.38 12.04 7.16
C LEU M 49 27.61 12.95 7.17
N GLU M 50 28.63 12.60 6.39
CA GLU M 50 29.82 13.43 6.32
C GLU M 50 29.47 14.82 5.82
N ALA M 51 28.58 14.91 4.84
CA ALA M 51 28.18 16.20 4.30
C ALA M 51 27.41 17.02 5.33
N GLU M 52 26.50 16.38 6.07
CA GLU M 52 25.72 17.09 7.08
C GLU M 52 26.64 17.68 8.14
N ASN M 53 27.56 16.89 8.65
CA ASN M 53 28.52 17.35 9.65
C ASN M 53 29.79 16.51 9.55
N PRO M 54 30.94 17.07 9.15
CA PRO M 54 32.16 16.27 9.09
C PRO M 54 32.91 16.13 10.42
N GLU M 55 32.35 16.64 11.52
CA GLU M 55 32.98 16.57 12.83
C GLU M 55 32.32 15.56 13.77
N LYS M 56 31.00 15.43 13.72
CA LYS M 56 30.31 14.50 14.59
C LYS M 56 30.66 13.06 14.27
N ASP M 57 30.74 12.23 15.30
CA ASP M 57 31.07 10.83 15.14
C ASP M 57 29.90 10.06 14.52
N ILE M 58 30.25 8.98 13.84
CA ILE M 58 29.28 8.09 13.19
C ILE M 58 29.36 6.74 13.89
N TYR M 59 28.20 6.15 14.15
CA TYR M 59 28.11 4.86 14.81
C TYR M 59 27.71 3.79 13.82
N LEU M 60 28.28 2.60 13.98
CA LEU M 60 28.04 1.46 13.11
C LEU M 60 27.78 0.24 13.98
N TYR M 61 26.57 -0.30 13.90
CA TYR M 61 26.18 -1.48 14.67
C TYR M 61 26.36 -2.68 13.75
N ILE M 62 27.24 -3.60 14.14
CA ILE M 62 27.61 -4.74 13.32
C ILE M 62 27.05 -6.03 13.90
N ASN M 63 26.31 -6.76 13.06
CA ASN M 63 25.79 -8.10 13.37
C ASN M 63 25.77 -8.79 12.01
N SER M 64 26.81 -9.55 11.70
CA SER M 64 26.88 -10.18 10.39
C SER M 64 27.83 -11.36 10.35
N PRO M 65 27.46 -12.51 9.71
CA PRO M 65 28.39 -13.64 9.60
C PRO M 65 29.36 -13.51 8.42
N GLY M 66 29.97 -12.35 8.27
CA GLY M 66 30.91 -12.14 7.18
C GLY M 66 30.24 -12.01 5.83
N GLY M 67 31.08 -12.06 4.79
CA GLY M 67 30.59 -11.96 3.44
C GLY M 67 31.71 -11.73 2.45
N VAL M 68 31.34 -11.15 1.31
CA VAL M 68 32.29 -10.88 0.24
C VAL M 68 33.37 -9.91 0.72
N ILE M 69 34.61 -10.23 0.38
CA ILE M 69 35.74 -9.41 0.81
C ILE M 69 35.75 -8.07 0.09
N THR M 70 35.52 -8.06 -1.23
CA THR M 70 35.56 -6.82 -1.99
C THR M 70 34.52 -5.83 -1.49
N ALA M 71 33.32 -6.31 -1.16
CA ALA M 71 32.29 -5.42 -0.65
C ALA M 71 32.71 -4.81 0.68
N GLY M 72 33.37 -5.60 1.52
CA GLY M 72 33.83 -5.10 2.81
C GLY M 72 34.86 -4.00 2.69
N MET M 73 35.81 -4.14 1.76
CA MET M 73 36.85 -3.14 1.61
C MET M 73 36.28 -1.78 1.24
N SER M 74 35.15 -1.74 0.53
CA SER M 74 34.53 -0.47 0.20
C SER M 74 34.11 0.26 1.46
N ILE M 75 33.54 -0.48 2.41
CA ILE M 75 33.12 0.10 3.69
C ILE M 75 34.35 0.53 4.49
N TYR M 76 35.37 -0.33 4.55
CA TYR M 76 36.57 -0.02 5.32
C TYR M 76 37.30 1.20 4.78
N ASP M 77 37.51 1.26 3.47
CA ASP M 77 38.21 2.40 2.89
C ASP M 77 37.40 3.68 3.07
N THR M 78 36.08 3.58 2.96
CA THR M 78 35.23 4.75 3.14
C THR M 78 35.33 5.30 4.56
N MET M 79 35.35 4.42 5.56
CA MET M 79 35.45 4.85 6.94
C MET M 79 36.74 5.64 7.19
N GLN M 80 37.86 5.12 6.68
CA GLN M 80 39.14 5.81 6.84
C GLN M 80 39.21 7.07 6.00
N PHE M 81 38.57 7.06 4.83
CA PHE M 81 38.61 8.22 3.94
C PHE M 81 37.89 9.42 4.52
N ILE M 82 36.72 9.22 5.11
CA ILE M 82 35.95 10.35 5.64
C ILE M 82 36.55 10.84 6.94
N LYS M 83 36.47 12.15 7.15
CA LYS M 83 36.99 12.76 8.37
C LYS M 83 36.31 12.27 9.65
N PRO M 84 34.99 12.14 9.71
CA PRO M 84 34.34 11.68 10.95
C PRO M 84 34.85 10.33 11.43
N ASP M 85 35.01 10.21 12.74
CA ASP M 85 35.43 8.96 13.36
C ASP M 85 34.24 8.02 13.37
N VAL M 86 34.43 6.82 12.84
CA VAL M 86 33.37 5.83 12.75
C VAL M 86 33.51 4.87 13.92
N SER M 87 32.55 4.93 14.84
CA SER M 87 32.52 4.04 15.98
C SER M 87 31.88 2.73 15.57
N THR M 88 32.33 1.64 16.18
CA THR M 88 31.85 0.30 15.87
C THR M 88 31.42 -0.41 17.14
N ILE M 89 30.20 -0.93 17.14
CA ILE M 89 29.62 -1.65 18.26
C ILE M 89 29.14 -3.00 17.74
N CYS M 90 29.64 -4.08 18.34
CA CYS M 90 29.28 -5.43 17.94
C CYS M 90 28.08 -5.92 18.72
N MET M 91 27.01 -6.27 18.01
CA MET M 91 25.78 -6.78 18.59
C MET M 91 25.57 -8.19 18.07
N GLY M 92 25.46 -9.15 18.98
CA GLY M 92 25.26 -10.52 18.60
C GLY M 92 26.54 -11.22 18.21
N GLN M 93 27.10 -10.86 17.06
CA GLN M 93 28.35 -11.48 16.62
C GLN M 93 29.01 -10.61 15.56
N ALA M 94 30.26 -10.97 15.25
CA ALA M 94 31.04 -10.30 14.23
C ALA M 94 32.03 -11.33 13.70
N ALA M 95 31.73 -11.88 12.53
CA ALA M 95 32.54 -12.89 11.89
C ALA M 95 33.70 -12.21 11.17
N SER M 96 34.38 -12.98 10.30
CA SER M 96 35.55 -12.53 9.55
C SER M 96 35.46 -11.12 8.99
N MET M 97 34.43 -10.84 8.17
CA MET M 97 34.31 -9.49 7.63
C MET M 97 33.79 -8.51 8.65
N GLY M 98 32.83 -8.92 9.47
CA GLY M 98 32.33 -8.02 10.50
C GLY M 98 33.39 -7.65 11.50
N ALA M 99 34.24 -8.61 11.86
CA ALA M 99 35.31 -8.35 12.81
C ALA M 99 36.34 -7.41 12.23
N PHE M 100 36.63 -7.53 10.93
CA PHE M 100 37.58 -6.64 10.29
C PHE M 100 37.08 -5.21 10.32
N LEU M 101 35.78 -5.02 10.10
CA LEU M 101 35.21 -3.68 10.14
C LEU M 101 35.09 -3.20 11.58
N LEU M 102 34.83 -4.11 12.51
CA LEU M 102 34.72 -3.76 13.92
C LEU M 102 36.04 -3.18 14.43
N THR M 103 37.13 -3.92 14.25
CA THR M 103 38.43 -3.45 14.70
C THR M 103 38.92 -2.26 13.89
N ALA M 104 38.37 -2.05 12.69
CA ALA M 104 38.75 -0.91 11.86
C ALA M 104 38.21 0.40 12.39
N GLY M 105 37.32 0.38 13.36
CA GLY M 105 36.79 1.61 13.92
C GLY M 105 37.86 2.45 14.57
N ALA M 106 37.48 3.70 14.83
CA ALA M 106 38.39 4.66 15.43
C ALA M 106 38.92 4.17 16.77
N LYS M 107 40.21 4.39 17.00
CA LYS M 107 40.84 3.99 18.24
C LYS M 107 40.14 4.62 19.43
N GLY M 108 39.78 3.80 20.41
CA GLY M 108 39.08 4.26 21.58
C GLY M 108 37.58 4.34 21.43
N LYS M 109 37.04 4.03 20.25
CA LYS M 109 35.61 4.09 19.98
C LYS M 109 35.10 2.77 19.39
N ARG M 110 35.72 1.66 19.80
CA ARG M 110 35.33 0.32 19.36
C ARG M 110 34.78 -0.38 20.59
N PHE M 111 33.52 -0.83 20.52
CA PHE M 111 32.86 -1.47 21.65
C PHE M 111 32.21 -2.77 21.21
N CYS M 112 31.86 -3.56 22.22
CA CYS M 112 31.21 -4.84 22.03
C CYS M 112 30.38 -5.16 23.26
N LEU M 113 29.25 -5.81 23.04
CA LEU M 113 28.40 -6.19 24.16
C LEU M 113 29.06 -7.37 24.88
N PRO M 114 28.72 -7.57 26.17
CA PRO M 114 29.39 -8.66 26.92
C PRO M 114 29.25 -10.06 26.35
N ASN M 115 28.10 -10.40 25.78
CA ASN M 115 27.86 -11.74 25.27
C ASN M 115 28.09 -11.88 23.77
N SER M 116 28.73 -10.90 23.14
CA SER M 116 29.01 -10.99 21.71
C SER M 116 30.12 -11.99 21.42
N ARG M 117 30.06 -12.60 20.24
CA ARG M 117 31.04 -13.58 19.79
C ARG M 117 31.73 -13.04 18.54
N VAL M 118 33.07 -12.98 18.60
CA VAL M 118 33.89 -12.48 17.50
C VAL M 118 34.74 -13.63 16.97
N MET M 119 34.65 -13.88 15.66
CA MET M 119 35.40 -14.92 14.99
C MET M 119 36.18 -14.33 13.83
N ILE M 120 37.44 -14.75 13.71
CA ILE M 120 38.34 -14.28 12.65
C ILE M 120 38.95 -15.49 11.94
N HIS M 121 38.98 -15.43 10.61
CA HIS M 121 39.57 -16.50 9.81
C HIS M 121 40.15 -15.89 8.54
N GLN M 122 40.91 -16.70 7.82
CA GLN M 122 41.52 -16.27 6.57
C GLN M 122 40.50 -16.30 5.44
N PRO M 123 40.79 -15.63 4.32
CA PRO M 123 39.82 -15.60 3.22
C PRO M 123 39.53 -16.97 2.62
N LEU M 124 38.33 -17.10 2.06
CA LEU M 124 37.86 -18.31 1.40
C LEU M 124 37.56 -18.00 -0.06
N GLY M 125 38.03 -18.86 -0.96
CA GLY M 125 37.81 -18.66 -2.37
C GLY M 125 38.05 -19.93 -3.15
N GLY M 126 37.63 -19.91 -4.41
CA GLY M 126 37.82 -21.05 -5.29
C GLY M 126 37.73 -20.66 -6.73
N TYR M 127 38.45 -21.41 -7.57
CA TYR M 127 38.46 -21.17 -9.01
C TYR M 127 38.57 -22.50 -9.75
N GLN M 128 37.86 -22.59 -10.87
CA GLN M 128 37.85 -23.76 -11.73
C GLN M 128 38.31 -23.33 -13.12
N GLY M 129 39.29 -24.05 -13.67
CA GLY M 129 39.78 -23.71 -14.99
C GLY M 129 41.17 -24.28 -15.22
N GLN M 130 41.87 -23.66 -16.16
CA GLN M 130 43.21 -24.08 -16.55
C GLN M 130 44.21 -23.80 -15.43
N ALA M 131 45.30 -24.57 -15.45
CA ALA M 131 46.34 -24.42 -14.44
C ALA M 131 46.94 -23.02 -14.44
N THR M 132 47.10 -22.43 -15.62
CA THR M 132 47.65 -21.08 -15.70
C THR M 132 46.75 -20.07 -15.00
N ASP M 133 45.44 -20.19 -15.20
CA ASP M 133 44.51 -19.27 -14.55
C ASP M 133 44.48 -19.49 -13.05
N ILE M 134 44.65 -20.75 -12.60
CA ILE M 134 44.63 -21.05 -11.17
C ILE M 134 45.76 -20.32 -10.46
N GLU M 135 46.95 -20.31 -11.06
CA GLU M 135 48.09 -19.63 -10.45
C GLU M 135 47.81 -18.14 -10.30
N ILE M 136 47.12 -17.55 -11.27
CA ILE M 136 46.79 -16.13 -11.21
C ILE M 136 45.85 -15.85 -10.06
N HIS M 137 44.78 -16.64 -9.95
CA HIS M 137 43.80 -16.45 -8.89
C HIS M 137 44.36 -16.84 -7.53
N ALA M 138 45.17 -17.89 -7.49
CA ALA M 138 45.76 -18.30 -6.22
C ALA M 138 46.69 -17.23 -5.67
N ARG M 139 47.46 -16.58 -6.55
CA ARG M 139 48.34 -15.51 -6.11
C ARG M 139 47.53 -14.32 -5.60
N GLU M 140 46.39 -14.06 -6.23
CA GLU M 140 45.54 -12.93 -5.83
C GLU M 140 44.98 -13.11 -4.43
N ILE M 141 44.44 -14.29 -4.13
CA ILE M 141 43.85 -14.50 -2.81
C ILE M 141 44.92 -14.48 -1.73
N LEU M 142 46.14 -14.93 -2.04
CA LEU M 142 47.20 -14.88 -1.04
C LEU M 142 47.60 -13.44 -0.77
N LYS M 143 47.64 -12.60 -1.81
CA LYS M 143 47.94 -11.19 -1.62
C LYS M 143 46.88 -10.53 -0.76
N VAL M 144 45.61 -10.91 -0.97
CA VAL M 144 44.52 -10.38 -0.17
C VAL M 144 44.67 -10.81 1.27
N LYS M 145 45.10 -12.06 1.49
CA LYS M 145 45.29 -12.59 2.83
C LYS M 145 46.35 -11.79 3.58
N GLY M 146 47.50 -11.58 2.94
CA GLY M 146 48.56 -10.81 3.57
C GLY M 146 48.14 -9.38 3.84
N ARG M 147 47.39 -8.78 2.92
CA ARG M 147 46.94 -7.41 3.09
C ARG M 147 45.97 -7.30 4.27
N MET M 148 45.04 -8.24 4.38
CA MET M 148 44.08 -8.21 5.48
C MET M 148 44.79 -8.40 6.82
N ASN M 149 45.77 -9.31 6.86
CA ASN M 149 46.51 -9.55 8.09
C ASN M 149 47.28 -8.30 8.52
N GLU M 150 47.88 -7.60 7.56
CA GLU M 150 48.62 -6.39 7.88
C GLU M 150 47.70 -5.33 8.48
N LEU M 151 46.53 -5.15 7.90
CA LEU M 151 45.59 -4.16 8.40
C LEU M 151 45.07 -4.56 9.78
N MET M 152 44.74 -5.84 9.96
CA MET M 152 44.25 -6.29 11.26
C MET M 152 45.31 -6.11 12.34
N ALA M 153 46.57 -6.37 11.99
CA ALA M 153 47.64 -6.18 12.95
C ALA M 153 47.79 -4.71 13.35
N LEU M 154 47.61 -3.81 12.39
CA LEU M 154 47.72 -2.39 12.67
C LEU M 154 46.65 -1.93 13.64
N HIS M 155 45.40 -2.31 13.40
CA HIS M 155 44.32 -1.90 14.29
C HIS M 155 44.40 -2.62 15.64
N THR M 156 44.59 -3.95 15.60
CA THR M 156 44.67 -4.72 16.83
C THR M 156 45.92 -4.39 17.63
N GLY M 157 47.03 -4.10 16.96
CA GLY M 157 48.28 -3.83 17.61
C GLY M 157 49.15 -5.05 17.80
N GLN M 158 48.65 -6.23 17.44
CA GLN M 158 49.41 -7.46 17.56
C GLN M 158 50.42 -7.57 16.41
N SER M 159 51.40 -8.43 16.61
CA SER M 159 52.42 -8.62 15.58
C SER M 159 51.82 -9.35 14.38
N LEU M 160 52.43 -9.13 13.22
CA LEU M 160 51.96 -9.77 12.00
C LEU M 160 52.06 -11.29 12.10
N GLU M 161 53.14 -11.78 12.71
CA GLU M 161 53.31 -13.22 12.85
C GLU M 161 52.22 -13.83 13.72
N GLN M 162 51.85 -13.13 14.80
CA GLN M 162 50.80 -13.63 15.69
C GLN M 162 49.46 -13.67 14.98
N ILE M 163 49.20 -12.69 14.12
CA ILE M 163 47.93 -12.64 13.41
C ILE M 163 47.86 -13.75 12.36
N GLU M 164 49.00 -14.12 11.78
CA GLU M 164 49.00 -15.18 10.77
C GLU M 164 48.68 -16.53 11.39
N ARG M 165 49.29 -16.84 12.54
CA ARG M 165 49.03 -18.12 13.20
C ARG M 165 47.59 -18.20 13.70
N ASP M 166 47.08 -17.11 14.26
CA ASP M 166 45.74 -17.11 14.81
C ASP M 166 44.66 -17.20 13.75
N THR M 167 44.87 -16.56 12.59
CA THR M 167 43.85 -16.54 11.54
C THR M 167 43.96 -17.71 10.57
N GLU M 168 44.86 -18.68 10.80
CA GLU M 168 44.96 -19.81 9.90
C GLU M 168 43.68 -20.63 9.91
N ARG M 169 43.06 -20.75 11.07
CA ARG M 169 41.80 -21.46 11.26
C ARG M 169 40.86 -20.57 12.06
N ASP M 170 39.58 -20.94 12.07
CA ASP M 170 38.58 -20.18 12.80
C ASP M 170 38.97 -20.05 14.27
N ARG M 171 38.92 -18.82 14.78
CA ARG M 171 39.28 -18.53 16.17
C ARG M 171 38.15 -17.72 16.80
N PHE M 172 37.25 -18.40 17.50
CA PHE M 172 36.17 -17.71 18.17
C PHE M 172 36.69 -16.98 19.39
N LEU M 173 36.23 -15.74 19.57
CA LEU M 173 36.63 -14.90 20.68
C LEU M 173 35.39 -14.34 21.37
N SER M 174 35.57 -14.01 22.65
CA SER M 174 34.53 -13.41 23.46
C SER M 174 34.84 -11.93 23.63
N ALA M 175 33.87 -11.20 24.17
CA ALA M 175 34.06 -9.77 24.40
C ALA M 175 35.27 -9.48 25.27
N PRO M 176 35.49 -10.15 26.40
CA PRO M 176 36.71 -9.85 27.18
C PRO M 176 37.97 -10.24 26.44
N GLU M 177 37.95 -11.35 25.70
CA GLU M 177 39.12 -11.77 24.96
C GLU M 177 39.46 -10.79 23.84
N ALA M 178 38.45 -10.23 23.20
CA ALA M 178 38.67 -9.26 22.14
C ALA M 178 39.36 -8.01 22.66
N VAL M 179 39.05 -7.59 23.89
CA VAL M 179 39.66 -6.40 24.47
C VAL M 179 41.16 -6.59 24.60
N GLU M 180 41.58 -7.72 25.14
CA GLU M 180 43.02 -7.97 25.31
C GLU M 180 43.69 -8.21 23.97
N TYR M 181 42.99 -8.86 23.04
CA TYR M 181 43.55 -9.09 21.71
C TYR M 181 43.77 -7.78 20.96
N GLY M 182 42.89 -6.81 21.17
CA GLY M 182 42.96 -5.51 20.52
C GLY M 182 41.88 -5.24 19.51
N LEU M 183 40.97 -6.18 19.27
CA LEU M 183 39.90 -5.95 18.30
C LEU M 183 38.95 -4.86 18.76
N VAL M 184 38.71 -4.77 20.07
CA VAL M 184 37.83 -3.77 20.65
C VAL M 184 38.55 -3.10 21.81
N ASP M 185 38.02 -1.94 22.22
CA ASP M 185 38.58 -1.14 23.29
C ASP M 185 37.89 -1.33 24.63
N SER M 186 36.55 -1.38 24.65
CA SER M 186 35.81 -1.50 25.89
C SER M 186 34.55 -2.32 25.66
N ILE M 187 33.92 -2.70 26.78
CA ILE M 187 32.68 -3.47 26.79
C ILE M 187 31.59 -2.60 27.41
N LEU M 188 30.46 -2.53 26.72
CA LEU M 188 29.30 -1.77 27.20
C LEU M 188 28.36 -2.74 27.87
N THR M 189 28.23 -2.64 29.20
CA THR M 189 27.38 -3.52 29.99
C THR M 189 26.10 -2.83 30.42
N HIS M 190 26.21 -1.65 31.05
CA HIS M 190 25.07 -0.89 31.52
C HIS M 190 25.33 0.59 31.28
N ARG M 191 24.26 1.33 31.03
CA ARG M 191 24.37 2.76 30.81
C ARG M 191 24.61 3.44 32.14
N ASN M 192 25.82 3.94 32.35
CA ASN M 192 26.21 4.61 33.59
C ASN M 192 27.44 5.49 33.36
N LEU N 1 32.00 -56.17 -10.61
CA LEU N 1 31.24 -57.39 -10.36
C LEU N 1 32.00 -58.30 -9.40
N VAL N 2 31.30 -59.30 -8.88
CA VAL N 2 31.92 -60.25 -7.94
C VAL N 2 32.83 -61.20 -8.72
N PRO N 3 34.04 -61.49 -8.27
CA PRO N 3 34.89 -62.42 -9.02
C PRO N 3 34.51 -63.87 -8.80
N MET N 4 34.74 -64.67 -9.83
CA MET N 4 34.44 -66.10 -9.80
C MET N 4 35.67 -66.88 -9.35
N VAL N 5 35.45 -67.86 -8.48
CA VAL N 5 36.50 -68.70 -7.92
C VAL N 5 36.21 -70.15 -8.23
N ILE N 6 37.27 -70.90 -8.57
CA ILE N 6 37.16 -72.32 -8.90
C ILE N 6 37.46 -73.15 -7.66
N GLU N 7 36.59 -74.11 -7.39
CA GLU N 7 36.73 -75.04 -6.26
C GLU N 7 36.86 -76.44 -6.83
N GLN N 8 37.85 -77.19 -6.35
CA GLN N 8 38.09 -78.56 -6.79
C GLN N 8 37.31 -79.52 -5.89
N THR N 9 36.42 -80.30 -6.48
CA THR N 9 35.61 -81.28 -5.77
C THR N 9 35.79 -82.65 -6.39
N SER N 10 35.08 -83.64 -5.85
CA SER N 10 35.21 -85.02 -6.33
C SER N 10 34.89 -85.14 -7.82
N ARG N 11 33.82 -84.47 -8.28
CA ARG N 11 33.46 -84.54 -9.69
C ARG N 11 34.53 -83.89 -10.55
N GLY N 12 35.07 -82.77 -10.10
CA GLY N 12 36.09 -82.05 -10.84
C GLY N 12 36.13 -80.60 -10.38
N GLU N 13 36.66 -79.76 -11.24
CA GLU N 13 36.70 -78.33 -10.93
C GLU N 13 35.30 -77.75 -11.03
N ARG N 14 34.95 -76.93 -10.05
CA ARG N 14 33.63 -76.30 -9.97
C ARG N 14 33.80 -74.81 -9.74
N SER N 15 32.98 -74.01 -10.40
CA SER N 15 33.04 -72.55 -10.31
C SER N 15 31.95 -72.01 -9.39
N PHE N 16 32.29 -70.95 -8.66
CA PHE N 16 31.36 -70.30 -7.75
C PHE N 16 31.74 -68.84 -7.61
N ASP N 17 30.79 -68.04 -7.15
CA ASP N 17 31.07 -66.65 -6.87
C ASP N 17 31.81 -66.59 -5.53
N ILE N 18 32.48 -65.45 -5.30
CA ILE N 18 33.27 -65.30 -4.07
C ILE N 18 32.41 -65.48 -2.82
N TYR N 19 31.22 -64.90 -2.82
CA TYR N 19 30.36 -65.02 -1.63
C TYR N 19 29.84 -66.45 -1.47
N SER N 20 29.45 -67.09 -2.58
CA SER N 20 28.93 -68.45 -2.49
C SER N 20 30.01 -69.43 -2.04
N ARG N 21 31.25 -69.22 -2.49
CA ARG N 21 32.34 -70.10 -2.08
C ARG N 21 32.54 -70.05 -0.56
N LEU N 22 32.52 -68.85 0.01
CA LEU N 22 32.68 -68.72 1.45
C LEU N 22 31.46 -69.27 2.19
N LEU N 23 30.28 -69.22 1.57
CA LEU N 23 29.09 -69.75 2.22
C LEU N 23 29.24 -71.25 2.49
N LYS N 24 29.90 -71.96 1.57
CA LYS N 24 30.14 -73.39 1.79
C LYS N 24 30.98 -73.63 3.03
N GLU N 25 31.82 -72.65 3.39
CA GLU N 25 32.67 -72.72 4.57
C GLU N 25 31.93 -72.26 5.84
N ARG N 26 30.60 -72.12 5.78
CA ARG N 26 29.82 -71.67 6.93
C ARG N 26 30.19 -70.24 7.34
N VAL N 27 30.17 -69.35 6.35
CA VAL N 27 30.48 -67.93 6.54
C VAL N 27 29.40 -67.11 5.87
N ILE N 28 28.81 -66.20 6.63
CA ILE N 28 27.74 -65.31 6.16
C ILE N 28 28.22 -63.88 6.33
N PHE N 29 27.95 -63.05 5.32
CA PHE N 29 28.34 -61.65 5.30
C PHE N 29 27.14 -60.74 5.53
N LEU N 30 27.24 -59.88 6.53
CA LEU N 30 26.21 -58.89 6.85
C LEU N 30 26.84 -57.54 6.55
N THR N 31 26.39 -56.89 5.48
CA THR N 31 26.94 -55.62 5.06
C THR N 31 25.83 -54.64 4.68
N GLY N 32 26.08 -53.37 4.97
CA GLY N 32 25.15 -52.31 4.66
C GLY N 32 24.02 -52.17 5.66
N GLN N 33 23.07 -51.32 5.29
CA GLN N 33 21.93 -51.06 6.14
C GLN N 33 21.06 -52.31 6.26
N VAL N 34 20.58 -52.57 7.46
CA VAL N 34 19.73 -53.73 7.71
C VAL N 34 18.34 -53.44 7.15
N GLU N 35 17.73 -54.46 6.55
CA GLU N 35 16.41 -54.31 5.96
C GLU N 35 15.78 -55.69 5.85
N ASP N 36 14.48 -55.69 5.53
CA ASP N 36 13.73 -56.94 5.42
C ASP N 36 14.31 -57.87 4.35
N HIS N 37 14.72 -57.30 3.21
CA HIS N 37 15.23 -58.14 2.12
C HIS N 37 16.55 -58.80 2.47
N MET N 38 17.54 -58.00 2.89
CA MET N 38 18.83 -58.58 3.24
C MET N 38 18.72 -59.49 4.46
N ALA N 39 17.87 -59.13 5.42
CA ALA N 39 17.72 -59.94 6.61
C ALA N 39 17.14 -61.32 6.28
N ASN N 40 16.12 -61.36 5.42
CA ASN N 40 15.54 -62.64 5.05
C ASN N 40 16.56 -63.52 4.34
N LEU N 41 17.43 -62.90 3.53
CA LEU N 41 18.46 -63.66 2.84
C LEU N 41 19.41 -64.32 3.83
N ILE N 42 19.79 -63.58 4.88
CA ILE N 42 20.68 -64.13 5.90
C ILE N 42 19.98 -65.27 6.64
N VAL N 43 18.68 -65.11 6.91
CA VAL N 43 17.92 -66.15 7.60
C VAL N 43 17.93 -67.43 6.77
N ALA N 44 17.74 -67.31 5.46
CA ALA N 44 17.74 -68.48 4.60
C ALA N 44 19.09 -69.20 4.66
N GLN N 45 20.19 -68.45 4.68
CA GLN N 45 21.51 -69.05 4.75
C GLN N 45 21.69 -69.82 6.05
N MET N 46 21.23 -69.25 7.17
CA MET N 46 21.37 -69.93 8.46
C MET N 46 20.59 -71.24 8.47
N LEU N 47 19.37 -71.23 7.92
CA LEU N 47 18.58 -72.45 7.86
C LEU N 47 19.24 -73.50 6.98
N PHE N 48 19.80 -73.07 5.85
CA PHE N 48 20.45 -74.01 4.93
C PHE N 48 21.67 -74.64 5.58
N LEU N 49 22.49 -73.83 6.25
CA LEU N 49 23.68 -74.36 6.92
C LEU N 49 23.31 -75.30 8.05
N GLU N 50 22.20 -75.02 8.75
CA GLU N 50 21.77 -75.89 9.84
C GLU N 50 21.44 -77.28 9.31
N ALA N 51 20.70 -77.35 8.21
CA ALA N 51 20.35 -78.63 7.63
C ALA N 51 21.59 -79.36 7.12
N GLU N 52 22.53 -78.63 6.54
CA GLU N 52 23.76 -79.24 6.05
C GLU N 52 24.53 -79.87 7.20
N ASN N 53 24.69 -79.14 8.30
CA ASN N 53 25.38 -79.63 9.48
C ASN N 53 24.80 -78.92 10.71
N PRO N 54 24.08 -79.61 11.59
CA PRO N 54 23.52 -78.94 12.77
C PRO N 54 24.45 -78.87 13.97
N GLU N 55 25.73 -79.23 13.82
CA GLU N 55 26.69 -79.20 14.92
C GLU N 55 27.90 -78.33 14.64
N LYS N 56 28.18 -77.98 13.38
CA LYS N 56 29.32 -77.13 13.08
C LYS N 56 28.96 -75.68 13.31
N ASP N 57 29.91 -74.92 13.86
CA ASP N 57 29.67 -73.52 14.16
C ASP N 57 29.64 -72.69 12.88
N ILE N 58 28.84 -71.63 12.91
CA ILE N 58 28.68 -70.71 11.78
C ILE N 58 29.37 -69.41 12.14
N TYR N 59 29.89 -68.73 11.11
CA TYR N 59 30.60 -67.46 11.27
C TYR N 59 29.80 -66.36 10.59
N LEU N 60 29.59 -65.26 11.31
CA LEU N 60 28.85 -64.11 10.82
C LEU N 60 29.74 -62.88 10.92
N TYR N 61 30.08 -62.32 9.76
CA TYR N 61 30.92 -61.12 9.70
C TYR N 61 29.97 -59.93 9.65
N ILE N 62 30.21 -58.95 10.52
CA ILE N 62 29.33 -57.79 10.65
C ILE N 62 30.10 -56.50 10.37
N ASN N 63 29.63 -55.74 9.38
CA ASN N 63 30.17 -54.43 9.04
C ASN N 63 28.97 -53.65 8.51
N SER N 64 28.31 -52.89 9.38
CA SER N 64 27.11 -52.18 8.94
C SER N 64 26.85 -50.98 9.84
N PRO N 65 26.21 -49.94 9.33
CA PRO N 65 25.87 -48.78 10.16
C PRO N 65 24.54 -48.90 10.88
N GLY N 66 23.96 -50.10 10.94
CA GLY N 66 22.68 -50.33 11.58
C GLY N 66 21.52 -50.23 10.62
N GLY N 67 20.32 -50.33 11.18
CA GLY N 67 19.12 -50.22 10.37
C GLY N 67 17.83 -50.49 11.11
N VAL N 68 16.88 -51.14 10.43
CA VAL N 68 15.59 -51.44 11.03
C VAL N 68 15.77 -52.42 12.18
N ILE N 69 14.91 -52.30 13.19
CA ILE N 69 14.97 -53.18 14.35
C ILE N 69 14.24 -54.48 14.09
N THR N 70 13.06 -54.42 13.47
CA THR N 70 12.28 -55.63 13.20
C THR N 70 13.06 -56.60 12.33
N ALA N 71 13.75 -56.09 11.30
CA ALA N 71 14.55 -56.96 10.45
C ALA N 71 15.65 -57.64 11.25
N GLY N 72 16.27 -56.90 12.17
CA GLY N 72 17.33 -57.48 12.98
C GLY N 72 16.84 -58.56 13.92
N MET N 73 15.61 -58.44 14.44
CA MET N 73 15.09 -59.45 15.35
C MET N 73 14.93 -60.80 14.66
N SER N 74 14.61 -60.79 13.37
CA SER N 74 14.48 -62.04 12.64
C SER N 74 15.81 -62.78 12.63
N ILE N 75 16.91 -62.05 12.44
CA ILE N 75 18.23 -62.65 12.45
C ILE N 75 18.58 -63.12 13.85
N TYR N 76 18.28 -62.28 14.86
CA TYR N 76 18.59 -62.62 16.24
C TYR N 76 17.84 -63.86 16.70
N ASP N 77 16.53 -63.92 16.41
CA ASP N 77 15.73 -65.06 16.83
C ASP N 77 16.21 -66.35 16.18
N THR N 78 16.66 -66.28 14.93
CA THR N 78 17.16 -67.47 14.26
C THR N 78 18.44 -67.99 14.91
N MET N 79 19.36 -67.06 15.22
CA MET N 79 20.62 -67.45 15.85
C MET N 79 20.38 -68.16 17.18
N GLN N 80 19.43 -67.66 17.98
CA GLN N 80 19.10 -68.27 19.26
C GLN N 80 18.21 -69.49 19.13
N PHE N 81 17.63 -69.73 17.95
CA PHE N 81 16.74 -70.86 17.73
C PHE N 81 17.49 -72.09 17.22
N ILE N 82 18.32 -71.92 16.21
CA ILE N 82 19.05 -73.04 15.64
C ILE N 82 20.08 -73.56 16.64
N LYS N 83 20.39 -74.85 16.52
CA LYS N 83 21.34 -75.54 17.38
C LYS N 83 22.78 -75.07 17.19
N PRO N 84 23.27 -74.87 15.96
CA PRO N 84 24.66 -74.41 15.79
C PRO N 84 24.94 -73.08 16.48
N ASP N 85 26.20 -72.91 16.88
CA ASP N 85 26.66 -71.70 17.54
C ASP N 85 27.14 -70.73 16.47
N VAL N 86 26.63 -69.51 16.49
CA VAL N 86 26.97 -68.49 15.52
C VAL N 86 28.06 -67.61 16.12
N SER N 87 29.25 -67.65 15.51
CA SER N 87 30.38 -66.85 15.93
C SER N 87 30.33 -65.52 15.19
N THR N 88 30.17 -64.42 15.92
CA THR N 88 30.09 -63.10 15.33
C THR N 88 31.44 -62.41 15.35
N ILE N 89 31.76 -61.73 14.25
CA ILE N 89 33.01 -61.00 14.08
C ILE N 89 32.67 -59.61 13.58
N CYS N 90 33.32 -58.59 14.13
CA CYS N 90 33.09 -57.21 13.76
C CYS N 90 34.25 -56.69 12.93
N MET N 91 33.93 -56.15 11.75
CA MET N 91 34.91 -55.59 10.83
C MET N 91 34.50 -54.17 10.50
N GLY N 92 35.41 -53.23 10.71
CA GLY N 92 35.13 -51.84 10.41
C GLY N 92 34.28 -51.15 11.46
N GLN N 93 33.00 -51.53 11.56
CA GLN N 93 32.14 -50.89 12.54
C GLN N 93 30.90 -51.74 12.79
N ALA N 94 30.32 -51.55 13.98
CA ALA N 94 29.09 -52.23 14.38
C ALA N 94 28.23 -51.21 15.10
N ALA N 95 27.11 -50.86 14.49
CA ALA N 95 26.17 -49.89 15.03
C ALA N 95 25.16 -50.59 15.93
N SER N 96 24.09 -49.86 16.29
CA SER N 96 23.01 -50.35 17.15
C SER N 96 22.57 -51.78 16.83
N MET N 97 22.14 -52.03 15.59
CA MET N 97 21.74 -53.40 15.24
C MET N 97 22.94 -54.31 15.06
N GLY N 98 24.01 -53.80 14.46
CA GLY N 98 25.21 -54.60 14.29
C GLY N 98 25.80 -55.04 15.61
N ALA N 99 25.81 -54.13 16.59
CA ALA N 99 26.33 -54.45 17.91
C ALA N 99 25.40 -55.40 18.64
N PHE N 100 24.08 -55.21 18.47
CA PHE N 100 23.12 -56.10 19.10
C PHE N 100 23.28 -57.52 18.57
N LEU N 101 23.48 -57.66 17.26
CA LEU N 101 23.70 -58.97 16.69
C LEU N 101 25.08 -59.50 17.04
N LEU N 102 26.06 -58.60 17.15
CA LEU N 102 27.41 -58.99 17.52
C LEU N 102 27.43 -59.62 18.90
N THR N 103 26.92 -58.91 19.90
CA THR N 103 26.88 -59.43 21.25
C THR N 103 25.91 -60.60 21.41
N ALA N 104 25.01 -60.80 20.44
CA ALA N 104 24.06 -61.90 20.51
C ALA N 104 24.68 -63.24 20.12
N GLY N 105 25.90 -63.25 19.60
CA GLY N 105 26.55 -64.49 19.22
C GLY N 105 26.74 -65.43 20.40
N ALA N 106 27.21 -66.62 20.07
CA ALA N 106 27.45 -67.64 21.08
C ALA N 106 28.53 -67.18 22.07
N LYS N 107 28.28 -67.44 23.34
CA LYS N 107 29.22 -67.06 24.39
C LYS N 107 30.57 -67.70 24.14
N GLY N 108 31.62 -66.88 24.13
CA GLY N 108 32.97 -67.33 23.89
C GLY N 108 33.36 -67.34 22.43
N LYS N 109 32.43 -67.09 21.51
CA LYS N 109 32.69 -67.08 20.08
C LYS N 109 32.44 -65.69 19.48
N ARG N 110 32.45 -64.64 20.30
CA ARG N 110 32.26 -63.28 19.85
C ARG N 110 33.64 -62.64 19.76
N PHE N 111 34.00 -62.19 18.56
CA PHE N 111 35.31 -61.62 18.31
C PHE N 111 35.18 -60.24 17.67
N CYS N 112 36.26 -59.47 17.80
CA CYS N 112 36.34 -58.12 17.26
C CYS N 112 37.75 -57.87 16.76
N LEU N 113 37.86 -57.08 15.71
CA LEU N 113 39.16 -56.75 15.15
C LEU N 113 39.78 -55.60 15.96
N PRO N 114 41.11 -55.46 15.92
CA PRO N 114 41.76 -54.42 16.74
C PRO N 114 41.30 -53.00 16.47
N ASN N 115 41.07 -52.61 15.22
CA ASN N 115 40.67 -51.26 14.88
C ASN N 115 39.16 -51.09 14.70
N SER N 116 38.37 -52.14 14.96
CA SER N 116 36.94 -52.02 14.82
C SER N 116 36.36 -51.15 15.92
N ARG N 117 35.24 -50.48 15.62
CA ARG N 117 34.54 -49.59 16.53
C ARG N 117 33.10 -50.05 16.70
N VAL N 118 32.59 -49.95 17.91
CA VAL N 118 31.23 -50.36 18.24
C VAL N 118 30.48 -49.16 18.79
N MET N 119 29.25 -48.95 18.30
CA MET N 119 28.40 -47.85 18.73
C MET N 119 27.03 -48.42 19.10
N ILE N 120 26.52 -47.99 20.26
CA ILE N 120 25.22 -48.42 20.76
C ILE N 120 24.42 -47.19 21.15
N HIS N 121 23.15 -47.17 20.76
CA HIS N 121 22.25 -46.08 21.08
C HIS N 121 20.84 -46.64 21.19
N GLN N 122 19.94 -45.82 21.72
CA GLN N 122 18.56 -46.25 21.89
C GLN N 122 17.82 -46.16 20.56
N PRO N 123 16.67 -46.84 20.43
CA PRO N 123 15.93 -46.82 19.16
C PRO N 123 15.53 -45.42 18.73
N LEU N 124 15.33 -45.28 17.43
CA LEU N 124 14.92 -44.04 16.79
C LEU N 124 13.63 -44.29 16.02
N GLY N 125 12.66 -43.41 16.20
CA GLY N 125 11.38 -43.57 15.53
C GLY N 125 10.63 -42.26 15.46
N GLY N 126 9.52 -42.29 14.74
CA GLY N 126 8.68 -41.12 14.62
C GLY N 126 7.30 -41.42 14.07
N TYR N 127 6.33 -40.60 14.44
CA TYR N 127 4.95 -40.76 13.97
C TYR N 127 4.29 -39.40 13.88
N GLN N 128 3.40 -39.26 12.91
CA GLN N 128 2.63 -38.04 12.68
C GLN N 128 1.17 -38.41 12.59
N GLY N 129 0.34 -37.71 13.37
CA GLY N 129 -1.08 -37.98 13.37
C GLY N 129 -1.74 -37.46 14.63
N GLN N 130 -2.88 -38.06 14.95
CA GLN N 130 -3.64 -37.68 16.12
C GLN N 130 -2.90 -38.05 17.40
N ALA N 131 -3.24 -37.33 18.47
CA ALA N 131 -2.61 -37.56 19.76
C ALA N 131 -2.86 -38.97 20.26
N THR N 132 -4.03 -39.55 19.95
CA THR N 132 -4.32 -40.90 20.38
C THR N 132 -3.35 -41.89 19.74
N ASP N 133 -3.14 -41.79 18.43
CA ASP N 133 -2.22 -42.67 17.74
C ASP N 133 -0.78 -42.48 18.21
N ILE N 134 -0.42 -41.25 18.58
CA ILE N 134 0.93 -40.97 19.05
C ILE N 134 1.22 -41.75 20.33
N GLU N 135 0.25 -41.77 21.25
CA GLU N 135 0.42 -42.50 22.50
C GLU N 135 0.66 -43.99 22.22
N ILE N 136 0.00 -44.53 21.21
CA ILE N 136 0.15 -45.94 20.87
C ILE N 136 1.55 -46.21 20.36
N HIS N 137 1.97 -45.50 19.32
CA HIS N 137 3.29 -45.69 18.74
C HIS N 137 4.38 -45.36 19.74
N ALA N 138 4.16 -44.38 20.62
CA ALA N 138 5.16 -44.03 21.61
C ALA N 138 5.35 -45.16 22.61
N ARG N 139 4.24 -45.73 23.10
CA ARG N 139 4.34 -46.85 24.04
C ARG N 139 5.03 -48.03 23.40
N GLU N 140 4.79 -48.27 22.11
CA GLU N 140 5.39 -49.40 21.43
C GLU N 140 6.90 -49.28 21.36
N ILE N 141 7.40 -48.13 20.89
CA ILE N 141 8.85 -47.95 20.78
C ILE N 141 9.52 -47.99 22.14
N LEU N 142 8.81 -47.60 23.20
CA LEU N 142 9.40 -47.66 24.53
C LEU N 142 9.57 -49.12 24.97
N LYS N 143 8.58 -49.97 24.66
CA LYS N 143 8.69 -51.39 24.99
C LYS N 143 9.88 -52.00 24.26
N VAL N 144 10.10 -51.61 23.02
CA VAL N 144 11.23 -52.09 22.24
C VAL N 144 12.53 -51.68 22.92
N LYS N 145 12.60 -50.43 23.39
CA LYS N 145 13.78 -49.94 24.07
C LYS N 145 14.08 -50.76 25.31
N GLY N 146 13.05 -51.01 26.12
CA GLY N 146 13.25 -51.81 27.32
C GLY N 146 13.58 -53.26 26.98
N ARG N 147 12.91 -53.81 25.97
CA ARG N 147 13.16 -55.19 25.56
C ARG N 147 14.59 -55.34 25.05
N MET N 148 15.04 -54.42 24.19
CA MET N 148 16.39 -54.50 23.65
C MET N 148 17.43 -54.34 24.75
N ASN N 149 17.19 -53.44 25.70
CA ASN N 149 18.15 -53.25 26.78
C ASN N 149 18.23 -54.51 27.65
N GLU N 150 17.12 -55.19 27.84
CA GLU N 150 17.11 -56.42 28.63
C GLU N 150 18.01 -57.47 27.99
N LEU N 151 17.87 -57.66 26.68
CA LEU N 151 18.68 -58.65 25.98
C LEU N 151 20.15 -58.29 26.01
N MET N 152 20.48 -57.01 25.79
CA MET N 152 21.87 -56.59 25.82
C MET N 152 22.50 -56.85 27.18
N ALA N 153 21.73 -56.66 28.25
CA ALA N 153 22.24 -56.94 29.58
C ALA N 153 22.52 -58.42 29.77
N LEU N 154 21.68 -59.27 29.19
CA LEU N 154 21.86 -60.71 29.32
C LEU N 154 23.14 -61.19 28.65
N HIS N 155 23.37 -60.77 27.40
CA HIS N 155 24.55 -61.21 26.68
C HIS N 155 25.82 -60.58 27.24
N THR N 156 25.81 -59.25 27.40
CA THR N 156 27.00 -58.56 27.91
C THR N 156 27.26 -58.90 29.37
N GLY N 157 26.20 -59.09 30.16
CA GLY N 157 26.33 -59.36 31.58
C GLY N 157 26.28 -58.13 32.44
N GLN N 158 26.10 -56.94 31.86
CA GLN N 158 26.02 -55.71 32.60
C GLN N 158 24.62 -55.56 33.19
N SER N 159 24.53 -54.75 34.24
CA SER N 159 23.25 -54.50 34.88
C SER N 159 22.32 -53.74 33.94
N LEU N 160 21.01 -53.97 34.10
CA LEU N 160 20.03 -53.30 33.26
C LEU N 160 20.11 -51.78 33.43
N GLU N 161 20.34 -51.32 34.66
CA GLU N 161 20.43 -49.90 34.91
C GLU N 161 21.62 -49.28 34.16
N GLN N 162 22.76 -49.97 34.18
CA GLN N 162 23.94 -49.45 33.48
C GLN N 162 23.69 -49.38 31.98
N ILE N 163 23.03 -50.38 31.42
CA ILE N 163 22.74 -50.38 29.99
C ILE N 163 21.84 -49.22 29.62
N GLU N 164 20.85 -48.94 30.46
CA GLU N 164 19.94 -47.82 30.19
C GLU N 164 20.68 -46.50 30.25
N ARG N 165 21.60 -46.35 31.19
CA ARG N 165 22.35 -45.10 31.29
C ARG N 165 23.29 -44.90 30.11
N ASP N 166 23.88 -45.98 29.62
CA ASP N 166 24.82 -45.89 28.50
C ASP N 166 24.15 -45.83 27.14
N THR N 167 22.87 -46.21 27.04
CA THR N 167 22.15 -46.19 25.77
C THR N 167 21.31 -44.95 25.55
N GLU N 168 21.21 -44.06 26.55
CA GLU N 168 20.42 -42.84 26.37
C GLU N 168 20.98 -41.97 25.25
N ARG N 169 22.28 -42.06 25.00
CA ARG N 169 22.94 -41.31 23.95
C ARG N 169 23.97 -42.20 23.30
N ASP N 170 24.35 -41.83 22.07
CA ASP N 170 25.34 -42.59 21.32
C ASP N 170 26.62 -42.75 22.12
N ARG N 171 27.07 -43.99 22.28
CA ARG N 171 28.30 -44.31 23.00
C ARG N 171 29.18 -45.15 22.09
N PHE N 172 30.40 -44.69 21.87
CA PHE N 172 31.35 -45.40 21.04
C PHE N 172 32.26 -46.25 21.92
N LEU N 173 32.70 -47.37 21.38
CA LEU N 173 33.56 -48.28 22.11
C LEU N 173 34.56 -48.93 21.18
N SER N 174 35.83 -48.87 21.55
CA SER N 174 36.87 -49.52 20.77
C SER N 174 36.85 -51.01 21.07
N ALA N 175 37.67 -51.76 20.33
CA ALA N 175 37.73 -53.20 20.56
C ALA N 175 38.19 -53.55 21.97
N PRO N 176 39.22 -52.92 22.56
CA PRO N 176 39.56 -53.26 23.94
C PRO N 176 38.45 -52.91 24.92
N GLU N 177 37.80 -51.76 24.73
CA GLU N 177 36.72 -51.35 25.62
C GLU N 177 35.52 -52.30 25.50
N ALA N 178 35.25 -52.78 24.28
CA ALA N 178 34.13 -53.69 24.08
C ALA N 178 34.33 -54.98 24.87
N VAL N 179 35.56 -55.45 24.97
CA VAL N 179 35.85 -56.67 25.72
C VAL N 179 35.49 -56.47 27.19
N GLU N 180 35.87 -55.32 27.74
CA GLU N 180 35.56 -55.02 29.13
C GLU N 180 34.06 -54.90 29.34
N TYR N 181 33.37 -54.29 28.37
CA TYR N 181 31.92 -54.11 28.46
C TYR N 181 31.13 -55.39 28.26
N GLY N 182 31.77 -56.46 27.78
CA GLY N 182 31.10 -57.72 27.56
C GLY N 182 30.50 -57.92 26.18
N LEU N 183 30.67 -56.95 25.28
CA LEU N 183 30.12 -57.09 23.93
C LEU N 183 30.80 -58.22 23.18
N VAL N 184 32.12 -58.35 23.33
CA VAL N 184 32.91 -59.38 22.66
C VAL N 184 33.82 -60.03 23.70
N ASP N 185 34.23 -61.26 23.39
CA ASP N 185 35.07 -62.03 24.30
C ASP N 185 36.56 -61.88 24.05
N SER N 186 37.00 -61.89 22.79
CA SER N 186 38.41 -61.80 22.46
C SER N 186 38.61 -60.93 21.22
N ILE N 187 39.87 -60.50 21.05
CA ILE N 187 40.28 -59.67 19.91
C ILE N 187 41.20 -60.50 19.03
N LEU N 188 40.88 -60.56 17.74
CA LEU N 188 41.65 -61.29 16.75
C LEU N 188 42.61 -60.33 16.07
N THR N 189 43.89 -60.38 16.45
CA THR N 189 44.92 -59.51 15.90
C THR N 189 45.77 -60.18 14.83
N HIS N 190 46.35 -61.34 15.13
CA HIS N 190 47.20 -62.06 14.20
C HIS N 190 46.91 -63.54 14.27
N ARG N 191 46.81 -64.19 13.10
CA ARG N 191 46.56 -65.62 13.06
C ARG N 191 47.72 -66.40 13.63
N ASN N 192 48.94 -65.88 13.49
CA ASN N 192 50.14 -66.55 14.00
C ASN N 192 50.06 -66.77 15.51
N LEU O 1 23.32 -59.76 -4.34
CA LEU O 1 23.08 -60.96 -5.14
C LEU O 1 22.79 -62.16 -4.26
N VAL O 2 21.85 -62.99 -4.68
CA VAL O 2 21.50 -64.18 -3.90
C VAL O 2 22.61 -65.22 -4.01
N PRO O 3 23.02 -65.87 -2.93
CA PRO O 3 24.06 -66.89 -3.04
C PRO O 3 23.53 -68.20 -3.60
N MET O 4 24.45 -68.99 -4.17
CA MET O 4 24.13 -70.28 -4.76
C MET O 4 24.51 -71.40 -3.80
N VAL O 5 23.71 -72.46 -3.81
CA VAL O 5 23.91 -73.62 -2.94
C VAL O 5 23.83 -74.88 -3.78
N ILE O 6 24.80 -75.76 -3.60
CA ILE O 6 24.88 -77.03 -4.33
C ILE O 6 24.11 -78.10 -3.57
N GLU O 7 23.25 -78.83 -4.28
CA GLU O 7 22.47 -79.92 -3.72
C GLU O 7 23.01 -81.23 -4.26
N GLN O 8 23.34 -82.15 -3.35
CA GLN O 8 23.90 -83.45 -3.71
C GLN O 8 22.82 -84.52 -3.64
N THR O 9 22.63 -85.24 -4.73
CA THR O 9 21.66 -86.33 -4.81
C THR O 9 22.30 -87.49 -5.56
N SER O 10 21.55 -88.59 -5.70
CA SER O 10 22.06 -89.76 -6.41
C SER O 10 22.39 -89.44 -7.86
N ARG O 11 21.55 -88.62 -8.50
CA ARG O 11 21.79 -88.25 -9.90
C ARG O 11 23.10 -87.48 -10.04
N GLY O 12 23.38 -86.61 -9.08
CA GLY O 12 24.59 -85.82 -9.09
C GLY O 12 24.36 -84.49 -8.42
N GLU O 13 25.39 -83.67 -8.42
CA GLU O 13 25.31 -82.34 -7.82
C GLU O 13 24.48 -81.43 -8.70
N ARG O 14 23.76 -80.50 -8.06
CA ARG O 14 22.91 -79.54 -8.74
C ARG O 14 23.00 -78.20 -8.03
N SER O 15 22.98 -77.12 -8.78
CA SER O 15 23.11 -75.77 -8.25
C SER O 15 21.78 -75.05 -8.27
N PHE O 16 21.42 -74.47 -7.12
CA PHE O 16 20.18 -73.73 -6.95
C PHE O 16 20.46 -72.47 -6.14
N ASP O 17 19.62 -71.46 -6.36
CA ASP O 17 19.73 -70.25 -5.55
C ASP O 17 19.20 -70.57 -4.15
N ILE O 18 19.53 -69.70 -3.20
CA ILE O 18 19.13 -69.93 -1.81
C ILE O 18 17.62 -70.04 -1.68
N TYR O 19 16.87 -69.19 -2.39
CA TYR O 19 15.42 -69.24 -2.30
C TYR O 19 14.85 -70.49 -2.98
N SER O 20 15.38 -70.84 -4.15
CA SER O 20 14.87 -72.01 -4.87
C SER O 20 15.15 -73.29 -4.09
N ARG O 21 16.31 -73.39 -3.45
CA ARG O 21 16.64 -74.58 -2.67
C ARG O 21 15.64 -74.77 -1.55
N LEU O 22 15.25 -73.68 -0.88
CA LEU O 22 14.28 -73.78 0.20
C LEU O 22 12.88 -74.07 -0.34
N LEU O 23 12.59 -73.72 -1.59
CA LEU O 23 11.29 -73.99 -2.16
C LEU O 23 11.04 -75.48 -2.26
N LYS O 24 12.08 -76.26 -2.54
CA LYS O 24 11.95 -77.71 -2.60
C LYS O 24 11.50 -78.27 -1.25
N GLU O 25 11.85 -77.60 -0.17
CA GLU O 25 11.46 -78.00 1.18
C GLU O 25 10.10 -77.44 1.58
N ARG O 26 9.33 -76.91 0.62
CA ARG O 26 7.99 -76.36 0.88
C ARG O 26 8.06 -75.15 1.81
N VAL O 27 9.04 -74.29 1.57
CA VAL O 27 9.26 -73.07 2.34
C VAL O 27 9.13 -71.88 1.39
N ILE O 28 8.16 -71.02 1.65
CA ILE O 28 7.90 -69.82 0.85
C ILE O 28 8.19 -68.61 1.71
N PHE O 29 8.74 -67.56 1.08
CA PHE O 29 9.10 -66.33 1.77
C PHE O 29 8.18 -65.20 1.31
N LEU O 30 7.51 -64.56 2.27
CA LEU O 30 6.62 -63.42 2.02
C LEU O 30 7.32 -62.23 2.65
N THR O 31 8.19 -61.57 1.86
CA THR O 31 8.97 -60.44 2.32
C THR O 31 8.57 -59.15 1.61
N GLY O 32 8.70 -58.04 2.32
CA GLY O 32 8.41 -56.73 1.77
C GLY O 32 6.94 -56.40 1.67
N GLN O 33 6.69 -55.26 1.04
CA GLN O 33 5.34 -54.78 0.84
C GLN O 33 4.54 -55.77 0.01
N VAL O 34 3.28 -55.96 0.38
CA VAL O 34 2.40 -56.90 -0.30
C VAL O 34 1.75 -56.16 -1.47
N GLU O 35 2.17 -56.51 -2.67
CA GLU O 35 1.68 -55.95 -3.92
C GLU O 35 1.08 -57.09 -4.75
N ASP O 36 0.68 -56.77 -5.98
CA ASP O 36 0.06 -57.76 -6.86
C ASP O 36 1.09 -58.70 -7.47
N HIS O 37 2.23 -58.17 -7.92
CA HIS O 37 3.24 -59.01 -8.56
C HIS O 37 3.83 -60.03 -7.60
N MET O 38 4.20 -59.60 -6.39
CA MET O 38 4.77 -60.54 -5.44
C MET O 38 3.73 -61.57 -5.00
N ALA O 39 2.48 -61.13 -4.80
CA ALA O 39 1.43 -62.05 -4.39
C ALA O 39 1.16 -63.09 -5.46
N ASN O 40 1.18 -62.67 -6.72
CA ASN O 40 0.96 -63.61 -7.82
C ASN O 40 2.05 -64.67 -7.85
N LEU O 41 3.28 -64.28 -7.53
CA LEU O 41 4.38 -65.23 -7.50
C LEU O 41 4.19 -66.25 -6.38
N ILE O 42 3.72 -65.80 -5.22
CA ILE O 42 3.49 -66.70 -4.10
C ILE O 42 2.40 -67.71 -4.43
N VAL O 43 1.36 -67.26 -5.13
CA VAL O 43 0.27 -68.15 -5.51
C VAL O 43 0.79 -69.26 -6.42
N ALA O 44 1.68 -68.91 -7.34
CA ALA O 44 2.24 -69.90 -8.25
C ALA O 44 3.03 -70.97 -7.49
N GLN O 45 3.73 -70.55 -6.42
CA GLN O 45 4.50 -71.51 -5.65
C GLN O 45 3.60 -72.45 -4.86
N MET O 46 2.45 -71.96 -4.40
CA MET O 46 1.54 -72.80 -3.64
C MET O 46 0.96 -73.90 -4.52
N LEU O 47 0.49 -73.53 -5.71
CA LEU O 47 -0.09 -74.51 -6.62
C LEU O 47 0.96 -75.53 -7.05
N PHE O 48 2.20 -75.08 -7.25
CA PHE O 48 3.26 -76.00 -7.64
C PHE O 48 3.53 -77.04 -6.56
N LEU O 49 3.63 -76.60 -5.31
CA LEU O 49 3.88 -77.54 -4.22
C LEU O 49 2.73 -78.51 -4.04
N GLU O 50 1.49 -78.04 -4.24
CA GLU O 50 0.33 -78.90 -4.12
C GLU O 50 0.39 -80.04 -5.13
N ALA O 51 0.77 -79.74 -6.37
CA ALA O 51 0.80 -80.76 -7.42
C ALA O 51 1.83 -81.85 -7.13
N GLU O 52 3.02 -81.48 -6.68
CA GLU O 52 4.04 -82.49 -6.41
C GLU O 52 3.67 -83.34 -5.20
N ASN O 53 3.09 -82.73 -4.18
CA ASN O 53 2.69 -83.45 -2.97
C ASN O 53 1.53 -82.69 -2.33
N PRO O 54 0.28 -83.09 -2.60
CA PRO O 54 -0.86 -82.39 -2.01
C PRO O 54 -1.16 -82.77 -0.56
N GLU O 55 -0.29 -83.55 0.09
CA GLU O 55 -0.50 -83.98 1.47
C GLU O 55 0.55 -83.46 2.44
N LYS O 56 1.69 -82.98 1.96
CA LYS O 56 2.74 -82.47 2.83
C LYS O 56 2.47 -81.01 3.19
N ASP O 57 2.74 -80.67 4.45
CA ASP O 57 2.52 -79.31 4.93
C ASP O 57 3.46 -78.33 4.26
N ILE O 58 2.96 -77.10 4.07
CA ILE O 58 3.72 -76.02 3.46
C ILE O 58 4.04 -75.02 4.56
N TYR O 59 5.17 -74.32 4.41
CA TYR O 59 5.64 -73.35 5.38
C TYR O 59 5.75 -71.99 4.70
N LEU O 60 5.12 -70.98 5.31
CA LEU O 60 5.11 -69.61 4.81
C LEU O 60 5.71 -68.70 5.86
N TYR O 61 6.84 -68.08 5.54
CA TYR O 61 7.52 -67.16 6.44
C TYR O 61 7.05 -65.75 6.08
N ILE O 62 6.65 -64.99 7.10
CA ILE O 62 6.07 -63.65 6.90
C ILE O 62 6.88 -62.61 7.65
N ASN O 63 7.44 -61.66 6.89
CA ASN O 63 8.16 -60.50 7.43
C ASN O 63 7.76 -59.40 6.45
N SER O 64 6.71 -58.65 6.78
CA SER O 64 6.22 -57.63 5.86
C SER O 64 5.50 -56.51 6.61
N PRO O 65 5.60 -55.27 6.15
CA PRO O 65 4.86 -54.17 6.80
C PRO O 65 3.45 -53.99 6.29
N GLY O 66 2.91 -54.96 5.56
CA GLY O 66 1.57 -54.90 5.00
C GLY O 66 1.59 -54.40 3.57
N GLY O 67 0.38 -54.21 3.04
CA GLY O 67 0.28 -53.73 1.67
C GLY O 67 -1.16 -53.71 1.20
N VAL O 68 -1.33 -54.00 -0.09
CA VAL O 68 -2.65 -54.00 -0.70
C VAL O 68 -3.47 -55.14 -0.13
N ILE O 69 -4.79 -54.95 -0.10
CA ILE O 69 -5.70 -55.95 0.44
C ILE O 69 -6.10 -56.96 -0.63
N THR O 70 -6.38 -56.50 -1.85
CA THR O 70 -6.78 -57.39 -2.92
C THR O 70 -5.71 -58.45 -3.19
N ALA O 71 -4.44 -58.03 -3.21
CA ALA O 71 -3.36 -58.98 -3.39
C ALA O 71 -3.35 -60.01 -2.27
N GLY O 72 -3.58 -59.56 -1.04
CA GLY O 72 -3.60 -60.47 0.09
C GLY O 72 -4.69 -61.51 0.00
N MET O 73 -5.88 -61.12 -0.50
CA MET O 73 -6.97 -62.07 -0.60
C MET O 73 -6.65 -63.22 -1.53
N SER O 74 -5.87 -62.96 -2.58
CA SER O 74 -5.49 -64.03 -3.49
C SER O 74 -4.67 -65.08 -2.75
N ILE O 75 -3.74 -64.64 -1.91
CA ILE O 75 -2.93 -65.57 -1.13
C ILE O 75 -3.80 -66.31 -0.12
N TYR O 76 -4.68 -65.58 0.56
CA TYR O 76 -5.55 -66.19 1.57
C TYR O 76 -6.48 -67.22 0.96
N ASP O 77 -7.13 -66.86 -0.15
CA ASP O 77 -8.07 -67.77 -0.79
C ASP O 77 -7.38 -69.04 -1.28
N THR O 78 -6.17 -68.90 -1.82
CA THR O 78 -5.44 -70.07 -2.31
C THR O 78 -5.09 -71.01 -1.17
N MET O 79 -4.66 -70.45 -0.03
CA MET O 79 -4.30 -71.29 1.12
C MET O 79 -5.48 -72.14 1.57
N GLN O 80 -6.66 -71.53 1.66
CA GLN O 80 -7.84 -72.27 2.06
C GLN O 80 -8.32 -73.22 0.97
N PHE O 81 -8.13 -72.85 -0.29
CA PHE O 81 -8.59 -73.69 -1.40
C PHE O 81 -7.81 -75.00 -1.48
N ILE O 82 -6.48 -74.92 -1.40
CA ILE O 82 -5.68 -76.14 -1.52
C ILE O 82 -5.83 -77.00 -0.28
N LYS O 83 -5.48 -78.28 -0.45
CA LYS O 83 -5.55 -79.30 0.60
C LYS O 83 -4.40 -79.19 1.60
N PRO O 84 -3.15 -79.00 1.18
CA PRO O 84 -2.05 -78.91 2.15
C PRO O 84 -2.28 -77.81 3.20
N ASP O 85 -1.86 -78.11 4.41
CA ASP O 85 -1.98 -77.17 5.52
C ASP O 85 -0.80 -76.21 5.48
N VAL O 86 -1.08 -74.93 5.32
CA VAL O 86 -0.05 -73.90 5.23
C VAL O 86 0.29 -73.44 6.64
N SER O 87 1.51 -73.75 7.07
CA SER O 87 2.00 -73.35 8.38
C SER O 87 2.60 -71.96 8.24
N THR O 88 2.05 -71.00 8.97
CA THR O 88 2.50 -69.62 8.92
C THR O 88 3.38 -69.29 10.11
N ILE O 89 4.57 -68.76 9.82
CA ILE O 89 5.55 -68.35 10.82
C ILE O 89 5.89 -66.91 10.52
N CYS O 90 5.92 -66.08 11.56
CA CYS O 90 6.23 -64.66 11.40
C CYS O 90 7.58 -64.33 12.00
N MET O 91 8.43 -63.73 11.18
CA MET O 91 9.76 -63.29 11.57
C MET O 91 9.78 -61.76 11.42
N GLY O 92 10.36 -61.08 12.39
CA GLY O 92 10.38 -59.64 12.31
C GLY O 92 9.05 -59.06 12.74
N GLN O 93 8.27 -58.55 11.79
CA GLN O 93 6.98 -57.96 12.07
C GLN O 93 5.93 -58.45 11.09
N ALA O 94 4.68 -58.40 11.54
CA ALA O 94 3.51 -58.80 10.76
C ALA O 94 2.46 -57.71 10.91
N ALA O 95 2.20 -56.99 9.83
CA ALA O 95 1.23 -55.90 9.81
C ALA O 95 -0.15 -56.43 9.44
N SER O 96 -1.08 -55.51 9.14
CA SER O 96 -2.46 -55.83 8.78
C SER O 96 -2.61 -57.02 7.85
N MET O 97 -1.90 -57.01 6.72
CA MET O 97 -2.00 -58.12 5.78
C MET O 97 -1.11 -59.27 6.18
N GLY O 98 0.03 -59.00 6.82
CA GLY O 98 0.88 -60.09 7.28
C GLY O 98 0.22 -60.84 8.42
N ALA O 99 -0.42 -60.11 9.33
CA ALA O 99 -1.10 -60.72 10.45
C ALA O 99 -2.35 -61.46 9.99
N PHE O 100 -3.05 -60.90 9.00
CA PHE O 100 -4.24 -61.55 8.47
C PHE O 100 -3.89 -62.88 7.82
N LEU O 101 -2.78 -62.91 7.08
CA LEU O 101 -2.34 -64.16 6.47
C LEU O 101 -1.73 -65.07 7.51
N LEU O 102 -1.04 -64.49 8.50
CA LEU O 102 -0.46 -65.28 9.57
C LEU O 102 -1.53 -66.06 10.31
N THR O 103 -2.57 -65.37 10.78
CA THR O 103 -3.66 -66.04 11.49
C THR O 103 -4.49 -66.93 10.56
N ALA O 104 -4.36 -66.76 9.25
CA ALA O 104 -5.11 -67.57 8.30
C ALA O 104 -4.52 -68.96 8.11
N GLY O 105 -3.34 -69.24 8.67
CA GLY O 105 -2.73 -70.54 8.54
C GLY O 105 -3.57 -71.64 9.17
N ALA O 106 -3.12 -72.88 9.00
CA ALA O 106 -3.85 -74.02 9.55
C ALA O 106 -3.86 -73.96 11.07
N LYS O 107 -5.00 -74.30 11.65
CA LYS O 107 -5.16 -74.30 13.11
C LYS O 107 -4.16 -75.25 13.73
N GLY O 108 -3.36 -74.73 14.66
CA GLY O 108 -2.34 -75.51 15.34
C GLY O 108 -0.97 -75.47 14.68
N LYS O 109 -0.84 -74.81 13.53
CA LYS O 109 0.42 -74.70 12.80
C LYS O 109 0.83 -73.25 12.58
N ARG O 110 0.35 -72.35 13.43
CA ARG O 110 0.67 -70.92 13.36
C ARG O 110 1.63 -70.62 14.50
N PHE O 111 2.85 -70.25 14.17
CA PHE O 111 3.88 -69.96 15.15
C PHE O 111 4.39 -68.54 14.98
N CYS O 112 5.15 -68.10 15.99
CA CYS O 112 5.70 -66.75 16.02
C CYS O 112 6.99 -66.77 16.83
N LEU O 113 8.00 -66.08 16.31
CA LEU O 113 9.26 -66.01 17.02
C LEU O 113 9.08 -65.19 18.29
N PRO O 114 9.97 -65.33 19.27
CA PRO O 114 9.77 -64.60 20.54
C PRO O 114 9.82 -63.09 20.42
N ASN O 115 10.77 -62.54 19.68
CA ASN O 115 10.91 -61.09 19.56
C ASN O 115 10.10 -60.50 18.40
N SER O 116 9.17 -61.25 17.82
CA SER O 116 8.36 -60.72 16.75
C SER O 116 7.30 -59.77 17.31
N ARG O 117 6.73 -58.96 16.41
CA ARG O 117 5.70 -57.99 16.78
C ARG O 117 4.63 -57.95 15.71
N VAL O 118 3.39 -58.22 16.12
CA VAL O 118 2.24 -58.22 15.23
C VAL O 118 1.48 -56.91 15.39
N MET O 119 0.89 -56.45 14.30
CA MET O 119 0.13 -55.21 14.29
C MET O 119 -1.11 -55.37 13.41
N ILE O 120 -2.27 -55.04 13.98
CA ILE O 120 -3.55 -55.15 13.29
C ILE O 120 -4.24 -53.78 13.31
N HIS O 121 -4.85 -53.42 12.19
CA HIS O 121 -5.56 -52.16 12.06
C HIS O 121 -6.60 -52.31 10.97
N GLN O 122 -7.53 -51.36 10.93
CA GLN O 122 -8.60 -51.39 9.94
C GLN O 122 -8.06 -50.94 8.58
N PRO O 123 -8.77 -51.26 7.50
CA PRO O 123 -8.28 -50.88 6.17
C PRO O 123 -8.09 -49.38 6.00
N LEU O 124 -7.32 -49.04 4.96
CA LEU O 124 -7.03 -47.66 4.59
C LEU O 124 -7.41 -47.47 3.14
N GLY O 125 -7.78 -46.24 2.79
CA GLY O 125 -8.17 -45.96 1.43
C GLY O 125 -8.43 -44.49 1.23
N GLY O 126 -9.13 -44.19 0.14
CA GLY O 126 -9.47 -42.82 -0.17
C GLY O 126 -9.84 -42.67 -1.63
N TYR O 127 -10.56 -41.59 -1.91
CA TYR O 127 -11.02 -41.30 -3.26
C TYR O 127 -11.23 -39.80 -3.38
N GLN O 128 -11.14 -39.31 -4.62
CA GLN O 128 -11.34 -37.90 -4.93
C GLN O 128 -12.23 -37.82 -6.15
N GLY O 129 -13.33 -37.08 -6.04
CA GLY O 129 -14.26 -36.96 -7.15
C GLY O 129 -15.60 -36.44 -6.68
N GLN O 130 -16.64 -36.82 -7.42
CA GLN O 130 -17.98 -36.40 -7.11
C GLN O 130 -18.48 -37.07 -5.84
N ALA O 131 -19.55 -36.49 -5.28
CA ALA O 131 -20.13 -37.03 -4.07
C ALA O 131 -20.74 -38.41 -4.29
N THR O 132 -21.32 -38.64 -5.47
CA THR O 132 -21.91 -39.95 -5.76
C THR O 132 -20.84 -41.03 -5.78
N ASP O 133 -19.72 -40.76 -6.47
CA ASP O 133 -18.64 -41.73 -6.53
C ASP O 133 -18.03 -41.98 -5.16
N ILE O 134 -18.01 -40.96 -4.31
CA ILE O 134 -17.46 -41.12 -2.96
C ILE O 134 -18.28 -42.11 -2.16
N GLU O 135 -19.61 -42.01 -2.24
CA GLU O 135 -20.49 -42.92 -1.53
C GLU O 135 -20.23 -44.37 -1.95
N ILE O 136 -19.98 -44.57 -3.24
CA ILE O 136 -19.72 -45.92 -3.74
C ILE O 136 -18.45 -46.49 -3.13
N HIS O 137 -17.34 -45.76 -3.26
CA HIS O 137 -16.08 -46.24 -2.71
C HIS O 137 -16.12 -46.33 -1.19
N ALA O 138 -16.90 -45.49 -0.53
CA ALA O 138 -17.01 -45.56 0.92
C ALA O 138 -17.70 -46.85 1.34
N ARG O 139 -18.80 -47.20 0.66
CA ARG O 139 -19.50 -48.44 0.98
C ARG O 139 -18.62 -49.65 0.70
N GLU O 140 -17.82 -49.58 -0.36
CA GLU O 140 -16.95 -50.69 -0.73
C GLU O 140 -15.91 -50.97 0.34
N ILE O 141 -15.16 -49.94 0.75
CA ILE O 141 -14.13 -50.14 1.76
C ILE O 141 -14.74 -50.54 3.09
N LEU O 142 -15.95 -50.08 3.38
CA LEU O 142 -16.60 -50.47 4.62
C LEU O 142 -16.95 -51.96 4.60
N LYS O 143 -17.38 -52.47 3.45
CA LYS O 143 -17.67 -53.89 3.32
C LYS O 143 -16.40 -54.71 3.53
N VAL O 144 -15.28 -54.23 3.00
CA VAL O 144 -14.00 -54.90 3.17
C VAL O 144 -13.65 -54.97 4.66
N LYS O 145 -13.88 -53.88 5.38
CA LYS O 145 -13.61 -53.85 6.81
C LYS O 145 -14.42 -54.91 7.53
N GLY O 146 -15.71 -54.99 7.22
CA GLY O 146 -16.55 -55.99 7.86
C GLY O 146 -16.16 -57.39 7.46
N ARG O 147 -15.86 -57.60 6.18
CA ARG O 147 -15.46 -58.92 5.71
C ARG O 147 -14.15 -59.36 6.36
N MET O 148 -13.17 -58.45 6.43
CA MET O 148 -11.89 -58.80 7.03
C MET O 148 -12.04 -59.08 8.52
N ASN O 149 -12.92 -58.34 9.20
CA ASN O 149 -13.12 -58.58 10.62
C ASN O 149 -13.82 -59.90 10.88
N GLU O 150 -14.73 -60.30 9.99
CA GLU O 150 -15.42 -61.58 10.15
C GLU O 150 -14.43 -62.73 10.06
N LEU O 151 -13.53 -62.68 9.08
CA LEU O 151 -12.54 -63.75 8.93
C LEU O 151 -11.59 -63.78 10.11
N MET O 152 -11.19 -62.61 10.61
CA MET O 152 -10.28 -62.57 11.75
C MET O 152 -10.91 -63.21 12.98
N ALA O 153 -12.20 -62.96 13.19
CA ALA O 153 -12.88 -63.56 14.34
C ALA O 153 -12.95 -65.07 14.21
N LEU O 154 -13.08 -65.57 12.99
CA LEU O 154 -13.16 -67.02 12.78
C LEU O 154 -11.83 -67.69 13.07
N HIS O 155 -10.73 -67.12 12.60
CA HIS O 155 -9.42 -67.73 12.81
C HIS O 155 -8.90 -67.48 14.23
N THR O 156 -9.13 -66.28 14.77
CA THR O 156 -8.66 -65.98 16.12
C THR O 156 -9.61 -66.50 17.20
N GLY O 157 -10.85 -66.83 16.85
CA GLY O 157 -11.80 -67.31 17.82
C GLY O 157 -12.48 -66.22 18.63
N GLN O 158 -12.00 -64.99 18.56
CA GLN O 158 -12.58 -63.88 19.29
C GLN O 158 -13.95 -63.54 18.70
N SER O 159 -14.64 -62.61 19.34
CA SER O 159 -15.95 -62.16 18.91
C SER O 159 -15.80 -61.03 17.91
N LEU O 160 -16.79 -60.91 17.02
CA LEU O 160 -16.76 -59.86 16.01
C LEU O 160 -16.77 -58.49 16.66
N GLU O 161 -17.53 -58.33 17.75
CA GLU O 161 -17.57 -57.05 18.44
C GLU O 161 -16.20 -56.67 18.99
N GLN O 162 -15.53 -57.64 19.62
CA GLN O 162 -14.20 -57.38 20.18
C GLN O 162 -13.20 -57.01 19.09
N ILE O 163 -13.26 -57.71 17.96
CA ILE O 163 -12.34 -57.44 16.86
C ILE O 163 -12.54 -56.03 16.33
N GLU O 164 -13.81 -55.59 16.22
CA GLU O 164 -14.09 -54.25 15.74
C GLU O 164 -13.53 -53.19 16.67
N ARG O 165 -13.61 -53.43 17.98
CA ARG O 165 -13.09 -52.47 18.95
C ARG O 165 -11.57 -52.41 18.94
N ASP O 166 -10.92 -53.54 18.72
CA ASP O 166 -9.46 -53.60 18.74
C ASP O 166 -8.82 -53.17 17.42
N THR O 167 -9.57 -53.16 16.33
CA THR O 167 -9.03 -52.78 15.02
C THR O 167 -9.34 -51.35 14.62
N GLU O 168 -10.12 -50.61 15.41
CA GLU O 168 -10.42 -49.22 15.07
C GLU O 168 -9.16 -48.38 14.98
N ARG O 169 -8.12 -48.76 15.73
CA ARG O 169 -6.85 -48.06 15.73
C ARG O 169 -5.74 -49.10 15.75
N ASP O 170 -4.55 -48.68 15.34
CA ASP O 170 -3.39 -49.56 15.31
C ASP O 170 -3.16 -50.17 16.69
N ARG O 171 -3.08 -51.50 16.73
CA ARG O 171 -2.86 -52.25 17.96
C ARG O 171 -1.65 -53.14 17.78
N PHE O 172 -0.67 -52.98 18.66
CA PHE O 172 0.55 -53.77 18.62
C PHE O 172 0.43 -54.93 19.59
N LEU O 173 1.01 -56.06 19.20
CA LEU O 173 0.95 -57.27 20.01
C LEU O 173 2.28 -58.01 19.92
N SER O 174 2.79 -58.44 21.07
CA SER O 174 4.02 -59.21 21.12
C SER O 174 3.69 -60.67 20.85
N ALA O 175 4.72 -61.51 20.85
CA ALA O 175 4.50 -62.94 20.61
C ALA O 175 3.60 -63.56 21.68
N PRO O 176 3.83 -63.37 22.98
CA PRO O 176 2.91 -63.97 23.97
C PRO O 176 1.51 -63.42 23.88
N GLU O 177 1.36 -62.12 23.64
CA GLU O 177 0.04 -61.52 23.53
C GLU O 177 -0.74 -62.09 22.37
N ALA O 178 -0.06 -62.41 21.27
CA ALA O 178 -0.74 -62.98 20.11
C ALA O 178 -1.31 -64.36 20.45
N VAL O 179 -0.60 -65.13 21.26
CA VAL O 179 -1.08 -66.46 21.66
C VAL O 179 -2.40 -66.33 22.41
N GLU O 180 -2.45 -65.44 23.39
CA GLU O 180 -3.68 -65.25 24.17
C GLU O 180 -4.80 -64.72 23.30
N TYR O 181 -4.48 -63.90 22.30
CA TYR O 181 -5.46 -63.33 21.41
C TYR O 181 -5.93 -64.31 20.34
N GLY O 182 -5.42 -65.54 20.33
CA GLY O 182 -5.81 -66.51 19.33
C GLY O 182 -5.22 -66.28 17.97
N LEU O 183 -4.35 -65.29 17.81
CA LEU O 183 -3.77 -64.99 16.51
C LEU O 183 -2.76 -66.06 16.09
N VAL O 184 -2.04 -66.63 17.05
CA VAL O 184 -1.07 -67.69 16.80
C VAL O 184 -1.33 -68.82 17.79
N ASP O 185 -0.51 -69.87 17.70
CA ASP O 185 -0.65 -71.05 18.54
C ASP O 185 0.51 -71.26 19.51
N SER O 186 1.75 -71.25 19.02
CA SER O 186 2.91 -71.47 19.87
C SER O 186 4.05 -70.53 19.48
N ILE O 187 5.11 -70.59 20.27
CA ILE O 187 6.32 -69.78 20.08
C ILE O 187 7.50 -70.72 19.87
N LEU O 188 8.28 -70.45 18.83
CA LEU O 188 9.47 -71.26 18.51
C LEU O 188 10.70 -70.65 19.16
N THR O 189 10.76 -70.78 20.48
CA THR O 189 11.90 -70.24 21.23
C THR O 189 13.19 -71.01 20.90
N HIS O 190 13.10 -72.32 20.78
CA HIS O 190 14.26 -73.16 20.47
C HIS O 190 13.83 -74.35 19.64
N ARG O 191 14.79 -74.88 18.88
CA ARG O 191 14.52 -76.03 18.03
C ARG O 191 14.09 -77.25 18.82
N ASN O 192 14.59 -77.40 20.04
CA ASN O 192 14.23 -78.53 20.90
C ASN O 192 12.73 -78.61 21.15
N LEU P 1 13.40 -62.04 -7.29
CA LEU P 1 13.66 -62.93 -8.41
C LEU P 1 12.70 -64.12 -8.38
N VAL P 2 12.32 -64.60 -9.56
CA VAL P 2 11.40 -65.74 -9.65
C VAL P 2 12.15 -67.01 -9.26
N PRO P 3 11.57 -67.92 -8.47
CA PRO P 3 12.29 -69.14 -8.11
C PRO P 3 12.25 -70.17 -9.22
N MET P 4 13.37 -70.87 -9.40
CA MET P 4 13.49 -71.91 -10.41
C MET P 4 13.10 -73.26 -9.81
N VAL P 5 12.41 -74.07 -10.61
CA VAL P 5 11.94 -75.38 -10.20
C VAL P 5 12.35 -76.41 -11.26
N ILE P 6 12.55 -77.64 -10.81
CA ILE P 6 12.96 -78.75 -11.66
C ILE P 6 11.77 -79.64 -11.95
N GLU P 7 11.62 -80.04 -13.22
CA GLU P 7 10.56 -80.93 -13.68
C GLU P 7 11.20 -82.26 -14.06
N GLN P 8 10.76 -83.32 -13.41
CA GLN P 8 11.30 -84.66 -13.65
C GLN P 8 10.54 -85.32 -14.80
N THR P 9 11.27 -85.72 -15.83
CA THR P 9 10.71 -86.40 -16.99
C THR P 9 11.57 -87.61 -17.31
N SER P 10 11.05 -88.48 -18.18
CA SER P 10 11.77 -89.69 -18.55
C SER P 10 13.16 -89.39 -19.13
N ARG P 11 13.25 -88.33 -19.94
CA ARG P 11 14.54 -87.97 -20.53
C ARG P 11 15.56 -87.58 -19.46
N GLY P 12 15.12 -86.83 -18.45
CA GLY P 12 16.04 -86.39 -17.40
C GLY P 12 15.42 -85.29 -16.57
N GLU P 13 16.28 -84.43 -16.04
CA GLU P 13 15.86 -83.29 -15.23
C GLU P 13 15.93 -82.02 -16.06
N ARG P 14 14.90 -81.18 -15.96
CA ARG P 14 14.82 -79.92 -16.69
C ARG P 14 14.49 -78.81 -15.71
N SER P 15 15.21 -77.69 -15.82
CA SER P 15 15.01 -76.55 -14.95
C SER P 15 14.16 -75.50 -15.65
N PHE P 16 13.09 -75.06 -14.99
CA PHE P 16 12.19 -74.05 -15.52
C PHE P 16 11.83 -73.06 -14.42
N ASP P 17 11.50 -71.84 -14.83
CA ASP P 17 11.07 -70.85 -13.87
C ASP P 17 9.63 -71.17 -13.47
N ILE P 18 9.20 -70.58 -12.35
CA ILE P 18 7.86 -70.86 -11.83
C ILE P 18 6.78 -70.54 -12.85
N TYR P 19 6.92 -69.44 -13.59
CA TYR P 19 5.91 -69.08 -14.58
C TYR P 19 5.98 -69.99 -15.80
N SER P 20 7.19 -70.32 -16.26
CA SER P 20 7.33 -71.19 -17.43
C SER P 20 6.81 -72.59 -17.13
N ARG P 21 7.07 -73.08 -15.91
CA ARG P 21 6.59 -74.41 -15.54
C ARG P 21 5.07 -74.47 -15.60
N LEU P 22 4.40 -73.46 -15.06
CA LEU P 22 2.95 -73.44 -15.08
C LEU P 22 2.42 -73.26 -16.50
N LEU P 23 3.18 -72.58 -17.36
CA LEU P 23 2.76 -72.41 -18.75
C LEU P 23 2.66 -73.76 -19.44
N LYS P 24 3.52 -74.71 -19.05
CA LYS P 24 3.46 -76.06 -19.61
C LYS P 24 2.13 -76.72 -19.29
N GLU P 25 1.51 -76.33 -18.18
CA GLU P 25 0.22 -76.86 -17.76
C GLU P 25 -0.96 -76.05 -18.29
N ARG P 26 -0.72 -75.22 -19.31
CA ARG P 26 -1.76 -74.40 -19.93
C ARG P 26 -2.33 -73.37 -18.94
N VAL P 27 -1.45 -72.74 -18.18
CA VAL P 27 -1.82 -71.72 -17.19
C VAL P 27 -1.11 -70.42 -17.55
N ILE P 28 -1.89 -69.37 -17.74
CA ILE P 28 -1.38 -68.04 -18.07
C ILE P 28 -1.71 -67.11 -16.91
N PHE P 29 -0.80 -66.16 -16.64
CA PHE P 29 -0.93 -65.20 -15.54
C PHE P 29 -1.09 -63.79 -16.09
N LEU P 30 -2.29 -63.22 -15.92
CA LEU P 30 -2.59 -61.85 -16.33
C LEU P 30 -2.53 -61.02 -15.05
N THR P 31 -1.39 -60.35 -14.84
CA THR P 31 -1.17 -59.55 -13.64
C THR P 31 -0.69 -58.15 -14.00
N GLY P 32 -1.21 -57.16 -13.27
CA GLY P 32 -0.83 -55.77 -13.47
C GLY P 32 -1.65 -55.06 -14.53
N GLN P 33 -1.32 -53.78 -14.70
CA GLN P 33 -2.00 -52.94 -15.66
C GLN P 33 -1.96 -53.55 -17.05
N VAL P 34 -3.07 -53.42 -17.79
CA VAL P 34 -3.16 -53.98 -19.13
C VAL P 34 -2.58 -52.96 -20.10
N GLU P 35 -1.43 -53.29 -20.68
CA GLU P 35 -0.73 -52.46 -21.65
C GLU P 35 -0.57 -53.28 -22.93
N ASP P 36 0.15 -52.70 -23.91
CA ASP P 36 0.34 -53.38 -25.19
C ASP P 36 1.40 -54.47 -25.13
N HIS P 37 2.45 -54.28 -24.33
CA HIS P 37 3.51 -55.28 -24.27
C HIS P 37 3.08 -56.52 -23.51
N MET P 38 2.54 -56.36 -22.30
CA MET P 38 2.09 -57.51 -21.53
C MET P 38 0.97 -58.25 -22.25
N ALA P 39 0.09 -57.52 -22.93
CA ALA P 39 -1.01 -58.15 -23.64
C ALA P 39 -0.49 -58.97 -24.81
N ASN P 40 0.46 -58.43 -25.57
CA ASN P 40 1.01 -59.15 -26.70
C ASN P 40 1.68 -60.43 -26.25
N LEU P 41 2.27 -60.43 -25.06
CA LEU P 41 2.90 -61.63 -24.53
C LEU P 41 1.86 -62.71 -24.26
N ILE P 42 0.72 -62.32 -23.68
CA ILE P 42 -0.34 -63.28 -23.40
C ILE P 42 -0.88 -63.88 -24.69
N VAL P 43 -0.95 -63.06 -25.76
CA VAL P 43 -1.43 -63.56 -27.04
C VAL P 43 -0.52 -64.65 -27.56
N ALA P 44 0.80 -64.45 -27.45
CA ALA P 44 1.75 -65.45 -27.91
C ALA P 44 1.58 -66.76 -27.16
N GLN P 45 1.35 -66.69 -25.85
CA GLN P 45 1.15 -67.90 -25.07
C GLN P 45 -0.09 -68.65 -25.52
N MET P 46 -1.18 -67.94 -25.78
CA MET P 46 -2.41 -68.58 -26.22
C MET P 46 -2.21 -69.32 -27.52
N LEU P 47 -1.56 -68.68 -28.49
CA LEU P 47 -1.33 -69.32 -29.78
C LEU P 47 -0.41 -70.53 -29.64
N PHE P 48 0.63 -70.41 -28.80
CA PHE P 48 1.55 -71.53 -28.59
C PHE P 48 0.83 -72.74 -28.03
N LEU P 49 -0.03 -72.52 -27.02
CA LEU P 49 -0.78 -73.62 -26.43
C LEU P 49 -1.74 -74.24 -27.43
N GLU P 50 -2.31 -73.42 -28.32
CA GLU P 50 -3.24 -73.95 -29.32
C GLU P 50 -2.55 -74.94 -30.24
N ALA P 51 -1.33 -74.62 -30.68
CA ALA P 51 -0.60 -75.51 -31.57
C ALA P 51 -0.22 -76.80 -30.86
N GLU P 52 0.12 -76.73 -29.57
CA GLU P 52 0.48 -77.93 -28.82
C GLU P 52 -0.70 -78.88 -28.71
N ASN P 53 -1.84 -78.37 -28.24
CA ASN P 53 -3.05 -79.18 -28.06
C ASN P 53 -4.24 -78.25 -28.24
N PRO P 54 -4.87 -78.23 -29.42
CA PRO P 54 -6.04 -77.36 -29.62
C PRO P 54 -7.33 -77.88 -29.02
N GLU P 55 -7.29 -78.97 -28.24
CA GLU P 55 -8.47 -79.55 -27.62
C GLU P 55 -8.47 -79.46 -26.11
N LYS P 56 -7.34 -79.12 -25.48
CA LYS P 56 -7.27 -79.02 -24.03
C LYS P 56 -7.60 -77.59 -23.60
N ASP P 57 -8.40 -77.48 -22.54
CA ASP P 57 -8.80 -76.18 -22.02
C ASP P 57 -7.61 -75.41 -21.48
N ILE P 58 -7.64 -74.09 -21.66
CA ILE P 58 -6.61 -73.19 -21.18
C ILE P 58 -7.16 -72.46 -19.96
N TYR P 59 -6.28 -72.16 -19.01
CA TYR P 59 -6.63 -71.48 -17.78
C TYR P 59 -5.92 -70.13 -17.73
N LEU P 60 -6.69 -69.08 -17.46
CA LEU P 60 -6.19 -67.71 -17.38
C LEU P 60 -6.54 -67.13 -16.03
N TYR P 61 -5.52 -66.83 -15.23
CA TYR P 61 -5.70 -66.23 -13.92
C TYR P 61 -5.62 -64.73 -14.08
N ILE P 62 -6.56 -64.00 -13.49
CA ILE P 62 -6.67 -62.56 -13.64
C ILE P 62 -6.64 -61.87 -12.29
N ASN P 63 -5.67 -60.97 -12.12
CA ASN P 63 -5.54 -60.14 -10.93
C ASN P 63 -4.92 -58.84 -11.43
N SER P 64 -5.75 -57.84 -11.74
CA SER P 64 -5.22 -56.60 -12.28
C SER P 64 -6.20 -55.46 -12.03
N PRO P 65 -5.71 -54.22 -11.95
CA PRO P 65 -6.61 -53.07 -11.77
C PRO P 65 -7.16 -52.49 -13.06
N GLY P 66 -7.03 -53.20 -14.19
CA GLY P 66 -7.50 -52.72 -15.47
C GLY P 66 -6.42 -52.00 -16.24
N GLY P 67 -6.78 -51.54 -17.43
CA GLY P 67 -5.84 -50.83 -18.26
C GLY P 67 -6.39 -50.35 -19.59
N VAL P 68 -5.55 -50.37 -20.61
CA VAL P 68 -5.93 -49.91 -21.94
C VAL P 68 -6.99 -50.86 -22.52
N ILE P 69 -7.85 -50.31 -23.37
CA ILE P 69 -8.91 -51.09 -23.99
C ILE P 69 -8.40 -51.80 -25.24
N THR P 70 -7.60 -51.11 -26.06
CA THR P 70 -7.09 -51.71 -27.29
C THR P 70 -6.27 -52.96 -26.98
N ALA P 71 -5.44 -52.90 -25.93
CA ALA P 71 -4.65 -54.06 -25.55
C ALA P 71 -5.55 -55.22 -25.13
N GLY P 72 -6.59 -54.93 -24.34
CA GLY P 72 -7.51 -55.96 -23.91
C GLY P 72 -8.29 -56.59 -25.05
N MET P 73 -8.64 -55.80 -26.06
CA MET P 73 -9.40 -56.33 -27.19
C MET P 73 -8.62 -57.40 -27.93
N SER P 74 -7.29 -57.27 -27.99
CA SER P 74 -6.48 -58.28 -28.66
C SER P 74 -6.59 -59.61 -27.93
N ILE P 75 -6.58 -59.56 -26.60
CA ILE P 75 -6.71 -60.78 -25.80
C ILE P 75 -8.09 -61.38 -25.97
N TYR P 76 -9.12 -60.55 -25.97
CA TYR P 76 -10.49 -61.03 -26.12
C TYR P 76 -10.69 -61.70 -27.48
N ASP P 77 -10.23 -61.04 -28.54
CA ASP P 77 -10.40 -61.59 -29.88
C ASP P 77 -9.65 -62.91 -30.04
N THR P 78 -8.49 -63.04 -29.40
CA THR P 78 -7.75 -64.29 -29.49
C THR P 78 -8.46 -65.42 -28.78
N MET P 79 -9.01 -65.15 -27.59
CA MET P 79 -9.72 -66.17 -26.83
C MET P 79 -10.91 -66.71 -27.61
N GLN P 80 -11.65 -65.82 -28.29
CA GLN P 80 -12.80 -66.24 -29.06
C GLN P 80 -12.42 -66.82 -30.41
N PHE P 81 -11.21 -66.53 -30.91
CA PHE P 81 -10.78 -67.05 -32.21
C PHE P 81 -10.32 -68.49 -32.10
N ILE P 82 -9.46 -68.79 -31.12
CA ILE P 82 -8.95 -70.14 -30.97
C ILE P 82 -10.05 -71.09 -30.51
N LYS P 83 -9.83 -72.38 -30.77
CA LYS P 83 -10.75 -73.45 -30.42
C LYS P 83 -10.74 -73.78 -28.92
N PRO P 84 -9.57 -73.87 -28.27
CA PRO P 84 -9.57 -74.19 -26.84
C PRO P 84 -10.41 -73.23 -26.01
N ASP P 85 -11.12 -73.79 -25.04
CA ASP P 85 -11.96 -73.01 -24.14
C ASP P 85 -11.09 -72.41 -23.05
N VAL P 86 -11.03 -71.07 -23.01
CA VAL P 86 -10.21 -70.36 -22.05
C VAL P 86 -11.01 -70.18 -20.76
N SER P 87 -10.60 -70.88 -19.72
CA SER P 87 -11.24 -70.78 -18.41
C SER P 87 -10.61 -69.64 -17.64
N THR P 88 -11.40 -68.62 -17.32
CA THR P 88 -10.92 -67.45 -16.59
C THR P 88 -11.20 -67.59 -15.11
N ILE P 89 -10.22 -67.18 -14.31
CA ILE P 89 -10.31 -67.22 -12.86
C ILE P 89 -9.89 -65.87 -12.32
N CYS P 90 -10.63 -65.35 -11.35
CA CYS P 90 -10.37 -64.05 -10.74
C CYS P 90 -9.75 -64.22 -9.37
N MET P 91 -8.61 -63.58 -9.16
CA MET P 91 -7.88 -63.61 -7.90
C MET P 91 -7.66 -62.18 -7.44
N GLY P 92 -8.11 -61.88 -6.23
CA GLY P 92 -7.94 -60.55 -5.67
C GLY P 92 -8.91 -59.53 -6.19
N GLN P 93 -8.80 -59.14 -7.47
CA GLN P 93 -9.70 -58.15 -8.02
C GLN P 93 -9.69 -58.20 -9.54
N ALA P 94 -10.80 -57.75 -10.12
CA ALA P 94 -10.97 -57.68 -11.57
C ALA P 94 -11.63 -56.36 -11.89
N ALA P 95 -10.91 -55.47 -12.56
CA ALA P 95 -11.41 -54.16 -12.92
C ALA P 95 -12.16 -54.24 -14.24
N SER P 96 -12.47 -53.09 -14.83
CA SER P 96 -13.19 -53.00 -16.11
C SER P 96 -12.66 -53.98 -17.16
N MET P 97 -11.38 -53.88 -17.49
CA MET P 97 -10.83 -54.80 -18.49
C MET P 97 -10.64 -56.18 -17.89
N GLY P 98 -10.25 -56.27 -16.63
CA GLY P 98 -10.10 -57.57 -15.99
C GLY P 98 -11.42 -58.31 -15.91
N ALA P 99 -12.50 -57.57 -15.65
CA ALA P 99 -13.83 -58.18 -15.58
C ALA P 99 -14.35 -58.52 -16.96
N PHE P 100 -14.05 -57.67 -17.94
CA PHE P 100 -14.50 -57.94 -19.31
C PHE P 100 -13.86 -59.20 -19.84
N LEU P 101 -12.57 -59.39 -19.56
CA LEU P 101 -11.90 -60.61 -19.98
C LEU P 101 -12.37 -61.80 -19.17
N LEU P 102 -12.67 -61.57 -17.88
CA LEU P 102 -13.16 -62.63 -17.02
C LEU P 102 -14.49 -63.17 -17.54
N THR P 103 -15.46 -62.29 -17.77
CA THR P 103 -16.75 -62.73 -18.29
C THR P 103 -16.67 -63.20 -19.72
N ALA P 104 -15.59 -62.89 -20.43
CA ALA P 104 -15.42 -63.32 -21.81
C ALA P 104 -15.00 -64.78 -21.93
N GLY P 105 -14.61 -65.42 -20.83
CA GLY P 105 -14.21 -66.81 -20.85
C GLY P 105 -15.28 -67.75 -21.36
N ALA P 106 -14.93 -69.01 -21.48
CA ALA P 106 -15.87 -70.01 -21.97
C ALA P 106 -17.02 -70.19 -20.98
N LYS P 107 -18.23 -70.30 -21.54
CA LYS P 107 -19.42 -70.47 -20.73
C LYS P 107 -19.32 -71.75 -19.91
N GLY P 108 -19.56 -71.63 -18.60
CA GLY P 108 -19.46 -72.75 -17.70
C GLY P 108 -18.07 -73.00 -17.17
N LYS P 109 -17.09 -72.17 -17.55
CA LYS P 109 -15.71 -72.30 -17.09
C LYS P 109 -15.17 -70.99 -16.54
N ARG P 110 -16.06 -70.09 -16.09
CA ARG P 110 -15.68 -68.81 -15.52
C ARG P 110 -15.86 -68.91 -14.02
N PHE P 111 -14.75 -68.85 -13.29
CA PHE P 111 -14.74 -68.99 -11.85
C PHE P 111 -14.13 -67.78 -11.17
N CYS P 112 -14.37 -67.68 -9.87
CA CYS P 112 -13.84 -66.60 -9.05
C CYS P 112 -13.66 -67.11 -7.64
N LEU P 113 -12.67 -66.56 -6.95
CA LEU P 113 -12.42 -66.95 -5.58
C LEU P 113 -13.44 -66.29 -4.66
N PRO P 114 -13.65 -66.82 -3.46
CA PRO P 114 -14.68 -66.24 -2.58
C PRO P 114 -14.43 -64.80 -2.18
N ASN P 115 -13.22 -64.45 -1.75
CA ASN P 115 -12.91 -63.10 -1.33
C ASN P 115 -12.44 -62.21 -2.46
N SER P 116 -12.75 -62.55 -3.71
CA SER P 116 -12.36 -61.73 -4.84
C SER P 116 -13.31 -60.54 -4.98
N ARG P 117 -12.93 -59.61 -5.86
CA ARG P 117 -13.72 -58.42 -6.13
C ARG P 117 -13.80 -58.20 -7.63
N VAL P 118 -14.89 -57.58 -8.05
CA VAL P 118 -15.12 -57.26 -9.46
C VAL P 118 -15.61 -55.82 -9.53
N MET P 119 -15.15 -55.09 -10.54
CA MET P 119 -15.51 -53.69 -10.73
C MET P 119 -15.70 -53.43 -12.21
N ILE P 120 -16.85 -52.87 -12.56
CA ILE P 120 -17.19 -52.54 -13.94
C ILE P 120 -17.52 -51.06 -14.02
N HIS P 121 -17.01 -50.40 -15.05
CA HIS P 121 -17.27 -48.98 -15.26
C HIS P 121 -17.15 -48.69 -16.75
N GLN P 122 -17.67 -47.54 -17.15
CA GLN P 122 -17.61 -47.16 -18.54
C GLN P 122 -16.19 -46.71 -18.91
N PRO P 123 -15.84 -46.71 -20.19
CA PRO P 123 -14.49 -46.30 -20.59
C PRO P 123 -14.13 -44.90 -20.14
N LEU P 124 -12.82 -44.65 -20.11
CA LEU P 124 -12.25 -43.36 -19.74
C LEU P 124 -11.38 -42.87 -20.88
N GLY P 125 -11.31 -41.55 -21.03
CA GLY P 125 -10.51 -40.99 -22.09
C GLY P 125 -10.44 -39.48 -21.99
N GLY P 126 -10.03 -38.88 -23.10
CA GLY P 126 -9.91 -37.44 -23.17
C GLY P 126 -9.06 -37.02 -24.34
N TYR P 127 -9.19 -35.75 -24.69
CA TYR P 127 -8.45 -35.17 -25.80
C TYR P 127 -8.37 -33.67 -25.60
N GLN P 128 -7.33 -33.08 -26.20
CA GLN P 128 -7.09 -31.64 -26.14
C GLN P 128 -6.73 -31.16 -27.53
N GLY P 129 -7.47 -30.16 -28.01
CA GLY P 129 -7.23 -29.63 -29.34
C GLY P 129 -8.44 -28.86 -29.83
N GLN P 130 -8.55 -28.80 -31.15
CA GLN P 130 -9.65 -28.08 -31.78
C GLN P 130 -10.98 -28.75 -31.49
N ALA P 131 -12.05 -27.97 -31.63
CA ALA P 131 -13.39 -28.48 -31.39
C ALA P 131 -13.74 -29.61 -32.36
N THR P 132 -13.28 -29.50 -33.60
CA THR P 132 -13.56 -30.53 -34.59
C THR P 132 -12.94 -31.86 -34.18
N ASP P 133 -11.65 -31.84 -33.80
CA ASP P 133 -10.98 -33.05 -33.37
C ASP P 133 -11.64 -33.67 -32.15
N ILE P 134 -12.18 -32.82 -31.26
CA ILE P 134 -12.84 -33.33 -30.06
C ILE P 134 -14.06 -34.16 -30.43
N GLU P 135 -14.87 -33.67 -31.37
CA GLU P 135 -16.05 -34.40 -31.82
C GLU P 135 -15.68 -35.78 -32.34
N ILE P 136 -14.56 -35.88 -33.04
CA ILE P 136 -14.10 -37.17 -33.58
C ILE P 136 -13.79 -38.14 -32.45
N HIS P 137 -12.86 -37.75 -31.57
CA HIS P 137 -12.47 -38.62 -30.48
C HIS P 137 -13.63 -38.90 -29.54
N ALA P 138 -14.57 -37.96 -29.40
CA ALA P 138 -15.72 -38.20 -28.53
C ALA P 138 -16.62 -39.27 -29.13
N ARG P 139 -16.89 -39.19 -30.43
CA ARG P 139 -17.72 -40.20 -31.08
C ARG P 139 -17.07 -41.58 -30.99
N GLU P 140 -15.75 -41.63 -31.10
CA GLU P 140 -15.04 -42.91 -31.07
C GLU P 140 -15.17 -43.59 -29.70
N ILE P 141 -14.88 -42.87 -28.62
CA ILE P 141 -14.95 -43.48 -27.30
C ILE P 141 -16.38 -43.89 -26.97
N LEU P 142 -17.37 -43.18 -27.53
CA LEU P 142 -18.76 -43.55 -27.29
C LEU P 142 -19.08 -44.87 -27.98
N LYS P 143 -18.54 -45.08 -29.18
CA LYS P 143 -18.75 -46.35 -29.88
C LYS P 143 -18.15 -47.49 -29.09
N VAL P 144 -16.97 -47.27 -28.49
CA VAL P 144 -16.33 -48.29 -27.67
C VAL P 144 -17.23 -48.63 -26.49
N LYS P 145 -17.82 -47.62 -25.87
CA LYS P 145 -18.71 -47.85 -24.74
C LYS P 145 -19.91 -48.71 -25.16
N GLY P 146 -20.50 -48.39 -26.31
CA GLY P 146 -21.62 -49.18 -26.79
C GLY P 146 -21.19 -50.57 -27.19
N ARG P 147 -20.04 -50.68 -27.85
CA ARG P 147 -19.53 -51.97 -28.27
C ARG P 147 -19.23 -52.86 -27.06
N MET P 148 -18.49 -52.33 -26.09
CA MET P 148 -18.15 -53.10 -24.90
C MET P 148 -19.40 -53.50 -24.12
N ASN P 149 -20.40 -52.62 -24.06
CA ASN P 149 -21.62 -52.96 -23.35
C ASN P 149 -22.38 -54.08 -24.05
N GLU P 150 -22.37 -54.09 -25.38
CA GLU P 150 -23.04 -55.14 -26.13
C GLU P 150 -22.42 -56.49 -25.83
N LEU P 151 -21.09 -56.55 -25.82
CA LEU P 151 -20.39 -57.80 -25.53
C LEU P 151 -20.64 -58.27 -24.11
N MET P 152 -20.65 -57.33 -23.15
CA MET P 152 -20.89 -57.69 -21.76
C MET P 152 -22.28 -58.28 -21.59
N ALA P 153 -23.26 -57.72 -22.28
CA ALA P 153 -24.62 -58.24 -22.20
C ALA P 153 -24.70 -59.66 -22.75
N LEU P 154 -23.94 -59.94 -23.81
CA LEU P 154 -23.95 -61.25 -24.43
C LEU P 154 -23.43 -62.32 -23.49
N HIS P 155 -22.25 -62.09 -22.90
CA HIS P 155 -21.65 -63.10 -22.02
C HIS P 155 -22.41 -63.21 -20.70
N THR P 156 -22.71 -62.07 -20.07
CA THR P 156 -23.42 -62.11 -18.80
C THR P 156 -24.86 -62.57 -18.95
N GLY P 157 -25.50 -62.21 -20.07
CA GLY P 157 -26.88 -62.56 -20.32
C GLY P 157 -27.86 -61.50 -19.90
N GLN P 158 -27.38 -60.38 -19.35
CA GLN P 158 -28.24 -59.29 -18.93
C GLN P 158 -28.65 -58.45 -20.14
N SER P 159 -29.71 -57.67 -19.97
CA SER P 159 -30.17 -56.82 -21.05
C SER P 159 -29.21 -55.66 -21.24
N LEU P 160 -29.17 -55.14 -22.47
CA LEU P 160 -28.28 -54.03 -22.78
C LEU P 160 -28.62 -52.80 -21.94
N GLU P 161 -29.92 -52.56 -21.71
CA GLU P 161 -30.33 -51.41 -20.91
C GLU P 161 -29.82 -51.53 -19.48
N GLN P 162 -29.88 -52.74 -18.91
CA GLN P 162 -29.41 -52.94 -17.54
C GLN P 162 -27.90 -52.72 -17.44
N ILE P 163 -27.15 -53.15 -18.45
CA ILE P 163 -25.70 -52.98 -18.43
C ILE P 163 -25.35 -51.51 -18.48
N GLU P 164 -26.03 -50.74 -19.32
CA GLU P 164 -25.76 -49.31 -19.42
C GLU P 164 -26.03 -48.60 -18.10
N ARG P 165 -27.11 -48.98 -17.41
CA ARG P 165 -27.43 -48.34 -16.15
C ARG P 165 -26.41 -48.69 -15.07
N ASP P 166 -25.88 -49.91 -15.09
CA ASP P 166 -24.92 -50.35 -14.10
C ASP P 166 -23.49 -49.92 -14.40
N THR P 167 -23.20 -49.53 -15.64
CA THR P 167 -21.85 -49.13 -16.04
C THR P 167 -21.65 -47.62 -16.07
N GLU P 168 -22.71 -46.82 -15.89
CA GLU P 168 -22.55 -45.37 -15.90
C GLU P 168 -21.60 -44.89 -14.82
N ARG P 169 -21.47 -45.66 -13.74
CA ARG P 169 -20.57 -45.32 -12.64
C ARG P 169 -19.94 -46.61 -12.13
N ASP P 170 -18.84 -46.45 -11.41
CA ASP P 170 -18.13 -47.59 -10.83
C ASP P 170 -19.07 -48.43 -9.97
N ARG P 171 -19.18 -49.71 -10.31
CA ARG P 171 -20.03 -50.66 -9.59
C ARG P 171 -19.16 -51.80 -9.12
N PHE P 172 -19.17 -52.04 -7.81
CA PHE P 172 -18.39 -53.12 -7.22
C PHE P 172 -19.28 -54.32 -6.98
N LEU P 173 -18.72 -55.52 -7.14
CA LEU P 173 -19.46 -56.75 -6.97
C LEU P 173 -18.56 -57.82 -6.38
N SER P 174 -19.09 -58.56 -5.41
CA SER P 174 -18.38 -59.64 -4.78
C SER P 174 -18.60 -60.91 -5.59
N ALA P 175 -17.91 -61.98 -5.19
CA ALA P 175 -18.06 -63.26 -5.90
C ALA P 175 -19.51 -63.74 -5.94
N PRO P 176 -20.26 -63.74 -4.84
CA PRO P 176 -21.67 -64.18 -4.94
C PRO P 176 -22.51 -63.29 -5.84
N GLU P 177 -22.29 -61.98 -5.78
CA GLU P 177 -23.06 -61.06 -6.61
C GLU P 177 -22.73 -61.24 -8.08
N ALA P 178 -21.47 -61.52 -8.40
CA ALA P 178 -21.07 -61.73 -9.78
C ALA P 178 -21.76 -62.95 -10.38
N VAL P 179 -21.94 -64.00 -9.57
CA VAL P 179 -22.61 -65.20 -10.06
C VAL P 179 -24.04 -64.89 -10.46
N GLU P 180 -24.76 -64.14 -9.61
CA GLU P 180 -26.13 -63.76 -9.91
C GLU P 180 -26.18 -62.84 -11.12
N TYR P 181 -25.23 -61.93 -11.24
CA TYR P 181 -25.20 -61.00 -12.38
C TYR P 181 -24.91 -61.72 -13.68
N GLY P 182 -24.08 -62.77 -13.64
CA GLY P 182 -23.71 -63.55 -14.82
C GLY P 182 -22.27 -63.39 -15.26
N LEU P 183 -21.47 -62.60 -14.54
CA LEU P 183 -20.07 -62.42 -14.92
C LEU P 183 -19.30 -63.72 -14.77
N VAL P 184 -19.62 -64.51 -13.74
CA VAL P 184 -18.96 -65.77 -13.47
C VAL P 184 -20.02 -66.84 -13.25
N ASP P 185 -19.61 -68.09 -13.44
CA ASP P 185 -20.50 -69.23 -13.33
C ASP P 185 -20.54 -69.87 -11.95
N SER P 186 -19.41 -69.90 -11.23
CA SER P 186 -19.39 -70.52 -9.92
C SER P 186 -18.20 -69.98 -9.12
N ILE P 187 -18.18 -70.34 -7.85
CA ILE P 187 -17.14 -69.92 -6.90
C ILE P 187 -16.33 -71.14 -6.48
N LEU P 188 -15.02 -71.03 -6.55
CA LEU P 188 -14.10 -72.08 -6.14
C LEU P 188 -13.68 -71.81 -4.70
N THR P 189 -14.16 -72.64 -3.77
CA THR P 189 -13.85 -72.49 -2.35
C THR P 189 -12.85 -73.52 -1.85
N HIS P 190 -12.98 -74.78 -2.28
CA HIS P 190 -12.07 -75.84 -1.86
C HIS P 190 -11.83 -76.78 -3.03
N ARG P 191 -10.68 -77.44 -3.01
CA ARG P 191 -10.33 -78.37 -4.08
C ARG P 191 -11.31 -79.52 -4.14
N ASN P 192 -11.66 -80.09 -2.99
CA ASN P 192 -12.60 -81.21 -2.93
C ASN P 192 -13.97 -80.78 -3.43
N LEU Q 1 9.02 -60.49 -17.86
CA LEU Q 1 9.60 -61.82 -17.80
C LEU Q 1 9.03 -62.72 -18.89
N VAL Q 2 9.72 -62.82 -20.00
CA VAL Q 2 9.25 -63.65 -21.12
C VAL Q 2 9.31 -65.12 -20.70
N PRO Q 3 8.26 -65.92 -20.92
CA PRO Q 3 8.34 -67.34 -20.55
C PRO Q 3 9.13 -68.14 -21.56
N MET Q 4 9.67 -69.26 -21.09
CA MET Q 4 10.47 -70.17 -21.90
C MET Q 4 9.65 -71.40 -22.26
N VAL Q 5 9.73 -71.79 -23.53
CA VAL Q 5 9.00 -72.94 -24.06
C VAL Q 5 10.00 -73.96 -24.59
N ILE Q 6 9.61 -75.24 -24.56
CA ILE Q 6 10.43 -76.35 -25.00
C ILE Q 6 9.88 -76.86 -26.33
N GLU Q 7 10.75 -76.97 -27.33
CA GLU Q 7 10.41 -77.47 -28.66
C GLU Q 7 10.97 -78.88 -28.80
N GLN Q 8 10.10 -79.83 -29.13
CA GLN Q 8 10.48 -81.23 -29.31
C GLN Q 8 10.84 -81.49 -30.77
N THR Q 9 12.12 -81.74 -31.02
CA THR Q 9 12.63 -82.05 -32.35
C THR Q 9 13.33 -83.41 -32.32
N SER Q 10 13.61 -83.93 -33.52
CA SER Q 10 14.25 -85.25 -33.65
C SER Q 10 15.55 -85.33 -32.86
N ARG Q 11 16.36 -84.27 -32.88
CA ARG Q 11 17.62 -84.29 -32.16
C ARG Q 11 17.39 -84.39 -30.65
N GLY Q 12 16.39 -83.69 -30.15
CA GLY Q 12 16.07 -83.72 -28.73
C GLY Q 12 15.38 -82.43 -28.34
N GLU Q 13 15.08 -82.34 -27.05
CA GLU Q 13 14.42 -81.15 -26.52
C GLU Q 13 15.32 -79.93 -26.65
N ARG Q 14 14.72 -78.80 -27.01
CA ARG Q 14 15.41 -77.53 -27.18
C ARG Q 14 14.66 -76.49 -26.37
N SER Q 15 15.31 -75.37 -26.07
CA SER Q 15 14.73 -74.30 -25.27
C SER Q 15 14.73 -73.00 -26.06
N PHE Q 16 13.58 -72.33 -26.05
CA PHE Q 16 13.40 -71.05 -26.75
C PHE Q 16 12.49 -70.15 -25.94
N ASP Q 17 12.64 -68.85 -26.16
CA ASP Q 17 11.72 -67.91 -25.55
C ASP Q 17 10.44 -67.90 -26.37
N ILE Q 18 9.37 -67.36 -25.78
CA ILE Q 18 8.08 -67.35 -26.46
C ILE Q 18 8.17 -66.62 -27.80
N TYR Q 19 8.85 -65.48 -27.84
CA TYR Q 19 8.96 -64.73 -29.09
C TYR Q 19 9.83 -65.48 -30.10
N SER Q 20 10.94 -66.06 -29.65
CA SER Q 20 11.82 -66.78 -30.57
C SER Q 20 11.14 -68.01 -31.14
N ARG Q 21 10.35 -68.71 -30.32
CA ARG Q 21 9.66 -69.91 -30.79
C ARG Q 21 8.72 -69.57 -31.93
N LEU Q 22 7.97 -68.46 -31.80
CA LEU Q 22 7.07 -68.06 -32.86
C LEU Q 22 7.81 -67.55 -34.09
N LEU Q 23 9.05 -67.10 -33.93
CA LEU Q 23 9.82 -66.62 -35.07
C LEU Q 23 10.13 -67.77 -36.02
N LYS Q 24 10.22 -68.99 -35.51
CA LYS Q 24 10.46 -70.14 -36.38
C LYS Q 24 9.26 -70.39 -37.28
N GLU Q 25 8.06 -70.02 -36.82
CA GLU Q 25 6.84 -70.16 -37.59
C GLU Q 25 6.60 -68.98 -38.52
N ARG Q 26 7.59 -68.12 -38.72
CA ARG Q 26 7.48 -66.95 -39.60
C ARG Q 26 6.46 -65.95 -39.07
N VAL Q 27 6.51 -65.69 -37.76
CA VAL Q 27 5.62 -64.75 -37.10
C VAL Q 27 6.47 -63.67 -36.44
N ILE Q 28 6.25 -62.42 -36.85
CA ILE Q 28 6.96 -61.26 -36.33
C ILE Q 28 5.97 -60.39 -35.58
N PHE Q 29 6.42 -59.78 -34.48
CA PHE Q 29 5.58 -58.93 -33.64
C PHE Q 29 6.04 -57.48 -33.75
N LEU Q 30 5.10 -56.60 -34.07
CA LEU Q 30 5.33 -55.15 -34.17
C LEU Q 30 4.51 -54.54 -33.04
N THR Q 31 5.12 -54.42 -31.87
CA THR Q 31 4.47 -53.88 -30.68
C THR Q 31 5.13 -52.59 -30.24
N GLY Q 32 4.30 -51.65 -29.79
CA GLY Q 32 4.79 -50.37 -29.29
C GLY Q 32 5.04 -49.36 -30.39
N GLN Q 33 5.54 -48.19 -29.95
CA GLN Q 33 5.84 -47.11 -30.86
C GLN Q 33 6.87 -47.53 -31.90
N VAL Q 34 6.69 -47.04 -33.12
CA VAL Q 34 7.58 -47.35 -34.23
C VAL Q 34 8.79 -46.42 -34.14
N GLU Q 35 9.94 -46.98 -33.78
CA GLU Q 35 11.20 -46.25 -33.66
C GLU Q 35 12.24 -46.95 -34.54
N ASP Q 36 13.41 -46.30 -34.64
CA ASP Q 36 14.49 -46.84 -35.47
C ASP Q 36 14.99 -48.19 -34.96
N HIS Q 37 15.19 -48.32 -33.65
CA HIS Q 37 15.74 -49.55 -33.10
C HIS Q 37 14.81 -50.74 -33.28
N MET Q 38 13.52 -50.57 -32.96
CA MET Q 38 12.59 -51.70 -33.11
C MET Q 38 12.39 -52.03 -34.59
N ALA Q 39 12.34 -51.02 -35.45
CA ALA Q 39 12.15 -51.26 -36.87
C ALA Q 39 13.36 -51.99 -37.46
N ASN Q 40 14.56 -51.63 -37.00
CA ASN Q 40 15.76 -52.31 -37.49
C ASN Q 40 15.73 -53.78 -37.11
N LEU Q 41 15.25 -54.09 -35.91
CA LEU Q 41 15.14 -55.47 -35.46
C LEU Q 41 14.18 -56.26 -36.35
N ILE Q 42 13.05 -55.64 -36.69
CA ILE Q 42 12.06 -56.31 -37.54
C ILE Q 42 12.65 -56.55 -38.92
N VAL Q 43 13.43 -55.59 -39.42
CA VAL Q 43 14.05 -55.73 -40.74
C VAL Q 43 14.96 -56.95 -40.76
N ALA Q 44 15.74 -57.14 -39.69
CA ALA Q 44 16.63 -58.28 -39.61
C ALA Q 44 15.85 -59.58 -39.63
N GLN Q 45 14.72 -59.63 -38.93
CA GLN Q 45 13.91 -60.84 -38.91
C GLN Q 45 13.35 -61.15 -40.28
N MET Q 46 12.91 -60.12 -41.02
CA MET Q 46 12.36 -60.35 -42.35
C MET Q 46 13.41 -60.89 -43.30
N LEU Q 47 14.65 -60.44 -43.17
CA LEU Q 47 15.70 -60.92 -44.05
C LEU Q 47 16.11 -62.35 -43.67
N PHE Q 48 16.13 -62.64 -42.37
CA PHE Q 48 16.48 -63.99 -41.92
C PHE Q 48 15.47 -65.02 -42.43
N LEU Q 49 14.19 -64.70 -42.35
CA LEU Q 49 13.17 -65.62 -42.83
C LEU Q 49 13.25 -65.81 -44.34
N GLU Q 50 13.61 -64.77 -45.07
CA GLU Q 50 13.73 -64.88 -46.53
C GLU Q 50 14.80 -65.89 -46.91
N ALA Q 51 15.95 -65.84 -46.23
CA ALA Q 51 17.02 -66.78 -46.53
C ALA Q 51 16.64 -68.20 -46.15
N GLU Q 52 15.97 -68.36 -45.00
CA GLU Q 52 15.54 -69.69 -44.56
C GLU Q 52 14.61 -70.32 -45.58
N ASN Q 53 13.58 -69.59 -45.99
CA ASN Q 53 12.61 -70.09 -46.96
C ASN Q 53 12.03 -68.88 -47.69
N PRO Q 54 12.51 -68.54 -48.89
CA PRO Q 54 11.98 -67.39 -49.62
C PRO Q 54 10.64 -67.64 -50.30
N GLU Q 55 10.00 -68.79 -50.08
CA GLU Q 55 8.73 -69.12 -50.71
C GLU Q 55 7.57 -69.20 -49.74
N LYS Q 56 7.83 -69.35 -48.43
CA LYS Q 56 6.76 -69.43 -47.44
C LYS Q 56 6.35 -68.04 -47.01
N ASP Q 57 5.04 -67.85 -46.83
CA ASP Q 57 4.51 -66.57 -46.41
C ASP Q 57 4.93 -66.22 -45.00
N ILE Q 58 5.12 -64.93 -44.76
CA ILE Q 58 5.50 -64.39 -43.46
C ILE Q 58 4.27 -63.74 -42.85
N TYR Q 59 4.18 -63.77 -41.53
CA TYR Q 59 3.06 -63.20 -40.78
C TYR Q 59 3.59 -62.10 -39.88
N LEU Q 60 2.93 -60.95 -39.93
CA LEU Q 60 3.30 -59.78 -39.14
C LEU Q 60 2.08 -59.32 -38.34
N TYR Q 61 2.17 -59.41 -37.02
CA TYR Q 61 1.10 -58.98 -36.13
C TYR Q 61 1.42 -57.55 -35.71
N ILE Q 62 0.41 -56.67 -35.79
CA ILE Q 62 0.61 -55.25 -35.52
C ILE Q 62 -0.35 -54.78 -34.44
N ASN Q 63 0.22 -54.26 -33.35
CA ASN Q 63 -0.51 -53.63 -32.25
C ASN Q 63 0.42 -52.49 -31.85
N SER Q 64 0.20 -51.31 -32.43
CA SER Q 64 1.07 -50.18 -32.19
C SER Q 64 0.31 -48.87 -32.32
N PRO Q 65 0.64 -47.85 -31.54
CA PRO Q 65 -0.02 -46.54 -31.68
C PRO Q 65 0.64 -45.62 -32.69
N GLY Q 66 1.57 -46.12 -33.49
CA GLY Q 66 2.26 -45.32 -34.50
C GLY Q 66 3.60 -44.82 -33.98
N GLY Q 67 4.26 -44.04 -34.83
CA GLY Q 67 5.54 -43.49 -34.45
C GLY Q 67 6.22 -42.77 -35.60
N VAL Q 68 7.55 -42.88 -35.63
CA VAL Q 68 8.34 -42.22 -36.66
C VAL Q 68 7.99 -42.80 -38.03
N ILE Q 69 8.08 -41.95 -39.05
CA ILE Q 69 7.78 -42.35 -40.42
C ILE Q 69 8.99 -43.01 -41.07
N THR Q 70 10.18 -42.44 -40.87
CA THR Q 70 11.39 -43.00 -41.47
C THR Q 70 11.61 -44.44 -41.04
N ALA Q 71 11.38 -44.75 -39.76
CA ALA Q 71 11.53 -46.12 -39.29
C ALA Q 71 10.54 -47.04 -39.99
N GLY Q 72 9.28 -46.61 -40.10
CA GLY Q 72 8.28 -47.43 -40.77
C GLY Q 72 8.59 -47.65 -42.23
N MET Q 73 9.22 -46.66 -42.88
CA MET Q 73 9.56 -46.79 -44.30
C MET Q 73 10.54 -47.94 -44.51
N SER Q 74 11.43 -48.17 -43.55
CA SER Q 74 12.37 -49.28 -43.64
C SER Q 74 11.61 -50.60 -43.70
N ILE Q 75 10.58 -50.74 -42.88
CA ILE Q 75 9.79 -51.95 -42.85
C ILE Q 75 8.98 -52.09 -44.14
N TYR Q 76 8.38 -51.00 -44.60
CA TYR Q 76 7.58 -51.03 -45.82
C TYR Q 76 8.45 -51.40 -47.03
N ASP Q 77 9.59 -50.72 -47.19
CA ASP Q 77 10.46 -51.00 -48.31
C ASP Q 77 11.00 -52.43 -48.25
N THR Q 78 11.26 -52.93 -47.04
CA THR Q 78 11.76 -54.29 -46.89
C THR Q 78 10.71 -55.32 -47.32
N MET Q 79 9.46 -55.10 -46.91
CA MET Q 79 8.40 -56.05 -47.26
C MET Q 79 8.19 -56.12 -48.76
N GLN Q 80 8.21 -54.97 -49.44
CA GLN Q 80 8.01 -54.95 -50.89
C GLN Q 80 9.24 -55.42 -51.65
N PHE Q 81 10.40 -55.49 -51.00
CA PHE Q 81 11.62 -55.92 -51.68
C PHE Q 81 11.73 -57.44 -51.71
N ILE Q 82 11.53 -58.08 -50.56
CA ILE Q 82 11.65 -59.53 -50.49
C ILE Q 82 10.52 -60.20 -51.27
N LYS Q 83 10.78 -61.46 -51.65
CA LYS Q 83 9.82 -62.26 -52.41
C LYS Q 83 8.66 -62.81 -51.58
N PRO Q 84 8.87 -63.30 -50.34
CA PRO Q 84 7.75 -63.81 -49.55
C PRO Q 84 6.65 -62.78 -49.36
N ASP Q 85 5.41 -63.27 -49.29
CA ASP Q 85 4.25 -62.43 -49.08
C ASP Q 85 4.05 -62.24 -47.59
N VAL Q 86 4.11 -60.98 -47.15
CA VAL Q 86 3.98 -60.64 -45.74
C VAL Q 86 2.51 -60.42 -45.43
N SER Q 87 1.91 -61.37 -44.71
CA SER Q 87 0.52 -61.28 -44.31
C SER Q 87 0.43 -60.45 -43.04
N THR Q 88 -0.26 -59.33 -43.11
CA THR Q 88 -0.40 -58.41 -41.99
C THR Q 88 -1.71 -58.66 -41.25
N ILE Q 89 -1.62 -58.67 -39.92
CA ILE Q 89 -2.77 -58.85 -39.03
C ILE Q 89 -2.67 -57.77 -37.96
N CYS Q 90 -3.80 -57.13 -37.67
CA CYS Q 90 -3.84 -56.07 -36.66
C CYS Q 90 -4.59 -56.57 -35.44
N MET Q 91 -4.04 -56.29 -34.27
CA MET Q 91 -4.60 -56.68 -32.99
C MET Q 91 -4.69 -55.46 -32.10
N GLY Q 92 -5.88 -55.17 -31.60
CA GLY Q 92 -6.06 -54.02 -30.73
C GLY Q 92 -6.26 -52.72 -31.47
N GLN Q 93 -5.19 -52.19 -32.08
CA GLN Q 93 -5.30 -50.93 -32.80
C GLN Q 93 -4.16 -50.81 -33.80
N ALA Q 94 -4.41 -49.97 -34.81
CA ALA Q 94 -3.44 -49.69 -35.86
C ALA Q 94 -3.53 -48.20 -36.15
N ALA Q 95 -2.46 -47.47 -35.87
CA ALA Q 95 -2.41 -46.04 -36.07
C ALA Q 95 -1.88 -45.73 -37.47
N SER Q 96 -1.54 -44.45 -37.70
CA SER Q 96 -1.01 -43.97 -38.98
C SER Q 96 0.03 -44.89 -39.59
N MET Q 97 1.09 -45.18 -38.84
CA MET Q 97 2.12 -46.08 -39.36
C MET Q 97 1.67 -47.53 -39.29
N GLY Q 98 0.98 -47.91 -38.22
CA GLY Q 98 0.49 -49.27 -38.12
C GLY Q 98 -0.47 -49.62 -39.25
N ALA Q 99 -1.34 -48.68 -39.60
CA ALA Q 99 -2.28 -48.90 -40.68
C ALA Q 99 -1.57 -48.90 -42.02
N PHE Q 100 -0.57 -48.03 -42.18
CA PHE Q 100 0.19 -47.98 -43.41
C PHE Q 100 0.91 -49.30 -43.66
N LEU Q 101 1.49 -49.88 -42.60
CA LEU Q 101 2.14 -51.17 -42.74
C LEU Q 101 1.11 -52.27 -42.90
N LEU Q 102 -0.03 -52.14 -42.24
CA LEU Q 102 -1.11 -53.12 -42.36
C LEU Q 102 -1.59 -53.23 -43.80
N THR Q 103 -1.95 -52.09 -44.40
CA THR Q 103 -2.42 -52.11 -45.79
C THR Q 103 -1.29 -52.43 -46.77
N ALA Q 104 -0.03 -52.35 -46.32
CA ALA Q 104 1.10 -52.65 -47.20
C ALA Q 104 1.32 -54.14 -47.39
N GLY Q 105 0.63 -54.99 -46.65
CA GLY Q 105 0.78 -56.42 -46.79
C GLY Q 105 0.35 -56.90 -48.16
N ALA Q 106 0.61 -58.19 -48.40
CA ALA Q 106 0.26 -58.80 -49.68
C ALA Q 106 -1.25 -58.80 -49.89
N LYS Q 107 -1.67 -58.50 -51.11
CA LYS Q 107 -3.08 -58.48 -51.47
C LYS Q 107 -3.72 -59.83 -51.17
N GLY Q 108 -4.87 -59.80 -50.52
CA GLY Q 108 -5.56 -61.00 -50.16
C GLY Q 108 -5.07 -61.68 -48.89
N LYS Q 109 -4.04 -61.11 -48.24
CA LYS Q 109 -3.46 -61.66 -47.03
C LYS Q 109 -3.42 -60.61 -45.92
N ARG Q 110 -4.31 -59.63 -45.99
CA ARG Q 110 -4.43 -58.56 -45.00
C ARG Q 110 -5.69 -58.84 -44.19
N PHE Q 111 -5.52 -59.12 -42.90
CA PHE Q 111 -6.63 -59.46 -42.03
C PHE Q 111 -6.66 -58.53 -40.82
N CYS Q 112 -7.82 -58.53 -40.17
CA CYS Q 112 -8.06 -57.73 -38.99
C CYS Q 112 -8.97 -58.51 -38.05
N LEU Q 113 -8.81 -58.28 -36.77
CA LEU Q 113 -9.65 -58.95 -35.79
C LEU Q 113 -11.00 -58.24 -35.73
N PRO Q 114 -12.05 -58.93 -35.27
CA PRO Q 114 -13.39 -58.30 -35.28
C PRO Q 114 -13.50 -57.02 -34.46
N ASN Q 115 -12.92 -56.97 -33.27
CA ASN Q 115 -13.03 -55.80 -32.41
C ASN Q 115 -11.84 -54.86 -32.51
N SER Q 116 -11.03 -54.98 -33.56
CA SER Q 116 -9.89 -54.09 -33.70
C SER Q 116 -10.36 -52.72 -34.22
N ARG Q 117 -9.43 -51.76 -34.19
CA ARG Q 117 -9.70 -50.41 -34.64
C ARG Q 117 -8.50 -49.91 -35.43
N VAL Q 118 -8.76 -48.95 -36.32
CA VAL Q 118 -7.71 -48.36 -37.15
C VAL Q 118 -7.90 -46.85 -37.17
N MET Q 119 -6.78 -46.13 -37.22
CA MET Q 119 -6.77 -44.67 -37.25
C MET Q 119 -5.73 -44.21 -38.25
N ILE Q 120 -6.15 -43.38 -39.21
CA ILE Q 120 -5.28 -42.83 -40.23
C ILE Q 120 -5.32 -41.31 -40.14
N HIS Q 121 -4.14 -40.70 -40.23
CA HIS Q 121 -4.02 -39.25 -40.15
C HIS Q 121 -2.77 -38.83 -40.91
N GLN Q 122 -2.69 -37.53 -41.20
CA GLN Q 122 -1.55 -37.00 -41.92
C GLN Q 122 -0.34 -36.88 -41.00
N PRO Q 123 0.87 -36.76 -41.57
CA PRO Q 123 2.07 -36.66 -40.74
C PRO Q 123 2.06 -35.48 -39.79
N LEU Q 124 2.82 -35.64 -38.70
CA LEU Q 124 2.99 -34.63 -37.67
C LEU Q 124 4.46 -34.28 -37.57
N GLY Q 125 4.76 -32.98 -37.62
CA GLY Q 125 6.14 -32.52 -37.55
C GLY Q 125 6.21 -31.09 -37.09
N GLY Q 126 7.42 -30.66 -36.75
CA GLY Q 126 7.64 -29.30 -36.31
C GLY Q 126 9.10 -28.94 -36.37
N TYR Q 127 9.36 -27.66 -36.59
CA TYR Q 127 10.73 -27.14 -36.67
C TYR Q 127 10.76 -25.73 -36.10
N GLN Q 128 11.87 -25.40 -35.45
CA GLN Q 128 12.11 -24.09 -34.86
C GLN Q 128 13.41 -23.56 -35.42
N GLY Q 129 13.37 -22.33 -35.95
CA GLY Q 129 14.57 -21.74 -36.51
C GLY Q 129 14.21 -20.58 -37.43
N GLN Q 130 15.16 -20.26 -38.30
CA GLN Q 130 14.98 -19.18 -39.25
C GLN Q 130 13.89 -19.52 -40.26
N ALA Q 131 13.29 -18.45 -40.82
CA ALA Q 131 12.23 -18.61 -41.80
C ALA Q 131 12.67 -19.43 -43.01
N THR Q 132 13.93 -19.30 -43.42
CA THR Q 132 14.43 -20.06 -44.55
C THR Q 132 14.40 -21.55 -44.26
N ASP Q 133 14.92 -21.94 -43.10
CA ASP Q 133 14.93 -23.36 -42.72
C ASP Q 133 13.52 -23.90 -42.57
N ILE Q 134 12.56 -23.06 -42.17
CA ILE Q 134 11.19 -23.51 -42.01
C ILE Q 134 10.60 -23.92 -43.35
N GLU Q 135 10.86 -23.12 -44.39
CA GLU Q 135 10.36 -23.44 -45.72
C GLU Q 135 10.90 -24.78 -46.19
N ILE Q 136 12.16 -25.08 -45.88
CA ILE Q 136 12.78 -26.34 -46.27
C ILE Q 136 12.05 -27.51 -45.60
N HIS Q 137 12.03 -27.51 -44.27
CA HIS Q 137 11.38 -28.59 -43.54
C HIS Q 137 9.89 -28.66 -43.85
N ALA Q 138 9.25 -27.52 -44.11
CA ALA Q 138 7.83 -27.53 -44.44
C ALA Q 138 7.59 -28.24 -45.76
N ARG Q 139 8.40 -27.92 -46.78
CA ARG Q 139 8.27 -28.58 -48.08
C ARG Q 139 8.52 -30.07 -47.95
N GLU Q 140 9.47 -30.46 -47.10
CA GLU Q 140 9.81 -31.87 -46.94
C GLU Q 140 8.65 -32.67 -46.37
N ILE Q 141 8.06 -32.20 -45.26
CA ILE Q 141 6.95 -32.93 -44.65
C ILE Q 141 5.75 -32.97 -45.59
N LEU Q 142 5.58 -31.95 -46.42
CA LEU Q 142 4.48 -31.96 -47.37
C LEU Q 142 4.69 -33.05 -48.42
N LYS Q 143 5.92 -33.22 -48.88
CA LYS Q 143 6.22 -34.27 -49.86
C LYS Q 143 5.96 -35.64 -49.25
N VAL Q 144 6.31 -35.81 -47.97
CA VAL Q 144 6.06 -37.08 -47.28
C VAL Q 144 4.57 -37.35 -47.22
N LYS Q 145 3.78 -36.31 -46.95
CA LYS Q 145 2.32 -36.47 -46.89
C LYS Q 145 1.78 -36.95 -48.24
N GLY Q 146 2.22 -36.32 -49.32
CA GLY Q 146 1.75 -36.73 -50.64
C GLY Q 146 2.24 -38.11 -51.01
N ARG Q 147 3.50 -38.41 -50.69
CA ARG Q 147 4.07 -39.72 -51.00
C ARG Q 147 3.30 -40.82 -50.28
N MET Q 148 3.07 -40.64 -48.98
CA MET Q 148 2.35 -41.65 -48.20
C MET Q 148 0.92 -41.79 -48.69
N ASN Q 149 0.29 -40.69 -49.09
CA ASN Q 149 -1.08 -40.77 -49.58
C ASN Q 149 -1.14 -41.54 -50.90
N GLU Q 150 -0.12 -41.39 -51.74
CA GLU Q 150 -0.09 -42.12 -53.00
C GLU Q 150 -0.03 -43.62 -52.76
N LEU Q 151 0.84 -44.04 -51.84
CA LEU Q 151 0.98 -45.45 -51.52
C LEU Q 151 -0.30 -46.01 -50.93
N MET Q 152 -0.96 -45.25 -50.05
CA MET Q 152 -2.21 -45.70 -49.45
C MET Q 152 -3.28 -45.90 -50.51
N ALA Q 153 -3.32 -45.00 -51.49
CA ALA Q 153 -4.29 -45.13 -52.57
C ALA Q 153 -4.04 -46.37 -53.40
N LEU Q 154 -2.77 -46.77 -53.53
CA LEU Q 154 -2.42 -47.94 -54.31
C LEU Q 154 -2.86 -49.23 -53.64
N HIS Q 155 -2.59 -49.35 -52.33
CA HIS Q 155 -2.96 -50.57 -51.62
C HIS Q 155 -4.46 -50.64 -51.36
N THR Q 156 -5.08 -49.51 -50.98
CA THR Q 156 -6.51 -49.50 -50.71
C THR Q 156 -7.36 -49.41 -51.96
N GLY Q 157 -6.79 -48.96 -53.07
CA GLY Q 157 -7.53 -48.81 -54.30
C GLY Q 157 -8.40 -47.57 -54.37
N GLN Q 158 -8.40 -46.74 -53.32
CA GLN Q 158 -9.18 -45.52 -53.30
C GLN Q 158 -8.47 -44.45 -54.13
N SER Q 159 -9.24 -43.46 -54.55
CA SER Q 159 -8.66 -42.37 -55.32
C SER Q 159 -7.78 -41.51 -54.42
N LEU Q 160 -6.77 -40.87 -55.03
CA LEU Q 160 -5.88 -40.02 -54.26
C LEU Q 160 -6.63 -38.86 -53.62
N GLU Q 161 -7.63 -38.32 -54.32
CA GLU Q 161 -8.41 -37.21 -53.78
C GLU Q 161 -9.17 -37.64 -52.53
N GLN Q 162 -9.73 -38.85 -52.54
CA GLN Q 162 -10.48 -39.33 -51.38
C GLN Q 162 -9.57 -39.52 -50.17
N ILE Q 163 -8.37 -40.08 -50.38
CA ILE Q 163 -7.45 -40.30 -49.28
C ILE Q 163 -7.03 -38.97 -48.66
N GLU Q 164 -6.79 -37.96 -49.49
CA GLU Q 164 -6.37 -36.65 -48.98
C GLU Q 164 -7.43 -36.05 -48.08
N ARG Q 165 -8.70 -36.15 -48.47
CA ARG Q 165 -9.77 -35.58 -47.66
C ARG Q 165 -9.89 -36.30 -46.31
N ASP Q 166 -9.80 -37.63 -46.32
CA ASP Q 166 -9.92 -38.39 -45.09
C ASP Q 166 -8.69 -38.22 -44.18
N THR Q 167 -7.49 -38.18 -44.77
CA THR Q 167 -6.28 -38.05 -43.99
C THR Q 167 -6.14 -36.69 -43.30
N GLU Q 168 -6.80 -35.65 -43.81
CA GLU Q 168 -6.75 -34.29 -43.26
C GLU Q 168 -6.83 -34.27 -41.74
N ARG Q 169 -7.76 -35.05 -41.18
CA ARG Q 169 -7.94 -35.16 -39.75
C ARG Q 169 -8.02 -36.63 -39.39
N ASP Q 170 -7.84 -36.91 -38.10
CA ASP Q 170 -7.88 -38.28 -37.61
C ASP Q 170 -9.23 -38.93 -37.95
N ARG Q 171 -9.16 -40.04 -38.66
CA ARG Q 171 -10.34 -40.81 -39.07
C ARG Q 171 -10.22 -42.19 -38.47
N PHE Q 172 -11.23 -42.60 -37.72
CA PHE Q 172 -11.26 -43.92 -37.09
C PHE Q 172 -12.09 -44.86 -37.93
N LEU Q 173 -11.69 -46.13 -37.94
CA LEU Q 173 -12.38 -47.15 -38.70
C LEU Q 173 -12.36 -48.47 -37.95
N SER Q 174 -13.49 -49.16 -37.97
CA SER Q 174 -13.61 -50.47 -37.36
C SER Q 174 -13.19 -51.53 -38.38
N ALA Q 175 -13.15 -52.79 -37.93
CA ALA Q 175 -12.78 -53.87 -38.83
C ALA Q 175 -13.68 -53.96 -40.06
N PRO Q 176 -15.02 -53.94 -39.94
CA PRO Q 176 -15.85 -53.98 -41.15
C PRO Q 176 -15.65 -52.77 -42.04
N GLU Q 177 -15.51 -51.57 -41.44
CA GLU Q 177 -15.31 -50.37 -42.23
C GLU Q 177 -13.99 -50.43 -43.00
N ALA Q 178 -12.95 -51.00 -42.38
CA ALA Q 178 -11.67 -51.13 -43.04
C ALA Q 178 -11.76 -52.00 -44.28
N VAL Q 179 -12.58 -53.05 -44.22
CA VAL Q 179 -12.76 -53.94 -45.36
C VAL Q 179 -13.37 -53.18 -46.53
N GLU Q 180 -14.44 -52.43 -46.28
CA GLU Q 180 -15.09 -51.66 -47.33
C GLU Q 180 -14.17 -50.58 -47.87
N TYR Q 181 -13.27 -50.06 -47.04
CA TYR Q 181 -12.31 -49.04 -47.45
C TYR Q 181 -11.11 -49.60 -48.18
N GLY Q 182 -11.03 -50.92 -48.37
CA GLY Q 182 -9.90 -51.55 -49.02
C GLY Q 182 -8.66 -51.62 -48.18
N LEU Q 183 -8.72 -51.22 -46.91
CA LEU Q 183 -7.56 -51.25 -46.05
C LEU Q 183 -7.15 -52.68 -45.70
N VAL Q 184 -8.13 -53.57 -45.55
CA VAL Q 184 -7.89 -54.98 -45.25
C VAL Q 184 -8.76 -55.81 -46.19
N ASP Q 185 -8.66 -57.13 -46.05
CA ASP Q 185 -9.37 -58.06 -46.91
C ASP Q 185 -10.48 -58.83 -46.20
N SER Q 186 -10.18 -59.50 -45.09
CA SER Q 186 -11.16 -60.30 -44.37
C SER Q 186 -10.99 -60.13 -42.87
N ILE Q 187 -12.00 -60.61 -42.14
CA ILE Q 187 -12.04 -60.55 -40.68
C ILE Q 187 -11.92 -61.97 -40.15
N LEU Q 188 -10.97 -62.18 -39.24
CA LEU Q 188 -10.73 -63.50 -38.64
C LEU Q 188 -11.60 -63.66 -37.40
N THR Q 189 -12.89 -63.90 -37.63
CA THR Q 189 -13.83 -64.07 -36.51
C THR Q 189 -13.53 -65.33 -35.72
N HIS Q 190 -13.35 -66.45 -36.41
CA HIS Q 190 -13.07 -67.73 -35.76
C HIS Q 190 -12.14 -68.53 -36.64
N ARG Q 191 -11.46 -69.50 -36.01
CA ARG Q 191 -10.52 -70.36 -36.74
C ARG Q 191 -11.23 -71.18 -37.81
N ASN Q 192 -12.37 -71.77 -37.45
CA ASN Q 192 -13.15 -72.61 -38.37
C ASN Q 192 -12.32 -73.76 -38.91
N LEU R 1 13.46 -57.64 -26.48
CA LEU R 1 14.66 -58.46 -26.47
C LEU R 1 14.94 -59.03 -27.86
N VAL R 2 16.21 -59.19 -28.19
CA VAL R 2 16.58 -59.71 -29.51
C VAL R 2 16.17 -61.19 -29.60
N PRO R 3 15.55 -61.64 -30.68
CA PRO R 3 15.17 -63.06 -30.77
C PRO R 3 16.32 -63.94 -31.25
N MET R 4 16.48 -65.08 -30.60
CA MET R 4 17.51 -66.04 -30.95
C MET R 4 17.10 -66.83 -32.18
N VAL R 5 18.11 -67.24 -32.96
CA VAL R 5 17.90 -68.01 -34.19
C VAL R 5 18.91 -69.15 -34.24
N ILE R 6 18.43 -70.34 -34.53
CA ILE R 6 19.27 -71.53 -34.60
C ILE R 6 19.89 -71.64 -35.99
N GLU R 7 21.21 -71.83 -36.03
CA GLU R 7 21.95 -72.00 -37.27
C GLU R 7 22.41 -73.46 -37.30
N GLN R 8 22.05 -74.16 -38.37
CA GLN R 8 22.39 -75.57 -38.52
C GLN R 8 23.67 -75.72 -39.36
N THR R 9 24.67 -76.36 -38.78
CA THR R 9 25.94 -76.64 -39.44
C THR R 9 26.25 -78.12 -39.29
N SER R 10 27.28 -78.57 -40.00
CA SER R 10 27.65 -79.98 -39.98
C SER R 10 27.96 -80.48 -38.56
N ARG R 11 28.65 -79.66 -37.77
CA ARG R 11 28.99 -80.08 -36.41
C ARG R 11 27.75 -80.24 -35.53
N GLY R 12 26.78 -79.35 -35.69
CA GLY R 12 25.56 -79.41 -34.90
C GLY R 12 24.82 -78.09 -34.96
N GLU R 13 23.87 -77.95 -34.03
CA GLU R 13 23.06 -76.74 -33.93
C GLU R 13 23.76 -75.67 -33.12
N ARG R 14 23.63 -74.42 -33.57
CA ARG R 14 24.22 -73.27 -32.90
C ARG R 14 23.18 -72.16 -32.80
N SER R 15 22.97 -71.65 -31.58
CA SER R 15 22.01 -70.59 -31.33
C SER R 15 22.73 -69.25 -31.32
N PHE R 16 22.26 -68.33 -32.16
CA PHE R 16 22.83 -66.99 -32.28
C PHE R 16 21.71 -65.97 -32.28
N ASP R 17 22.03 -64.77 -31.80
CA ASP R 17 21.04 -63.71 -31.82
C ASP R 17 20.90 -63.20 -33.26
N ILE R 18 19.78 -62.52 -33.51
CA ILE R 18 19.48 -62.03 -34.87
C ILE R 18 20.61 -61.15 -35.40
N TYR R 19 21.24 -60.34 -34.53
CA TYR R 19 22.31 -59.48 -34.98
C TYR R 19 23.58 -60.26 -35.26
N SER R 20 23.93 -61.20 -34.38
CA SER R 20 25.14 -62.00 -34.59
C SER R 20 25.00 -62.91 -35.80
N ARG R 21 23.80 -63.46 -36.01
CA ARG R 21 23.57 -64.33 -37.16
C ARG R 21 23.84 -63.59 -38.47
N LEU R 22 23.38 -62.35 -38.56
CA LEU R 22 23.61 -61.57 -39.77
C LEU R 22 25.07 -61.15 -39.88
N LEU R 23 25.78 -61.03 -38.75
CA LEU R 23 27.18 -60.66 -38.80
C LEU R 23 27.98 -61.73 -39.53
N LYS R 24 27.60 -63.00 -39.35
CA LYS R 24 28.28 -64.08 -40.05
C LYS R 24 28.13 -63.92 -41.56
N GLU R 25 27.06 -63.30 -42.01
CA GLU R 25 26.81 -63.04 -43.42
C GLU R 25 27.41 -61.72 -43.89
N ARG R 26 28.32 -61.14 -43.11
CA ARG R 26 28.99 -59.89 -43.46
C ARG R 26 28.00 -58.74 -43.59
N VAL R 27 27.11 -58.61 -42.61
CA VAL R 27 26.10 -57.56 -42.56
C VAL R 27 26.24 -56.84 -41.23
N ILE R 28 26.51 -55.53 -41.30
CA ILE R 28 26.68 -54.69 -40.12
C ILE R 28 25.56 -53.66 -40.10
N PHE R 29 24.96 -53.47 -38.92
CA PHE R 29 23.88 -52.51 -38.74
C PHE R 29 24.40 -51.24 -38.09
N LEU R 30 23.97 -50.10 -38.63
CA LEU R 30 24.32 -48.77 -38.13
C LEU R 30 22.99 -48.10 -37.80
N THR R 31 22.58 -48.22 -36.54
CA THR R 31 21.31 -47.67 -36.08
C THR R 31 21.52 -46.63 -34.99
N GLY R 32 20.65 -45.62 -34.96
CA GLY R 32 20.70 -44.58 -33.97
C GLY R 32 21.77 -43.54 -34.25
N GLN R 33 21.85 -42.58 -33.34
CA GLN R 33 22.83 -41.51 -33.46
C GLN R 33 24.24 -42.08 -33.43
N VAL R 34 25.15 -41.38 -34.10
CA VAL R 34 26.54 -41.79 -34.20
C VAL R 34 27.30 -41.22 -33.00
N GLU R 35 27.78 -42.11 -32.14
CA GLU R 35 28.56 -41.77 -30.95
C GLU R 35 29.89 -42.52 -31.02
N ASP R 36 30.69 -42.39 -29.97
CA ASP R 36 32.00 -43.04 -29.95
C ASP R 36 31.91 -44.53 -29.66
N HIS R 37 30.98 -44.94 -28.78
CA HIS R 37 30.89 -46.35 -28.43
C HIS R 37 30.35 -47.19 -29.58
N MET R 38 29.21 -46.79 -30.16
CA MET R 38 28.65 -47.54 -31.28
C MET R 38 29.61 -47.55 -32.46
N ALA R 39 30.30 -46.43 -32.70
CA ALA R 39 31.24 -46.36 -33.81
C ALA R 39 32.39 -47.33 -33.60
N ASN R 40 32.92 -47.38 -32.37
CA ASN R 40 34.02 -48.29 -32.08
C ASN R 40 33.59 -49.73 -32.26
N LEU R 41 32.33 -50.03 -31.94
CA LEU R 41 31.82 -51.38 -32.12
C LEU R 41 31.78 -51.76 -33.60
N ILE R 42 31.34 -50.83 -34.45
CA ILE R 42 31.28 -51.09 -35.89
C ILE R 42 32.69 -51.31 -36.43
N VAL R 43 33.66 -50.58 -35.89
CA VAL R 43 35.04 -50.72 -36.33
C VAL R 43 35.54 -52.14 -36.04
N ALA R 44 35.21 -52.64 -34.86
CA ALA R 44 35.63 -54.00 -34.48
C ALA R 44 35.05 -55.03 -35.44
N GLN R 45 33.77 -54.87 -35.79
CA GLN R 45 33.13 -55.82 -36.71
C GLN R 45 33.80 -55.80 -38.08
N MET R 46 34.14 -54.62 -38.58
CA MET R 46 34.78 -54.51 -39.89
C MET R 46 36.13 -55.20 -39.89
N LEU R 47 36.93 -55.00 -38.85
CA LEU R 47 38.23 -55.64 -38.78
C LEU R 47 38.10 -57.15 -38.69
N PHE R 48 37.14 -57.63 -37.91
CA PHE R 48 36.95 -59.08 -37.76
C PHE R 48 36.57 -59.72 -39.09
N LEU R 49 35.67 -59.10 -39.84
CA LEU R 49 35.25 -59.65 -41.13
C LEU R 49 36.42 -59.69 -42.10
N GLU R 50 37.28 -58.67 -42.06
CA GLU R 50 38.44 -58.63 -42.94
C GLU R 50 39.36 -59.82 -42.70
N ALA R 51 39.59 -60.15 -41.43
CA ALA R 51 40.52 -61.23 -41.10
C ALA R 51 40.01 -62.59 -41.59
N GLU R 52 38.72 -62.88 -41.37
CA GLU R 52 38.21 -64.18 -41.79
C GLU R 52 38.18 -64.31 -43.31
N ASN R 53 37.82 -63.23 -44.01
CA ASN R 53 37.77 -63.25 -45.48
C ASN R 53 38.03 -61.83 -45.97
N PRO R 54 39.24 -61.52 -46.45
CA PRO R 54 39.52 -60.17 -46.97
C PRO R 54 39.18 -59.94 -48.42
N GLU R 55 38.53 -60.90 -49.09
CA GLU R 55 38.18 -60.79 -50.51
C GLU R 55 36.69 -60.59 -50.77
N LYS R 56 35.83 -60.85 -49.80
CA LYS R 56 34.40 -60.68 -50.01
C LYS R 56 34.02 -59.21 -49.85
N ASP R 57 32.72 -58.93 -49.97
CA ASP R 57 32.18 -57.58 -49.86
C ASP R 57 31.31 -57.48 -48.61
N ILE R 58 31.64 -56.51 -47.75
CA ILE R 58 30.88 -56.29 -46.53
C ILE R 58 29.67 -55.42 -46.85
N TYR R 59 28.59 -55.62 -46.10
CA TYR R 59 27.35 -54.87 -46.27
C TYR R 59 27.09 -54.08 -45.01
N LEU R 60 26.82 -52.78 -45.17
CA LEU R 60 26.56 -51.87 -44.06
C LEU R 60 25.21 -51.21 -44.26
N TYR R 61 24.26 -51.51 -43.38
CA TYR R 61 22.93 -50.91 -43.43
C TYR R 61 22.96 -49.68 -42.54
N ILE R 62 22.34 -48.60 -43.01
CA ILE R 62 22.38 -47.32 -42.32
C ILE R 62 20.96 -46.76 -42.12
N ASN R 63 20.63 -46.48 -40.88
CA ASN R 63 19.37 -45.83 -40.49
C ASN R 63 19.74 -45.01 -39.26
N SER R 64 20.06 -43.74 -39.47
CA SER R 64 20.49 -42.90 -38.36
C SER R 64 20.19 -41.44 -38.63
N PRO R 65 19.89 -40.64 -37.60
CA PRO R 65 19.67 -39.21 -37.81
C PRO R 65 20.94 -38.37 -37.74
N GLY R 66 22.11 -39.00 -37.78
CA GLY R 66 23.38 -38.32 -37.70
C GLY R 66 23.92 -38.31 -36.28
N GLY R 67 25.08 -37.68 -36.13
CA GLY R 67 25.70 -37.60 -34.83
C GLY R 67 27.05 -36.93 -34.81
N VAL R 68 27.95 -37.43 -33.97
CA VAL R 68 29.28 -36.86 -33.85
C VAL R 68 30.05 -37.09 -35.16
N ILE R 69 30.98 -36.18 -35.44
CA ILE R 69 31.77 -36.27 -36.66
C ILE R 69 32.98 -37.17 -36.45
N THR R 70 33.77 -36.90 -35.40
CA THR R 70 34.96 -37.69 -35.09
C THR R 70 34.67 -39.17 -35.09
N ALA R 71 33.54 -39.58 -34.49
CA ALA R 71 33.16 -40.98 -34.49
C ALA R 71 32.96 -41.49 -35.91
N GLY R 72 32.27 -40.70 -36.73
CA GLY R 72 32.03 -41.10 -38.11
C GLY R 72 33.30 -41.23 -38.92
N MET R 73 34.29 -40.39 -38.64
CA MET R 73 35.55 -40.48 -39.39
C MET R 73 36.26 -41.80 -39.12
N SER R 74 36.15 -42.32 -37.90
CA SER R 74 36.74 -43.62 -37.59
C SER R 74 36.15 -44.69 -38.49
N ILE R 75 34.84 -44.66 -38.68
CA ILE R 75 34.17 -45.62 -39.55
C ILE R 75 34.59 -45.40 -41.00
N TYR R 76 34.65 -44.14 -41.43
CA TYR R 76 35.03 -43.81 -42.79
C TYR R 76 36.48 -44.21 -43.07
N ASP R 77 37.39 -43.88 -42.16
CA ASP R 77 38.81 -44.17 -42.37
C ASP R 77 39.07 -45.67 -42.44
N THR R 78 38.47 -46.45 -41.55
CA THR R 78 38.72 -47.89 -41.56
C THR R 78 38.11 -48.54 -42.80
N MET R 79 36.97 -48.04 -43.27
CA MET R 79 36.34 -48.61 -44.46
C MET R 79 37.27 -48.50 -45.66
N GLN R 80 37.89 -47.34 -45.84
CA GLN R 80 38.82 -47.15 -46.94
C GLN R 80 40.12 -47.90 -46.71
N PHE R 81 40.56 -48.00 -45.45
CA PHE R 81 41.81 -48.68 -45.14
C PHE R 81 41.74 -50.16 -45.46
N ILE R 82 40.66 -50.83 -45.07
CA ILE R 82 40.55 -52.26 -45.31
C ILE R 82 40.31 -52.53 -46.79
N LYS R 83 40.89 -53.64 -47.26
CA LYS R 83 40.79 -54.09 -48.64
C LYS R 83 39.38 -54.48 -49.08
N PRO R 84 38.56 -55.14 -48.26
CA PRO R 84 37.22 -55.50 -48.73
C PRO R 84 36.35 -54.29 -49.00
N ASP R 85 35.57 -54.38 -50.08
CA ASP R 85 34.65 -53.31 -50.42
C ASP R 85 33.47 -53.34 -49.48
N VAL R 86 32.98 -52.16 -49.12
CA VAL R 86 31.86 -52.00 -48.20
C VAL R 86 30.68 -51.46 -48.98
N SER R 87 29.62 -52.26 -49.08
CA SER R 87 28.41 -51.87 -49.79
C SER R 87 27.48 -51.21 -48.77
N THR R 88 27.22 -49.93 -48.96
CA THR R 88 26.37 -49.17 -48.06
C THR R 88 24.94 -49.13 -48.58
N ILE R 89 23.99 -49.32 -47.65
CA ILE R 89 22.58 -49.30 -47.95
C ILE R 89 21.90 -48.45 -46.89
N CYS R 90 21.03 -47.54 -47.31
CA CYS R 90 20.32 -46.64 -46.41
C CYS R 90 18.87 -47.07 -46.32
N MET R 91 18.38 -47.19 -45.09
CA MET R 91 17.01 -47.59 -44.81
C MET R 91 16.40 -46.54 -43.88
N GLY R 92 15.24 -46.03 -44.27
CA GLY R 92 14.57 -45.03 -43.47
C GLY R 92 15.10 -43.62 -43.66
N GLN R 93 16.31 -43.34 -43.18
CA GLN R 93 16.85 -42.01 -43.33
C GLN R 93 18.37 -42.03 -43.18
N ALA R 94 18.99 -40.97 -43.68
CA ALA R 94 20.44 -40.80 -43.60
C ALA R 94 20.74 -39.31 -43.50
N ALA R 95 21.33 -38.90 -42.38
CA ALA R 95 21.69 -37.51 -42.13
C ALA R 95 23.11 -37.28 -42.63
N SER R 96 23.69 -36.12 -42.26
CA SER R 96 25.04 -35.73 -42.66
C SER R 96 26.05 -36.87 -42.52
N MET R 97 26.22 -37.41 -41.31
CA MET R 97 27.16 -38.50 -41.13
C MET R 97 26.64 -39.78 -41.76
N GLY R 98 25.33 -40.03 -41.65
CA GLY R 98 24.75 -41.20 -42.28
C GLY R 98 24.93 -41.17 -43.79
N ALA R 99 24.78 -39.98 -44.38
CA ALA R 99 24.95 -39.79 -45.81
C ALA R 99 26.42 -39.81 -46.19
N PHE R 100 27.26 -39.23 -45.33
CA PHE R 100 28.69 -39.21 -45.62
C PHE R 100 29.25 -40.62 -45.63
N LEU R 101 28.78 -41.47 -44.71
CA LEU R 101 29.22 -42.85 -44.71
C LEU R 101 28.57 -43.62 -45.84
N LEU R 102 27.34 -43.26 -46.19
CA LEU R 102 26.64 -43.92 -47.30
C LEU R 102 27.37 -43.69 -48.61
N THR R 103 27.61 -42.42 -48.95
CA THR R 103 28.31 -42.11 -50.19
C THR R 103 29.78 -42.55 -50.15
N ALA R 104 30.32 -42.81 -48.96
CA ALA R 104 31.70 -43.25 -48.83
C ALA R 104 31.90 -44.71 -49.21
N GLY R 105 30.83 -45.46 -49.47
CA GLY R 105 30.95 -46.85 -49.83
C GLY R 105 31.67 -47.03 -51.16
N ALA R 106 31.93 -48.29 -51.47
CA ALA R 106 32.62 -48.63 -52.71
C ALA R 106 31.79 -48.22 -53.92
N LYS R 107 32.46 -47.65 -54.91
CA LYS R 107 31.79 -47.21 -56.13
C LYS R 107 31.05 -48.37 -56.79
N GLY R 108 29.81 -48.13 -57.16
CA GLY R 108 28.97 -49.13 -57.78
C GLY R 108 28.33 -50.09 -56.80
N LYS R 109 28.58 -49.94 -55.49
CA LYS R 109 28.01 -50.79 -54.46
C LYS R 109 27.23 -49.99 -53.42
N ARG R 110 26.79 -48.78 -53.78
CA ARG R 110 26.02 -47.92 -52.90
C ARG R 110 24.58 -47.98 -53.39
N PHE R 111 23.67 -48.40 -52.50
CA PHE R 111 22.27 -48.56 -52.85
C PHE R 111 21.38 -47.83 -51.85
N CYS R 112 20.13 -47.63 -52.27
CA CYS R 112 19.13 -46.94 -51.47
C CYS R 112 17.78 -47.56 -51.74
N LEU R 113 16.92 -47.55 -50.72
CA LEU R 113 15.57 -48.06 -50.87
C LEU R 113 14.72 -47.02 -51.59
N PRO R 114 13.62 -47.44 -52.23
CA PRO R 114 12.82 -46.47 -52.99
C PRO R 114 12.27 -45.30 -52.19
N ASN R 115 11.84 -45.52 -50.96
CA ASN R 115 11.27 -44.48 -50.13
C ASN R 115 12.25 -43.89 -49.12
N SER R 116 13.53 -44.26 -49.19
CA SER R 116 14.50 -43.71 -48.27
C SER R 116 14.77 -42.24 -48.60
N ARG R 117 15.21 -41.50 -47.58
CA ARG R 117 15.51 -40.08 -47.69
C ARG R 117 16.89 -39.80 -47.13
N VAL R 118 17.64 -38.94 -47.80
CA VAL R 118 18.99 -38.57 -47.40
C VAL R 118 19.04 -37.06 -47.21
N MET R 119 19.70 -36.62 -46.14
CA MET R 119 19.84 -35.22 -45.80
C MET R 119 21.31 -34.88 -45.59
N ILE R 120 21.75 -33.77 -46.16
CA ILE R 120 23.13 -33.30 -46.06
C ILE R 120 23.13 -31.87 -45.53
N HIS R 121 24.03 -31.60 -44.59
CA HIS R 121 24.15 -30.27 -44.01
C HIS R 121 25.55 -30.10 -43.47
N GLN R 122 25.92 -28.85 -43.20
CA GLN R 122 27.24 -28.52 -42.71
C GLN R 122 27.37 -28.88 -41.22
N PRO R 123 28.59 -28.92 -40.70
CA PRO R 123 28.77 -29.29 -39.29
C PRO R 123 28.11 -28.31 -38.33
N LEU R 124 27.75 -28.84 -37.15
CA LEU R 124 27.13 -28.07 -36.08
C LEU R 124 28.07 -28.10 -34.88
N GLY R 125 28.38 -26.93 -34.33
CA GLY R 125 29.27 -26.86 -33.20
C GLY R 125 29.07 -25.59 -32.41
N GLY R 126 29.73 -25.53 -31.26
CA GLY R 126 29.66 -24.36 -30.41
C GLY R 126 30.67 -24.38 -29.29
N TYR R 127 31.10 -23.20 -28.85
CA TYR R 127 32.07 -23.08 -27.77
C TYR R 127 31.78 -21.81 -26.97
N GLN R 128 32.03 -21.88 -25.68
CA GLN R 128 31.83 -20.79 -24.75
C GLN R 128 33.13 -20.53 -24.00
N GLY R 129 33.60 -19.30 -24.03
CA GLY R 129 34.83 -18.96 -23.34
C GLY R 129 35.41 -17.66 -23.85
N GLN R 130 36.73 -17.53 -23.70
CA GLN R 130 37.44 -16.34 -24.12
C GLN R 130 37.42 -16.19 -25.64
N ALA R 131 37.64 -14.96 -26.09
CA ALA R 131 37.65 -14.68 -27.52
C ALA R 131 38.77 -15.44 -28.22
N THR R 132 39.92 -15.60 -27.54
CA THR R 132 41.04 -16.33 -28.12
C THR R 132 40.66 -17.79 -28.38
N ASP R 133 40.09 -18.44 -27.38
CA ASP R 133 39.69 -19.84 -27.53
C ASP R 133 38.62 -20.00 -28.60
N ILE R 134 37.74 -19.01 -28.75
CA ILE R 134 36.70 -19.08 -29.77
C ILE R 134 37.31 -19.12 -31.15
N GLU R 135 38.32 -18.28 -31.39
CA GLU R 135 39.00 -18.27 -32.68
C GLU R 135 39.60 -19.62 -33.00
N ILE R 136 40.16 -20.29 -31.99
CA ILE R 136 40.77 -21.59 -32.19
C ILE R 136 39.71 -22.62 -32.60
N HIS R 137 38.64 -22.71 -31.81
CA HIS R 137 37.59 -23.67 -32.11
C HIS R 137 36.83 -23.30 -33.37
N ALA R 138 36.68 -22.00 -33.65
CA ALA R 138 36.01 -21.58 -34.87
C ALA R 138 36.81 -22.00 -36.09
N ARG R 139 38.13 -21.90 -36.03
CA ARG R 139 38.97 -22.30 -37.15
C ARG R 139 38.90 -23.80 -37.38
N GLU R 140 38.87 -24.58 -36.30
CA GLU R 140 38.87 -26.04 -36.41
C GLU R 140 37.59 -26.55 -37.06
N ILE R 141 36.43 -26.00 -36.69
CA ILE R 141 35.19 -26.50 -37.29
C ILE R 141 35.13 -26.12 -38.76
N LEU R 142 35.72 -25.00 -39.15
CA LEU R 142 35.74 -24.62 -40.56
C LEU R 142 36.58 -25.59 -41.37
N LYS R 143 37.71 -26.04 -40.81
CA LYS R 143 38.55 -27.01 -41.50
C LYS R 143 37.80 -28.32 -41.69
N VAL R 144 37.02 -28.72 -40.69
CA VAL R 144 36.22 -29.94 -40.78
C VAL R 144 35.19 -29.78 -41.90
N LYS R 145 34.57 -28.60 -41.98
CA LYS R 145 33.59 -28.34 -43.03
C LYS R 145 34.22 -28.45 -44.41
N GLY R 146 35.43 -27.90 -44.56
CA GLY R 146 36.10 -27.99 -45.84
C GLY R 146 36.55 -29.40 -46.15
N ARG R 147 37.06 -30.11 -45.15
CA ARG R 147 37.50 -31.48 -45.34
C ARG R 147 36.33 -32.38 -45.74
N MET R 148 35.21 -32.26 -45.02
CA MET R 148 34.04 -33.07 -45.32
C MET R 148 33.50 -32.76 -46.71
N ASN R 149 33.52 -31.49 -47.10
CA ASN R 149 33.04 -31.11 -48.44
C ASN R 149 33.91 -31.71 -49.52
N GLU R 150 35.23 -31.71 -49.31
CA GLU R 150 36.14 -32.27 -50.31
C GLU R 150 35.91 -33.77 -50.48
N LEU R 151 35.76 -34.50 -49.37
CA LEU R 151 35.53 -35.93 -49.46
C LEU R 151 34.19 -36.23 -50.11
N MET R 152 33.17 -35.45 -49.78
CA MET R 152 31.85 -35.65 -50.38
C MET R 152 31.90 -35.43 -51.88
N ALA R 153 32.62 -34.40 -52.32
CA ALA R 153 32.75 -34.12 -53.74
C ALA R 153 33.48 -35.26 -54.45
N LEU R 154 34.48 -35.84 -53.80
CA LEU R 154 35.24 -36.93 -54.40
C LEU R 154 34.34 -38.15 -54.64
N HIS R 155 33.60 -38.57 -53.62
CA HIS R 155 32.73 -39.74 -53.76
C HIS R 155 31.53 -39.43 -54.67
N THR R 156 30.86 -38.31 -54.41
CA THR R 156 29.70 -37.95 -55.22
C THR R 156 30.08 -37.60 -56.65
N GLY R 157 31.24 -36.95 -56.83
CA GLY R 157 31.69 -36.52 -58.13
C GLY R 157 31.29 -35.10 -58.48
N GLN R 158 30.53 -34.44 -57.62
CA GLN R 158 30.11 -33.06 -57.84
C GLN R 158 31.28 -32.13 -57.56
N SER R 159 31.21 -30.93 -58.13
CA SER R 159 32.27 -29.96 -57.91
C SER R 159 32.24 -29.48 -56.46
N LEU R 160 33.42 -29.06 -55.97
CA LEU R 160 33.52 -28.58 -54.60
C LEU R 160 32.64 -27.36 -54.37
N GLU R 161 32.56 -26.47 -55.36
CA GLU R 161 31.74 -25.28 -55.22
C GLU R 161 30.26 -25.64 -55.06
N GLN R 162 29.79 -26.60 -55.86
CA GLN R 162 28.39 -27.03 -55.78
C GLN R 162 28.07 -27.61 -54.41
N ILE R 163 28.97 -28.42 -53.86
CA ILE R 163 28.73 -29.04 -52.56
C ILE R 163 28.68 -27.98 -51.48
N GLU R 164 29.51 -26.94 -51.59
CA GLU R 164 29.51 -25.87 -50.59
C GLU R 164 28.18 -25.12 -50.58
N ARG R 165 27.61 -24.87 -51.75
CA ARG R 165 26.34 -24.15 -51.82
C ARG R 165 25.20 -24.96 -51.22
N ASP R 166 25.19 -26.27 -51.47
CA ASP R 166 24.12 -27.13 -50.96
C ASP R 166 24.27 -27.41 -49.47
N THR R 167 25.50 -27.62 -49.00
CA THR R 167 25.75 -27.90 -47.60
C THR R 167 25.46 -26.73 -46.68
N GLU R 168 25.43 -25.50 -47.22
CA GLU R 168 25.16 -24.31 -46.42
C GLU R 168 23.92 -24.45 -45.54
N ARG R 169 22.90 -25.13 -46.05
CA ARG R 169 21.66 -25.34 -45.32
C ARG R 169 21.17 -26.76 -45.58
N ASP R 170 20.33 -27.24 -44.66
CA ASP R 170 19.77 -28.58 -44.75
C ASP R 170 19.10 -28.80 -46.10
N ARG R 171 19.57 -29.82 -46.82
CA ARG R 171 19.05 -30.17 -48.13
C ARG R 171 18.55 -31.60 -48.07
N PHE R 172 17.28 -31.81 -48.45
CA PHE R 172 16.68 -33.12 -48.47
C PHE R 172 16.67 -33.65 -49.89
N LEU R 173 16.82 -34.97 -50.01
CA LEU R 173 16.86 -35.62 -51.31
C LEU R 173 16.23 -36.99 -51.19
N SER R 174 15.44 -37.36 -52.19
CA SER R 174 14.81 -38.66 -52.24
C SER R 174 15.77 -39.65 -52.89
N ALA R 175 15.36 -40.92 -52.92
CA ALA R 175 16.20 -41.94 -53.55
C ALA R 175 16.56 -41.63 -54.98
N PRO R 176 15.63 -41.26 -55.87
CA PRO R 176 16.05 -40.92 -57.24
C PRO R 176 16.96 -39.71 -57.30
N GLU R 177 16.66 -38.68 -56.51
CA GLU R 177 17.49 -37.47 -56.49
C GLU R 177 18.91 -37.80 -56.06
N ALA R 178 19.06 -38.67 -55.07
CA ALA R 178 20.38 -39.05 -54.59
C ALA R 178 21.19 -39.71 -55.70
N VAL R 179 20.53 -40.52 -56.53
CA VAL R 179 21.23 -41.17 -57.64
C VAL R 179 21.76 -40.13 -58.61
N GLU R 180 20.95 -39.12 -58.91
CA GLU R 180 21.39 -38.07 -59.83
C GLU R 180 22.48 -37.21 -59.20
N TYR R 181 22.45 -37.06 -57.88
CA TYR R 181 23.46 -36.28 -57.16
C TYR R 181 24.76 -37.04 -56.95
N GLY R 182 24.76 -38.35 -57.13
CA GLY R 182 25.95 -39.16 -56.94
C GLY R 182 26.13 -39.74 -55.56
N LEU R 183 25.19 -39.52 -54.65
CA LEU R 183 25.33 -40.07 -53.31
C LEU R 183 25.22 -41.59 -53.32
N VAL R 184 24.35 -42.13 -54.18
CA VAL R 184 24.16 -43.57 -54.32
C VAL R 184 24.18 -43.90 -55.81
N ASP R 185 24.34 -45.19 -56.10
CA ASP R 185 24.44 -45.68 -57.47
C ASP R 185 23.14 -46.21 -58.04
N SER R 186 22.44 -47.08 -57.30
CA SER R 186 21.20 -47.68 -57.78
C SER R 186 20.18 -47.77 -56.66
N ILE R 187 18.93 -48.03 -57.06
CA ILE R 187 17.80 -48.16 -56.14
C ILE R 187 17.38 -49.63 -56.13
N LEU R 188 17.23 -50.18 -54.93
CA LEU R 188 16.83 -51.59 -54.75
C LEU R 188 15.32 -51.61 -54.49
N THR R 189 14.55 -51.98 -55.51
CA THR R 189 13.09 -52.05 -55.41
C THR R 189 12.61 -53.47 -55.16
N HIS R 190 13.14 -54.46 -55.88
CA HIS R 190 12.76 -55.85 -55.73
C HIS R 190 14.01 -56.71 -55.82
N ARG R 191 13.96 -57.88 -55.17
CA ARG R 191 15.10 -58.78 -55.16
C ARG R 191 15.43 -59.28 -56.57
N ASN R 192 14.41 -59.45 -57.42
CA ASN R 192 14.63 -59.93 -58.78
C ASN R 192 15.56 -59.01 -59.57
N LEU S 1 23.80 -53.92 -28.13
CA LEU S 1 24.20 -55.25 -27.73
C LEU S 1 25.40 -55.71 -28.55
N VAL S 2 26.50 -56.02 -27.85
CA VAL S 2 27.72 -56.45 -28.52
C VAL S 2 27.47 -57.77 -29.25
N PRO S 3 27.85 -57.92 -30.52
CA PRO S 3 27.63 -59.20 -31.21
C PRO S 3 28.64 -60.25 -30.80
N MET S 4 28.24 -61.51 -30.95
CA MET S 4 29.07 -62.66 -30.62
C MET S 4 29.64 -63.26 -31.90
N VAL S 5 30.90 -63.71 -31.83
CA VAL S 5 31.62 -64.29 -32.95
C VAL S 5 32.12 -65.67 -32.55
N ILE S 6 32.25 -66.55 -33.55
CA ILE S 6 32.70 -67.92 -33.35
C ILE S 6 34.12 -68.05 -33.88
N GLU S 7 35.01 -68.62 -33.05
CA GLU S 7 36.39 -68.88 -33.41
C GLU S 7 36.56 -70.38 -33.60
N GLN S 8 37.12 -70.76 -34.75
CA GLN S 8 37.33 -72.16 -35.08
C GLN S 8 38.74 -72.60 -34.70
N THR S 9 38.84 -73.55 -33.77
CA THR S 9 40.10 -74.12 -33.32
C THR S 9 39.98 -75.63 -33.37
N SER S 10 41.13 -76.30 -33.20
CA SER S 10 41.15 -77.76 -33.25
C SER S 10 40.22 -78.38 -32.21
N ARG S 11 40.15 -77.78 -31.01
CA ARG S 11 39.28 -78.32 -29.97
C ARG S 11 37.82 -78.28 -30.39
N GLY S 12 37.41 -77.23 -31.09
CA GLY S 12 36.04 -77.08 -31.53
C GLY S 12 35.68 -75.61 -31.60
N GLU S 13 34.45 -75.36 -32.03
CA GLU S 13 33.97 -74.00 -32.13
C GLU S 13 33.88 -73.36 -30.75
N ARG S 14 34.32 -72.11 -30.65
CA ARG S 14 34.29 -71.37 -29.40
C ARG S 14 33.68 -70.00 -29.68
N SER S 15 32.84 -69.53 -28.77
CA SER S 15 32.14 -68.27 -28.92
C SER S 15 32.76 -67.20 -28.02
N PHE S 16 33.06 -66.04 -28.62
CA PHE S 16 33.64 -64.91 -27.93
C PHE S 16 32.89 -63.64 -28.30
N ASP S 17 32.94 -62.66 -27.41
CA ASP S 17 32.35 -61.37 -27.75
C ASP S 17 33.30 -60.66 -28.70
N ILE S 18 32.78 -59.66 -29.42
CA ILE S 18 33.57 -58.94 -30.41
C ILE S 18 34.82 -58.35 -29.79
N TYR S 19 34.71 -57.80 -28.58
CA TYR S 19 35.89 -57.20 -27.94
C TYR S 19 36.86 -58.26 -27.44
N SER S 20 36.33 -59.34 -26.85
CA SER S 20 37.20 -60.40 -26.35
C SER S 20 37.94 -61.10 -27.48
N ARG S 21 37.26 -61.30 -28.62
CA ARG S 21 37.92 -61.94 -29.76
C ARG S 21 39.12 -61.12 -30.23
N LEU S 22 38.95 -59.79 -30.28
CA LEU S 22 40.05 -58.94 -30.69
C LEU S 22 41.13 -58.88 -29.60
N LEU S 23 40.73 -59.06 -28.34
CA LEU S 23 41.71 -59.08 -27.27
C LEU S 23 42.66 -60.25 -27.42
N LYS S 24 42.19 -61.35 -28.01
CA LYS S 24 43.05 -62.50 -28.26
C LYS S 24 44.15 -62.15 -29.25
N GLU S 25 43.91 -61.15 -30.10
CA GLU S 25 44.87 -60.67 -31.08
C GLU S 25 45.74 -59.53 -30.52
N ARG S 26 45.75 -59.34 -29.20
CA ARG S 26 46.55 -58.31 -28.56
C ARG S 26 46.09 -56.91 -28.98
N VAL S 27 44.78 -56.71 -29.03
CA VAL S 27 44.18 -55.42 -29.38
C VAL S 27 43.34 -54.95 -28.20
N ILE S 28 43.66 -53.76 -27.70
CA ILE S 28 42.97 -53.15 -26.56
C ILE S 28 42.28 -51.89 -27.05
N PHE S 29 41.02 -51.70 -26.63
CA PHE S 29 40.23 -50.55 -27.02
C PHE S 29 40.16 -49.55 -25.86
N LEU S 30 40.40 -48.28 -26.19
CA LEU S 30 40.34 -47.17 -25.23
C LEU S 30 39.30 -46.22 -25.78
N THR S 31 38.06 -46.36 -25.31
CA THR S 31 36.93 -45.57 -25.77
C THR S 31 36.29 -44.80 -24.62
N GLY S 32 35.82 -43.60 -24.94
CA GLY S 32 35.15 -42.76 -23.98
C GLY S 32 36.09 -42.02 -23.05
N GLN S 33 35.47 -41.28 -22.13
CA GLN S 33 36.22 -40.50 -21.15
C GLN S 33 37.09 -41.40 -20.29
N VAL S 34 38.31 -40.94 -20.01
CA VAL S 34 39.23 -41.70 -19.18
C VAL S 34 38.81 -41.58 -17.72
N GLU S 35 38.89 -42.69 -17.00
CA GLU S 35 38.51 -42.71 -15.59
C GLU S 35 39.19 -43.91 -14.93
N ASP S 36 39.08 -43.96 -13.61
CA ASP S 36 39.72 -45.01 -12.83
C ASP S 36 39.25 -46.41 -13.24
N HIS S 37 37.93 -46.58 -13.42
CA HIS S 37 37.40 -47.91 -13.73
C HIS S 37 37.81 -48.38 -15.12
N MET S 38 37.67 -47.53 -16.15
CA MET S 38 38.07 -47.96 -17.48
C MET S 38 39.58 -48.12 -17.59
N ALA S 39 40.33 -47.24 -16.92
CA ALA S 39 41.79 -47.32 -16.97
C ALA S 39 42.27 -48.58 -16.25
N ASN S 40 41.64 -48.92 -15.13
CA ASN S 40 42.01 -50.12 -14.40
C ASN S 40 41.79 -51.36 -15.26
N LEU S 41 40.69 -51.39 -16.02
CA LEU S 41 40.41 -52.51 -16.91
C LEU S 41 41.48 -52.64 -17.97
N ILE S 42 41.91 -51.52 -18.55
CA ILE S 42 42.93 -51.53 -19.60
C ILE S 42 44.25 -52.01 -19.00
N VAL S 43 44.54 -51.63 -17.76
CA VAL S 43 45.77 -52.06 -17.11
C VAL S 43 45.77 -53.59 -16.96
N ALA S 44 44.62 -54.16 -16.61
CA ALA S 44 44.53 -55.60 -16.44
C ALA S 44 44.81 -56.32 -17.75
N GLN S 45 44.28 -55.80 -18.86
CA GLN S 45 44.51 -56.43 -20.16
C GLN S 45 45.98 -56.42 -20.53
N MET S 46 46.69 -55.33 -20.26
CA MET S 46 48.10 -55.24 -20.59
C MET S 46 48.90 -56.28 -19.82
N LEU S 47 48.65 -56.41 -18.53
CA LEU S 47 49.37 -57.38 -17.72
C LEU S 47 49.08 -58.80 -18.19
N PHE S 48 47.82 -59.07 -18.56
CA PHE S 48 47.45 -60.40 -19.03
C PHE S 48 48.19 -60.74 -20.32
N LEU S 49 48.23 -59.80 -21.26
CA LEU S 49 48.91 -60.06 -22.53
C LEU S 49 50.41 -60.21 -22.34
N GLU S 50 50.99 -59.50 -21.37
CA GLU S 50 52.42 -59.61 -21.13
C GLU S 50 52.80 -61.03 -20.71
N ALA S 51 51.98 -61.63 -19.85
CA ALA S 51 52.25 -62.99 -19.39
C ALA S 51 52.05 -63.99 -20.52
N GLU S 52 51.03 -63.79 -21.35
CA GLU S 52 50.75 -64.70 -22.45
C GLU S 52 51.90 -64.71 -23.46
N ASN S 53 52.39 -63.53 -23.82
CA ASN S 53 53.50 -63.41 -24.77
C ASN S 53 54.23 -62.11 -24.47
N PRO S 54 55.32 -62.14 -23.70
CA PRO S 54 56.05 -60.90 -23.40
C PRO S 54 56.91 -60.37 -24.54
N GLU S 55 56.86 -60.97 -25.73
CA GLU S 55 57.65 -60.53 -26.88
C GLU S 55 56.82 -60.00 -28.03
N LYS S 56 55.55 -60.37 -28.13
CA LYS S 56 54.71 -59.89 -29.21
C LYS S 56 54.19 -58.50 -28.89
N ASP S 57 54.17 -57.63 -29.91
CA ASP S 57 53.71 -56.27 -29.71
C ASP S 57 52.21 -56.23 -29.46
N ILE S 58 51.78 -55.20 -28.74
CA ILE S 58 50.38 -54.98 -28.41
C ILE S 58 49.91 -53.76 -29.18
N TYR S 59 48.62 -53.77 -29.53
CA TYR S 59 47.98 -52.68 -30.27
C TYR S 59 46.94 -52.03 -29.38
N LEU S 60 46.96 -50.69 -29.35
CA LEU S 60 46.03 -49.91 -28.54
C LEU S 60 45.35 -48.87 -29.42
N TYR S 61 44.04 -49.00 -29.58
CA TYR S 61 43.26 -48.07 -30.38
C TYR S 61 42.70 -47.02 -29.43
N ILE S 62 42.82 -45.75 -29.80
CA ILE S 62 42.42 -44.64 -28.94
C ILE S 62 41.44 -43.74 -29.67
N ASN S 63 40.23 -43.64 -29.12
CA ASN S 63 39.18 -42.74 -29.58
C ASN S 63 38.51 -42.27 -28.29
N SER S 64 38.96 -41.12 -27.76
CA SER S 64 38.44 -40.64 -26.50
C SER S 64 38.55 -39.12 -26.42
N PRO S 65 37.61 -38.45 -25.74
CA PRO S 65 37.70 -36.99 -25.58
C PRO S 65 38.52 -36.55 -24.38
N GLY S 66 39.28 -37.44 -23.77
CA GLY S 66 40.09 -37.13 -22.61
C GLY S 66 39.37 -37.40 -21.31
N GLY S 67 40.08 -37.16 -20.22
CA GLY S 67 39.50 -37.38 -18.91
C GLY S 67 40.45 -37.09 -17.76
N VAL S 68 40.34 -37.91 -16.72
CA VAL S 68 41.18 -37.73 -15.54
C VAL S 68 42.64 -37.98 -15.91
N ILE S 69 43.54 -37.29 -15.22
CA ILE S 69 44.96 -37.41 -15.47
C ILE S 69 45.56 -38.57 -14.68
N THR S 70 45.18 -38.71 -13.41
CA THR S 70 45.71 -39.79 -12.58
C THR S 70 45.46 -41.15 -13.20
N ALA S 71 44.25 -41.37 -13.71
CA ALA S 71 43.94 -42.65 -14.34
C ALA S 71 44.81 -42.86 -15.57
N GLY S 72 45.04 -41.81 -16.35
CA GLY S 72 45.87 -41.93 -17.54
C GLY S 72 47.30 -42.30 -17.22
N MET S 73 47.85 -41.79 -16.11
CA MET S 73 49.22 -42.10 -15.74
C MET S 73 49.39 -43.59 -15.47
N SER S 74 48.36 -44.22 -14.89
CA SER S 74 48.42 -45.65 -14.64
C SER S 74 48.62 -46.42 -15.94
N ILE S 75 47.89 -46.03 -16.99
CA ILE S 75 48.03 -46.67 -18.29
C ILE S 75 49.42 -46.38 -18.86
N TYR S 76 49.84 -45.11 -18.79
CA TYR S 76 51.15 -44.71 -19.29
C TYR S 76 52.27 -45.50 -18.62
N ASP S 77 52.27 -45.53 -17.29
CA ASP S 77 53.31 -46.24 -16.55
C ASP S 77 53.27 -47.73 -16.85
N THR S 78 52.07 -48.31 -16.94
CA THR S 78 51.94 -49.73 -17.23
C THR S 78 52.55 -50.07 -18.60
N MET S 79 52.31 -49.21 -19.59
CA MET S 79 52.83 -49.45 -20.93
C MET S 79 54.36 -49.47 -20.93
N GLN S 80 54.99 -48.55 -20.20
CA GLN S 80 56.44 -48.50 -20.13
C GLN S 80 57.00 -49.68 -19.37
N PHE S 81 56.33 -50.10 -18.29
CA PHE S 81 56.83 -51.19 -17.46
C PHE S 81 56.84 -52.52 -18.21
N ILE S 82 55.76 -52.85 -18.91
CA ILE S 82 55.69 -54.11 -19.62
C ILE S 82 56.73 -54.16 -20.74
N LYS S 83 57.32 -55.33 -20.94
CA LYS S 83 58.32 -55.51 -21.99
C LYS S 83 57.77 -55.32 -23.40
N PRO S 84 56.58 -55.82 -23.76
CA PRO S 84 56.09 -55.61 -25.12
C PRO S 84 55.94 -54.15 -25.48
N ASP S 85 55.99 -53.90 -26.78
CA ASP S 85 55.86 -52.56 -27.34
C ASP S 85 54.39 -52.32 -27.66
N VAL S 86 53.83 -51.25 -27.10
CA VAL S 86 52.42 -50.91 -27.30
C VAL S 86 52.31 -49.98 -28.51
N SER S 87 51.77 -50.51 -29.60
CA SER S 87 51.57 -49.72 -30.82
C SER S 87 50.26 -48.94 -30.67
N THR S 88 50.37 -47.62 -30.63
CA THR S 88 49.20 -46.76 -30.45
C THR S 88 48.65 -46.30 -31.79
N ILE S 89 47.32 -46.34 -31.91
CA ILE S 89 46.61 -45.91 -33.11
C ILE S 89 45.45 -45.03 -32.64
N CYS S 90 45.28 -43.88 -33.29
CA CYS S 90 44.23 -42.94 -32.94
C CYS S 90 43.14 -42.98 -34.02
N MET S 91 41.90 -43.10 -33.58
CA MET S 91 40.74 -43.15 -34.46
C MET S 91 39.76 -42.07 -34.03
N GLY S 92 39.35 -41.23 -34.97
CA GLY S 92 38.41 -40.17 -34.65
C GLY S 92 39.05 -38.94 -34.02
N GLN S 93 39.53 -39.07 -32.80
CA GLN S 93 40.15 -37.93 -32.13
C GLN S 93 40.98 -38.40 -30.96
N ALA S 94 41.91 -37.53 -30.54
CA ALA S 94 42.80 -37.80 -29.41
C ALA S 94 42.91 -36.51 -28.62
N ALA S 95 42.40 -36.52 -27.40
CA ALA S 95 42.41 -35.37 -26.50
C ALA S 95 43.68 -35.40 -25.64
N SER S 96 43.71 -34.54 -24.62
CA SER S 96 44.83 -34.41 -23.70
C SER S 96 45.42 -35.76 -23.26
N MET S 97 44.60 -36.63 -22.67
CA MET S 97 45.11 -37.93 -22.26
C MET S 97 45.27 -38.86 -23.45
N GLY S 98 44.30 -38.85 -24.37
CA GLY S 98 44.41 -39.70 -25.55
C GLY S 98 45.65 -39.38 -26.36
N ALA S 99 45.98 -38.10 -26.48
CA ALA S 99 47.17 -37.70 -27.21
C ALA S 99 48.43 -38.03 -26.41
N PHE S 100 48.36 -37.87 -25.09
CA PHE S 100 49.51 -38.19 -24.25
C PHE S 100 49.82 -39.68 -24.30
N LEU S 101 48.78 -40.52 -24.28
CA LEU S 101 48.99 -41.96 -24.38
C LEU S 101 49.37 -42.34 -25.80
N LEU S 102 48.84 -41.64 -26.79
CA LEU S 102 49.17 -41.91 -28.18
C LEU S 102 50.66 -41.71 -28.44
N THR S 103 51.16 -40.52 -28.13
CA THR S 103 52.58 -40.24 -28.31
C THR S 103 53.45 -41.05 -27.37
N ALA S 104 52.89 -41.58 -26.29
CA ALA S 104 53.66 -42.39 -25.34
C ALA S 104 53.90 -43.81 -25.84
N GLY S 105 53.33 -44.19 -26.97
CA GLY S 105 53.52 -45.51 -27.52
C GLY S 105 54.97 -45.78 -27.89
N ALA S 106 55.25 -47.01 -28.30
CA ALA S 106 56.60 -47.39 -28.68
C ALA S 106 57.07 -46.57 -29.88
N LYS S 107 58.30 -46.05 -29.78
CA LYS S 107 58.88 -45.26 -30.86
C LYS S 107 58.90 -46.06 -32.15
N GLY S 108 58.35 -45.47 -33.21
CA GLY S 108 58.27 -46.11 -34.50
C GLY S 108 57.04 -46.97 -34.70
N LYS S 109 56.17 -47.08 -33.69
CA LYS S 109 54.96 -47.87 -33.77
C LYS S 109 53.71 -47.05 -33.44
N ARG S 110 53.78 -45.74 -33.63
CA ARG S 110 52.66 -44.83 -33.39
C ARG S 110 52.08 -44.47 -34.75
N PHE S 111 50.77 -44.66 -34.90
CA PHE S 111 50.11 -44.41 -36.17
C PHE S 111 48.84 -43.60 -35.95
N CYS S 112 48.34 -43.03 -37.04
CA CYS S 112 47.15 -42.21 -37.04
C CYS S 112 46.41 -42.37 -38.36
N LEU S 113 45.10 -42.34 -38.31
CA LEU S 113 44.30 -42.44 -39.51
C LEU S 113 44.35 -41.12 -40.28
N PRO S 114 44.09 -41.14 -41.58
CA PRO S 114 44.20 -39.89 -42.37
C PRO S 114 43.30 -38.75 -41.90
N ASN S 115 42.04 -39.02 -41.57
CA ASN S 115 41.11 -37.98 -41.16
C ASN S 115 40.98 -37.84 -39.65
N SER S 116 41.90 -38.42 -38.87
CA SER S 116 41.82 -38.29 -37.43
C SER S 116 42.28 -36.89 -37.01
N ARG S 117 42.10 -36.59 -35.72
CA ARG S 117 42.48 -35.30 -35.16
C ARG S 117 43.12 -35.52 -33.80
N VAL S 118 43.91 -34.53 -33.38
CA VAL S 118 44.60 -34.57 -32.10
C VAL S 118 44.48 -33.20 -31.45
N MET S 119 44.34 -33.19 -30.12
CA MET S 119 44.21 -31.96 -29.36
C MET S 119 45.03 -32.09 -28.08
N ILE S 120 45.88 -31.09 -27.83
CA ILE S 120 46.73 -31.06 -26.64
C ILE S 120 46.50 -29.74 -25.92
N HIS S 121 46.40 -29.80 -24.60
CA HIS S 121 46.22 -28.62 -23.77
C HIS S 121 46.78 -28.91 -22.39
N GLN S 122 46.74 -27.90 -21.54
CA GLN S 122 47.25 -28.02 -20.18
C GLN S 122 46.19 -28.57 -19.25
N PRO S 123 46.59 -29.09 -18.08
CA PRO S 123 45.61 -29.66 -17.15
C PRO S 123 44.53 -28.68 -16.73
N LEU S 124 43.39 -29.25 -16.34
CA LEU S 124 42.23 -28.50 -15.87
C LEU S 124 41.88 -28.98 -14.47
N GLY S 125 41.77 -28.04 -13.54
CA GLY S 125 41.45 -28.38 -12.17
C GLY S 125 40.89 -27.18 -11.43
N GLY S 126 40.30 -27.46 -10.27
CA GLY S 126 39.75 -26.42 -9.44
C GLY S 126 39.59 -26.87 -8.01
N TYR S 127 39.64 -25.92 -7.09
CA TYR S 127 39.50 -26.20 -5.67
C TYR S 127 38.82 -25.01 -5.00
N GLN S 128 38.00 -25.32 -3.99
CA GLN S 128 37.27 -24.33 -3.21
C GLN S 128 37.59 -24.55 -1.75
N GLY S 129 37.99 -23.49 -1.06
CA GLY S 129 38.33 -23.59 0.35
C GLY S 129 39.16 -22.41 0.79
N GLN S 130 39.92 -22.64 1.86
CA GLN S 130 40.78 -21.63 2.43
C GLN S 130 41.94 -21.31 1.50
N ALA S 131 42.48 -20.09 1.65
CA ALA S 131 43.60 -19.66 0.84
C ALA S 131 44.80 -20.57 1.01
N THR S 132 45.00 -21.11 2.20
CA THR S 132 46.12 -22.02 2.45
C THR S 132 45.99 -23.27 1.59
N ASP S 133 44.82 -23.91 1.62
CA ASP S 133 44.60 -25.11 0.83
C ASP S 133 44.71 -24.84 -0.66
N ILE S 134 44.28 -23.64 -1.09
CA ILE S 134 44.35 -23.28 -2.51
C ILE S 134 45.79 -23.31 -3.00
N GLU S 135 46.71 -22.77 -2.20
CA GLU S 135 48.11 -22.75 -2.58
C GLU S 135 48.64 -24.17 -2.78
N ILE S 136 48.25 -25.10 -1.91
CA ILE S 136 48.69 -26.48 -2.02
C ILE S 136 48.22 -27.09 -3.34
N HIS S 137 46.90 -27.04 -3.58
CA HIS S 137 46.35 -27.61 -4.80
C HIS S 137 46.89 -26.92 -6.05
N ALA S 138 47.07 -25.60 -5.99
CA ALA S 138 47.60 -24.88 -7.14
C ALA S 138 49.03 -25.34 -7.44
N ARG S 139 49.84 -25.54 -6.41
CA ARG S 139 51.19 -26.01 -6.62
C ARG S 139 51.21 -27.42 -7.19
N GLU S 140 50.30 -28.27 -6.72
CA GLU S 140 50.24 -29.65 -7.18
C GLU S 140 49.92 -29.74 -8.67
N ILE S 141 48.89 -29.02 -9.11
CA ILE S 141 48.51 -29.08 -10.52
C ILE S 141 49.60 -28.49 -11.39
N LEU S 142 50.34 -27.49 -10.90
CA LEU S 142 51.42 -26.92 -11.68
C LEU S 142 52.53 -27.95 -11.90
N LYS S 143 52.81 -28.76 -10.88
CA LYS S 143 53.82 -29.80 -11.03
C LYS S 143 53.37 -30.82 -12.09
N VAL S 144 52.07 -31.13 -12.10
CA VAL S 144 51.53 -32.05 -13.08
C VAL S 144 51.69 -31.47 -14.48
N LYS S 145 51.49 -30.16 -14.61
CA LYS S 145 51.63 -29.50 -15.90
C LYS S 145 53.07 -29.61 -16.40
N GLY S 146 54.03 -29.32 -15.52
CA GLY S 146 55.42 -29.42 -15.92
C GLY S 146 55.85 -30.85 -16.19
N ARG S 147 55.42 -31.77 -15.32
CA ARG S 147 55.77 -33.18 -15.50
C ARG S 147 55.22 -33.72 -16.81
N MET S 148 53.96 -33.44 -17.10
CA MET S 148 53.36 -33.91 -18.36
C MET S 148 54.05 -33.29 -19.56
N ASN S 149 54.46 -32.02 -19.45
CA ASN S 149 55.13 -31.37 -20.56
C ASN S 149 56.50 -31.99 -20.81
N GLU S 150 57.20 -32.36 -19.75
CA GLU S 150 58.51 -33.00 -19.90
C GLU S 150 58.39 -34.31 -20.67
N LEU S 151 57.40 -35.13 -20.30
CA LEU S 151 57.19 -36.40 -20.97
C LEU S 151 56.81 -36.21 -22.44
N MET S 152 55.95 -35.22 -22.71
CA MET S 152 55.54 -34.96 -24.09
C MET S 152 56.73 -34.56 -24.94
N ALA S 153 57.64 -33.76 -24.38
CA ALA S 153 58.83 -33.35 -25.11
C ALA S 153 59.73 -34.54 -25.39
N LEU S 154 59.79 -35.51 -24.46
CA LEU S 154 60.62 -36.68 -24.64
C LEU S 154 60.17 -37.52 -25.82
N HIS S 155 58.89 -37.87 -25.86
CA HIS S 155 58.38 -38.70 -26.94
C HIS S 155 58.35 -37.97 -28.27
N THR S 156 57.79 -36.75 -28.29
CA THR S 156 57.71 -36.00 -29.53
C THR S 156 59.08 -35.54 -30.00
N GLY S 157 59.99 -35.25 -29.07
CA GLY S 157 61.31 -34.76 -29.40
C GLY S 157 61.41 -33.25 -29.48
N GLN S 158 60.32 -32.54 -29.27
CA GLN S 158 60.31 -31.09 -29.28
C GLN S 158 60.93 -30.55 -28.01
N SER S 159 61.35 -29.28 -28.05
CA SER S 159 61.93 -28.67 -26.88
C SER S 159 60.85 -28.43 -25.83
N LEU S 160 61.27 -28.44 -24.56
CA LEU S 160 60.34 -28.23 -23.47
C LEU S 160 59.68 -26.86 -23.57
N GLU S 161 60.45 -25.85 -23.99
CA GLU S 161 59.91 -24.50 -24.13
C GLU S 161 58.80 -24.46 -25.18
N GLN S 162 59.01 -25.13 -26.31
CA GLN S 162 58.00 -25.14 -27.37
C GLN S 162 56.72 -25.81 -26.89
N ILE S 163 56.84 -26.89 -26.12
CA ILE S 163 55.66 -27.60 -25.63
C ILE S 163 54.86 -26.70 -24.70
N GLU S 164 55.53 -25.90 -23.87
CA GLU S 164 54.83 -25.01 -22.96
C GLU S 164 54.03 -23.97 -23.72
N ARG S 165 54.62 -23.39 -24.77
CA ARG S 165 53.91 -22.39 -25.56
C ARG S 165 52.71 -22.99 -26.28
N ASP S 166 52.90 -24.15 -26.89
CA ASP S 166 51.83 -24.81 -27.62
C ASP S 166 50.72 -25.30 -26.71
N THR S 167 51.06 -25.77 -25.51
CA THR S 167 50.07 -26.30 -24.57
C THR S 167 49.38 -25.23 -23.74
N GLU S 168 49.78 -23.95 -23.83
CA GLU S 168 49.12 -22.91 -23.05
C GLU S 168 47.64 -22.78 -23.40
N ARG S 169 47.25 -23.21 -24.60
CA ARG S 169 45.87 -23.15 -25.04
C ARG S 169 45.64 -24.35 -25.94
N ASP S 170 44.36 -24.72 -26.10
CA ASP S 170 43.99 -25.86 -26.93
C ASP S 170 44.56 -25.69 -28.34
N ARG S 171 45.32 -26.69 -28.78
CA ARG S 171 45.93 -26.72 -30.10
C ARG S 171 45.48 -27.96 -30.81
N PHE S 172 44.90 -27.80 -32.00
CA PHE S 172 44.43 -28.91 -32.80
C PHE S 172 45.47 -29.25 -33.85
N LEU S 173 45.59 -30.54 -34.15
CA LEU S 173 46.56 -31.01 -35.14
C LEU S 173 45.95 -32.18 -35.90
N SER S 174 46.12 -32.15 -37.22
CA SER S 174 45.65 -33.22 -38.06
C SER S 174 46.72 -34.32 -38.11
N ALA S 175 46.36 -35.43 -38.75
CA ALA S 175 47.32 -36.54 -38.86
C ALA S 175 48.64 -36.12 -39.50
N PRO S 176 48.66 -35.38 -40.61
CA PRO S 176 49.97 -34.95 -41.16
C PRO S 176 50.73 -34.03 -40.21
N GLU S 177 50.03 -33.07 -39.60
CA GLU S 177 50.68 -32.14 -38.68
C GLU S 177 51.26 -32.89 -37.48
N ALA S 178 50.54 -33.90 -36.99
CA ALA S 178 51.04 -34.68 -35.86
C ALA S 178 52.36 -35.37 -36.19
N VAL S 179 52.53 -35.81 -37.44
CA VAL S 179 53.77 -36.47 -37.84
C VAL S 179 54.94 -35.50 -37.74
N GLU S 180 54.75 -34.27 -38.22
CA GLU S 180 55.82 -33.29 -38.15
C GLU S 180 56.09 -32.86 -36.71
N TYR S 181 55.03 -32.80 -35.90
CA TYR S 181 55.19 -32.41 -34.50
C TYR S 181 55.92 -33.48 -33.70
N GLY S 182 55.71 -34.76 -34.05
CA GLY S 182 56.34 -35.88 -33.37
C GLY S 182 55.40 -36.75 -32.58
N LEU S 183 54.12 -36.40 -32.51
CA LEU S 183 53.16 -37.22 -31.75
C LEU S 183 53.00 -38.60 -32.35
N VAL S 184 53.02 -38.69 -33.68
CA VAL S 184 52.86 -39.96 -34.41
C VAL S 184 53.97 -40.08 -35.42
N ASP S 185 54.16 -41.31 -35.91
CA ASP S 185 55.22 -41.63 -36.87
C ASP S 185 54.73 -41.69 -38.30
N SER S 186 53.72 -42.52 -38.59
CA SER S 186 53.22 -42.68 -39.95
C SER S 186 51.69 -42.69 -39.97
N ILE S 187 51.14 -42.54 -41.16
CA ILE S 187 49.70 -42.52 -41.40
C ILE S 187 49.32 -43.81 -42.10
N LEU S 188 48.33 -44.52 -41.53
CA LEU S 188 47.83 -45.78 -42.09
C LEU S 188 46.70 -45.48 -43.08
N THR S 189 47.10 -44.95 -44.24
CA THR S 189 46.11 -44.61 -45.27
C THR S 189 45.46 -45.86 -45.86
N HIS S 190 46.26 -46.88 -46.17
CA HIS S 190 45.76 -48.11 -46.75
C HIS S 190 46.56 -49.30 -46.23
N ARG S 191 45.92 -50.47 -46.22
CA ARG S 191 46.58 -51.68 -45.74
C ARG S 191 47.76 -52.04 -46.64
N ASN S 192 47.60 -51.91 -47.95
CA ASN S 192 48.64 -52.21 -48.92
C ASN S 192 48.96 -51.00 -49.78
N LEU T 1 31.75 -53.40 -19.98
CA LEU T 1 31.79 -54.79 -20.41
C LEU T 1 33.18 -55.36 -20.22
N VAL T 2 33.36 -56.14 -19.16
CA VAL T 2 34.67 -56.75 -18.89
C VAL T 2 34.95 -57.82 -19.94
N PRO T 3 36.15 -57.92 -20.50
CA PRO T 3 36.42 -58.96 -21.48
C PRO T 3 36.64 -60.33 -20.84
N MET T 4 36.51 -61.36 -21.64
CA MET T 4 36.69 -62.74 -21.21
C MET T 4 38.01 -63.26 -21.77
N VAL T 5 38.81 -63.87 -20.89
CA VAL T 5 40.12 -64.41 -21.25
C VAL T 5 40.11 -65.92 -21.02
N ILE T 6 40.44 -66.67 -22.06
CA ILE T 6 40.48 -68.12 -21.99
C ILE T 6 41.79 -68.56 -21.33
N GLU T 7 41.72 -69.56 -20.47
CA GLU T 7 42.87 -70.12 -19.78
C GLU T 7 43.00 -71.59 -20.16
N GLN T 8 44.20 -71.98 -20.59
CA GLN T 8 44.49 -73.35 -21.01
C GLN T 8 45.17 -74.10 -19.87
N THR T 9 44.53 -75.18 -19.41
CA THR T 9 45.05 -76.03 -18.36
C THR T 9 45.03 -77.48 -18.84
N SER T 10 45.66 -78.35 -18.06
CA SER T 10 45.75 -79.77 -18.43
C SER T 10 44.38 -80.39 -18.64
N ARG T 11 43.39 -79.99 -17.83
CA ARG T 11 42.04 -80.53 -17.98
C ARG T 11 41.45 -80.15 -19.34
N GLY T 12 41.63 -78.90 -19.73
CA GLY T 12 41.11 -78.42 -21.00
C GLY T 12 41.03 -76.91 -20.97
N GLU T 13 40.36 -76.37 -22.00
CA GLU T 13 40.19 -74.92 -22.06
C GLU T 13 39.22 -74.46 -20.98
N ARG T 14 39.47 -73.27 -20.46
CA ARG T 14 38.64 -72.67 -19.43
C ARG T 14 38.46 -71.20 -19.73
N SER T 15 37.31 -70.66 -19.34
CA SER T 15 36.96 -69.26 -19.59
C SER T 15 36.86 -68.49 -18.28
N PHE T 16 37.48 -67.31 -18.24
CA PHE T 16 37.48 -66.43 -17.08
C PHE T 16 37.40 -64.99 -17.53
N ASP T 17 36.82 -64.15 -16.69
CA ASP T 17 36.83 -62.73 -17.00
C ASP T 17 38.20 -62.18 -16.61
N ILE T 18 38.51 -60.97 -17.08
CA ILE T 18 39.82 -60.37 -16.84
C ILE T 18 40.14 -60.26 -15.34
N TYR T 19 39.12 -60.03 -14.51
CA TYR T 19 39.39 -59.86 -13.08
C TYR T 19 39.60 -61.19 -12.34
N SER T 20 38.77 -62.20 -12.62
CA SER T 20 38.95 -63.48 -11.93
C SER T 20 40.27 -64.14 -12.31
N ARG T 21 40.66 -64.01 -13.59
CA ARG T 21 41.92 -64.59 -14.02
C ARG T 21 43.09 -64.03 -13.22
N LEU T 22 43.10 -62.72 -13.00
CA LEU T 22 44.15 -62.12 -12.20
C LEU T 22 44.02 -62.51 -10.74
N LEU T 23 42.79 -62.74 -10.26
CA LEU T 23 42.61 -63.18 -8.88
C LEU T 23 43.26 -64.53 -8.67
N LYS T 24 43.24 -65.39 -9.69
CA LYS T 24 43.90 -66.69 -9.60
C LYS T 24 45.39 -66.52 -9.39
N GLU T 25 45.96 -65.40 -9.83
CA GLU T 25 47.36 -65.07 -9.67
C GLU T 25 47.62 -64.26 -8.40
N ARG T 26 46.66 -64.23 -7.47
CA ARG T 26 46.79 -63.50 -6.20
C ARG T 26 46.94 -61.99 -6.42
N VAL T 27 46.12 -61.45 -7.32
CA VAL T 27 46.10 -60.02 -7.62
C VAL T 27 44.70 -59.50 -7.34
N ILE T 28 44.60 -58.53 -6.42
CA ILE T 28 43.34 -57.92 -6.02
C ILE T 28 43.39 -56.45 -6.42
N PHE T 29 42.27 -55.96 -6.98
CA PHE T 29 42.15 -54.58 -7.40
C PHE T 29 41.34 -53.78 -6.40
N LEU T 30 41.82 -52.57 -6.09
CA LEU T 30 41.16 -51.63 -5.19
C LEU T 30 40.93 -50.37 -6.02
N THR T 31 39.76 -50.28 -6.63
CA THR T 31 39.40 -49.16 -7.50
C THR T 31 38.18 -48.42 -6.96
N GLY T 32 38.16 -47.12 -7.20
CA GLY T 32 37.06 -46.28 -6.78
C GLY T 32 37.08 -45.94 -5.30
N GLN T 33 36.08 -45.17 -4.90
CA GLN T 33 35.97 -44.74 -3.51
C GLN T 33 35.77 -45.95 -2.61
N VAL T 34 36.34 -45.87 -1.42
CA VAL T 34 36.29 -46.96 -0.44
C VAL T 34 34.98 -46.89 0.33
N GLU T 35 34.10 -47.86 0.09
CA GLU T 35 32.82 -47.99 0.76
C GLU T 35 32.79 -49.32 1.50
N ASP T 36 31.64 -49.66 2.08
CA ASP T 36 31.52 -50.89 2.83
C ASP T 36 31.34 -52.12 1.94
N HIS T 37 30.66 -51.98 0.81
CA HIS T 37 30.42 -53.13 -0.06
C HIS T 37 31.70 -53.56 -0.77
N MET T 38 32.40 -52.62 -1.41
CA MET T 38 33.63 -52.97 -2.10
C MET T 38 34.68 -53.48 -1.11
N ALA T 39 34.74 -52.88 0.07
CA ALA T 39 35.72 -53.30 1.07
C ALA T 39 35.43 -54.73 1.53
N ASN T 40 34.15 -55.04 1.77
CA ASN T 40 33.79 -56.38 2.20
C ASN T 40 34.14 -57.40 1.12
N LEU T 41 34.06 -57.00 -0.15
CA LEU T 41 34.40 -57.91 -1.24
C LEU T 41 35.90 -58.20 -1.23
N ILE T 42 36.71 -57.18 -0.99
CA ILE T 42 38.17 -57.36 -0.94
C ILE T 42 38.54 -58.30 0.20
N VAL T 43 37.83 -58.20 1.32
CA VAL T 43 38.12 -59.06 2.47
C VAL T 43 37.89 -60.52 2.11
N ALA T 44 36.81 -60.80 1.39
CA ALA T 44 36.53 -62.17 0.97
C ALA T 44 37.64 -62.72 0.10
N GLN T 45 38.16 -61.89 -0.82
CA GLN T 45 39.24 -62.33 -1.70
C GLN T 45 40.49 -62.67 -0.90
N MET T 46 40.86 -61.82 0.07
CA MET T 46 42.05 -62.07 0.87
C MET T 46 41.93 -63.38 1.64
N LEU T 47 40.78 -63.61 2.26
CA LEU T 47 40.58 -64.85 3.00
C LEU T 47 40.62 -66.05 2.08
N PHE T 48 40.05 -65.91 0.88
CA PHE T 48 40.05 -67.01 -0.09
C PHE T 48 41.47 -67.38 -0.48
N LEU T 49 42.31 -66.38 -0.79
CA LEU T 49 43.68 -66.66 -1.19
C LEU T 49 44.48 -67.27 -0.05
N GLU T 50 44.18 -66.89 1.19
CA GLU T 50 44.89 -67.47 2.33
C GLU T 50 44.66 -68.97 2.43
N ALA T 51 43.40 -69.39 2.28
CA ALA T 51 43.09 -70.81 2.33
C ALA T 51 43.75 -71.56 1.18
N GLU T 52 43.82 -70.93 0.01
CA GLU T 52 44.44 -71.57 -1.15
C GLU T 52 45.93 -71.76 -0.93
N ASN T 53 46.61 -70.73 -0.45
CA ASN T 53 48.05 -70.79 -0.20
C ASN T 53 48.36 -69.79 0.92
N PRO T 54 48.48 -70.24 2.17
CA PRO T 54 48.76 -69.32 3.27
C PRO T 54 50.19 -68.82 3.36
N GLU T 55 51.04 -69.08 2.37
CA GLU T 55 52.43 -68.62 2.38
C GLU T 55 52.84 -67.83 1.16
N LYS T 56 52.09 -67.87 0.06
CA LYS T 56 52.44 -67.09 -1.12
C LYS T 56 52.00 -65.65 -0.93
N ASP T 57 52.81 -64.73 -1.48
CA ASP T 57 52.50 -63.31 -1.36
C ASP T 57 51.29 -62.92 -2.19
N ILE T 58 50.60 -61.89 -1.72
CA ILE T 58 49.41 -61.34 -2.38
C ILE T 58 49.78 -59.95 -2.86
N TYR T 59 49.23 -59.57 -4.02
CA TYR T 59 49.47 -58.27 -4.63
C TYR T 59 48.17 -57.48 -4.65
N LEU T 60 48.23 -56.24 -4.19
CA LEU T 60 47.08 -55.34 -4.12
C LEU T 60 47.41 -54.06 -4.86
N TYR T 61 46.69 -53.81 -5.95
CA TYR T 61 46.85 -52.60 -6.74
C TYR T 61 45.86 -51.57 -6.21
N ILE T 62 46.33 -50.34 -6.00
CA ILE T 62 45.51 -49.29 -5.40
C ILE T 62 45.47 -48.08 -6.31
N ASN T 63 44.26 -47.74 -6.76
CA ASN T 63 43.97 -46.53 -7.56
C ASN T 63 42.61 -46.11 -7.03
N SER T 64 42.60 -45.20 -6.04
CA SER T 64 41.36 -44.79 -5.42
C SER T 64 41.46 -43.36 -4.90
N PRO T 65 40.36 -42.60 -4.90
CA PRO T 65 40.39 -41.25 -4.35
C PRO T 65 40.06 -41.18 -2.87
N GLY T 66 40.02 -42.32 -2.18
CA GLY T 66 39.72 -42.38 -0.76
C GLY T 66 38.25 -42.62 -0.50
N GLY T 67 37.92 -42.71 0.78
CA GLY T 67 36.54 -42.94 1.17
C GLY T 67 36.33 -43.09 2.66
N VAL T 68 35.41 -43.99 3.02
CA VAL T 68 35.09 -44.21 4.43
C VAL T 68 36.30 -44.79 5.15
N ILE T 69 36.41 -44.46 6.43
CA ILE T 69 37.52 -44.94 7.25
C ILE T 69 37.24 -46.33 7.80
N THR T 70 36.02 -46.54 8.32
CA THR T 70 35.65 -47.83 8.88
C THR T 70 35.84 -48.95 7.87
N ALA T 71 35.47 -48.70 6.61
CA ALA T 71 35.65 -49.72 5.57
C ALA T 71 37.13 -50.04 5.39
N GLY T 72 37.97 -49.01 5.39
CA GLY T 72 39.40 -49.24 5.23
C GLY T 72 40.00 -50.05 6.37
N MET T 73 39.52 -49.84 7.59
CA MET T 73 40.04 -50.58 8.73
C MET T 73 39.81 -52.08 8.58
N SER T 74 38.70 -52.47 7.97
CA SER T 74 38.46 -53.90 7.76
C SER T 74 39.52 -54.48 6.84
N ILE T 75 39.90 -53.74 5.79
CA ILE T 75 40.93 -54.19 4.88
C ILE T 75 42.28 -54.21 5.59
N TYR T 76 42.58 -53.15 6.34
CA TYR T 76 43.86 -53.07 7.04
C TYR T 76 44.01 -54.19 8.07
N ASP T 77 42.99 -54.39 8.90
CA ASP T 77 43.05 -55.44 9.91
C ASP T 77 43.17 -56.82 9.27
N THR T 78 42.51 -57.01 8.14
CA THR T 78 42.59 -58.29 7.44
C THR T 78 43.99 -58.53 6.90
N MET T 79 44.63 -57.49 6.38
CA MET T 79 45.98 -57.63 5.85
C MET T 79 46.98 -57.98 6.94
N GLN T 80 46.86 -57.35 8.10
CA GLN T 80 47.76 -57.59 9.21
C GLN T 80 47.42 -58.86 9.99
N PHE T 81 46.26 -59.45 9.74
CA PHE T 81 45.84 -60.66 10.44
C PHE T 81 46.35 -61.93 9.74
N ILE T 82 46.10 -62.04 8.44
CA ILE T 82 46.52 -63.23 7.71
C ILE T 82 48.04 -63.32 7.64
N LYS T 83 48.52 -64.53 7.41
CA LYS T 83 49.96 -64.82 7.32
C LYS T 83 50.60 -64.31 6.04
N PRO T 84 49.96 -64.47 4.87
CA PRO T 84 50.58 -63.97 3.63
C PRO T 84 50.92 -62.48 3.68
N ASP T 85 52.00 -62.13 2.99
CA ASP T 85 52.46 -60.75 2.91
C ASP T 85 51.74 -60.08 1.75
N VAL T 86 51.05 -58.98 2.05
CA VAL T 86 50.29 -58.25 1.04
C VAL T 86 51.19 -57.14 0.48
N SER T 87 51.58 -57.30 -0.78
CA SER T 87 52.41 -56.32 -1.47
C SER T 87 51.49 -55.29 -2.12
N THR T 88 51.60 -54.04 -1.69
CA THR T 88 50.76 -52.96 -2.21
C THR T 88 51.50 -52.20 -3.29
N ILE T 89 50.75 -51.79 -4.31
CA ILE T 89 51.26 -51.04 -5.45
C ILE T 89 50.33 -49.87 -5.70
N CYS T 90 50.89 -48.69 -5.96
CA CYS T 90 50.12 -47.49 -6.21
C CYS T 90 50.08 -47.22 -7.71
N MET T 91 48.86 -47.07 -8.23
CA MET T 91 48.63 -46.79 -9.65
C MET T 91 47.74 -45.56 -9.76
N GLY T 92 48.24 -44.54 -10.45
CA GLY T 92 47.45 -43.33 -10.63
C GLY T 92 47.44 -42.41 -9.43
N GLN T 93 46.79 -42.81 -8.35
CA GLN T 93 46.73 -41.96 -7.17
C GLN T 93 46.39 -42.78 -5.94
N ALA T 94 46.77 -42.24 -4.78
CA ALA T 94 46.51 -42.85 -3.49
C ALA T 94 46.09 -41.74 -2.53
N ALA T 95 44.85 -41.78 -2.08
CA ALA T 95 44.31 -40.79 -1.16
C ALA T 95 44.50 -41.26 0.27
N SER T 96 43.82 -40.59 1.21
CA SER T 96 43.88 -40.90 2.64
C SER T 96 43.81 -42.39 2.94
N MET T 97 42.72 -43.06 2.54
CA MET T 97 42.61 -44.48 2.79
C MET T 97 43.55 -45.27 1.88
N GLY T 98 43.66 -44.85 0.62
CA GLY T 98 44.56 -45.53 -0.29
C GLY T 98 46.00 -45.49 0.17
N ALA T 99 46.42 -44.34 0.69
CA ALA T 99 47.78 -44.19 1.19
C ALA T 99 47.97 -44.96 2.48
N PHE T 100 46.96 -44.96 3.34
CA PHE T 100 47.04 -45.70 4.60
C PHE T 100 47.14 -47.19 4.32
N LEU T 101 46.37 -47.68 3.35
CA LEU T 101 46.45 -49.09 2.99
C LEU T 101 47.72 -49.39 2.21
N LEU T 102 48.22 -48.42 1.45
CA LEU T 102 49.45 -48.59 0.70
C LEU T 102 50.62 -48.83 1.65
N THR T 103 50.82 -47.90 2.59
CA THR T 103 51.91 -48.05 3.56
C THR T 103 51.66 -49.21 4.52
N ALA T 104 50.44 -49.73 4.58
CA ALA T 104 50.14 -50.84 5.48
C ALA T 104 50.60 -52.19 4.93
N GLY T 105 51.12 -52.22 3.70
CA GLY T 105 51.60 -53.46 3.13
C GLY T 105 52.80 -54.00 3.88
N ALA T 106 53.23 -55.18 3.46
CA ALA T 106 54.37 -55.83 4.09
C ALA T 106 55.63 -54.99 3.90
N LYS T 107 56.41 -54.88 4.98
CA LYS T 107 57.64 -54.12 4.95
C LYS T 107 58.59 -54.67 3.89
N GLY T 108 59.06 -53.80 3.00
CA GLY T 108 59.94 -54.18 1.94
C GLY T 108 59.25 -54.65 0.67
N LYS T 109 57.91 -54.69 0.67
CA LYS T 109 57.13 -55.12 -0.49
C LYS T 109 56.15 -54.06 -0.93
N ARG T 110 56.40 -52.80 -0.57
CA ARG T 110 55.55 -51.68 -0.96
C ARG T 110 56.20 -51.00 -2.17
N PHE T 111 55.42 -50.81 -3.23
CA PHE T 111 55.92 -50.22 -4.46
C PHE T 111 55.00 -49.11 -4.92
N CYS T 112 55.53 -48.27 -5.82
CA CYS T 112 54.79 -47.15 -6.38
C CYS T 112 55.31 -46.87 -7.77
N LEU T 113 54.40 -46.61 -8.69
CA LEU T 113 54.80 -46.31 -10.06
C LEU T 113 55.48 -44.94 -10.11
N PRO T 114 56.31 -44.70 -11.13
CA PRO T 114 57.04 -43.41 -11.19
C PRO T 114 56.15 -42.18 -11.26
N ASN T 115 55.19 -42.15 -12.16
CA ASN T 115 54.32 -40.98 -12.33
C ASN T 115 53.12 -40.99 -11.40
N SER T 116 53.09 -41.85 -10.38
CA SER T 116 51.98 -41.87 -9.44
C SER T 116 52.15 -40.78 -8.40
N ARG T 117 51.09 -40.55 -7.63
CA ARG T 117 51.06 -39.53 -6.59
C ARG T 117 50.26 -40.04 -5.41
N VAL T 118 50.67 -39.62 -4.22
CA VAL T 118 50.01 -40.00 -2.98
C VAL T 118 49.62 -38.73 -2.23
N MET T 119 48.50 -38.81 -1.51
CA MET T 119 47.95 -37.68 -0.77
C MET T 119 47.50 -38.17 0.60
N ILE T 120 47.94 -37.47 1.64
CA ILE T 120 47.61 -37.80 3.03
C ILE T 120 47.02 -36.57 3.70
N HIS T 121 45.98 -36.77 4.49
CA HIS T 121 45.33 -35.69 5.22
C HIS T 121 44.63 -36.29 6.43
N GLN T 122 44.10 -35.41 7.27
CA GLN T 122 43.42 -35.85 8.48
C GLN T 122 41.97 -36.20 8.17
N PRO T 123 41.32 -36.97 9.05
CA PRO T 123 39.93 -37.37 8.78
C PRO T 123 38.98 -36.20 8.63
N LEU T 124 37.86 -36.49 7.97
CA LEU T 124 36.78 -35.55 7.74
C LEU T 124 35.50 -36.10 8.34
N GLY T 125 34.62 -35.22 8.76
CA GLY T 125 33.37 -35.67 9.35
C GLY T 125 32.46 -34.51 9.67
N GLY T 126 31.50 -34.76 10.54
CA GLY T 126 30.55 -33.75 10.94
C GLY T 126 29.32 -34.37 11.56
N TYR T 127 28.57 -33.52 12.26
CA TYR T 127 27.35 -33.95 12.94
C TYR T 127 26.46 -32.74 13.14
N GLN T 128 25.15 -32.99 13.17
CA GLN T 128 24.14 -31.96 13.36
C GLN T 128 23.22 -32.40 14.49
N GLY T 129 23.14 -31.59 15.54
CA GLY T 129 22.28 -31.93 16.66
C GLY T 129 22.64 -31.10 17.88
N GLN T 130 22.30 -31.67 19.03
CA GLN T 130 22.55 -31.01 20.31
C GLN T 130 24.04 -30.91 20.59
N ALA T 131 24.38 -30.01 21.51
CA ALA T 131 25.77 -29.80 21.90
C ALA T 131 26.35 -31.04 22.56
N THR T 132 25.53 -31.77 23.32
CA THR T 132 26.00 -32.98 23.99
C THR T 132 26.44 -34.01 22.97
N ASP T 133 25.61 -34.27 21.95
CA ASP T 133 25.98 -35.24 20.92
C ASP T 133 27.19 -34.80 20.14
N ILE T 134 27.37 -33.49 19.93
CA ILE T 134 28.52 -33.00 19.19
C ILE T 134 29.81 -33.34 19.92
N GLU T 135 29.83 -33.17 21.23
CA GLU T 135 31.01 -33.49 22.02
C GLU T 135 31.36 -34.96 21.86
N ILE T 136 30.35 -35.83 21.81
CA ILE T 136 30.57 -37.26 21.67
C ILE T 136 31.21 -37.57 20.32
N HIS T 137 30.55 -37.14 19.24
CA HIS T 137 31.07 -37.42 17.91
C HIS T 137 32.39 -36.72 17.67
N ALA T 138 32.60 -35.53 18.25
CA ALA T 138 33.86 -34.85 18.09
C ALA T 138 35.01 -35.63 18.72
N ARG T 139 34.80 -36.13 19.93
CA ARG T 139 35.82 -36.92 20.60
C ARG T 139 36.14 -38.18 19.81
N GLU T 140 35.12 -38.79 19.19
CA GLU T 140 35.33 -40.03 18.45
C GLU T 140 36.22 -39.81 17.23
N ILE T 141 35.93 -38.78 16.43
CA ILE T 141 36.75 -38.53 15.25
C ILE T 141 38.16 -38.14 15.64
N LEU T 142 38.33 -37.50 16.80
CA LEU T 142 39.68 -37.15 17.25
C LEU T 142 40.47 -38.40 17.61
N LYS T 143 39.82 -39.37 18.23
CA LYS T 143 40.50 -40.62 18.57
C LYS T 143 40.93 -41.34 17.30
N VAL T 144 40.09 -41.29 16.26
CA VAL T 144 40.43 -41.90 14.98
C VAL T 144 41.66 -41.23 14.41
N LYS T 145 41.73 -39.90 14.50
CA LYS T 145 42.87 -39.16 13.99
C LYS T 145 44.14 -39.58 14.70
N GLY T 146 44.09 -39.70 16.03
CA GLY T 146 45.27 -40.11 16.77
C GLY T 146 45.66 -41.54 16.48
N ARG T 147 44.67 -42.43 16.41
CA ARG T 147 44.94 -43.84 16.13
C ARG T 147 45.54 -44.00 14.74
N MET T 148 44.94 -43.35 13.75
CA MET T 148 45.45 -43.47 12.38
C MET T 148 46.85 -42.90 12.26
N ASN T 149 47.13 -41.78 12.92
CA ASN T 149 48.46 -41.20 12.87
C ASN T 149 49.48 -42.11 13.52
N GLU T 150 49.09 -42.82 14.59
CA GLU T 150 50.01 -43.74 15.25
C GLU T 150 50.41 -44.87 14.32
N LEU T 151 49.44 -45.44 13.61
CA LEU T 151 49.72 -46.53 12.68
C LEU T 151 50.60 -46.04 11.52
N MET T 152 50.35 -44.83 11.03
CA MET T 152 51.14 -44.29 9.93
C MET T 152 52.60 -44.15 10.34
N ALA T 153 52.85 -43.68 11.56
CA ALA T 153 54.21 -43.54 12.05
C ALA T 153 54.89 -44.90 12.18
N LEU T 154 54.13 -45.94 12.50
CA LEU T 154 54.68 -47.27 12.64
C LEU T 154 55.08 -47.85 11.30
N HIS T 155 54.21 -47.70 10.29
CA HIS T 155 54.49 -48.24 8.97
C HIS T 155 55.46 -47.38 8.18
N THR T 156 55.54 -46.09 8.48
CA THR T 156 56.43 -45.18 7.78
C THR T 156 57.75 -44.95 8.49
N GLY T 157 57.82 -45.24 9.79
CA GLY T 157 59.03 -45.02 10.56
C GLY T 157 59.21 -43.60 11.06
N GLN T 158 58.43 -42.65 10.57
CA GLN T 158 58.53 -41.27 11.01
C GLN T 158 58.04 -41.15 12.45
N SER T 159 58.19 -39.95 13.00
CA SER T 159 57.77 -39.67 14.36
C SER T 159 56.32 -39.22 14.37
N LEU T 160 55.62 -39.53 15.46
CA LEU T 160 54.22 -39.15 15.59
C LEU T 160 54.03 -37.65 15.47
N GLU T 161 54.97 -36.88 16.02
CA GLU T 161 54.88 -35.42 15.94
C GLU T 161 54.95 -34.95 14.49
N GLN T 162 55.88 -35.53 13.72
CA GLN T 162 56.03 -35.15 12.32
C GLN T 162 54.77 -35.48 11.52
N ILE T 163 54.16 -36.62 11.82
CA ILE T 163 52.95 -37.04 11.10
C ILE T 163 51.82 -36.06 11.39
N GLU T 164 51.67 -35.65 12.64
CA GLU T 164 50.61 -34.72 13.01
C GLU T 164 50.78 -33.38 12.30
N ARG T 165 52.03 -32.93 12.14
CA ARG T 165 52.27 -31.65 11.47
C ARG T 165 51.99 -31.76 9.98
N ASP T 166 52.32 -32.91 9.38
CA ASP T 166 52.12 -33.10 7.94
C ASP T 166 50.68 -33.45 7.58
N THR T 167 49.89 -33.96 8.51
CA THR T 167 48.51 -34.36 8.25
C THR T 167 47.48 -33.28 8.58
N GLU T 168 47.89 -32.16 9.17
CA GLU T 168 46.94 -31.10 9.49
C GLU T 168 46.28 -30.52 8.25
N ARG T 169 46.94 -30.64 7.10
CA ARG T 169 46.41 -30.15 5.83
C ARG T 169 46.85 -31.12 4.74
N ASP T 170 46.10 -31.10 3.64
CA ASP T 170 46.39 -31.98 2.50
C ASP T 170 47.84 -31.81 2.05
N ARG T 171 48.56 -32.92 2.01
CA ARG T 171 49.96 -32.95 1.59
C ARG T 171 50.11 -33.91 0.43
N PHE T 172 50.62 -33.42 -0.69
CA PHE T 172 50.85 -34.22 -1.87
C PHE T 172 52.31 -34.65 -1.92
N LEU T 173 52.55 -35.86 -2.41
CA LEU T 173 53.89 -36.41 -2.50
C LEU T 173 54.01 -37.22 -3.79
N SER T 174 55.16 -37.10 -4.43
CA SER T 174 55.44 -37.85 -5.64
C SER T 174 56.02 -39.21 -5.25
N ALA T 175 56.29 -40.05 -6.25
CA ALA T 175 56.86 -41.36 -5.97
C ALA T 175 58.20 -41.27 -5.26
N PRO T 176 59.19 -40.49 -5.74
CA PRO T 176 60.45 -40.40 -4.98
C PRO T 176 60.27 -39.85 -3.58
N GLU T 177 59.43 -38.83 -3.41
CA GLU T 177 59.19 -38.24 -2.10
C GLU T 177 58.61 -39.26 -1.14
N ALA T 178 57.72 -40.12 -1.64
CA ALA T 178 57.12 -41.15 -0.80
C ALA T 178 58.18 -42.12 -0.28
N VAL T 179 59.18 -42.43 -1.12
CA VAL T 179 60.24 -43.34 -0.70
C VAL T 179 61.04 -42.72 0.43
N GLU T 180 61.38 -41.44 0.32
CA GLU T 180 62.12 -40.76 1.36
C GLU T 180 61.29 -40.61 2.63
N TYR T 181 59.98 -40.46 2.48
CA TYR T 181 59.08 -40.33 3.62
C TYR T 181 58.77 -41.65 4.30
N GLY T 182 59.15 -42.78 3.70
CA GLY T 182 58.88 -44.07 4.28
C GLY T 182 57.55 -44.69 3.91
N LEU T 183 56.76 -44.01 3.07
CA LEU T 183 55.46 -44.54 2.69
C LEU T 183 55.61 -45.79 1.82
N VAL T 184 56.59 -45.80 0.93
CA VAL T 184 56.85 -46.93 0.04
C VAL T 184 58.34 -47.25 0.08
N ASP T 185 58.68 -48.43 -0.43
CA ASP T 185 60.04 -48.93 -0.43
C ASP T 185 60.82 -48.70 -1.71
N SER T 186 60.19 -48.87 -2.87
CA SER T 186 60.91 -48.70 -4.14
C SER T 186 59.94 -48.35 -5.24
N ILE T 187 60.49 -47.82 -6.33
CA ILE T 187 59.74 -47.41 -7.52
C ILE T 187 59.97 -48.45 -8.61
N LEU T 188 58.87 -48.95 -9.17
CA LEU T 188 58.91 -49.92 -10.26
C LEU T 188 58.83 -49.16 -11.58
N THR T 189 59.95 -49.05 -12.29
CA THR T 189 60.01 -48.33 -13.55
C THR T 189 59.93 -49.24 -14.77
N HIS T 190 60.73 -50.30 -14.81
CA HIS T 190 60.75 -51.21 -15.94
C HIS T 190 60.97 -52.65 -15.46
N ARG T 191 60.45 -53.59 -16.24
CA ARG T 191 60.59 -55.00 -15.93
C ARG T 191 62.05 -55.41 -16.09
N ASN T 192 62.60 -56.01 -15.04
CA ASN T 192 63.99 -56.46 -15.02
C ASN T 192 64.09 -57.89 -14.53
#